data_7MTX
#
_entry.id   7MTX
#
_cell.length_a   85.390
_cell.length_b   89.921
_cell.length_c   104.856
_cell.angle_alpha   81.413
_cell.angle_beta   90.030
_cell.angle_gamma   83.443
#
_symmetry.space_group_name_H-M   'P 1'
#
loop_
_entity.id
_entity.type
_entity.pdbx_description
1 polymer "Inosine-5'-monophosphate dehydrogenase"
2 non-polymer 'INOSINIC ACID'
3 non-polymer N-{2-chloro-5-[({2-[3-(prop-1-en-2-yl)phenyl]propan-2-yl}carbamoyl)amino]phenyl}-beta-D-ribopyranosylamine
4 non-polymer 'POTASSIUM ION'
5 water water
#
_entity_poly.entity_id   1
_entity_poly.type   'polypeptide(L)'
_entity_poly.pdbx_seq_one_letter_code
;MHHHHHHSSGVDLGTENLYFQSNAMWESKFVKEGLTFDDVLLVPAKSDVLPREVSVKTVLSESLQLNIPLISAGMDTVTE
ADMAIAMARQGGLGIIHKNMSIEQQAEQVDKVKRSGGLLVGAAVGVTADAMTRIDALVKASVDAIVLDTAHGHSQGVIDK
VKEVRAKYPSLNIIAGNVATAEATKALIEAGANVVKVGIGPGSICTTRVVAGVGVPQLTAVYDCATEARKHGIPVIADGG
IKYSGDMVKALAAGAHVVMLGSMFAGVAESPGETEIYQGRQFKVYRGMGSVGAMEKGSKDRYFQEGNKKLVPEGIEGRVP
YKGPLADTVHQLVGGLRAGMGYCGAQDLEFLRENAQFIRMSGAGLLESHPHHVQITKEAPNYSL
;
_entity_poly.pdbx_strand_id   A,B,C,D,E,F,G,H
#
# COMPACT_ATOMS: atom_id res chain seq x y z
N ASN A 23 -21.17 11.02 -25.82
CA ASN A 23 -20.56 10.25 -24.75
C ASN A 23 -21.53 9.22 -24.17
N ALA A 24 -22.83 9.48 -24.32
CA ALA A 24 -23.83 8.58 -23.78
C ALA A 24 -23.74 7.20 -24.43
N MET A 25 -23.62 7.16 -25.75
CA MET A 25 -23.50 5.89 -26.45
C MET A 25 -22.21 5.16 -26.08
N TRP A 26 -21.15 5.91 -25.78
CA TRP A 26 -19.88 5.31 -25.42
C TRP A 26 -19.90 4.72 -24.01
N GLU A 27 -20.67 5.31 -23.10
CA GLU A 27 -20.71 4.87 -21.72
C GLU A 27 -21.75 3.79 -21.46
N SER A 28 -22.66 3.54 -22.40
CA SER A 28 -23.68 2.53 -22.24
C SER A 28 -23.38 1.25 -23.03
N LYS A 29 -22.12 1.04 -23.40
CA LYS A 29 -21.77 -0.09 -24.25
C LYS A 29 -22.03 -1.42 -23.56
N PHE A 30 -21.68 -1.54 -22.28
CA PHE A 30 -21.76 -2.80 -21.55
C PHE A 30 -22.76 -2.73 -20.41
N VAL A 31 -23.94 -2.15 -20.66
CA VAL A 31 -24.94 -2.01 -19.61
C VAL A 31 -25.92 -3.18 -19.62
N LYS A 32 -26.40 -3.58 -20.79
CA LYS A 32 -27.45 -4.60 -20.86
C LYS A 32 -26.91 -5.97 -20.49
N GLU A 33 -27.82 -6.82 -19.99
CA GLU A 33 -27.53 -8.20 -19.62
C GLU A 33 -28.62 -9.10 -20.18
N GLY A 34 -28.22 -10.26 -20.68
CA GLY A 34 -29.14 -11.16 -21.34
C GLY A 34 -29.11 -12.56 -20.76
N LEU A 35 -30.29 -13.19 -20.76
CA LEU A 35 -30.48 -14.52 -20.20
C LEU A 35 -30.88 -15.49 -21.29
N THR A 36 -30.47 -16.74 -21.13
CA THR A 36 -30.85 -17.83 -22.01
C THR A 36 -31.61 -18.88 -21.20
N PHE A 37 -31.99 -19.97 -21.88
CA PHE A 37 -32.84 -20.98 -21.26
C PHE A 37 -32.17 -21.57 -20.02
N ASP A 38 -30.91 -21.95 -20.13
CA ASP A 38 -30.20 -22.59 -19.02
C ASP A 38 -29.83 -21.62 -17.90
N ASP A 39 -30.30 -20.37 -17.91
CA ASP A 39 -30.03 -19.42 -16.84
C ASP A 39 -31.17 -19.31 -15.84
N VAL A 40 -32.33 -19.88 -16.12
CA VAL A 40 -33.53 -19.65 -15.31
C VAL A 40 -34.31 -20.94 -15.16
N LEU A 41 -35.28 -20.91 -14.25
CA LEU A 41 -36.29 -21.94 -14.08
C LEU A 41 -37.63 -21.27 -13.90
N LEU A 42 -38.70 -22.01 -14.16
CA LEU A 42 -40.06 -21.52 -13.96
C LEU A 42 -40.51 -21.81 -12.54
N VAL A 43 -41.04 -20.80 -11.87
CA VAL A 43 -41.45 -20.96 -10.47
C VAL A 43 -42.82 -21.65 -10.45
N PRO A 44 -42.96 -22.75 -9.71
CA PRO A 44 -44.27 -23.40 -9.61
C PRO A 44 -45.25 -22.54 -8.83
N ALA A 45 -46.51 -22.56 -9.25
CA ALA A 45 -47.56 -21.75 -8.66
C ALA A 45 -48.78 -22.63 -8.37
N LYS A 46 -49.78 -22.03 -7.73
CA LYS A 46 -51.00 -22.75 -7.41
C LYS A 46 -51.69 -23.22 -8.69
N SER A 47 -52.14 -24.47 -8.68
CA SER A 47 -52.72 -25.10 -9.87
C SER A 47 -54.03 -25.78 -9.50
N ASP A 48 -55.10 -25.41 -10.20
CA ASP A 48 -56.39 -26.08 -10.09
C ASP A 48 -56.66 -26.94 -11.32
N VAL A 49 -55.69 -27.10 -12.20
CA VAL A 49 -55.88 -27.73 -13.50
C VAL A 49 -54.84 -28.82 -13.69
N LEU A 50 -55.27 -29.96 -14.21
CA LEU A 50 -54.38 -31.09 -14.47
C LEU A 50 -53.68 -30.93 -15.82
N PRO A 51 -52.50 -31.52 -15.98
CA PRO A 51 -51.78 -31.37 -17.26
C PRO A 51 -52.57 -31.86 -18.47
N ARG A 52 -53.39 -32.90 -18.32
CA ARG A 52 -54.09 -33.45 -19.47
C ARG A 52 -55.27 -32.58 -19.90
N GLU A 53 -55.75 -31.69 -19.02
CA GLU A 53 -56.92 -30.87 -19.32
C GLU A 53 -56.58 -29.42 -19.64
N VAL A 54 -55.29 -29.10 -19.78
CA VAL A 54 -54.91 -27.76 -20.20
C VAL A 54 -55.07 -27.64 -21.72
N SER A 55 -55.17 -26.41 -22.21
CA SER A 55 -55.29 -26.13 -23.62
C SER A 55 -53.95 -25.60 -24.15
N VAL A 56 -53.44 -26.25 -25.19
CA VAL A 56 -52.19 -25.86 -25.83
C VAL A 56 -52.43 -25.19 -27.18
N LYS A 57 -53.67 -24.80 -27.47
CA LYS A 57 -53.98 -24.12 -28.72
C LYS A 57 -53.46 -22.69 -28.69
N THR A 58 -53.20 -22.15 -29.88
CA THR A 58 -52.72 -20.79 -30.01
C THR A 58 -53.28 -20.20 -31.30
N VAL A 59 -53.40 -18.87 -31.32
CA VAL A 59 -53.93 -18.13 -32.45
C VAL A 59 -52.87 -17.14 -32.91
N LEU A 60 -52.30 -17.38 -34.09
CA LEU A 60 -51.35 -16.43 -34.66
C LEU A 60 -52.07 -15.30 -35.38
N SER A 61 -53.14 -15.62 -36.10
CA SER A 61 -53.99 -14.63 -36.75
C SER A 61 -55.37 -15.23 -36.94
N GLU A 62 -56.26 -14.47 -37.56
CA GLU A 62 -57.62 -14.94 -37.77
C GLU A 62 -57.68 -16.14 -38.72
N SER A 63 -56.72 -16.23 -39.65
CA SER A 63 -56.68 -17.31 -40.62
C SER A 63 -55.51 -18.26 -40.40
N LEU A 64 -54.96 -18.31 -39.18
CA LEU A 64 -53.84 -19.18 -38.88
C LEU A 64 -53.90 -19.55 -37.40
N GLN A 65 -54.66 -20.58 -37.09
CA GLN A 65 -54.80 -21.09 -35.72
C GLN A 65 -54.22 -22.50 -35.64
N LEU A 66 -53.50 -22.76 -34.56
CA LEU A 66 -52.78 -24.02 -34.38
C LEU A 66 -53.29 -24.75 -33.15
N ASN A 67 -53.40 -26.08 -33.25
CA ASN A 67 -53.79 -26.88 -32.09
C ASN A 67 -52.63 -27.04 -31.10
N ILE A 68 -51.41 -27.15 -31.61
CA ILE A 68 -50.22 -27.22 -30.76
C ILE A 68 -49.26 -26.11 -31.18
N PRO A 69 -48.48 -25.54 -30.26
CA PRO A 69 -47.61 -24.40 -30.60
C PRO A 69 -46.24 -24.84 -31.13
N LEU A 70 -46.25 -25.60 -32.23
CA LEU A 70 -45.03 -26.12 -32.83
C LEU A 70 -44.99 -25.77 -34.31
N ILE A 71 -43.87 -25.22 -34.76
CA ILE A 71 -43.62 -24.95 -36.16
C ILE A 71 -42.26 -25.54 -36.53
N SER A 72 -42.22 -26.29 -37.64
CA SER A 72 -40.98 -26.87 -38.10
C SER A 72 -40.25 -25.90 -39.02
N ALA A 73 -38.95 -25.76 -38.81
CA ALA A 73 -38.17 -24.72 -39.48
C ALA A 73 -38.09 -24.95 -40.99
N GLY A 74 -37.94 -23.85 -41.72
CA GLY A 74 -37.82 -23.91 -43.17
C GLY A 74 -36.39 -24.14 -43.62
N MET A 75 -35.91 -25.37 -43.43
CA MET A 75 -34.55 -25.74 -43.79
C MET A 75 -34.58 -26.98 -44.67
N ASP A 76 -33.58 -27.11 -45.54
CA ASP A 76 -33.56 -28.20 -46.51
C ASP A 76 -33.38 -29.56 -45.88
N THR A 77 -33.04 -29.64 -44.60
CA THR A 77 -32.92 -30.91 -43.89
C THR A 77 -33.97 -31.06 -42.80
N VAL A 78 -35.03 -30.25 -42.83
CA VAL A 78 -36.04 -30.28 -41.77
C VAL A 78 -37.44 -30.46 -42.35
N THR A 79 -37.86 -29.55 -43.23
CA THR A 79 -39.26 -29.48 -43.64
C THR A 79 -39.38 -29.49 -45.16
N GLU A 80 -40.08 -30.49 -45.68
CA GLU A 80 -40.58 -30.46 -47.04
C GLU A 80 -42.05 -30.86 -47.03
N ALA A 81 -42.53 -31.46 -48.13
CA ALA A 81 -43.96 -31.80 -48.23
C ALA A 81 -44.37 -32.79 -47.14
N ASP A 82 -43.62 -33.90 -47.02
CA ASP A 82 -43.99 -34.93 -46.05
C ASP A 82 -43.95 -34.40 -44.63
N MET A 83 -42.97 -33.55 -44.31
CA MET A 83 -42.87 -33.02 -42.95
C MET A 83 -44.02 -32.06 -42.65
N ALA A 84 -44.33 -31.17 -43.59
CA ALA A 84 -45.40 -30.20 -43.36
C ALA A 84 -46.75 -30.89 -43.23
N ILE A 85 -46.96 -31.98 -43.97
CA ILE A 85 -48.20 -32.74 -43.86
C ILE A 85 -48.30 -33.37 -42.47
N ALA A 86 -47.21 -33.97 -42.00
CA ALA A 86 -47.22 -34.61 -40.68
C ALA A 86 -47.32 -33.56 -39.58
N MET A 87 -46.64 -32.43 -39.73
CA MET A 87 -46.74 -31.36 -38.73
C MET A 87 -48.15 -30.81 -38.66
N ALA A 88 -48.82 -30.65 -39.80
CA ALA A 88 -50.18 -30.13 -39.81
C ALA A 88 -51.17 -31.12 -39.20
N ARG A 89 -50.99 -32.41 -39.48
CA ARG A 89 -51.87 -33.42 -38.92
C ARG A 89 -51.69 -33.56 -37.41
N GLN A 90 -50.53 -33.16 -36.88
CA GLN A 90 -50.33 -33.14 -35.44
C GLN A 90 -50.86 -31.88 -34.79
N GLY A 91 -51.35 -30.93 -35.56
CA GLY A 91 -51.81 -29.66 -35.03
C GLY A 91 -50.84 -28.51 -35.15
N GLY A 92 -49.71 -28.71 -35.84
CA GLY A 92 -48.72 -27.66 -35.98
C GLY A 92 -48.63 -27.10 -37.38
N LEU A 93 -47.46 -26.59 -37.76
CA LEU A 93 -47.26 -25.93 -39.04
C LEU A 93 -45.87 -26.24 -39.58
N GLY A 94 -45.78 -26.44 -40.88
CA GLY A 94 -44.51 -26.71 -41.54
C GLY A 94 -44.20 -25.62 -42.55
N ILE A 95 -42.95 -25.19 -42.57
CA ILE A 95 -42.48 -24.13 -43.46
C ILE A 95 -41.61 -24.78 -44.54
N ILE A 96 -42.10 -24.79 -45.77
CA ILE A 96 -41.32 -25.32 -46.88
C ILE A 96 -40.10 -24.42 -47.11
N HIS A 97 -38.92 -25.03 -47.15
CA HIS A 97 -37.70 -24.27 -47.38
C HIS A 97 -37.64 -23.78 -48.82
N LYS A 98 -36.78 -22.78 -49.04
CA LYS A 98 -36.68 -22.10 -50.33
C LYS A 98 -35.48 -22.53 -51.15
N ASN A 99 -34.81 -23.62 -50.78
CA ASN A 99 -33.70 -24.14 -51.58
C ASN A 99 -34.21 -25.07 -52.68
N MET A 100 -35.06 -24.50 -53.52
CA MET A 100 -35.65 -25.20 -54.65
C MET A 100 -36.24 -24.16 -55.58
N SER A 101 -36.52 -24.59 -56.82
CA SER A 101 -37.07 -23.68 -57.80
C SER A 101 -38.46 -23.22 -57.37
N ILE A 102 -38.93 -22.15 -58.02
CA ILE A 102 -40.25 -21.60 -57.68
C ILE A 102 -41.34 -22.62 -57.96
N GLU A 103 -41.24 -23.33 -59.09
CA GLU A 103 -42.24 -24.35 -59.42
C GLU A 103 -42.21 -25.50 -58.42
N GLN A 104 -41.01 -25.88 -57.95
CA GLN A 104 -40.92 -26.97 -56.99
C GLN A 104 -41.55 -26.61 -55.66
N GLN A 105 -41.34 -25.37 -55.19
CA GLN A 105 -41.89 -24.97 -53.90
C GLN A 105 -43.41 -24.82 -53.98
N ALA A 106 -43.94 -24.36 -55.11
CA ALA A 106 -45.39 -24.24 -55.26
C ALA A 106 -46.05 -25.61 -55.32
N GLU A 107 -45.40 -26.59 -55.98
CA GLU A 107 -45.93 -27.94 -55.99
C GLU A 107 -45.90 -28.57 -54.60
N GLN A 108 -44.87 -28.27 -53.82
CA GLN A 108 -44.81 -28.76 -52.44
C GLN A 108 -45.93 -28.16 -51.60
N VAL A 109 -46.16 -26.85 -51.74
CA VAL A 109 -47.25 -26.21 -51.01
C VAL A 109 -48.60 -26.78 -51.45
N ASP A 110 -48.77 -26.97 -52.76
CA ASP A 110 -50.02 -27.53 -53.26
C ASP A 110 -50.24 -28.96 -52.79
N LYS A 111 -49.16 -29.74 -52.66
CA LYS A 111 -49.29 -31.12 -52.19
C LYS A 111 -49.81 -31.18 -50.77
N VAL A 112 -49.35 -30.26 -49.91
CA VAL A 112 -49.83 -30.23 -48.53
C VAL A 112 -51.29 -29.81 -48.49
N LYS A 113 -51.70 -28.91 -49.39
CA LYS A 113 -53.09 -28.49 -49.44
C LYS A 113 -54.00 -29.58 -49.98
N ARG A 114 -53.49 -30.43 -50.88
CA ARG A 114 -54.29 -31.52 -51.41
C ARG A 114 -54.53 -32.61 -50.37
N SER A 115 -53.73 -32.67 -49.31
CA SER A 115 -53.81 -33.75 -48.33
C SER A 115 -54.81 -33.47 -47.22
N GLY A 116 -55.98 -32.93 -47.55
CA GLY A 116 -57.02 -32.71 -46.58
C GLY A 116 -57.17 -31.29 -46.07
N GLY A 117 -56.79 -30.29 -46.86
CA GLY A 117 -56.94 -28.91 -46.42
C GLY A 117 -56.07 -28.55 -45.23
N LEU A 118 -54.82 -28.98 -45.24
CA LEU A 118 -53.90 -28.74 -44.13
C LEU A 118 -53.24 -27.38 -44.27
N LEU A 119 -52.84 -26.82 -43.13
CA LEU A 119 -52.11 -25.57 -43.11
C LEU A 119 -50.66 -25.78 -43.52
N VAL A 120 -50.12 -24.84 -44.29
CA VAL A 120 -48.74 -24.95 -44.75
C VAL A 120 -48.17 -23.54 -44.90
N GLY A 121 -46.87 -23.42 -44.64
CA GLY A 121 -46.15 -22.17 -44.84
C GLY A 121 -45.00 -22.34 -45.80
N ALA A 122 -44.47 -21.22 -46.30
CA ALA A 122 -43.35 -21.26 -47.23
C ALA A 122 -42.38 -20.13 -46.93
N ALA A 123 -41.09 -20.40 -47.09
CA ALA A 123 -40.06 -19.40 -46.85
C ALA A 123 -39.71 -18.69 -48.14
N VAL A 124 -39.43 -17.39 -48.03
CA VAL A 124 -39.05 -16.55 -49.16
C VAL A 124 -37.90 -15.66 -48.73
N GLY A 125 -36.87 -15.55 -49.59
CA GLY A 125 -35.76 -14.65 -49.32
C GLY A 125 -36.04 -13.24 -49.82
N VAL A 126 -35.15 -12.33 -49.46
CA VAL A 126 -35.28 -10.92 -49.82
C VAL A 126 -34.39 -10.69 -51.04
N THR A 127 -34.94 -10.97 -52.23
CA THR A 127 -34.25 -10.78 -53.48
C THR A 127 -35.21 -10.16 -54.49
N ALA A 128 -34.71 -9.92 -55.71
CA ALA A 128 -35.57 -9.48 -56.79
C ALA A 128 -36.52 -10.57 -57.24
N ASP A 129 -36.16 -11.83 -57.01
CA ASP A 129 -37.01 -12.97 -57.33
C ASP A 129 -38.13 -13.19 -56.31
N ALA A 130 -38.13 -12.42 -55.21
CA ALA A 130 -39.06 -12.68 -54.12
C ALA A 130 -40.51 -12.53 -54.55
N MET A 131 -40.82 -11.43 -55.25
CA MET A 131 -42.22 -11.17 -55.61
C MET A 131 -42.75 -12.23 -56.56
N THR A 132 -41.90 -12.72 -57.48
CA THR A 132 -42.35 -13.76 -58.39
C THR A 132 -42.60 -15.07 -57.66
N ARG A 133 -41.76 -15.38 -56.66
CA ARG A 133 -41.96 -16.61 -55.89
C ARG A 133 -43.22 -16.53 -55.04
N ILE A 134 -43.50 -15.35 -54.48
CA ILE A 134 -44.68 -15.20 -53.64
C ILE A 134 -45.95 -15.33 -54.48
N ASP A 135 -45.93 -14.83 -55.71
CA ASP A 135 -47.09 -14.96 -56.58
C ASP A 135 -47.45 -16.41 -56.84
N ALA A 136 -46.45 -17.26 -57.06
CA ALA A 136 -46.72 -18.67 -57.28
C ALA A 136 -47.18 -19.37 -56.00
N LEU A 137 -46.69 -18.93 -54.84
CA LEU A 137 -47.10 -19.54 -53.58
C LEU A 137 -48.53 -19.14 -53.22
N VAL A 138 -48.92 -17.90 -53.50
CA VAL A 138 -50.28 -17.46 -53.22
C VAL A 138 -51.27 -18.21 -54.10
N LYS A 139 -50.93 -18.41 -55.38
CA LYS A 139 -51.80 -19.18 -56.26
C LYS A 139 -51.86 -20.65 -55.87
N ALA A 140 -50.91 -21.12 -55.06
CA ALA A 140 -50.97 -22.45 -54.47
C ALA A 140 -51.71 -22.46 -53.14
N SER A 141 -52.39 -21.37 -52.79
CA SER A 141 -53.18 -21.28 -51.57
C SER A 141 -52.32 -21.46 -50.32
N VAL A 142 -51.15 -20.81 -50.31
CA VAL A 142 -50.30 -20.85 -49.12
C VAL A 142 -50.98 -20.07 -47.99
N ASP A 143 -50.74 -20.52 -46.76
CA ASP A 143 -51.38 -19.91 -45.60
C ASP A 143 -50.54 -18.80 -44.98
N ALA A 144 -49.22 -18.88 -45.09
CA ALA A 144 -48.34 -17.86 -44.54
C ALA A 144 -46.99 -17.94 -45.23
N ILE A 145 -46.41 -16.79 -45.53
CA ILE A 145 -45.06 -16.72 -46.08
C ILE A 145 -44.12 -16.29 -44.96
N VAL A 146 -42.88 -16.79 -45.03
CA VAL A 146 -41.85 -16.48 -44.05
C VAL A 146 -40.76 -15.72 -44.79
N LEU A 147 -40.79 -14.39 -44.70
CA LEU A 147 -39.71 -13.55 -45.24
C LEU A 147 -38.53 -13.65 -44.30
N ASP A 148 -37.73 -14.70 -44.50
CA ASP A 148 -36.62 -15.04 -43.62
C ASP A 148 -35.32 -14.47 -44.15
N THR A 149 -34.51 -13.93 -43.25
CA THR A 149 -33.22 -13.37 -43.62
C THR A 149 -32.34 -13.35 -42.37
N ALA A 150 -31.05 -13.11 -42.59
CA ALA A 150 -30.10 -13.09 -41.48
C ALA A 150 -30.31 -11.88 -40.58
N HIS A 151 -30.60 -10.72 -41.16
CA HIS A 151 -30.77 -9.48 -40.42
C HIS A 151 -32.11 -8.86 -40.82
N GLY A 152 -33.16 -9.18 -40.05
CA GLY A 152 -34.49 -8.67 -40.35
C GLY A 152 -34.66 -7.19 -40.11
N HIS A 153 -33.74 -6.57 -39.35
CA HIS A 153 -33.83 -5.14 -39.03
C HIS A 153 -33.07 -4.28 -40.04
N SER A 154 -33.14 -4.62 -41.33
CA SER A 154 -32.53 -3.83 -42.37
C SER A 154 -33.61 -3.19 -43.24
N GLN A 155 -33.19 -2.18 -44.02
CA GLN A 155 -34.15 -1.45 -44.84
C GLN A 155 -34.70 -2.32 -45.97
N GLY A 156 -33.89 -3.23 -46.51
CA GLY A 156 -34.38 -4.09 -47.58
C GLY A 156 -35.50 -5.01 -47.11
N VAL A 157 -35.37 -5.54 -45.90
CA VAL A 157 -36.43 -6.38 -45.36
C VAL A 157 -37.68 -5.56 -45.06
N ILE A 158 -37.49 -4.34 -44.55
CA ILE A 158 -38.63 -3.46 -44.29
C ILE A 158 -39.32 -3.07 -45.58
N ASP A 159 -38.54 -2.68 -46.59
CA ASP A 159 -39.11 -2.29 -47.87
C ASP A 159 -39.80 -3.47 -48.55
N LYS A 160 -39.33 -4.69 -48.32
CA LYS A 160 -39.94 -5.85 -48.95
C LYS A 160 -41.27 -6.19 -48.30
N VAL A 161 -41.35 -6.10 -46.97
CA VAL A 161 -42.60 -6.38 -46.28
C VAL A 161 -43.69 -5.41 -46.72
N LYS A 162 -43.35 -4.12 -46.84
CA LYS A 162 -44.33 -3.14 -47.28
C LYS A 162 -44.78 -3.43 -48.71
N GLU A 163 -43.87 -3.91 -49.56
CA GLU A 163 -44.23 -4.23 -50.94
C GLU A 163 -45.15 -5.44 -51.00
N VAL A 164 -44.93 -6.42 -50.12
CA VAL A 164 -45.78 -7.60 -50.11
C VAL A 164 -47.14 -7.30 -49.47
N ARG A 165 -47.14 -6.48 -48.41
CA ARG A 165 -48.39 -6.17 -47.74
C ARG A 165 -49.32 -5.36 -48.65
N ALA A 166 -48.76 -4.46 -49.45
CA ALA A 166 -49.59 -3.66 -50.35
C ALA A 166 -50.26 -4.53 -51.41
N LYS A 167 -49.56 -5.56 -51.88
CA LYS A 167 -50.11 -6.42 -52.92
C LYS A 167 -51.06 -7.47 -52.36
N TYR A 168 -50.80 -7.95 -51.14
CA TYR A 168 -51.62 -8.98 -50.50
C TYR A 168 -52.00 -8.51 -49.10
N PRO A 169 -53.08 -7.75 -48.96
CA PRO A 169 -53.45 -7.23 -47.64
C PRO A 169 -53.91 -8.30 -46.66
N SER A 170 -54.34 -9.46 -47.13
CA SER A 170 -54.85 -10.52 -46.26
C SER A 170 -53.87 -11.67 -46.08
N LEU A 171 -52.67 -11.57 -46.64
CA LEU A 171 -51.69 -12.64 -46.54
C LEU A 171 -50.94 -12.57 -45.22
N ASN A 172 -50.86 -13.71 -44.53
CA ASN A 172 -50.09 -13.79 -43.30
C ASN A 172 -48.61 -13.66 -43.61
N ILE A 173 -47.96 -12.65 -43.04
CA ILE A 173 -46.55 -12.36 -43.30
C ILE A 173 -45.80 -12.55 -41.99
N ILE A 174 -44.91 -13.53 -41.96
CA ILE A 174 -44.00 -13.76 -40.85
C ILE A 174 -42.64 -13.21 -41.25
N ALA A 175 -42.15 -12.21 -40.53
CA ALA A 175 -40.91 -11.52 -40.87
C ALA A 175 -39.87 -11.76 -39.78
N GLY A 176 -38.63 -11.91 -40.19
CA GLY A 176 -37.53 -12.12 -39.26
C GLY A 176 -36.23 -12.24 -40.02
N ASN A 177 -35.16 -12.51 -39.27
CA ASN A 177 -35.24 -12.66 -37.82
C ASN A 177 -34.76 -11.39 -37.11
N VAL A 178 -35.26 -11.17 -35.89
CA VAL A 178 -34.91 -10.01 -35.10
C VAL A 178 -34.67 -10.45 -33.65
N ALA A 179 -34.14 -9.53 -32.85
CA ALA A 179 -33.91 -9.81 -31.43
C ALA A 179 -34.00 -8.55 -30.58
N THR A 180 -34.57 -7.46 -31.10
CA THR A 180 -34.64 -6.18 -30.41
C THR A 180 -36.05 -5.63 -30.50
N ALA A 181 -36.49 -4.97 -29.43
CA ALA A 181 -37.81 -4.32 -29.44
C ALA A 181 -37.93 -3.32 -30.57
N GLU A 182 -36.86 -2.56 -30.84
CA GLU A 182 -36.90 -1.58 -31.92
C GLU A 182 -37.07 -2.26 -33.27
N ALA A 183 -36.41 -3.39 -33.47
CA ALA A 183 -36.58 -4.15 -34.72
C ALA A 183 -38.00 -4.71 -34.82
N THR A 184 -38.57 -5.14 -33.70
CA THR A 184 -39.94 -5.66 -33.71
C THR A 184 -40.93 -4.58 -34.12
N LYS A 185 -40.74 -3.36 -33.61
CA LYS A 185 -41.64 -2.27 -33.97
C LYS A 185 -41.52 -1.93 -35.45
N ALA A 186 -40.30 -1.97 -36.00
CA ALA A 186 -40.11 -1.61 -37.40
C ALA A 186 -40.80 -2.58 -38.34
N LEU A 187 -40.71 -3.88 -38.05
CA LEU A 187 -41.37 -4.86 -38.90
C LEU A 187 -42.89 -4.82 -38.75
N ILE A 188 -43.39 -4.55 -37.54
CA ILE A 188 -44.83 -4.46 -37.34
C ILE A 188 -45.40 -3.29 -38.13
N GLU A 189 -44.74 -2.13 -38.05
CA GLU A 189 -45.20 -0.96 -38.78
C GLU A 189 -44.96 -1.08 -40.29
N ALA A 190 -44.24 -2.11 -40.74
CA ALA A 190 -44.06 -2.35 -42.16
C ALA A 190 -45.14 -3.22 -42.77
N GLY A 191 -45.84 -4.01 -41.97
CA GLY A 191 -46.93 -4.83 -42.47
C GLY A 191 -46.92 -6.25 -41.96
N ALA A 192 -45.84 -6.66 -41.31
CA ALA A 192 -45.75 -8.03 -40.80
C ALA A 192 -46.67 -8.22 -39.61
N ASN A 193 -47.54 -9.23 -39.69
CA ASN A 193 -48.45 -9.53 -38.59
C ASN A 193 -47.91 -10.61 -37.66
N VAL A 194 -46.78 -11.23 -37.99
CA VAL A 194 -46.08 -12.15 -37.12
C VAL A 194 -44.59 -11.86 -37.19
N VAL A 195 -43.93 -11.85 -36.03
CA VAL A 195 -42.51 -11.53 -35.93
C VAL A 195 -41.76 -12.76 -35.44
N LYS A 196 -40.65 -13.08 -36.09
CA LYS A 196 -39.84 -14.25 -35.73
C LYS A 196 -38.58 -13.78 -35.03
N VAL A 197 -38.36 -14.29 -33.82
CA VAL A 197 -37.28 -13.85 -32.94
C VAL A 197 -36.18 -14.90 -32.91
N GLY A 198 -34.94 -14.45 -33.00
CA GLY A 198 -33.81 -15.36 -32.91
C GLY A 198 -32.64 -15.00 -33.81
N ILE A 199 -31.54 -14.56 -33.23
CA ILE A 199 -30.31 -14.28 -33.96
C ILE A 199 -29.17 -14.92 -33.18
N GLY A 200 -28.75 -16.10 -33.59
CA GLY A 200 -27.65 -16.77 -32.92
C GLY A 200 -27.92 -18.11 -32.23
N PRO A 201 -29.07 -18.31 -31.58
CA PRO A 201 -29.18 -19.48 -30.68
C PRO A 201 -29.28 -20.82 -31.39
N GLY A 202 -29.37 -20.85 -32.72
CA GLY A 202 -29.58 -22.12 -33.40
C GLY A 202 -28.46 -23.10 -33.12
N SER A 203 -28.84 -24.38 -33.05
CA SER A 203 -27.87 -25.43 -32.72
C SER A 203 -26.80 -25.57 -33.80
N ILE A 204 -27.14 -25.26 -35.05
CA ILE A 204 -26.20 -25.33 -36.16
C ILE A 204 -25.66 -23.96 -36.55
N CYS A 205 -25.95 -22.92 -35.75
CA CYS A 205 -25.66 -21.55 -36.10
C CYS A 205 -24.32 -21.09 -35.51
N THR A 206 -23.55 -20.34 -36.30
CA THR A 206 -22.29 -19.77 -35.85
C THR A 206 -22.26 -18.25 -36.00
N THR A 207 -23.42 -17.61 -36.13
CA THR A 207 -23.48 -16.17 -36.31
C THR A 207 -22.79 -15.43 -35.17
N ARG A 208 -23.13 -15.79 -33.93
CA ARG A 208 -22.53 -15.14 -32.78
C ARG A 208 -21.02 -15.36 -32.70
N VAL A 209 -20.52 -16.42 -33.32
CA VAL A 209 -19.09 -16.74 -33.24
C VAL A 209 -18.30 -16.04 -34.34
N VAL A 210 -18.80 -16.06 -35.58
CA VAL A 210 -18.04 -15.49 -36.69
C VAL A 210 -18.36 -14.02 -36.94
N ALA A 211 -19.51 -13.53 -36.45
CA ALA A 211 -19.85 -12.12 -36.58
C ALA A 211 -19.89 -11.37 -35.26
N GLY A 212 -19.94 -12.09 -34.14
CA GLY A 212 -19.96 -11.48 -32.83
C GLY A 212 -21.27 -10.85 -32.42
N VAL A 213 -22.36 -11.11 -33.16
CA VAL A 213 -23.63 -10.42 -32.97
C VAL A 213 -24.68 -11.41 -32.50
N GLY A 214 -25.51 -10.98 -31.57
CA GLY A 214 -26.62 -11.80 -31.11
C GLY A 214 -27.18 -11.26 -29.82
N VAL A 215 -28.31 -11.86 -29.41
CA VAL A 215 -28.93 -11.59 -28.12
C VAL A 215 -29.31 -12.92 -27.50
N PRO A 216 -29.02 -13.15 -26.22
CA PRO A 216 -29.47 -14.38 -25.57
C PRO A 216 -30.97 -14.59 -25.77
N GLN A 217 -31.33 -15.82 -26.18
CA GLN A 217 -32.63 -16.04 -26.82
C GLN A 217 -33.79 -15.69 -25.89
N LEU A 218 -33.66 -16.01 -24.60
CA LEU A 218 -34.77 -15.74 -23.70
C LEU A 218 -34.97 -14.25 -23.46
N THR A 219 -33.89 -13.48 -23.44
CA THR A 219 -34.02 -12.02 -23.36
C THR A 219 -34.53 -11.44 -24.68
N ALA A 220 -34.13 -12.04 -25.81
CA ALA A 220 -34.64 -11.58 -27.10
C ALA A 220 -36.14 -11.80 -27.21
N VAL A 221 -36.61 -12.99 -26.83
CA VAL A 221 -38.04 -13.28 -26.87
C VAL A 221 -38.80 -12.33 -25.94
N TYR A 222 -38.27 -12.09 -24.75
CA TYR A 222 -38.97 -11.24 -23.79
C TYR A 222 -38.97 -9.78 -24.24
N ASP A 223 -37.86 -9.30 -24.81
CA ASP A 223 -37.82 -7.91 -25.27
C ASP A 223 -38.72 -7.70 -26.46
N CYS A 224 -38.73 -8.64 -27.41
CA CYS A 224 -39.55 -8.47 -28.61
C CYS A 224 -41.04 -8.64 -28.31
N ALA A 225 -41.38 -9.59 -27.44
CA ALA A 225 -42.78 -9.76 -27.06
C ALA A 225 -43.29 -8.55 -26.27
N THR A 226 -42.41 -7.88 -25.53
CA THR A 226 -42.81 -6.69 -24.79
C THR A 226 -43.32 -5.61 -25.74
N GLU A 227 -42.66 -5.45 -26.89
CA GLU A 227 -43.10 -4.47 -27.87
C GLU A 227 -44.26 -4.99 -28.70
N ALA A 228 -44.24 -6.29 -29.03
CA ALA A 228 -45.24 -6.85 -29.92
C ALA A 228 -46.62 -6.89 -29.27
N ARG A 229 -46.68 -7.17 -27.97
CA ARG A 229 -47.95 -7.26 -27.28
C ARG A 229 -48.68 -5.92 -27.23
N LYS A 230 -47.94 -4.81 -27.31
CA LYS A 230 -48.57 -3.50 -27.36
C LYS A 230 -49.29 -3.24 -28.68
N HIS A 231 -49.13 -4.13 -29.67
CA HIS A 231 -49.84 -4.03 -30.93
C HIS A 231 -50.68 -5.27 -31.21
N GLY A 232 -50.75 -6.21 -30.26
CA GLY A 232 -51.49 -7.44 -30.48
C GLY A 232 -50.87 -8.36 -31.50
N ILE A 233 -49.55 -8.33 -31.64
CA ILE A 233 -48.84 -9.12 -32.65
C ILE A 233 -48.12 -10.26 -31.94
N PRO A 234 -48.26 -11.50 -32.39
CA PRO A 234 -47.53 -12.61 -31.77
C PRO A 234 -46.10 -12.69 -32.27
N VAL A 235 -45.26 -13.34 -31.48
CA VAL A 235 -43.87 -13.57 -31.84
C VAL A 235 -43.60 -15.06 -31.85
N ILE A 236 -42.56 -15.45 -32.59
CA ILE A 236 -42.12 -16.83 -32.70
C ILE A 236 -40.73 -16.93 -32.09
N ALA A 237 -40.59 -17.78 -31.07
CA ALA A 237 -39.28 -18.09 -30.52
C ALA A 237 -38.61 -19.10 -31.43
N ASP A 238 -37.57 -18.68 -32.14
CA ASP A 238 -36.95 -19.48 -33.18
C ASP A 238 -35.50 -19.76 -32.80
N GLY A 239 -35.20 -21.02 -32.49
CA GLY A 239 -33.84 -21.46 -32.29
C GLY A 239 -33.45 -21.59 -30.82
N GLY A 240 -32.50 -22.46 -30.56
CA GLY A 240 -31.94 -22.61 -29.23
C GLY A 240 -32.65 -23.59 -28.32
N ILE A 241 -33.73 -24.21 -28.78
CA ILE A 241 -34.50 -25.13 -27.95
C ILE A 241 -33.89 -26.52 -28.05
N LYS A 242 -33.39 -27.03 -26.93
CA LYS A 242 -32.74 -28.34 -26.86
C LYS A 242 -33.60 -29.39 -26.19
N TYR A 243 -34.42 -29.02 -25.21
CA TYR A 243 -35.32 -29.93 -24.52
C TYR A 243 -36.72 -29.33 -24.52
N SER A 244 -37.69 -30.15 -24.12
CA SER A 244 -39.07 -29.69 -24.06
C SER A 244 -39.24 -28.57 -23.04
N GLY A 245 -38.42 -28.57 -21.99
CA GLY A 245 -38.51 -27.51 -20.99
C GLY A 245 -38.12 -26.15 -21.53
N ASP A 246 -37.22 -26.12 -22.52
CA ASP A 246 -36.86 -24.85 -23.15
C ASP A 246 -38.04 -24.24 -23.88
N MET A 247 -38.88 -25.07 -24.48
CA MET A 247 -40.08 -24.58 -25.16
C MET A 247 -41.04 -23.94 -24.17
N VAL A 248 -41.21 -24.55 -23.00
CA VAL A 248 -42.09 -23.99 -21.97
C VAL A 248 -41.56 -22.64 -21.51
N LYS A 249 -40.24 -22.51 -21.39
CA LYS A 249 -39.66 -21.23 -20.99
C LYS A 249 -39.86 -20.17 -22.07
N ALA A 250 -39.74 -20.57 -23.35
CA ALA A 250 -39.93 -19.62 -24.43
C ALA A 250 -41.36 -19.12 -24.50
N LEU A 251 -42.34 -20.02 -24.34
CA LEU A 251 -43.73 -19.60 -24.33
C LEU A 251 -44.03 -18.72 -23.13
N ALA A 252 -43.48 -19.08 -21.96
CA ALA A 252 -43.70 -18.27 -20.76
C ALA A 252 -42.98 -16.93 -20.82
N ALA A 253 -41.97 -16.81 -21.68
CA ALA A 253 -41.28 -15.54 -21.86
C ALA A 253 -42.03 -14.56 -22.75
N GLY A 254 -43.10 -14.99 -23.39
CA GLY A 254 -43.92 -14.09 -24.19
C GLY A 254 -44.20 -14.56 -25.61
N ALA A 255 -43.61 -15.69 -26.00
CA ALA A 255 -43.79 -16.20 -27.35
C ALA A 255 -45.11 -16.96 -27.47
N HIS A 256 -45.81 -16.75 -28.58
CA HIS A 256 -47.02 -17.51 -28.86
C HIS A 256 -46.72 -18.93 -29.32
N VAL A 257 -45.60 -19.12 -30.02
CA VAL A 257 -45.29 -20.39 -30.66
C VAL A 257 -43.78 -20.47 -30.82
N VAL A 258 -43.26 -21.69 -30.87
CA VAL A 258 -41.83 -21.92 -31.01
C VAL A 258 -41.56 -22.58 -32.36
N MET A 259 -40.34 -22.38 -32.86
CA MET A 259 -39.89 -22.99 -34.11
C MET A 259 -38.69 -23.87 -33.81
N LEU A 260 -38.74 -25.11 -34.29
CA LEU A 260 -37.73 -26.12 -33.99
C LEU A 260 -37.05 -26.60 -35.27
N GLY A 261 -35.75 -26.85 -35.17
CA GLY A 261 -34.99 -27.39 -36.28
C GLY A 261 -34.28 -28.68 -35.93
N SER A 262 -33.43 -28.65 -34.90
CA SER A 262 -32.66 -29.84 -34.56
C SER A 262 -33.53 -30.95 -33.99
N MET A 263 -34.59 -30.60 -33.25
CA MET A 263 -35.45 -31.62 -32.67
C MET A 263 -36.38 -32.27 -33.69
N PHE A 264 -36.46 -31.73 -34.90
CA PHE A 264 -37.29 -32.30 -35.96
C PHE A 264 -36.48 -32.93 -37.09
N ALA A 265 -35.18 -32.66 -37.17
CA ALA A 265 -34.40 -33.15 -38.30
C ALA A 265 -34.17 -34.65 -38.27
N GLY A 266 -34.31 -35.28 -37.12
CA GLY A 266 -34.07 -36.70 -36.99
C GLY A 266 -35.29 -37.59 -37.12
N VAL A 267 -36.44 -37.04 -37.49
CA VAL A 267 -37.65 -37.84 -37.62
C VAL A 267 -37.75 -38.38 -39.04
N ALA A 268 -38.64 -39.37 -39.23
CA ALA A 268 -38.72 -40.02 -40.53
C ALA A 268 -39.28 -39.10 -41.62
N GLU A 269 -40.18 -38.18 -41.25
CA GLU A 269 -40.83 -37.33 -42.24
C GLU A 269 -39.94 -36.21 -42.74
N SER A 270 -38.77 -36.00 -42.15
CA SER A 270 -37.87 -34.95 -42.60
C SER A 270 -37.15 -35.36 -43.87
N PRO A 271 -36.73 -34.39 -44.69
CA PRO A 271 -36.02 -34.73 -45.92
C PRO A 271 -34.69 -35.40 -45.64
N GLY A 272 -34.16 -36.07 -46.67
CA GLY A 272 -32.94 -36.82 -46.55
C GLY A 272 -33.19 -38.28 -46.19
N GLU A 273 -32.11 -39.04 -46.17
CA GLU A 273 -32.16 -40.46 -45.84
C GLU A 273 -31.25 -40.75 -44.66
N THR A 274 -31.45 -41.93 -44.08
CA THR A 274 -30.73 -42.32 -42.88
C THR A 274 -29.34 -42.84 -43.23
N GLU A 275 -28.35 -42.42 -42.45
CA GLU A 275 -26.99 -42.93 -42.56
C GLU A 275 -26.64 -43.69 -41.29
N ILE A 276 -25.56 -44.47 -41.36
CA ILE A 276 -25.08 -45.28 -40.24
C ILE A 276 -23.73 -44.74 -39.80
N TYR A 277 -23.60 -44.48 -38.50
CA TYR A 277 -22.34 -44.01 -37.91
C TYR A 277 -22.15 -44.72 -36.58
N GLN A 278 -21.12 -45.57 -36.51
CA GLN A 278 -20.79 -46.31 -35.29
C GLN A 278 -21.97 -47.13 -34.79
N GLY A 279 -22.63 -47.83 -35.72
CA GLY A 279 -23.71 -48.73 -35.37
C GLY A 279 -25.06 -48.07 -35.14
N ARG A 280 -25.13 -46.75 -35.08
CA ARG A 280 -26.38 -46.03 -34.85
C ARG A 280 -26.86 -45.39 -36.15
N GLN A 281 -28.14 -45.03 -36.14
CA GLN A 281 -28.78 -44.39 -37.29
C GLN A 281 -28.81 -42.88 -37.08
N PHE A 282 -28.37 -42.13 -38.08
CA PHE A 282 -28.34 -40.68 -38.02
C PHE A 282 -28.97 -40.09 -39.27
N LYS A 283 -29.35 -38.82 -39.18
CA LYS A 283 -29.83 -38.05 -40.31
C LYS A 283 -29.03 -36.76 -40.42
N VAL A 284 -28.82 -36.32 -41.66
CA VAL A 284 -28.03 -35.12 -41.90
C VAL A 284 -28.82 -33.89 -41.47
N TYR A 285 -28.17 -33.01 -40.70
CA TYR A 285 -28.75 -31.75 -40.30
C TYR A 285 -27.70 -30.66 -40.45
N ARG A 286 -28.01 -29.63 -41.22
CA ARG A 286 -27.06 -28.57 -41.51
C ARG A 286 -27.77 -27.24 -41.50
N GLY A 287 -27.01 -26.18 -41.24
CA GLY A 287 -27.56 -24.84 -41.32
C GLY A 287 -27.70 -24.37 -42.75
N MET A 288 -28.69 -23.50 -42.98
CA MET A 288 -28.89 -22.94 -44.31
C MET A 288 -27.76 -21.99 -44.69
N GLY A 289 -27.04 -21.45 -43.71
CA GLY A 289 -25.86 -20.64 -43.96
C GLY A 289 -24.57 -21.41 -44.07
N SER A 290 -24.63 -22.74 -44.09
CA SER A 290 -23.44 -23.56 -44.21
C SER A 290 -23.01 -23.66 -45.67
N VAL A 291 -21.79 -24.17 -45.87
CA VAL A 291 -21.23 -24.28 -47.22
C VAL A 291 -22.03 -25.29 -48.05
N GLY A 292 -22.42 -26.42 -47.44
CA GLY A 292 -23.15 -27.42 -48.18
C GLY A 292 -24.53 -26.95 -48.62
N ALA A 293 -25.19 -26.13 -47.80
CA ALA A 293 -26.51 -25.65 -48.14
C ALA A 293 -26.46 -24.58 -49.22
N MET A 294 -25.41 -23.76 -49.23
CA MET A 294 -25.33 -22.66 -50.19
C MET A 294 -24.79 -23.12 -51.55
N GLU A 295 -23.97 -24.17 -51.58
CA GLU A 295 -23.49 -24.70 -52.86
C GLU A 295 -24.53 -25.57 -53.55
N LYS A 296 -25.63 -25.90 -52.89
CA LYS A 296 -26.70 -26.70 -53.48
C LYS A 296 -27.51 -25.87 -54.46
N LYS A 308 -13.53 -21.42 -52.48
CA LYS A 308 -13.75 -20.98 -51.10
C LYS A 308 -13.94 -19.47 -51.03
N LYS A 309 -15.12 -19.01 -51.42
CA LYS A 309 -15.48 -17.60 -51.37
C LYS A 309 -16.58 -17.27 -50.38
N LEU A 310 -17.41 -18.23 -50.01
CA LEU A 310 -18.50 -17.99 -49.07
C LEU A 310 -17.97 -17.95 -47.65
N VAL A 311 -18.44 -16.98 -46.88
CA VAL A 311 -18.15 -16.91 -45.44
C VAL A 311 -19.38 -17.45 -44.71
N PRO A 312 -19.38 -18.72 -44.31
CA PRO A 312 -20.60 -19.33 -43.79
C PRO A 312 -20.91 -18.85 -42.37
N GLU A 313 -22.20 -18.96 -42.02
CA GLU A 313 -22.66 -18.72 -40.66
C GLU A 313 -23.37 -19.94 -40.09
N GLY A 314 -23.07 -21.13 -40.63
CA GLY A 314 -23.64 -22.37 -40.12
C GLY A 314 -22.66 -23.50 -40.33
N ILE A 315 -23.00 -24.65 -39.74
CA ILE A 315 -22.16 -25.84 -39.82
C ILE A 315 -23.00 -27.00 -40.32
N GLU A 316 -22.31 -28.04 -40.79
CA GLU A 316 -22.94 -29.26 -41.28
C GLU A 316 -22.72 -30.37 -40.27
N GLY A 317 -23.78 -31.08 -39.93
CA GLY A 317 -23.68 -32.13 -38.93
C GLY A 317 -24.66 -33.28 -39.10
N ARG A 318 -24.91 -34.00 -38.02
CA ARG A 318 -25.82 -35.13 -38.04
C ARG A 318 -26.53 -35.22 -36.69
N VAL A 319 -27.74 -35.77 -36.71
CA VAL A 319 -28.52 -35.96 -35.49
C VAL A 319 -29.04 -37.40 -35.45
N PRO A 320 -29.22 -38.00 -34.28
CA PRO A 320 -29.72 -39.37 -34.22
C PRO A 320 -31.12 -39.50 -34.78
N TYR A 321 -31.38 -40.63 -35.43
CA TYR A 321 -32.72 -40.94 -35.92
C TYR A 321 -33.68 -41.17 -34.75
N LYS A 322 -34.90 -40.64 -34.88
CA LYS A 322 -35.88 -40.70 -33.81
C LYS A 322 -37.16 -41.42 -34.16
N GLY A 323 -37.38 -41.77 -35.43
CA GLY A 323 -38.58 -42.46 -35.84
C GLY A 323 -39.65 -41.49 -36.31
N PRO A 324 -40.92 -41.89 -36.19
CA PRO A 324 -42.00 -41.03 -36.67
C PRO A 324 -42.09 -39.72 -35.89
N LEU A 325 -42.67 -38.71 -36.54
CA LEU A 325 -42.81 -37.41 -35.93
C LEU A 325 -43.76 -37.44 -34.73
N ALA A 326 -44.76 -38.33 -34.77
CA ALA A 326 -45.79 -38.34 -33.73
C ALA A 326 -45.18 -38.63 -32.36
N ASP A 327 -44.15 -39.47 -32.30
CA ASP A 327 -43.55 -39.81 -31.01
C ASP A 327 -42.80 -38.63 -30.43
N THR A 328 -42.14 -37.83 -31.28
CA THR A 328 -41.42 -36.65 -30.78
C THR A 328 -42.40 -35.57 -30.34
N VAL A 329 -43.46 -35.33 -31.12
CA VAL A 329 -44.44 -34.31 -30.76
C VAL A 329 -45.11 -34.65 -29.44
N HIS A 330 -45.40 -35.93 -29.22
CA HIS A 330 -46.07 -36.33 -27.98
C HIS A 330 -45.21 -36.02 -26.76
N GLN A 331 -43.89 -36.17 -26.87
CA GLN A 331 -43.01 -35.86 -25.76
C GLN A 331 -42.88 -34.36 -25.56
N LEU A 332 -42.88 -33.59 -26.65
CA LEU A 332 -42.80 -32.14 -26.54
C LEU A 332 -44.07 -31.58 -25.90
N VAL A 333 -45.23 -31.92 -26.47
CA VAL A 333 -46.50 -31.46 -25.90
C VAL A 333 -46.68 -31.99 -24.48
N GLY A 334 -46.20 -33.20 -24.21
CA GLY A 334 -46.27 -33.73 -22.85
C GLY A 334 -45.46 -32.91 -21.87
N GLY A 335 -44.30 -32.43 -22.28
CA GLY A 335 -43.52 -31.55 -21.41
C GLY A 335 -44.20 -30.22 -21.20
N LEU A 336 -44.89 -29.71 -22.23
CA LEU A 336 -45.61 -28.45 -22.09
C LEU A 336 -46.80 -28.59 -21.14
N ARG A 337 -47.53 -29.70 -21.24
CA ARG A 337 -48.68 -29.90 -20.36
C ARG A 337 -48.24 -30.02 -18.90
N ALA A 338 -47.12 -30.70 -18.64
CA ALA A 338 -46.61 -30.81 -17.29
C ALA A 338 -46.15 -29.46 -16.77
N GLY A 339 -45.44 -28.69 -17.61
CA GLY A 339 -44.96 -27.38 -17.18
C GLY A 339 -46.10 -26.42 -16.91
N MET A 340 -47.13 -26.42 -17.76
CA MET A 340 -48.29 -25.58 -17.52
C MET A 340 -49.03 -26.00 -16.26
N GLY A 341 -49.05 -27.29 -15.97
CA GLY A 341 -49.64 -27.75 -14.72
C GLY A 341 -48.89 -27.26 -13.50
N TYR A 342 -47.55 -27.26 -13.58
CA TYR A 342 -46.76 -26.73 -12.47
C TYR A 342 -47.03 -25.25 -12.26
N CYS A 343 -47.26 -24.51 -13.34
CA CYS A 343 -47.47 -23.06 -13.27
C CYS A 343 -48.94 -22.69 -13.05
N GLY A 344 -49.84 -23.66 -13.02
CA GLY A 344 -51.25 -23.37 -12.89
C GLY A 344 -51.84 -22.61 -14.06
N ALA A 345 -51.34 -22.87 -15.28
CA ALA A 345 -51.80 -22.18 -16.48
C ALA A 345 -52.73 -23.12 -17.24
N GLN A 346 -54.02 -22.77 -17.27
CA GLN A 346 -54.99 -23.57 -18.02
C GLN A 346 -54.89 -23.34 -19.52
N ASP A 347 -54.31 -22.23 -19.95
CA ASP A 347 -54.12 -21.93 -21.36
C ASP A 347 -52.80 -21.21 -21.55
N LEU A 348 -52.38 -21.08 -22.81
CA LEU A 348 -51.10 -20.44 -23.10
C LEU A 348 -51.11 -18.95 -22.78
N GLU A 349 -52.28 -18.31 -22.86
CA GLU A 349 -52.35 -16.89 -22.53
C GLU A 349 -52.02 -16.64 -21.07
N PHE A 350 -52.52 -17.49 -20.17
CA PHE A 350 -52.20 -17.35 -18.76
C PHE A 350 -50.71 -17.55 -18.51
N LEU A 351 -50.10 -18.49 -19.24
CA LEU A 351 -48.67 -18.75 -19.07
C LEU A 351 -47.84 -17.54 -19.48
N ARG A 352 -48.20 -16.89 -20.60
CA ARG A 352 -47.45 -15.73 -21.05
C ARG A 352 -47.58 -14.56 -20.08
N GLU A 353 -48.73 -14.41 -19.44
CA GLU A 353 -49.02 -13.24 -18.63
C GLU A 353 -48.74 -13.42 -17.14
N ASN A 354 -48.55 -14.65 -16.66
CA ASN A 354 -48.43 -14.88 -15.23
C ASN A 354 -47.22 -15.70 -14.80
N ALA A 355 -46.57 -16.44 -15.70
CA ALA A 355 -45.46 -17.29 -15.30
C ALA A 355 -44.27 -16.44 -14.87
N GLN A 356 -43.66 -16.82 -13.74
CA GLN A 356 -42.52 -16.12 -13.20
C GLN A 356 -41.29 -17.03 -13.26
N PHE A 357 -40.14 -16.43 -13.56
CA PHE A 357 -38.88 -17.15 -13.60
C PHE A 357 -38.07 -16.87 -12.34
N ILE A 358 -37.04 -17.69 -12.13
CA ILE A 358 -36.04 -17.45 -11.10
C ILE A 358 -34.67 -17.76 -11.69
N ARG A 359 -33.72 -16.86 -11.49
CA ARG A 359 -32.40 -17.03 -12.08
C ARG A 359 -31.52 -17.94 -11.23
N MET A 360 -30.63 -18.65 -11.90
CA MET A 360 -29.74 -19.60 -11.25
C MET A 360 -28.37 -19.56 -11.91
N SER A 361 -27.38 -20.10 -11.21
CA SER A 361 -26.01 -20.13 -11.71
C SER A 361 -25.74 -21.45 -12.43
N GLY A 362 -24.51 -21.62 -12.90
CA GLY A 362 -24.12 -22.89 -13.51
C GLY A 362 -24.24 -24.05 -12.55
N ALA A 363 -24.02 -23.81 -11.26
CA ALA A 363 -24.24 -24.86 -10.27
C ALA A 363 -25.71 -25.27 -10.22
N GLY A 364 -26.62 -24.31 -10.37
CA GLY A 364 -28.03 -24.64 -10.43
C GLY A 364 -28.39 -25.41 -11.68
N LEU A 365 -27.70 -25.15 -12.79
CA LEU A 365 -27.93 -25.91 -14.01
C LEU A 365 -27.52 -27.36 -13.83
N LEU A 366 -26.39 -27.60 -13.17
CA LEU A 366 -25.94 -28.97 -12.92
C LEU A 366 -26.88 -29.68 -11.95
N GLU A 367 -27.50 -28.94 -11.03
CA GLU A 367 -28.51 -29.54 -10.17
C GLU A 367 -29.78 -29.86 -10.95
N SER A 368 -30.09 -29.07 -11.99
CA SER A 368 -31.31 -29.28 -12.74
C SER A 368 -31.27 -30.58 -13.55
N HIS A 369 -30.15 -30.81 -14.23
CA HIS A 369 -29.95 -32.08 -14.93
C HIS A 369 -29.72 -33.20 -13.92
N PRO A 370 -29.93 -34.45 -14.33
CA PRO A 370 -29.50 -35.57 -13.48
C PRO A 370 -28.00 -35.53 -13.26
N HIS A 371 -27.58 -35.95 -12.07
CA HIS A 371 -26.20 -35.80 -11.66
C HIS A 371 -25.81 -36.91 -10.71
N HIS A 372 -24.51 -37.27 -10.73
CA HIS A 372 -23.91 -38.23 -9.81
C HIS A 372 -24.59 -39.59 -9.86
N VAL A 373 -25.18 -39.92 -11.01
CA VAL A 373 -25.77 -41.23 -11.25
C VAL A 373 -25.47 -41.63 -12.69
N GLN A 374 -24.87 -42.81 -12.87
CA GLN A 374 -24.55 -43.29 -14.21
C GLN A 374 -25.85 -43.74 -14.89
N ILE A 375 -26.28 -42.99 -15.90
CA ILE A 375 -27.51 -43.33 -16.61
C ILE A 375 -27.31 -44.62 -17.38
N THR A 376 -28.26 -45.55 -17.25
CA THR A 376 -28.19 -46.85 -17.91
C THR A 376 -29.09 -46.95 -19.12
N LYS A 377 -30.27 -46.34 -19.09
CA LYS A 377 -31.21 -46.38 -20.19
C LYS A 377 -31.51 -44.96 -20.68
N GLU A 378 -31.76 -44.84 -21.97
CA GLU A 378 -32.08 -43.56 -22.59
C GLU A 378 -33.57 -43.29 -22.43
N ALA A 379 -33.89 -42.11 -21.92
CA ALA A 379 -35.29 -41.71 -21.77
C ALA A 379 -35.82 -41.18 -23.09
N PRO A 380 -37.14 -41.30 -23.33
CA PRO A 380 -37.70 -40.78 -24.59
C PRO A 380 -37.67 -39.26 -24.72
N ASN A 381 -37.33 -38.54 -23.65
CA ASN A 381 -37.30 -37.08 -23.70
C ASN A 381 -36.03 -36.50 -23.08
N TYR A 382 -34.96 -37.28 -22.98
CA TYR A 382 -33.72 -36.77 -22.40
C TYR A 382 -32.54 -37.50 -23.05
N SER A 383 -31.81 -36.78 -23.90
CA SER A 383 -30.59 -37.29 -24.53
C SER A 383 -30.80 -38.62 -25.22
N ASN B 23 -49.78 -4.89 -15.05
CA ASN B 23 -48.51 -4.96 -15.76
C ASN B 23 -47.39 -5.34 -14.80
N ALA B 24 -47.76 -5.67 -13.56
CA ALA B 24 -46.77 -6.01 -12.55
C ALA B 24 -46.22 -7.41 -12.77
N MET B 25 -47.08 -8.35 -13.18
CA MET B 25 -46.62 -9.72 -13.42
C MET B 25 -45.65 -9.80 -14.58
N TRP B 26 -45.82 -8.94 -15.59
CA TRP B 26 -44.94 -8.99 -16.75
C TRP B 26 -43.55 -8.43 -16.45
N GLU B 27 -43.46 -7.42 -15.60
CA GLU B 27 -42.18 -6.78 -15.28
C GLU B 27 -41.41 -7.50 -14.19
N SER B 28 -42.00 -8.48 -13.51
CA SER B 28 -41.34 -9.20 -12.43
C SER B 28 -40.93 -10.61 -12.84
N LYS B 29 -40.94 -10.91 -14.14
CA LYS B 29 -40.70 -12.28 -14.58
C LYS B 29 -39.32 -12.79 -14.18
N PHE B 30 -38.30 -11.94 -14.27
CA PHE B 30 -36.92 -12.36 -14.05
C PHE B 30 -36.29 -11.67 -12.85
N VAL B 31 -37.09 -11.33 -11.85
CA VAL B 31 -36.58 -10.62 -10.69
C VAL B 31 -35.90 -11.57 -9.70
N LYS B 32 -36.49 -12.74 -9.47
CA LYS B 32 -35.99 -13.63 -8.44
C LYS B 32 -34.64 -14.23 -8.81
N GLU B 33 -33.85 -14.54 -7.77
CA GLU B 33 -32.59 -15.25 -7.91
C GLU B 33 -32.58 -16.43 -6.94
N GLY B 34 -31.89 -17.50 -7.33
CA GLY B 34 -31.88 -18.72 -6.55
C GLY B 34 -30.48 -19.28 -6.38
N LEU B 35 -30.28 -19.95 -5.24
CA LEU B 35 -29.00 -20.53 -4.87
C LEU B 35 -29.16 -22.02 -4.58
N THR B 36 -28.14 -22.79 -4.94
CA THR B 36 -28.10 -24.22 -4.64
C THR B 36 -26.89 -24.51 -3.74
N PHE B 37 -26.68 -25.80 -3.47
CA PHE B 37 -25.67 -26.19 -2.49
C PHE B 37 -24.27 -25.76 -2.92
N ASP B 38 -23.93 -25.96 -4.20
CA ASP B 38 -22.59 -25.65 -4.69
C ASP B 38 -22.34 -24.16 -4.87
N ASP B 39 -23.30 -23.30 -4.53
CA ASP B 39 -23.12 -21.86 -4.62
C ASP B 39 -22.64 -21.24 -3.31
N VAL B 40 -22.68 -21.97 -2.20
CA VAL B 40 -22.44 -21.38 -0.88
C VAL B 40 -21.47 -22.24 -0.09
N LEU B 41 -20.96 -21.67 0.99
CA LEU B 41 -20.23 -22.37 2.02
C LEU B 41 -20.71 -21.84 3.36
N LEU B 42 -20.65 -22.68 4.39
CA LEU B 42 -20.97 -22.24 5.74
C LEU B 42 -19.78 -21.51 6.35
N VAL B 43 -20.07 -20.40 7.03
CA VAL B 43 -19.03 -19.56 7.61
C VAL B 43 -18.72 -20.10 9.01
N PRO B 44 -17.47 -20.47 9.29
CA PRO B 44 -17.13 -20.90 10.66
C PRO B 44 -17.32 -19.77 11.65
N ALA B 45 -17.63 -20.14 12.89
CA ALA B 45 -17.94 -19.16 13.93
C ALA B 45 -17.36 -19.63 15.25
N LYS B 46 -17.43 -18.74 16.25
CA LYS B 46 -16.95 -19.04 17.59
C LYS B 46 -17.63 -20.30 18.12
N SER B 47 -16.83 -21.26 18.58
CA SER B 47 -17.34 -22.57 18.97
C SER B 47 -16.80 -22.95 20.35
N ASP B 48 -17.70 -23.37 21.23
CA ASP B 48 -17.36 -23.87 22.55
C ASP B 48 -17.71 -25.34 22.72
N VAL B 49 -18.01 -26.04 21.62
CA VAL B 49 -18.53 -27.40 21.66
C VAL B 49 -17.70 -28.27 20.73
N LEU B 50 -17.33 -29.46 21.22
CA LEU B 50 -16.64 -30.44 20.39
C LEU B 50 -17.64 -31.22 19.56
N PRO B 51 -17.23 -31.68 18.36
CA PRO B 51 -18.18 -32.40 17.49
C PRO B 51 -18.82 -33.61 18.14
N ARG B 52 -18.11 -34.32 19.02
CA ARG B 52 -18.70 -35.47 19.69
C ARG B 52 -19.69 -35.09 20.77
N GLU B 53 -19.77 -33.81 21.15
CA GLU B 53 -20.68 -33.35 22.19
C GLU B 53 -22.02 -32.86 21.65
N VAL B 54 -22.14 -32.65 20.34
CA VAL B 54 -23.32 -31.98 19.80
C VAL B 54 -24.52 -32.92 19.83
N SER B 55 -25.70 -32.32 19.83
CA SER B 55 -26.96 -33.04 19.78
C SER B 55 -27.54 -32.93 18.38
N VAL B 56 -27.71 -34.07 17.71
CA VAL B 56 -28.31 -34.11 16.38
C VAL B 56 -29.77 -34.54 16.42
N LYS B 57 -30.38 -34.56 17.61
CA LYS B 57 -31.80 -34.88 17.72
C LYS B 57 -32.64 -33.82 17.01
N THR B 58 -33.86 -34.21 16.66
CA THR B 58 -34.80 -33.29 16.03
C THR B 58 -36.21 -33.79 16.27
N VAL B 59 -37.13 -32.86 16.44
CA VAL B 59 -38.52 -33.17 16.76
C VAL B 59 -39.40 -32.66 15.62
N LEU B 60 -40.01 -33.60 14.89
CA LEU B 60 -40.90 -33.20 13.80
C LEU B 60 -42.31 -32.95 14.31
N SER B 61 -42.76 -33.71 15.30
CA SER B 61 -44.05 -33.52 15.93
C SER B 61 -44.01 -34.19 17.29
N GLU B 62 -45.16 -34.14 18.00
CA GLU B 62 -45.24 -34.73 19.32
C GLU B 62 -44.98 -36.23 19.28
N SER B 63 -45.46 -36.91 18.24
CA SER B 63 -45.34 -38.36 18.12
C SER B 63 -44.33 -38.79 17.06
N LEU B 64 -43.44 -37.89 16.65
CA LEU B 64 -42.45 -38.19 15.61
C LEU B 64 -41.16 -37.47 15.97
N GLN B 65 -40.28 -38.16 16.69
CA GLN B 65 -39.00 -37.62 17.11
C GLN B 65 -37.88 -38.52 16.59
N LEU B 66 -36.85 -37.91 16.01
CA LEU B 66 -35.76 -38.63 15.39
C LEU B 66 -34.46 -38.31 16.12
N ASN B 67 -33.62 -39.34 16.28
CA ASN B 67 -32.31 -39.15 16.90
C ASN B 67 -31.26 -38.68 15.91
N ILE B 68 -31.46 -38.91 14.61
CA ILE B 68 -30.61 -38.34 13.57
C ILE B 68 -31.52 -37.74 12.51
N PRO B 69 -31.11 -36.64 11.86
CA PRO B 69 -31.97 -35.97 10.87
C PRO B 69 -31.84 -36.57 9.48
N LEU B 70 -32.17 -37.86 9.36
CA LEU B 70 -32.02 -38.59 8.11
C LEU B 70 -33.28 -39.40 7.83
N ILE B 71 -33.80 -39.24 6.61
CA ILE B 71 -34.96 -40.00 6.13
C ILE B 71 -34.61 -40.57 4.77
N SER B 72 -34.93 -41.85 4.55
CA SER B 72 -34.69 -42.49 3.26
C SER B 72 -35.92 -42.31 2.37
N ALA B 73 -35.70 -41.93 1.12
CA ALA B 73 -36.79 -41.57 0.23
C ALA B 73 -37.71 -42.76 -0.04
N GLY B 74 -38.97 -42.46 -0.32
CA GLY B 74 -39.96 -43.47 -0.64
C GLY B 74 -39.91 -43.90 -2.09
N MET B 75 -38.84 -44.60 -2.48
CA MET B 75 -38.62 -45.01 -3.85
C MET B 75 -38.42 -46.52 -3.90
N ASP B 76 -38.80 -47.12 -5.04
CA ASP B 76 -38.79 -48.58 -5.15
C ASP B 76 -37.39 -49.17 -5.27
N THR B 77 -36.35 -48.35 -5.33
CA THR B 77 -34.98 -48.82 -5.29
C THR B 77 -34.22 -48.30 -4.08
N VAL B 78 -34.93 -47.74 -3.09
CA VAL B 78 -34.29 -47.15 -1.93
C VAL B 78 -34.81 -47.79 -0.64
N THR B 79 -36.11 -47.66 -0.37
CA THR B 79 -36.67 -47.98 0.94
C THR B 79 -37.76 -49.04 0.81
N GLU B 80 -37.56 -50.16 1.51
CA GLU B 80 -38.65 -51.09 1.80
C GLU B 80 -38.58 -51.48 3.27
N ALA B 81 -38.95 -52.73 3.59
CA ALA B 81 -38.98 -53.14 4.99
C ALA B 81 -37.59 -53.14 5.61
N ASP B 82 -36.63 -53.76 4.94
CA ASP B 82 -35.28 -53.87 5.50
C ASP B 82 -34.62 -52.51 5.64
N MET B 83 -34.78 -51.63 4.64
CA MET B 83 -34.19 -50.30 4.74
C MET B 83 -34.82 -49.50 5.87
N ALA B 84 -36.14 -49.57 6.01
CA ALA B 84 -36.82 -48.81 7.06
C ALA B 84 -36.45 -49.31 8.45
N ILE B 85 -36.21 -50.61 8.60
CA ILE B 85 -35.82 -51.15 9.90
C ILE B 85 -34.44 -50.65 10.29
N ALA B 86 -33.49 -50.71 9.34
CA ALA B 86 -32.13 -50.26 9.65
C ALA B 86 -32.07 -48.75 9.85
N MET B 87 -32.84 -48.00 9.08
CA MET B 87 -32.88 -46.55 9.25
C MET B 87 -33.40 -46.18 10.64
N ALA B 88 -34.51 -46.81 11.04
CA ALA B 88 -35.09 -46.50 12.34
C ALA B 88 -34.19 -46.92 13.49
N ARG B 89 -33.43 -48.01 13.32
CA ARG B 89 -32.52 -48.43 14.38
C ARG B 89 -31.33 -47.48 14.52
N GLN B 90 -30.95 -46.81 13.43
CA GLN B 90 -29.91 -45.79 13.52
C GLN B 90 -30.43 -44.47 14.10
N GLY B 91 -31.73 -44.36 14.33
CA GLY B 91 -32.33 -43.14 14.83
C GLY B 91 -33.05 -42.31 13.79
N GLY B 92 -33.15 -42.80 12.57
CA GLY B 92 -33.80 -42.09 11.48
C GLY B 92 -35.17 -42.62 11.16
N LEU B 93 -35.57 -42.49 9.90
CA LEU B 93 -36.90 -42.87 9.47
C LEU B 93 -36.83 -43.38 8.03
N GLY B 94 -37.67 -44.36 7.74
CA GLY B 94 -37.81 -44.89 6.39
C GLY B 94 -39.22 -44.69 5.88
N ILE B 95 -39.33 -44.34 4.60
CA ILE B 95 -40.61 -44.14 3.94
C ILE B 95 -40.79 -45.26 2.93
N ILE B 96 -41.68 -46.21 3.23
CA ILE B 96 -41.95 -47.30 2.32
C ILE B 96 -42.67 -46.77 1.09
N HIS B 97 -42.16 -47.11 -0.10
CA HIS B 97 -42.69 -46.58 -1.34
C HIS B 97 -44.07 -47.19 -1.65
N LYS B 98 -44.74 -46.60 -2.64
CA LYS B 98 -46.13 -46.93 -2.95
C LYS B 98 -46.27 -47.70 -4.26
N ASN B 99 -45.15 -48.14 -4.85
CA ASN B 99 -45.20 -48.97 -6.05
C ASN B 99 -45.43 -50.44 -5.68
N MET B 100 -46.49 -50.66 -4.93
CA MET B 100 -46.91 -51.97 -4.49
C MET B 100 -48.38 -51.88 -4.08
N SER B 101 -49.02 -53.04 -3.96
CA SER B 101 -50.43 -53.07 -3.61
C SER B 101 -50.64 -52.54 -2.20
N ILE B 102 -51.91 -52.26 -1.88
CA ILE B 102 -52.26 -51.79 -0.53
C ILE B 102 -51.94 -52.87 0.49
N GLU B 103 -52.26 -54.13 0.19
CA GLU B 103 -51.98 -55.21 1.12
C GLU B 103 -50.48 -55.38 1.34
N GLN B 104 -49.69 -55.31 0.27
CA GLN B 104 -48.25 -55.49 0.40
C GLN B 104 -47.61 -54.35 1.18
N GLN B 105 -48.08 -53.12 0.96
CA GLN B 105 -47.52 -51.98 1.69
C GLN B 105 -47.93 -51.99 3.16
N ALA B 106 -49.14 -52.48 3.45
CA ALA B 106 -49.55 -52.60 4.85
C ALA B 106 -48.73 -53.66 5.58
N GLU B 107 -48.37 -54.73 4.88
CA GLU B 107 -47.54 -55.77 5.50
C GLU B 107 -46.10 -55.31 5.67
N GLN B 108 -45.61 -54.48 4.74
CA GLN B 108 -44.27 -53.91 4.91
C GLN B 108 -44.22 -53.02 6.15
N VAL B 109 -45.25 -52.20 6.36
CA VAL B 109 -45.30 -51.34 7.53
C VAL B 109 -45.38 -52.17 8.80
N ASP B 110 -46.25 -53.19 8.82
CA ASP B 110 -46.39 -54.03 9.99
C ASP B 110 -45.09 -54.77 10.32
N LYS B 111 -44.33 -55.16 9.30
CA LYS B 111 -43.07 -55.85 9.54
C LYS B 111 -42.08 -54.96 10.29
N VAL B 112 -42.03 -53.68 9.93
CA VAL B 112 -41.14 -52.75 10.63
C VAL B 112 -41.60 -52.56 12.08
N LYS B 113 -42.91 -52.55 12.29
CA LYS B 113 -43.43 -52.38 13.64
C LYS B 113 -43.22 -53.62 14.51
N ARG B 114 -43.32 -54.81 13.92
CA ARG B 114 -43.15 -56.05 14.66
C ARG B 114 -41.70 -56.35 14.99
N SER B 115 -40.75 -55.59 14.43
CA SER B 115 -39.35 -55.79 14.81
C SER B 115 -38.85 -54.68 15.73
N GLY B 116 -39.42 -54.59 16.94
CA GLY B 116 -38.97 -53.62 17.92
C GLY B 116 -39.81 -52.38 18.06
N GLY B 117 -40.94 -52.29 17.37
CA GLY B 117 -41.77 -51.10 17.47
C GLY B 117 -41.14 -49.86 16.87
N LEU B 118 -40.37 -50.01 15.81
CA LEU B 118 -39.64 -48.90 15.22
C LEU B 118 -40.58 -47.96 14.47
N LEU B 119 -40.19 -46.69 14.41
CA LEU B 119 -40.93 -45.72 13.61
C LEU B 119 -40.82 -46.07 12.12
N VAL B 120 -41.89 -45.78 11.38
CA VAL B 120 -41.93 -46.06 9.95
C VAL B 120 -42.93 -45.12 9.29
N GLY B 121 -42.67 -44.79 8.03
CA GLY B 121 -43.58 -44.00 7.24
C GLY B 121 -43.91 -44.69 5.93
N ALA B 122 -44.96 -44.20 5.28
CA ALA B 122 -45.44 -44.78 4.03
C ALA B 122 -45.91 -43.69 3.09
N ALA B 123 -45.53 -43.82 1.83
CA ALA B 123 -45.91 -42.86 0.80
C ALA B 123 -47.28 -43.20 0.24
N VAL B 124 -48.08 -42.16 -0.01
CA VAL B 124 -49.42 -42.30 -0.58
C VAL B 124 -49.61 -41.24 -1.65
N GLY B 125 -50.11 -41.65 -2.82
CA GLY B 125 -50.42 -40.70 -3.87
C GLY B 125 -51.82 -40.13 -3.73
N VAL B 126 -52.11 -39.13 -4.55
CA VAL B 126 -53.41 -38.46 -4.55
C VAL B 126 -54.22 -39.07 -5.69
N THR B 127 -55.08 -40.04 -5.35
CA THR B 127 -55.99 -40.67 -6.28
C THR B 127 -57.29 -40.95 -5.53
N ALA B 128 -58.22 -41.64 -6.19
CA ALA B 128 -59.42 -42.10 -5.51
C ALA B 128 -59.11 -43.25 -4.56
N ASP B 129 -58.05 -43.99 -4.82
CA ASP B 129 -57.60 -45.10 -3.99
C ASP B 129 -56.79 -44.64 -2.78
N ALA B 130 -56.59 -43.32 -2.63
CA ALA B 130 -55.70 -42.83 -1.57
C ALA B 130 -56.23 -43.17 -0.19
N MET B 131 -57.50 -42.82 0.07
CA MET B 131 -58.04 -43.02 1.41
C MET B 131 -58.13 -44.50 1.78
N THR B 132 -58.39 -45.37 0.79
CA THR B 132 -58.40 -46.80 1.07
C THR B 132 -57.01 -47.28 1.48
N ARG B 133 -55.97 -46.78 0.81
CA ARG B 133 -54.61 -47.16 1.17
C ARG B 133 -54.22 -46.63 2.53
N ILE B 134 -54.61 -45.38 2.83
CA ILE B 134 -54.28 -44.78 4.12
C ILE B 134 -54.94 -45.55 5.26
N ASP B 135 -56.19 -46.00 5.05
CA ASP B 135 -56.88 -46.75 6.09
C ASP B 135 -56.14 -48.01 6.47
N ALA B 136 -55.58 -48.72 5.48
CA ALA B 136 -54.84 -49.94 5.78
C ALA B 136 -53.52 -49.63 6.47
N LEU B 137 -52.88 -48.53 6.09
CA LEU B 137 -51.62 -48.17 6.74
C LEU B 137 -51.85 -47.73 8.17
N VAL B 138 -52.95 -47.01 8.43
CA VAL B 138 -53.27 -46.60 9.79
C VAL B 138 -53.56 -47.82 10.66
N LYS B 139 -54.29 -48.80 10.11
CA LYS B 139 -54.52 -50.05 10.83
C LYS B 139 -53.21 -50.76 11.15
N ALA B 140 -52.22 -50.64 10.26
CA ALA B 140 -50.90 -51.20 10.51
C ALA B 140 -50.05 -50.33 11.42
N SER B 141 -50.64 -49.30 12.04
CA SER B 141 -49.98 -48.45 13.03
C SER B 141 -48.84 -47.65 12.42
N VAL B 142 -49.03 -47.18 11.18
CA VAL B 142 -48.04 -46.33 10.56
C VAL B 142 -47.89 -45.04 11.37
N ASP B 143 -46.68 -44.51 11.41
CA ASP B 143 -46.39 -43.33 12.22
C ASP B 143 -46.51 -42.04 11.43
N ALA B 144 -46.37 -42.07 10.10
CA ALA B 144 -46.47 -40.86 9.30
C ALA B 144 -46.84 -41.24 7.88
N ILE B 145 -47.81 -40.51 7.32
CA ILE B 145 -48.21 -40.67 5.92
C ILE B 145 -47.56 -39.55 5.12
N VAL B 146 -46.92 -39.91 4.02
CA VAL B 146 -46.29 -38.96 3.11
C VAL B 146 -47.17 -38.85 1.88
N LEU B 147 -47.96 -37.78 1.80
CA LEU B 147 -48.75 -37.48 0.62
C LEU B 147 -47.83 -36.81 -0.40
N ASP B 148 -47.09 -37.65 -1.12
CA ASP B 148 -46.05 -37.20 -2.04
C ASP B 148 -46.62 -37.09 -3.44
N THR B 149 -46.53 -35.90 -4.03
CA THR B 149 -46.95 -35.67 -5.40
C THR B 149 -45.90 -34.84 -6.12
N ALA B 150 -46.00 -34.79 -7.45
CA ALA B 150 -45.08 -33.99 -8.23
C ALA B 150 -45.27 -32.50 -7.97
N HIS B 151 -46.52 -32.05 -7.83
CA HIS B 151 -46.85 -30.65 -7.63
C HIS B 151 -47.70 -30.54 -6.36
N GLY B 152 -47.05 -30.28 -5.24
CA GLY B 152 -47.77 -30.15 -3.98
C GLY B 152 -48.68 -28.95 -3.89
N HIS B 153 -48.45 -27.94 -4.73
CA HIS B 153 -49.25 -26.72 -4.73
C HIS B 153 -50.47 -26.82 -5.63
N SER B 154 -51.17 -27.96 -5.62
CA SER B 154 -52.36 -28.16 -6.41
C SER B 154 -53.59 -28.25 -5.51
N GLN B 155 -54.75 -27.95 -6.09
CA GLN B 155 -55.98 -27.99 -5.31
C GLN B 155 -56.34 -29.41 -4.90
N GLY B 156 -55.97 -30.40 -5.72
CA GLY B 156 -56.26 -31.78 -5.36
C GLY B 156 -55.49 -32.25 -4.14
N VAL B 157 -54.22 -31.84 -4.05
CA VAL B 157 -53.40 -32.22 -2.89
C VAL B 157 -53.92 -31.53 -1.64
N ILE B 158 -54.30 -30.26 -1.75
CA ILE B 158 -54.82 -29.52 -0.60
C ILE B 158 -56.11 -30.16 -0.10
N ASP B 159 -57.03 -30.47 -1.02
CA ASP B 159 -58.29 -31.09 -0.64
C ASP B 159 -58.07 -32.47 -0.01
N LYS B 160 -57.01 -33.17 -0.43
CA LYS B 160 -56.73 -34.48 0.15
C LYS B 160 -56.18 -34.36 1.57
N VAL B 161 -55.40 -33.31 1.84
CA VAL B 161 -54.85 -33.14 3.18
C VAL B 161 -55.95 -32.80 4.18
N LYS B 162 -56.89 -31.93 3.78
CA LYS B 162 -58.01 -31.61 4.66
C LYS B 162 -58.87 -32.84 4.91
N GLU B 163 -59.03 -33.69 3.90
CA GLU B 163 -59.84 -34.89 4.04
C GLU B 163 -59.19 -35.89 5.00
N VAL B 164 -57.87 -36.04 4.95
CA VAL B 164 -57.18 -36.97 5.83
C VAL B 164 -57.14 -36.44 7.25
N ARG B 165 -56.84 -35.15 7.41
CA ARG B 165 -56.79 -34.57 8.75
C ARG B 165 -58.14 -34.62 9.44
N ALA B 166 -59.23 -34.48 8.67
CA ALA B 166 -60.57 -34.55 9.27
C ALA B 166 -60.89 -35.94 9.80
N LYS B 167 -60.39 -36.98 9.14
CA LYS B 167 -60.67 -38.34 9.58
C LYS B 167 -59.63 -38.88 10.56
N TYR B 168 -58.42 -38.33 10.55
CA TYR B 168 -57.35 -38.75 11.44
C TYR B 168 -56.69 -37.52 12.04
N PRO B 169 -57.27 -36.95 13.11
CA PRO B 169 -56.73 -35.70 13.67
C PRO B 169 -55.34 -35.85 14.27
N SER B 170 -54.98 -37.03 14.76
CA SER B 170 -53.68 -37.25 15.40
C SER B 170 -52.64 -37.85 14.48
N LEU B 171 -52.96 -38.01 13.19
CA LEU B 171 -52.04 -38.63 12.25
C LEU B 171 -51.03 -37.61 11.75
N ASN B 172 -49.76 -38.02 11.71
CA ASN B 172 -48.71 -37.17 11.14
C ASN B 172 -48.84 -37.17 9.63
N ILE B 173 -49.01 -35.99 9.04
CA ILE B 173 -49.18 -35.83 7.61
C ILE B 173 -47.99 -35.05 7.06
N ILE B 174 -47.25 -35.66 6.15
CA ILE B 174 -46.14 -35.03 5.46
C ILE B 174 -46.57 -34.80 4.01
N ALA B 175 -46.65 -33.53 3.62
CA ALA B 175 -47.17 -33.15 2.31
C ALA B 175 -46.06 -32.55 1.46
N GLY B 176 -46.08 -32.87 0.17
CA GLY B 176 -45.08 -32.35 -0.75
C GLY B 176 -45.39 -32.81 -2.16
N ASN B 177 -44.54 -32.38 -3.08
CA ASN B 177 -43.42 -31.49 -2.78
C ASN B 177 -43.72 -30.06 -3.23
N VAL B 178 -43.16 -29.09 -2.52
CA VAL B 178 -43.34 -27.68 -2.82
C VAL B 178 -41.99 -26.99 -2.83
N ALA B 179 -41.99 -25.74 -3.28
CA ALA B 179 -40.75 -24.96 -3.32
C ALA B 179 -40.97 -23.47 -3.13
N THR B 180 -42.16 -23.02 -2.72
CA THR B 180 -42.42 -21.61 -2.47
C THR B 180 -43.04 -21.44 -1.09
N ALA B 181 -42.96 -20.21 -0.58
CA ALA B 181 -43.59 -19.90 0.69
C ALA B 181 -45.11 -19.96 0.58
N GLU B 182 -45.66 -19.60 -0.59
CA GLU B 182 -47.11 -19.65 -0.77
C GLU B 182 -47.63 -21.07 -0.68
N ALA B 183 -46.93 -22.02 -1.29
CA ALA B 183 -47.35 -23.41 -1.24
C ALA B 183 -47.19 -23.99 0.16
N THR B 184 -46.15 -23.56 0.89
CA THR B 184 -45.95 -24.03 2.25
C THR B 184 -47.11 -23.58 3.14
N LYS B 185 -47.53 -22.32 3.02
CA LYS B 185 -48.64 -21.83 3.82
C LYS B 185 -49.95 -22.53 3.48
N ALA B 186 -50.15 -22.88 2.21
CA ALA B 186 -51.39 -23.55 1.82
C ALA B 186 -51.50 -24.94 2.43
N LEU B 187 -50.38 -25.67 2.50
CA LEU B 187 -50.41 -27.02 3.06
C LEU B 187 -50.55 -26.98 4.57
N ILE B 188 -49.90 -26.01 5.23
CA ILE B 188 -50.03 -25.89 6.68
C ILE B 188 -51.46 -25.56 7.07
N GLU B 189 -52.10 -24.64 6.33
CA GLU B 189 -53.50 -24.32 6.60
C GLU B 189 -54.42 -25.45 6.19
N ALA B 190 -53.95 -26.40 5.38
CA ALA B 190 -54.75 -27.56 5.01
C ALA B 190 -54.75 -28.63 6.11
N GLY B 191 -53.77 -28.60 7.00
CA GLY B 191 -53.70 -29.57 8.09
C GLY B 191 -52.43 -30.39 8.14
N ALA B 192 -51.48 -30.18 7.23
CA ALA B 192 -50.23 -30.92 7.26
C ALA B 192 -49.32 -30.37 8.35
N ASN B 193 -48.71 -31.28 9.13
N ASN B 193 -48.71 -31.29 9.12
CA ASN B 193 -47.81 -30.89 10.20
CA ASN B 193 -47.81 -30.91 10.20
C ASN B 193 -46.34 -30.92 9.79
C ASN B 193 -46.35 -30.86 9.75
N VAL B 194 -46.02 -31.48 8.61
CA VAL B 194 -44.67 -31.46 8.07
C VAL B 194 -44.77 -31.19 6.57
N VAL B 195 -43.89 -30.34 6.06
CA VAL B 195 -43.88 -29.94 4.65
C VAL B 195 -42.56 -30.40 4.02
N LYS B 196 -42.65 -31.03 2.85
CA LYS B 196 -41.49 -31.54 2.15
C LYS B 196 -41.17 -30.65 0.96
N VAL B 197 -39.90 -30.23 0.85
CA VAL B 197 -39.47 -29.22 -0.11
C VAL B 197 -38.53 -29.85 -1.12
N GLY B 198 -38.78 -29.59 -2.40
CA GLY B 198 -37.91 -30.08 -3.45
C GLY B 198 -38.62 -30.31 -4.77
N ILE B 199 -38.39 -29.43 -5.75
CA ILE B 199 -38.96 -29.57 -7.09
C ILE B 199 -37.80 -29.48 -8.07
N GLY B 200 -37.29 -30.63 -8.50
CA GLY B 200 -36.24 -30.65 -9.51
C GLY B 200 -34.83 -31.09 -9.13
N PRO B 201 -34.41 -31.01 -7.86
CA PRO B 201 -32.99 -31.22 -7.57
C PRO B 201 -32.57 -32.68 -7.49
N GLY B 202 -33.49 -33.62 -7.63
CA GLY B 202 -33.13 -35.02 -7.45
C GLY B 202 -32.10 -35.47 -8.46
N SER B 203 -31.20 -36.35 -8.00
CA SER B 203 -30.11 -36.82 -8.86
C SER B 203 -30.64 -37.58 -10.07
N ILE B 204 -31.80 -38.23 -9.94
CA ILE B 204 -32.41 -38.96 -11.05
C ILE B 204 -33.55 -38.18 -11.69
N CYS B 205 -33.74 -36.92 -11.28
CA CYS B 205 -34.89 -36.13 -11.70
C CYS B 205 -34.57 -35.32 -12.95
N THR B 206 -35.54 -35.25 -13.86
CA THR B 206 -35.43 -34.42 -15.07
C THR B 206 -36.58 -33.43 -15.18
N THR B 207 -37.29 -33.17 -14.09
CA THR B 207 -38.44 -32.26 -14.13
C THR B 207 -38.05 -30.89 -14.68
N ARG B 208 -36.95 -30.33 -14.17
CA ARG B 208 -36.50 -29.02 -14.64
C ARG B 208 -36.08 -29.04 -16.11
N VAL B 209 -35.70 -30.20 -16.64
CA VAL B 209 -35.28 -30.28 -18.04
C VAL B 209 -36.46 -30.50 -18.97
N VAL B 210 -37.38 -31.40 -18.61
CA VAL B 210 -38.49 -31.71 -19.50
C VAL B 210 -39.68 -30.76 -19.32
N ALA B 211 -39.82 -30.14 -18.15
CA ALA B 211 -40.91 -29.21 -17.89
C ALA B 211 -40.46 -27.79 -17.63
N GLY B 212 -39.16 -27.56 -17.39
CA GLY B 212 -38.66 -26.21 -17.17
C GLY B 212 -39.03 -25.59 -15.84
N VAL B 213 -39.52 -26.37 -14.89
CA VAL B 213 -40.04 -25.84 -13.62
C VAL B 213 -39.16 -26.33 -12.48
N GLY B 214 -38.84 -25.40 -11.58
CA GLY B 214 -38.07 -25.76 -10.40
C GLY B 214 -37.60 -24.53 -9.67
N VAL B 215 -37.10 -24.77 -8.47
CA VAL B 215 -36.45 -23.72 -7.65
C VAL B 215 -35.15 -24.30 -7.11
N PRO B 216 -34.04 -23.59 -7.21
CA PRO B 216 -32.79 -24.09 -6.61
C PRO B 216 -32.99 -24.47 -5.16
N GLN B 217 -32.53 -25.68 -4.80
CA GLN B 217 -33.00 -26.35 -3.59
C GLN B 217 -32.71 -25.54 -2.33
N LEU B 218 -31.53 -24.91 -2.27
CA LEU B 218 -31.18 -24.17 -1.06
C LEU B 218 -32.08 -22.94 -0.90
N THR B 219 -32.41 -22.27 -2.00
CA THR B 219 -33.36 -21.16 -1.93
C THR B 219 -34.76 -21.66 -1.60
N ALA B 220 -35.13 -22.84 -2.13
CA ALA B 220 -36.44 -23.41 -1.85
C ALA B 220 -36.59 -23.74 -0.37
N VAL B 221 -35.56 -24.35 0.23
CA VAL B 221 -35.62 -24.67 1.65
C VAL B 221 -35.74 -23.39 2.48
N TYR B 222 -34.93 -22.39 2.16
CA TYR B 222 -34.93 -21.14 2.92
C TYR B 222 -36.26 -20.41 2.77
N ASP B 223 -36.83 -20.39 1.56
CA ASP B 223 -38.10 -19.72 1.35
C ASP B 223 -39.23 -20.43 2.08
N CYS B 224 -39.23 -21.77 2.06
CA CYS B 224 -40.29 -22.51 2.73
C CYS B 224 -40.11 -22.49 4.25
N ALA B 225 -38.86 -22.59 4.71
CA ALA B 225 -38.61 -22.51 6.16
C ALA B 225 -38.97 -21.14 6.72
N THR B 226 -38.80 -20.09 5.91
CA THR B 226 -39.19 -18.74 6.36
C THR B 226 -40.69 -18.68 6.65
N GLU B 227 -41.50 -19.37 5.85
CA GLU B 227 -42.94 -19.39 6.07
C GLU B 227 -43.32 -20.38 7.16
N ALA B 228 -42.74 -21.58 7.13
CA ALA B 228 -43.15 -22.63 8.06
C ALA B 228 -42.78 -22.30 9.50
N ARG B 229 -41.69 -21.57 9.72
CA ARG B 229 -41.30 -21.22 11.09
C ARG B 229 -42.29 -20.27 11.74
N LYS B 230 -43.04 -19.50 10.96
CA LYS B 230 -44.08 -18.64 11.54
C LYS B 230 -45.19 -19.45 12.17
N HIS B 231 -45.41 -20.68 11.69
CA HIS B 231 -46.45 -21.55 12.22
C HIS B 231 -45.86 -22.68 13.07
N GLY B 232 -44.56 -22.65 13.34
CA GLY B 232 -43.94 -23.72 14.12
C GLY B 232 -43.96 -25.06 13.43
N ILE B 233 -43.89 -25.07 12.11
CA ILE B 233 -43.98 -26.29 11.30
C ILE B 233 -42.58 -26.59 10.75
N PRO B 234 -42.11 -27.83 10.85
CA PRO B 234 -40.81 -28.18 10.27
C PRO B 234 -40.92 -28.49 8.79
N VAL B 235 -39.79 -28.37 8.10
CA VAL B 235 -39.70 -28.67 6.68
C VAL B 235 -38.64 -29.72 6.43
N ILE B 236 -38.86 -30.52 5.39
CA ILE B 236 -37.91 -31.56 4.97
C ILE B 236 -37.27 -31.12 3.67
N ALA B 237 -35.93 -31.08 3.65
CA ALA B 237 -35.17 -30.82 2.44
C ALA B 237 -34.99 -32.14 1.69
N ASP B 238 -35.63 -32.27 0.53
CA ASP B 238 -35.69 -33.52 -0.21
C ASP B 238 -35.03 -33.35 -1.57
N GLY B 239 -33.90 -33.98 -1.76
CA GLY B 239 -33.26 -34.07 -3.06
C GLY B 239 -32.07 -33.13 -3.19
N GLY B 240 -31.12 -33.54 -4.04
CA GLY B 240 -29.99 -32.70 -4.37
C GLY B 240 -28.76 -32.90 -3.50
N ILE B 241 -28.86 -33.65 -2.41
CA ILE B 241 -27.73 -33.87 -1.51
C ILE B 241 -26.86 -34.98 -2.07
N LYS B 242 -25.62 -34.64 -2.42
CA LYS B 242 -24.67 -35.60 -2.96
C LYS B 242 -23.46 -35.83 -2.06
N TYR B 243 -23.22 -34.95 -1.09
CA TYR B 243 -22.19 -35.15 -0.08
C TYR B 243 -22.76 -34.82 1.29
N SER B 244 -22.04 -35.21 2.34
CA SER B 244 -22.51 -34.94 3.70
C SER B 244 -22.56 -33.44 3.99
N GLY B 245 -21.70 -32.66 3.32
CA GLY B 245 -21.72 -31.22 3.53
C GLY B 245 -22.98 -30.56 3.02
N ASP B 246 -23.59 -31.12 1.98
CA ASP B 246 -24.84 -30.57 1.47
C ASP B 246 -25.97 -30.72 2.49
N MET B 247 -25.96 -31.81 3.25
CA MET B 247 -26.95 -31.97 4.31
C MET B 247 -26.79 -30.89 5.38
N VAL B 248 -25.55 -30.58 5.74
CA VAL B 248 -25.30 -29.53 6.73
C VAL B 248 -25.84 -28.19 6.24
N LYS B 249 -25.59 -27.86 4.97
CA LYS B 249 -26.10 -26.61 4.42
C LYS B 249 -27.62 -26.58 4.43
N ALA B 250 -28.25 -27.69 4.06
CA ALA B 250 -29.72 -27.74 4.01
C ALA B 250 -30.33 -27.57 5.40
N LEU B 251 -29.73 -28.20 6.41
CA LEU B 251 -30.21 -28.01 7.78
C LEU B 251 -29.97 -26.58 8.24
N ALA B 252 -28.83 -26.00 7.88
CA ALA B 252 -28.54 -24.62 8.26
C ALA B 252 -29.44 -23.63 7.53
N ALA B 253 -30.02 -24.01 6.39
CA ALA B 253 -30.91 -23.13 5.66
C ALA B 253 -32.33 -23.12 6.23
N GLY B 254 -32.62 -23.93 7.25
CA GLY B 254 -33.91 -23.89 7.89
C GLY B 254 -34.62 -25.23 7.97
N ALA B 255 -34.05 -26.26 7.36
CA ALA B 255 -34.69 -27.58 7.36
C ALA B 255 -34.45 -28.30 8.68
N HIS B 256 -35.50 -28.98 9.16
CA HIS B 256 -35.37 -29.80 10.35
C HIS B 256 -34.71 -31.15 10.05
N VAL B 257 -34.83 -31.63 8.82
CA VAL B 257 -34.38 -32.97 8.46
C VAL B 257 -34.26 -33.03 6.94
N VAL B 258 -33.36 -33.89 6.45
CA VAL B 258 -33.16 -34.07 5.02
C VAL B 258 -33.66 -35.45 4.62
N MET B 259 -34.04 -35.57 3.34
CA MET B 259 -34.43 -36.84 2.75
C MET B 259 -33.49 -37.18 1.61
N LEU B 260 -32.91 -38.38 1.66
CA LEU B 260 -31.89 -38.80 0.71
C LEU B 260 -32.39 -39.97 -0.12
N GLY B 261 -31.92 -40.03 -1.37
CA GLY B 261 -32.24 -41.14 -2.25
C GLY B 261 -31.01 -41.80 -2.81
N SER B 262 -30.21 -41.04 -3.58
CA SER B 262 -29.04 -41.61 -4.23
C SER B 262 -27.99 -42.09 -3.22
N MET B 263 -27.86 -41.41 -2.09
CA MET B 263 -26.86 -41.79 -1.11
C MET B 263 -27.24 -43.00 -0.29
N PHE B 264 -28.48 -43.49 -0.41
CA PHE B 264 -28.91 -44.71 0.24
C PHE B 264 -29.20 -45.84 -0.72
N ALA B 265 -29.23 -45.57 -2.03
CA ALA B 265 -29.61 -46.60 -2.99
C ALA B 265 -28.56 -47.68 -3.12
N GLY B 266 -27.30 -47.35 -2.85
CA GLY B 266 -26.22 -48.32 -2.90
C GLY B 266 -26.02 -49.13 -1.63
N VAL B 267 -26.76 -48.81 -0.58
CA VAL B 267 -26.62 -49.50 0.70
C VAL B 267 -27.20 -50.91 0.59
N ALA B 268 -26.59 -51.85 1.32
CA ALA B 268 -26.99 -53.25 1.24
C ALA B 268 -28.46 -53.46 1.65
N GLU B 269 -28.97 -52.64 2.55
CA GLU B 269 -30.35 -52.79 3.02
C GLU B 269 -31.38 -52.28 2.01
N SER B 270 -30.95 -51.66 0.92
CA SER B 270 -31.89 -51.20 -0.10
C SER B 270 -32.35 -52.38 -0.95
N PRO B 271 -33.53 -52.26 -1.57
CA PRO B 271 -34.00 -53.35 -2.44
C PRO B 271 -33.15 -53.49 -3.68
N GLY B 272 -33.09 -54.70 -4.20
CA GLY B 272 -32.33 -54.97 -5.40
C GLY B 272 -31.04 -55.72 -5.11
N GLU B 273 -30.57 -56.47 -6.10
CA GLU B 273 -29.32 -57.20 -5.98
C GLU B 273 -28.14 -56.35 -6.44
N THR B 274 -26.94 -56.85 -6.20
CA THR B 274 -25.72 -56.19 -6.61
C THR B 274 -25.23 -56.79 -7.92
N GLU B 275 -25.00 -55.93 -8.90
CA GLU B 275 -24.42 -56.33 -10.17
C GLU B 275 -23.00 -55.79 -10.27
N ILE B 276 -22.15 -56.52 -11.00
CA ILE B 276 -20.74 -56.20 -11.14
C ILE B 276 -20.49 -55.69 -12.54
N TYR B 277 -19.83 -54.54 -12.65
CA TYR B 277 -19.47 -53.95 -13.94
C TYR B 277 -18.02 -53.52 -13.87
N GLN B 278 -17.18 -54.13 -14.71
CA GLN B 278 -15.74 -53.88 -14.73
C GLN B 278 -15.14 -54.03 -13.33
N GLY B 279 -15.49 -55.14 -12.68
CA GLY B 279 -14.92 -55.46 -11.39
C GLY B 279 -15.39 -54.62 -10.22
N ARG B 280 -16.42 -53.81 -10.41
CA ARG B 280 -16.95 -52.97 -9.33
C ARG B 280 -18.45 -53.20 -9.20
N GLN B 281 -18.91 -53.28 -7.95
CA GLN B 281 -20.31 -53.59 -7.70
C GLN B 281 -21.17 -52.33 -7.77
N PHE B 282 -22.39 -52.50 -8.27
CA PHE B 282 -23.34 -51.41 -8.43
C PHE B 282 -24.73 -51.89 -8.04
N LYS B 283 -25.61 -50.92 -7.80
CA LYS B 283 -27.03 -51.18 -7.57
C LYS B 283 -27.87 -50.27 -8.45
N VAL B 284 -29.05 -50.76 -8.81
CA VAL B 284 -29.95 -49.99 -9.67
C VAL B 284 -30.57 -48.84 -8.87
N TYR B 285 -30.64 -47.66 -9.49
CA TYR B 285 -31.29 -46.51 -8.91
C TYR B 285 -32.00 -45.74 -10.01
N ARG B 286 -33.30 -45.49 -9.83
CA ARG B 286 -34.11 -44.87 -10.85
C ARG B 286 -35.14 -43.95 -10.21
N GLY B 287 -35.61 -42.97 -10.97
CA GLY B 287 -36.64 -42.09 -10.49
C GLY B 287 -38.01 -42.74 -10.56
N MET B 288 -38.88 -42.34 -9.63
CA MET B 288 -40.24 -42.86 -9.61
C MET B 288 -41.06 -42.38 -10.80
N GLY B 289 -40.63 -41.30 -11.45
CA GLY B 289 -41.23 -40.82 -12.67
C GLY B 289 -40.56 -41.31 -13.94
N SER B 290 -39.63 -42.25 -13.85
CA SER B 290 -39.00 -42.81 -15.02
C SER B 290 -39.92 -43.82 -15.69
N VAL B 291 -39.53 -44.27 -16.89
CA VAL B 291 -40.34 -45.23 -17.63
C VAL B 291 -40.36 -46.57 -16.89
N GLY B 292 -39.23 -46.99 -16.35
CA GLY B 292 -39.17 -48.30 -15.70
C GLY B 292 -40.00 -48.36 -14.44
N ALA B 293 -39.99 -47.29 -13.63
CA ALA B 293 -40.71 -47.32 -12.37
C ALA B 293 -42.22 -47.34 -12.59
N MET B 294 -42.72 -46.55 -13.53
CA MET B 294 -44.15 -46.50 -13.79
C MET B 294 -44.67 -47.69 -14.56
N GLU B 295 -43.78 -48.39 -15.30
CA GLU B 295 -44.20 -49.63 -15.94
C GLU B 295 -44.45 -50.73 -14.91
N LYS B 296 -43.72 -50.72 -13.81
CA LYS B 296 -43.88 -51.71 -12.75
C LYS B 296 -45.24 -51.56 -12.07
N LYS B 308 -45.16 -45.54 -24.92
CA LYS B 308 -45.23 -44.43 -25.85
C LYS B 308 -46.02 -43.26 -25.28
N LYS B 309 -47.17 -43.57 -24.69
CA LYS B 309 -48.03 -42.54 -24.10
C LYS B 309 -47.42 -41.90 -22.85
N LEU B 310 -46.29 -42.41 -22.38
CA LEU B 310 -45.66 -41.92 -21.16
C LEU B 310 -44.70 -40.78 -21.45
N VAL B 311 -44.77 -39.74 -20.63
CA VAL B 311 -43.82 -38.64 -20.66
C VAL B 311 -43.12 -38.58 -19.31
N PRO B 312 -41.93 -39.17 -19.20
CA PRO B 312 -41.29 -39.30 -17.89
C PRO B 312 -40.62 -38.01 -17.44
N GLU B 313 -40.40 -37.94 -16.12
CA GLU B 313 -39.68 -36.85 -15.49
C GLU B 313 -38.54 -37.38 -14.64
N GLY B 314 -38.05 -38.58 -14.97
CA GLY B 314 -36.92 -39.19 -14.30
C GLY B 314 -36.19 -40.10 -15.25
N ILE B 315 -35.00 -40.53 -14.82
CA ILE B 315 -34.16 -41.43 -15.61
C ILE B 315 -33.84 -42.66 -14.76
N GLU B 316 -33.28 -43.67 -15.42
CA GLU B 316 -32.90 -44.93 -14.79
C GLU B 316 -31.39 -45.09 -14.88
N GLY B 317 -30.77 -45.42 -13.76
CA GLY B 317 -29.33 -45.58 -13.72
C GLY B 317 -28.85 -46.51 -12.63
N ARG B 318 -27.58 -46.36 -12.24
CA ARG B 318 -27.00 -47.21 -11.21
C ARG B 318 -26.05 -46.39 -10.34
N VAL B 319 -25.90 -46.82 -9.10
CA VAL B 319 -25.00 -46.17 -8.15
C VAL B 319 -24.03 -47.21 -7.59
N PRO B 320 -22.86 -46.78 -7.14
CA PRO B 320 -21.91 -47.74 -6.57
C PRO B 320 -22.46 -48.40 -5.31
N TYR B 321 -22.05 -49.66 -5.10
CA TYR B 321 -22.42 -50.38 -3.89
C TYR B 321 -21.57 -49.91 -2.73
N LYS B 322 -22.21 -49.66 -1.59
CA LYS B 322 -21.54 -49.05 -0.44
C LYS B 322 -21.54 -49.93 0.80
N GLY B 323 -22.19 -51.09 0.76
CA GLY B 323 -22.20 -51.97 1.90
C GLY B 323 -23.29 -51.65 2.89
N PRO B 324 -23.04 -51.91 4.17
CA PRO B 324 -24.08 -51.70 5.19
C PRO B 324 -24.44 -50.24 5.36
N LEU B 325 -25.69 -50.00 5.75
CA LEU B 325 -26.16 -48.64 5.98
C LEU B 325 -25.37 -47.95 7.09
N ALA B 326 -24.93 -48.71 8.10
CA ALA B 326 -24.26 -48.11 9.25
C ALA B 326 -22.99 -47.36 8.85
N ASP B 327 -22.30 -47.80 7.79
CA ASP B 327 -21.10 -47.10 7.36
C ASP B 327 -21.44 -45.76 6.71
N THR B 328 -22.50 -45.72 5.91
CA THR B 328 -22.92 -44.47 5.29
C THR B 328 -23.46 -43.49 6.32
N VAL B 329 -24.28 -43.98 7.26
CA VAL B 329 -24.84 -43.11 8.28
C VAL B 329 -23.75 -42.54 9.18
N HIS B 330 -22.74 -43.36 9.51
CA HIS B 330 -21.64 -42.88 10.34
C HIS B 330 -20.90 -41.73 9.68
N GLN B 331 -20.63 -41.84 8.38
CA GLN B 331 -19.99 -40.75 7.66
C GLN B 331 -20.92 -39.54 7.58
N LEU B 332 -22.22 -39.77 7.40
CA LEU B 332 -23.16 -38.66 7.30
C LEU B 332 -23.25 -37.88 8.62
N VAL B 333 -23.53 -38.58 9.71
CA VAL B 333 -23.63 -37.90 11.00
C VAL B 333 -22.28 -37.32 11.41
N GLY B 334 -21.18 -38.00 11.06
CA GLY B 334 -19.86 -37.47 11.36
C GLY B 334 -19.59 -36.15 10.67
N GLY B 335 -19.91 -36.08 9.37
CA GLY B 335 -19.77 -34.82 8.65
C GLY B 335 -20.65 -33.72 9.22
N LEU B 336 -21.85 -34.07 9.69
CA LEU B 336 -22.71 -33.09 10.33
C LEU B 336 -22.11 -32.60 11.64
N ARG B 337 -21.57 -33.51 12.45
CA ARG B 337 -20.97 -33.11 13.72
C ARG B 337 -19.75 -32.22 13.49
N ALA B 338 -18.99 -32.49 12.43
CA ALA B 338 -17.88 -31.61 12.08
C ALA B 338 -18.38 -30.22 11.73
N GLY B 339 -19.40 -30.14 10.87
CA GLY B 339 -19.93 -28.84 10.46
C GLY B 339 -20.55 -28.08 11.62
N MET B 340 -21.31 -28.77 12.48
CA MET B 340 -21.88 -28.11 13.64
C MET B 340 -20.80 -27.62 14.59
N GLY B 341 -19.66 -28.33 14.66
CA GLY B 341 -18.56 -27.85 15.46
C GLY B 341 -17.92 -26.60 14.90
N TYR B 342 -17.80 -26.53 13.57
CA TYR B 342 -17.25 -25.34 12.93
C TYR B 342 -18.13 -24.12 13.17
N CYS B 343 -19.44 -24.32 13.33
CA CYS B 343 -20.40 -23.22 13.47
C CYS B 343 -20.75 -22.92 14.93
N GLY B 344 -20.18 -23.66 15.88
CA GLY B 344 -20.55 -23.46 17.27
C GLY B 344 -21.98 -23.81 17.59
N ALA B 345 -22.55 -24.78 16.89
CA ALA B 345 -23.94 -25.18 17.08
C ALA B 345 -23.99 -26.32 18.09
N GLN B 346 -24.56 -26.05 19.27
CA GLN B 346 -24.67 -27.09 20.28
C GLN B 346 -25.78 -28.09 19.93
N ASP B 347 -26.82 -27.63 19.23
CA ASP B 347 -27.89 -28.49 18.75
C ASP B 347 -28.34 -27.99 17.38
N LEU B 348 -29.23 -28.77 16.75
CA LEU B 348 -29.68 -28.42 15.41
C LEU B 348 -30.51 -27.14 15.39
N GLU B 349 -31.18 -26.81 16.50
CA GLU B 349 -31.96 -25.59 16.54
C GLU B 349 -31.07 -24.35 16.49
N PHE B 350 -29.91 -24.41 17.13
CA PHE B 350 -28.96 -23.30 17.05
C PHE B 350 -28.44 -23.13 15.63
N LEU B 351 -28.03 -24.24 15.00
CA LEU B 351 -27.53 -24.18 13.62
C LEU B 351 -28.61 -23.65 12.68
N ARG B 352 -29.86 -23.99 12.95
CA ARG B 352 -30.97 -23.57 12.08
C ARG B 352 -31.19 -22.06 12.14
N GLU B 353 -30.88 -21.43 13.28
CA GLU B 353 -31.20 -20.03 13.50
C GLU B 353 -30.00 -19.10 13.37
N ASN B 354 -28.77 -19.61 13.49
CA ASN B 354 -27.60 -18.77 13.58
C ASN B 354 -26.56 -18.97 12.49
N ALA B 355 -26.55 -20.13 11.82
CA ALA B 355 -25.50 -20.40 10.83
C ALA B 355 -25.60 -19.43 9.66
N GLN B 356 -24.44 -18.97 9.21
CA GLN B 356 -24.35 -18.00 8.12
C GLN B 356 -23.64 -18.63 6.93
N PHE B 357 -24.06 -18.22 5.73
CA PHE B 357 -23.46 -18.68 4.49
C PHE B 357 -22.67 -17.56 3.83
N ILE B 358 -21.77 -17.95 2.92
CA ILE B 358 -21.09 -17.02 2.04
C ILE B 358 -21.17 -17.58 0.62
N ARG B 359 -21.49 -16.70 -0.34
CA ARG B 359 -21.67 -17.14 -1.71
C ARG B 359 -20.33 -17.18 -2.44
N MET B 360 -20.21 -18.12 -3.37
CA MET B 360 -18.98 -18.29 -4.15
C MET B 360 -19.34 -18.62 -5.59
N SER B 361 -18.37 -18.44 -6.48
CA SER B 361 -18.54 -18.69 -7.89
C SER B 361 -18.13 -20.13 -8.21
N GLY B 362 -18.05 -20.44 -9.51
CA GLY B 362 -17.60 -21.76 -9.92
C GLY B 362 -16.14 -22.02 -9.56
N ALA B 363 -15.29 -20.99 -9.62
CA ALA B 363 -13.90 -21.16 -9.20
C ALA B 363 -13.80 -21.47 -7.71
N GLY B 364 -14.75 -20.98 -6.91
CA GLY B 364 -14.77 -21.34 -5.51
C GLY B 364 -15.14 -22.79 -5.27
N LEU B 365 -15.96 -23.36 -6.17
CA LEU B 365 -16.31 -24.77 -6.05
C LEU B 365 -15.12 -25.68 -6.37
N LEU B 366 -14.37 -25.34 -7.42
CA LEU B 366 -13.17 -26.11 -7.75
C LEU B 366 -12.15 -26.04 -6.62
N GLU B 367 -12.04 -24.90 -5.95
CA GLU B 367 -11.16 -24.79 -4.81
C GLU B 367 -11.67 -25.60 -3.62
N SER B 368 -12.99 -25.72 -3.50
CA SER B 368 -13.57 -26.44 -2.36
C SER B 368 -13.32 -27.94 -2.46
N HIS B 369 -13.42 -28.50 -3.66
CA HIS B 369 -13.08 -29.90 -3.88
C HIS B 369 -11.57 -30.07 -3.94
N PRO B 370 -11.08 -31.28 -3.70
CA PRO B 370 -9.66 -31.57 -3.99
C PRO B 370 -9.34 -31.21 -5.43
N HIS B 371 -8.14 -30.70 -5.65
CA HIS B 371 -7.77 -30.21 -6.97
C HIS B 371 -6.27 -30.36 -7.18
N HIS B 372 -5.90 -30.53 -8.46
CA HIS B 372 -4.50 -30.56 -8.92
C HIS B 372 -3.67 -31.65 -8.26
N VAL B 373 -4.33 -32.70 -7.75
CA VAL B 373 -3.63 -33.84 -7.16
C VAL B 373 -4.33 -35.11 -7.61
N GLN B 374 -3.57 -36.04 -8.17
CA GLN B 374 -4.10 -37.33 -8.61
C GLN B 374 -4.49 -38.15 -7.39
N ILE B 375 -5.78 -38.40 -7.21
CA ILE B 375 -6.27 -39.11 -6.02
C ILE B 375 -5.90 -40.58 -6.11
N THR B 376 -5.29 -41.10 -5.05
CA THR B 376 -4.80 -42.48 -5.07
C THR B 376 -5.88 -43.47 -4.67
N LYS B 377 -6.51 -43.26 -3.52
CA LYS B 377 -7.51 -44.16 -2.99
C LYS B 377 -8.76 -43.37 -2.63
N GLU B 378 -9.87 -44.09 -2.54
CA GLU B 378 -11.14 -43.47 -2.20
C GLU B 378 -11.25 -43.24 -0.69
N ALA B 379 -11.91 -42.18 -0.33
CA ALA B 379 -12.23 -41.89 1.05
C ALA B 379 -13.64 -42.38 1.38
N PRO B 380 -13.92 -42.73 2.65
CA PRO B 380 -15.27 -43.20 2.99
C PRO B 380 -16.36 -42.15 2.83
N ASN B 381 -16.00 -40.87 2.63
CA ASN B 381 -16.99 -39.82 2.47
C ASN B 381 -16.73 -38.96 1.24
N TYR B 382 -15.92 -39.44 0.29
CA TYR B 382 -15.65 -38.69 -0.93
C TYR B 382 -15.27 -39.67 -2.03
N SER B 383 -16.09 -39.75 -3.08
CA SER B 383 -15.82 -40.63 -4.20
C SER B 383 -16.15 -39.94 -5.51
N PHE C 20 -0.58 7.26 7.02
CA PHE C 20 -1.02 6.36 8.09
C PHE C 20 -1.79 5.18 7.51
N GLN C 21 -2.70 4.61 8.30
CA GLN C 21 -3.54 3.52 7.84
C GLN C 21 -4.84 3.99 7.21
N SER C 22 -4.95 5.27 6.87
CA SER C 22 -6.12 5.79 6.14
C SER C 22 -6.03 5.37 4.67
N ASN C 23 -5.97 4.06 4.47
CA ASN C 23 -5.73 3.48 3.15
C ASN C 23 -7.06 3.27 2.45
N ALA C 24 -7.49 4.28 1.70
CA ALA C 24 -8.66 4.11 0.83
C ALA C 24 -8.39 3.09 -0.27
N MET C 25 -7.12 2.80 -0.55
CA MET C 25 -6.78 1.74 -1.49
C MET C 25 -7.10 0.36 -0.94
N TRP C 26 -7.14 0.21 0.38
CA TRP C 26 -7.39 -1.10 0.96
C TRP C 26 -8.81 -1.57 0.71
N GLU C 27 -9.78 -0.65 0.78
CA GLU C 27 -11.19 -1.00 0.59
C GLU C 27 -11.61 -1.00 -0.88
N SER C 28 -10.75 -0.54 -1.79
CA SER C 28 -11.05 -0.58 -3.21
C SER C 28 -10.32 -1.69 -3.94
N LYS C 29 -9.75 -2.65 -3.21
CA LYS C 29 -8.95 -3.71 -3.84
C LYS C 29 -9.78 -4.53 -4.82
N PHE C 30 -11.01 -4.87 -4.46
CA PHE C 30 -11.84 -5.79 -5.24
C PHE C 30 -13.07 -5.09 -5.81
N VAL C 31 -12.93 -3.82 -6.17
CA VAL C 31 -14.06 -3.05 -6.70
C VAL C 31 -14.24 -3.27 -8.20
N LYS C 32 -13.16 -3.26 -8.97
CA LYS C 32 -13.28 -3.29 -10.42
C LYS C 32 -13.78 -4.65 -10.93
N GLU C 33 -14.44 -4.61 -12.08
CA GLU C 33 -14.92 -5.80 -12.78
C GLU C 33 -14.44 -5.76 -14.22
N GLY C 34 -14.13 -6.92 -14.77
CA GLY C 34 -13.58 -7.01 -16.11
C GLY C 34 -14.36 -7.98 -16.98
N LEU C 35 -14.43 -7.64 -18.26
CA LEU C 35 -15.12 -8.44 -19.25
C LEU C 35 -14.19 -8.79 -20.39
N THR C 36 -14.40 -9.98 -20.97
CA THR C 36 -13.65 -10.42 -22.13
C THR C 36 -14.63 -10.78 -23.25
N PHE C 37 -14.09 -11.32 -24.35
CA PHE C 37 -14.89 -11.54 -25.56
C PHE C 37 -16.07 -12.47 -25.28
N ASP C 38 -15.82 -13.61 -24.64
CA ASP C 38 -16.85 -14.60 -24.40
C ASP C 38 -17.87 -14.17 -23.35
N ASP C 39 -17.73 -12.97 -22.77
CA ASP C 39 -18.69 -12.48 -21.79
C ASP C 39 -19.84 -11.69 -22.41
N VAL C 40 -19.72 -11.28 -23.67
CA VAL C 40 -20.65 -10.31 -24.26
C VAL C 40 -21.00 -10.73 -25.68
N LEU C 41 -22.03 -10.08 -26.22
CA LEU C 41 -22.40 -10.17 -27.62
C LEU C 41 -22.73 -8.77 -28.13
N LEU C 42 -22.61 -8.58 -29.43
CA LEU C 42 -23.00 -7.32 -30.05
C LEU C 42 -24.49 -7.34 -30.36
N VAL C 43 -25.18 -6.25 -30.04
CA VAL C 43 -26.61 -6.15 -30.21
C VAL C 43 -26.90 -5.65 -31.62
N PRO C 44 -27.64 -6.37 -32.44
CA PRO C 44 -27.95 -5.89 -33.79
C PRO C 44 -28.84 -4.66 -33.75
N ALA C 45 -28.61 -3.76 -34.70
CA ALA C 45 -29.32 -2.49 -34.77
C ALA C 45 -29.83 -2.27 -36.20
N LYS C 46 -30.53 -1.16 -36.39
CA LYS C 46 -31.05 -0.81 -37.71
C LYS C 46 -29.91 -0.64 -38.70
N SER C 47 -30.06 -1.24 -39.88
CA SER C 47 -29.01 -1.23 -40.88
C SER C 47 -29.56 -0.76 -42.22
N ASP C 48 -28.75 0.02 -42.92
CA ASP C 48 -29.08 0.50 -44.27
C ASP C 48 -27.99 0.16 -45.28
N VAL C 49 -27.04 -0.69 -44.90
CA VAL C 49 -25.86 -0.96 -45.73
C VAL C 49 -25.61 -2.46 -45.75
N LEU C 50 -25.34 -3.00 -46.93
CA LEU C 50 -25.01 -4.40 -47.09
C LEU C 50 -23.58 -4.67 -46.63
N PRO C 51 -23.29 -5.89 -46.19
CA PRO C 51 -21.90 -6.19 -45.77
C PRO C 51 -20.89 -6.00 -46.87
N ARG C 52 -21.25 -6.31 -48.12
CA ARG C 52 -20.30 -6.21 -49.23
C ARG C 52 -19.90 -4.77 -49.52
N GLU C 53 -20.64 -3.79 -49.02
CA GLU C 53 -20.38 -2.39 -49.33
C GLU C 53 -20.00 -1.55 -48.13
N VAL C 54 -19.65 -2.17 -47.00
CA VAL C 54 -19.15 -1.42 -45.86
C VAL C 54 -17.66 -1.14 -46.06
N SER C 55 -17.19 -0.10 -45.36
CA SER C 55 -15.79 0.30 -45.43
C SER C 55 -15.06 -0.23 -44.20
N VAL C 56 -14.01 -1.02 -44.42
CA VAL C 56 -13.20 -1.57 -43.35
C VAL C 56 -11.85 -0.87 -43.25
N LYS C 57 -11.65 0.21 -44.00
CA LYS C 57 -10.40 0.94 -43.94
C LYS C 57 -10.27 1.67 -42.60
N THR C 58 -9.02 1.91 -42.20
CA THR C 58 -8.73 2.57 -40.94
C THR C 58 -7.45 3.38 -41.09
N VAL C 59 -7.38 4.49 -40.34
CA VAL C 59 -6.24 5.41 -40.39
C VAL C 59 -5.60 5.42 -39.01
N LEU C 60 -4.33 5.04 -38.94
CA LEU C 60 -3.59 5.06 -37.69
C LEU C 60 -2.82 6.36 -37.49
N SER C 61 -2.36 6.99 -38.57
CA SER C 61 -1.64 8.25 -38.49
C SER C 61 -1.69 8.89 -39.87
N GLU C 62 -1.04 10.05 -40.00
CA GLU C 62 -1.03 10.76 -41.28
C GLU C 62 -0.21 10.05 -42.34
N SER C 63 0.65 9.09 -41.95
CA SER C 63 1.47 8.36 -42.89
C SER C 63 1.29 6.85 -42.77
N LEU C 64 0.17 6.41 -42.20
CA LEU C 64 -0.08 4.98 -42.04
C LEU C 64 -1.59 4.74 -42.12
N GLN C 65 -2.04 4.20 -43.25
CA GLN C 65 -3.43 3.84 -43.45
C GLN C 65 -3.51 2.38 -43.86
N LEU C 66 -4.42 1.63 -43.23
CA LEU C 66 -4.60 0.22 -43.51
C LEU C 66 -5.97 0.00 -44.16
N ASN C 67 -5.99 -0.79 -45.23
CA ASN C 67 -7.26 -1.10 -45.89
C ASN C 67 -8.09 -2.09 -45.08
N ILE C 68 -7.44 -3.00 -44.36
CA ILE C 68 -8.14 -3.91 -43.46
C ILE C 68 -7.54 -3.76 -42.07
N PRO C 69 -8.33 -3.89 -41.00
CA PRO C 69 -7.80 -3.67 -39.65
C PRO C 69 -7.17 -4.93 -39.05
N LEU C 70 -6.11 -5.42 -39.71
CA LEU C 70 -5.44 -6.64 -39.30
C LEU C 70 -3.94 -6.43 -39.32
N ILE C 71 -3.26 -6.78 -38.23
CA ILE C 71 -1.81 -6.74 -38.13
C ILE C 71 -1.34 -8.09 -37.61
N SER C 72 -0.32 -8.65 -38.25
CA SER C 72 0.27 -9.91 -37.79
C SER C 72 1.32 -9.62 -36.72
N ALA C 73 1.31 -10.45 -35.68
CA ALA C 73 2.15 -10.19 -34.51
C ALA C 73 3.63 -10.37 -34.83
N GLY C 74 4.46 -9.60 -34.13
CA GLY C 74 5.89 -9.69 -34.29
C GLY C 74 6.51 -10.81 -33.48
N MET C 75 6.29 -12.05 -33.93
CA MET C 75 6.77 -13.24 -33.23
C MET C 75 7.52 -14.12 -34.21
N ASP C 76 8.50 -14.87 -33.68
CA ASP C 76 9.41 -15.62 -34.55
C ASP C 76 8.73 -16.80 -35.24
N THR C 77 7.48 -17.12 -34.90
CA THR C 77 6.73 -18.16 -35.59
C THR C 77 5.53 -17.59 -36.36
N VAL C 78 5.48 -16.28 -36.56
CA VAL C 78 4.32 -15.67 -37.18
C VAL C 78 4.71 -14.84 -38.41
N THR C 79 5.62 -13.88 -38.23
CA THR C 79 5.85 -12.86 -39.25
C THR C 79 7.34 -12.74 -39.58
N GLU C 80 7.66 -12.98 -40.84
CA GLU C 80 8.94 -12.54 -41.41
C GLU C 80 8.66 -11.83 -42.73
N ALA C 81 9.62 -11.86 -43.66
CA ALA C 81 9.46 -11.12 -44.92
C ALA C 81 8.27 -11.63 -45.73
N ASP C 82 8.18 -12.95 -45.91
CA ASP C 82 7.12 -13.51 -46.74
C ASP C 82 5.74 -13.24 -46.14
N MET C 83 5.64 -13.32 -44.80
CA MET C 83 4.37 -13.01 -44.16
C MET C 83 4.02 -11.54 -44.28
N ALA C 84 5.00 -10.66 -44.11
CA ALA C 84 4.74 -9.23 -44.21
C ALA C 84 4.36 -8.83 -45.62
N ILE C 85 4.97 -9.45 -46.63
CA ILE C 85 4.60 -9.18 -48.01
C ILE C 85 3.17 -9.62 -48.27
N ALA C 86 2.81 -10.83 -47.82
CA ALA C 86 1.46 -11.32 -48.04
C ALA C 86 0.43 -10.51 -47.25
N MET C 87 0.78 -10.10 -46.02
CA MET C 87 -0.13 -9.28 -45.23
C MET C 87 -0.37 -7.92 -45.90
N ALA C 88 0.71 -7.28 -46.36
CA ALA C 88 0.56 -5.98 -47.00
C ALA C 88 -0.26 -6.07 -48.28
N ARG C 89 -0.06 -7.14 -49.06
CA ARG C 89 -0.84 -7.31 -50.28
C ARG C 89 -2.30 -7.60 -49.99
N GLN C 90 -2.65 -7.98 -48.76
CA GLN C 90 -4.03 -8.14 -48.36
C GLN C 90 -4.64 -6.85 -47.84
N GLY C 91 -3.84 -5.81 -47.65
CA GLY C 91 -4.32 -4.56 -47.09
C GLY C 91 -4.00 -4.36 -45.62
N GLY C 92 -3.28 -5.29 -45.00
CA GLY C 92 -2.93 -5.22 -43.60
C GLY C 92 -1.51 -4.77 -43.37
N LEU C 93 -0.92 -5.22 -42.26
CA LEU C 93 0.44 -4.83 -41.92
C LEU C 93 1.13 -6.00 -41.22
N GLY C 94 2.40 -6.20 -41.52
CA GLY C 94 3.18 -7.23 -40.86
C GLY C 94 4.30 -6.67 -39.99
N ILE C 95 4.40 -7.16 -38.75
CA ILE C 95 5.44 -6.71 -37.83
C ILE C 95 6.55 -7.76 -37.82
N ILE C 96 7.69 -7.42 -38.40
CA ILE C 96 8.82 -8.34 -38.42
C ILE C 96 9.41 -8.45 -37.02
N HIS C 97 9.60 -9.69 -36.55
CA HIS C 97 10.01 -9.92 -35.18
C HIS C 97 11.50 -9.56 -35.00
N LYS C 98 11.91 -9.48 -33.74
CA LYS C 98 13.23 -9.00 -33.38
C LYS C 98 14.20 -10.12 -32.99
N ASN C 99 13.78 -11.37 -33.07
CA ASN C 99 14.66 -12.50 -32.74
C ASN C 99 15.61 -12.79 -33.89
N MET C 100 16.37 -11.76 -34.27
CA MET C 100 17.37 -11.86 -35.33
C MET C 100 18.30 -10.67 -35.19
N SER C 101 19.41 -10.72 -35.93
CA SER C 101 20.38 -9.64 -35.88
C SER C 101 19.80 -8.37 -36.49
N ILE C 102 20.47 -7.25 -36.22
CA ILE C 102 19.98 -5.95 -36.69
C ILE C 102 20.02 -5.90 -38.21
N GLU C 103 21.10 -6.36 -38.82
CA GLU C 103 21.21 -6.31 -40.28
C GLU C 103 20.24 -7.27 -40.94
N GLN C 104 20.03 -8.45 -40.34
CA GLN C 104 19.06 -9.39 -40.89
C GLN C 104 17.66 -8.79 -40.89
N GLN C 105 17.27 -8.17 -39.78
CA GLN C 105 15.94 -7.56 -39.69
C GLN C 105 15.80 -6.42 -40.70
N ALA C 106 16.86 -5.62 -40.87
CA ALA C 106 16.83 -4.57 -41.88
C ALA C 106 16.73 -5.14 -43.29
N GLU C 107 17.33 -6.32 -43.52
CA GLU C 107 17.22 -6.95 -44.83
C GLU C 107 15.80 -7.45 -45.07
N GLN C 108 15.13 -7.94 -44.03
CA GLN C 108 13.73 -8.32 -44.16
C GLN C 108 12.86 -7.11 -44.49
N VAL C 109 13.11 -5.98 -43.82
CA VAL C 109 12.33 -4.77 -44.05
C VAL C 109 12.57 -4.25 -45.47
N ASP C 110 13.83 -4.28 -45.92
CA ASP C 110 14.13 -3.80 -47.26
C ASP C 110 13.51 -4.71 -48.33
N LYS C 111 13.44 -6.01 -48.06
CA LYS C 111 12.84 -6.93 -49.00
C LYS C 111 11.35 -6.65 -49.18
N VAL C 112 10.64 -6.36 -48.08
CA VAL C 112 9.22 -6.04 -48.17
C VAL C 112 9.01 -4.72 -48.89
N LYS C 113 9.89 -3.75 -48.65
CA LYS C 113 9.71 -2.43 -49.26
C LYS C 113 9.90 -2.46 -50.76
N ARG C 114 10.86 -3.25 -51.26
CA ARG C 114 11.12 -3.29 -52.68
C ARG C 114 10.03 -4.01 -53.46
N SER C 115 9.17 -4.78 -52.78
CA SER C 115 8.19 -5.61 -53.47
C SER C 115 6.93 -4.83 -53.84
N GLY C 116 7.11 -3.68 -54.48
CA GLY C 116 5.99 -2.89 -54.96
C GLY C 116 5.50 -1.80 -54.05
N GLY C 117 6.35 -1.30 -53.15
CA GLY C 117 5.96 -0.22 -52.25
C GLY C 117 4.93 -0.64 -51.24
N LEU C 118 5.20 -1.72 -50.52
CA LEU C 118 4.29 -2.22 -49.50
C LEU C 118 4.67 -1.68 -48.13
N LEU C 119 3.68 -1.62 -47.25
CA LEU C 119 3.93 -1.22 -45.86
C LEU C 119 4.57 -2.37 -45.09
N VAL C 120 5.32 -2.02 -44.05
CA VAL C 120 6.00 -3.02 -43.24
C VAL C 120 6.30 -2.41 -41.88
N GLY C 121 6.28 -3.25 -40.83
CA GLY C 121 6.65 -2.83 -39.50
C GLY C 121 7.71 -3.74 -38.93
N ALA C 122 8.32 -3.28 -37.83
CA ALA C 122 9.38 -4.03 -37.19
C ALA C 122 9.32 -3.82 -35.69
N ALA C 123 9.64 -4.86 -34.94
CA ALA C 123 9.60 -4.85 -33.49
C ALA C 123 10.97 -4.53 -32.92
N VAL C 124 10.99 -3.70 -31.87
CA VAL C 124 12.21 -3.28 -31.19
C VAL C 124 12.01 -3.41 -29.70
N GLY C 125 12.98 -4.00 -29.00
CA GLY C 125 12.90 -4.14 -27.57
C GLY C 125 13.41 -2.91 -26.84
N VAL C 126 13.16 -2.89 -25.53
CA VAL C 126 13.60 -1.76 -24.69
C VAL C 126 14.92 -2.20 -24.05
N THR C 127 15.98 -2.09 -24.82
CA THR C 127 17.32 -2.42 -24.39
C THR C 127 18.25 -1.27 -24.74
N ALA C 128 19.51 -1.41 -24.32
CA ALA C 128 20.52 -0.41 -24.63
C ALA C 128 20.87 -0.37 -26.10
N ASP C 129 20.67 -1.47 -26.82
CA ASP C 129 20.96 -1.55 -28.24
C ASP C 129 19.76 -1.17 -29.11
N ALA C 130 18.69 -0.64 -28.51
CA ALA C 130 17.47 -0.35 -29.26
C ALA C 130 17.70 0.75 -30.28
N MET C 131 18.38 1.83 -29.88
CA MET C 131 18.57 2.95 -30.80
C MET C 131 19.40 2.54 -32.01
N THR C 132 20.37 1.64 -31.82
CA THR C 132 21.15 1.15 -32.96
C THR C 132 20.27 0.34 -33.91
N ARG C 133 19.38 -0.50 -33.38
CA ARG C 133 18.49 -1.27 -34.22
C ARG C 133 17.49 -0.38 -34.96
N ILE C 134 17.00 0.67 -34.28
CA ILE C 134 16.05 1.57 -34.92
C ILE C 134 16.71 2.35 -36.04
N ASP C 135 18.00 2.67 -35.90
CA ASP C 135 18.70 3.39 -36.96
C ASP C 135 18.69 2.59 -38.26
N ALA C 136 19.03 1.31 -38.19
CA ALA C 136 19.06 0.48 -39.38
C ALA C 136 17.66 0.29 -39.96
N LEU C 137 16.63 0.22 -39.11
CA LEU C 137 15.27 0.05 -39.61
C LEU C 137 14.80 1.31 -40.33
N VAL C 138 15.15 2.48 -39.81
CA VAL C 138 14.79 3.73 -40.48
C VAL C 138 15.51 3.85 -41.81
N LYS C 139 16.78 3.43 -41.86
CA LYS C 139 17.51 3.43 -43.12
C LYS C 139 16.92 2.44 -44.11
N ALA C 140 16.27 1.39 -43.62
CA ALA C 140 15.56 0.45 -44.48
C ALA C 140 14.16 0.92 -44.84
N SER C 141 13.82 2.15 -44.51
CA SER C 141 12.52 2.75 -44.84
C SER C 141 11.37 1.96 -44.21
N VAL C 142 11.46 1.75 -42.90
CA VAL C 142 10.38 1.11 -42.17
C VAL C 142 9.27 2.11 -41.92
N ASP C 143 8.03 1.64 -41.95
CA ASP C 143 6.88 2.53 -41.78
C ASP C 143 6.47 2.70 -40.33
N ALA C 144 6.78 1.73 -39.47
CA ALA C 144 6.44 1.84 -38.06
C ALA C 144 7.31 0.87 -37.27
N ILE C 145 7.79 1.32 -36.12
CA ILE C 145 8.48 0.46 -35.17
C ILE C 145 7.55 0.15 -34.02
N VAL C 146 7.67 -1.05 -33.47
CA VAL C 146 6.83 -1.51 -32.37
C VAL C 146 7.75 -1.70 -31.15
N LEU C 147 7.70 -0.77 -30.21
CA LEU C 147 8.45 -0.88 -28.97
C LEU C 147 7.71 -1.86 -28.06
N ASP C 148 8.00 -3.14 -28.27
CA ASP C 148 7.30 -4.22 -27.59
C ASP C 148 7.98 -4.53 -26.26
N THR C 149 7.18 -4.66 -25.21
CA THR C 149 7.69 -5.02 -23.90
C THR C 149 6.55 -5.64 -23.11
N ALA C 150 6.91 -6.40 -22.08
CA ALA C 150 5.90 -7.08 -21.26
C ALA C 150 5.07 -6.08 -20.46
N HIS C 151 5.72 -5.06 -19.90
CA HIS C 151 5.04 -4.07 -19.07
C HIS C 151 5.30 -2.69 -19.68
N GLY C 152 4.33 -2.21 -20.46
CA GLY C 152 4.47 -0.91 -21.10
C GLY C 152 4.46 0.26 -20.15
N HIS C 153 3.84 0.10 -18.97
CA HIS C 153 3.73 1.20 -18.01
C HIS C 153 4.94 1.27 -17.10
N SER C 154 6.13 1.28 -17.68
CA SER C 154 7.36 1.38 -16.93
C SER C 154 8.13 2.62 -17.37
N GLN C 155 8.98 3.13 -16.47
CA GLN C 155 9.75 4.32 -16.78
C GLN C 155 10.74 4.08 -17.92
N GLY C 156 11.21 2.84 -18.07
CA GLY C 156 12.14 2.55 -19.15
C GLY C 156 11.52 2.70 -20.51
N VAL C 157 10.27 2.23 -20.67
CA VAL C 157 9.59 2.37 -21.95
C VAL C 157 9.23 3.82 -22.22
N ILE C 158 8.79 4.53 -21.17
CA ILE C 158 8.43 5.94 -21.32
C ILE C 158 9.64 6.74 -21.77
N ASP C 159 10.78 6.55 -21.10
CA ASP C 159 11.99 7.28 -21.47
C ASP C 159 12.49 6.90 -22.85
N LYS C 160 12.28 5.65 -23.27
CA LYS C 160 12.73 5.24 -24.60
C LYS C 160 11.83 5.79 -25.70
N VAL C 161 10.53 5.92 -25.44
CA VAL C 161 9.64 6.54 -26.41
C VAL C 161 10.04 8.00 -26.65
N LYS C 162 10.41 8.70 -25.57
CA LYS C 162 10.77 10.11 -25.69
C LYS C 162 12.09 10.27 -26.45
N GLU C 163 13.03 9.36 -26.24
CA GLU C 163 14.32 9.47 -26.91
C GLU C 163 14.20 9.17 -28.41
N VAL C 164 13.32 8.24 -28.77
CA VAL C 164 13.07 7.97 -30.18
C VAL C 164 12.31 9.11 -30.81
N ARG C 165 11.34 9.68 -30.08
CA ARG C 165 10.56 10.79 -30.62
C ARG C 165 11.42 12.02 -30.88
N ALA C 166 12.40 12.26 -30.02
CA ALA C 166 13.28 13.41 -30.21
C ALA C 166 14.21 13.21 -31.42
N LYS C 167 14.60 11.97 -31.68
CA LYS C 167 15.51 11.68 -32.79
C LYS C 167 14.78 11.48 -34.11
N TYR C 168 13.53 11.01 -34.06
CA TYR C 168 12.72 10.77 -35.27
C TYR C 168 11.34 11.34 -35.04
N PRO C 169 11.15 12.65 -35.31
CA PRO C 169 9.84 13.27 -35.05
C PRO C 169 8.73 12.79 -35.96
N SER C 170 9.04 12.22 -37.12
CA SER C 170 8.04 11.80 -38.08
C SER C 170 7.87 10.29 -38.15
N LEU C 171 8.47 9.54 -37.22
CA LEU C 171 8.40 8.09 -37.24
C LEU C 171 7.19 7.61 -36.47
N ASN C 172 6.43 6.70 -37.08
CA ASN C 172 5.31 6.06 -36.40
C ASN C 172 5.84 5.16 -35.29
N ILE C 173 5.41 5.40 -34.06
CA ILE C 173 5.84 4.64 -32.90
C ILE C 173 4.63 3.93 -32.32
N ILE C 174 4.71 2.60 -32.22
CA ILE C 174 3.68 1.78 -31.60
C ILE C 174 4.25 1.25 -30.30
N ALA C 175 3.64 1.63 -29.18
CA ALA C 175 4.16 1.32 -27.85
C ALA C 175 3.18 0.44 -27.09
N GLY C 176 3.73 -0.49 -26.33
CA GLY C 176 2.93 -1.40 -25.53
C GLY C 176 3.83 -2.32 -24.73
N ASN C 177 3.21 -3.26 -24.02
CA ASN C 177 1.75 -3.37 -23.96
C ASN C 177 1.20 -2.82 -22.65
N VAL C 178 0.01 -2.23 -22.71
CA VAL C 178 -0.64 -1.65 -21.55
C VAL C 178 -2.07 -2.19 -21.47
N ALA C 179 -2.70 -1.94 -20.31
CA ALA C 179 -4.06 -2.40 -20.08
C ALA C 179 -4.90 -1.44 -19.25
N THR C 180 -4.38 -0.25 -18.95
CA THR C 180 -5.10 0.73 -18.15
C THR C 180 -5.10 2.08 -18.86
N ALA C 181 -6.01 2.95 -18.42
CA ALA C 181 -6.10 4.28 -19.01
C ALA C 181 -4.91 5.15 -18.62
N GLU C 182 -4.42 5.00 -17.38
CA GLU C 182 -3.27 5.80 -16.95
C GLU C 182 -2.02 5.42 -17.71
N ALA C 183 -1.83 4.12 -17.98
CA ALA C 183 -0.70 3.70 -18.80
C ALA C 183 -0.80 4.24 -20.22
N THR C 184 -2.03 4.28 -20.77
CA THR C 184 -2.22 4.82 -22.10
C THR C 184 -1.90 6.31 -22.14
N LYS C 185 -2.29 7.04 -21.10
CA LYS C 185 -1.99 8.48 -21.04
C LYS C 185 -0.49 8.71 -20.99
N ALA C 186 0.25 7.88 -20.26
CA ALA C 186 1.68 8.09 -20.09
C ALA C 186 2.43 7.84 -21.39
N LEU C 187 2.00 6.85 -22.18
CA LEU C 187 2.68 6.58 -23.45
C LEU C 187 2.35 7.62 -24.50
N ILE C 188 1.12 8.14 -24.49
CA ILE C 188 0.73 9.15 -25.48
C ILE C 188 1.52 10.44 -25.27
N GLU C 189 1.61 10.90 -24.02
CA GLU C 189 2.35 12.12 -23.73
C GLU C 189 3.86 11.91 -23.79
N ALA C 190 4.32 10.67 -23.92
CA ALA C 190 5.74 10.40 -24.12
C ALA C 190 6.16 10.44 -25.58
N GLY C 191 5.21 10.41 -26.51
CA GLY C 191 5.53 10.52 -27.92
C GLY C 191 4.88 9.46 -28.80
N ALA C 192 4.34 8.42 -28.18
CA ALA C 192 3.73 7.34 -28.95
C ALA C 192 2.46 7.81 -29.64
N ASN C 193 2.34 7.51 -30.93
CA ASN C 193 1.14 7.84 -31.69
C ASN C 193 0.18 6.67 -31.83
N VAL C 194 0.62 5.46 -31.50
CA VAL C 194 -0.25 4.28 -31.46
C VAL C 194 0.07 3.49 -30.19
N VAL C 195 -0.97 3.05 -29.50
CA VAL C 195 -0.85 2.31 -28.24
C VAL C 195 -1.36 0.89 -28.46
N LYS C 196 -0.59 -0.08 -27.98
CA LYS C 196 -0.95 -1.50 -28.11
C LYS C 196 -1.44 -2.02 -26.77
N VAL C 197 -2.63 -2.62 -26.77
CA VAL C 197 -3.33 -3.02 -25.55
C VAL C 197 -3.32 -4.54 -25.46
N GLY C 198 -3.02 -5.06 -24.27
CA GLY C 198 -3.06 -6.50 -24.05
C GLY C 198 -2.03 -6.99 -23.06
N ILE C 199 -2.48 -7.35 -21.85
CA ILE C 199 -1.62 -7.93 -20.82
C ILE C 199 -2.25 -9.26 -20.42
N GLY C 200 -1.78 -10.35 -21.01
CA GLY C 200 -2.22 -11.66 -20.63
C GLY C 200 -3.22 -12.43 -21.52
N PRO C 201 -3.85 -11.81 -22.53
CA PRO C 201 -4.91 -12.54 -23.25
C PRO C 201 -4.40 -13.55 -24.26
N GLY C 202 -3.11 -13.49 -24.63
CA GLY C 202 -2.57 -14.33 -25.68
C GLY C 202 -2.83 -15.81 -25.54
N SER C 203 -3.03 -16.49 -26.67
CA SER C 203 -3.31 -17.92 -26.64
C SER C 203 -2.14 -18.73 -26.11
N ILE C 204 -0.92 -18.21 -26.22
CA ILE C 204 0.28 -18.89 -25.75
C ILE C 204 0.87 -18.20 -24.53
N CYS C 205 0.09 -17.37 -23.85
CA CYS C 205 0.58 -16.52 -22.77
C CYS C 205 0.18 -17.09 -21.42
N THR C 206 1.14 -17.11 -20.49
CA THR C 206 0.90 -17.54 -19.11
C THR C 206 1.19 -16.43 -18.10
N THR C 207 1.26 -15.17 -18.56
CA THR C 207 1.57 -14.06 -17.65
C THR C 207 0.59 -14.00 -16.49
N ARG C 208 -0.71 -14.16 -16.79
CA ARG C 208 -1.71 -14.09 -15.74
C ARG C 208 -1.66 -15.27 -14.78
N VAL C 209 -1.05 -16.38 -15.20
CA VAL C 209 -1.00 -17.58 -14.37
C VAL C 209 0.24 -17.60 -13.50
N VAL C 210 1.39 -17.23 -14.04
CA VAL C 210 2.64 -17.28 -13.28
C VAL C 210 2.91 -15.99 -12.50
N ALA C 211 2.33 -14.86 -12.92
CA ALA C 211 2.52 -13.60 -12.23
C ALA C 211 1.25 -13.05 -11.60
N GLY C 212 0.08 -13.53 -12.01
CA GLY C 212 -1.18 -13.10 -11.44
C GLY C 212 -1.68 -11.76 -11.90
N VAL C 213 -1.09 -11.18 -12.94
CA VAL C 213 -1.36 -9.82 -13.36
C VAL C 213 -2.03 -9.82 -14.73
N GLY C 214 -3.04 -8.99 -14.90
CA GLY C 214 -3.68 -8.84 -16.19
C GLY C 214 -4.99 -8.09 -16.05
N VAL C 215 -5.56 -7.77 -17.21
CA VAL C 215 -6.87 -7.15 -17.32
C VAL C 215 -7.63 -7.88 -18.41
N PRO C 216 -8.89 -8.28 -18.20
CA PRO C 216 -9.66 -8.89 -19.29
C PRO C 216 -9.65 -8.02 -20.53
N GLN C 217 -9.41 -8.66 -21.67
CA GLN C 217 -8.97 -7.93 -22.86
C GLN C 217 -10.02 -6.92 -23.32
N LEU C 218 -11.30 -7.27 -23.25
CA LEU C 218 -12.32 -6.34 -23.74
C LEU C 218 -12.45 -5.12 -22.83
N THR C 219 -12.32 -5.32 -21.52
CA THR C 219 -12.30 -4.19 -20.60
C THR C 219 -11.03 -3.36 -20.77
N ALA C 220 -9.90 -4.03 -21.01
CA ALA C 220 -8.64 -3.31 -21.22
C ALA C 220 -8.71 -2.46 -22.48
N VAL C 221 -9.26 -3.00 -23.58
CA VAL C 221 -9.39 -2.23 -24.81
C VAL C 221 -10.33 -1.05 -24.59
N TYR C 222 -11.44 -1.27 -23.86
CA TYR C 222 -12.40 -0.20 -23.65
C TYR C 222 -11.84 0.89 -22.74
N ASP C 223 -11.10 0.50 -21.70
CA ASP C 223 -10.54 1.49 -20.78
C ASP C 223 -9.43 2.31 -21.45
N CYS C 224 -8.60 1.67 -22.27
CA CYS C 224 -7.52 2.38 -22.93
C CYS C 224 -8.04 3.26 -24.06
N ALA C 225 -8.99 2.75 -24.84
CA ALA C 225 -9.57 3.56 -25.91
C ALA C 225 -10.34 4.76 -25.36
N THR C 226 -10.87 4.63 -24.15
CA THR C 226 -11.54 5.77 -23.52
C THR C 226 -10.56 6.91 -23.25
N GLU C 227 -9.34 6.57 -22.84
CA GLU C 227 -8.33 7.60 -22.60
C GLU C 227 -7.73 8.10 -23.91
N ALA C 228 -7.45 7.19 -24.84
CA ALA C 228 -6.76 7.58 -26.08
C ALA C 228 -7.67 8.39 -27.00
N ARG C 229 -8.98 8.20 -26.92
CA ARG C 229 -9.89 8.98 -27.76
C ARG C 229 -9.91 10.46 -27.36
N LYS C 230 -9.54 10.78 -26.13
CA LYS C 230 -9.44 12.17 -25.72
C LYS C 230 -8.27 12.90 -26.38
N HIS C 231 -7.29 12.16 -26.88
CA HIS C 231 -6.12 12.75 -27.53
C HIS C 231 -6.07 12.48 -29.03
N GLY C 232 -7.04 11.74 -29.57
CA GLY C 232 -7.01 11.40 -30.98
C GLY C 232 -5.99 10.34 -31.35
N ILE C 233 -5.75 9.39 -30.47
CA ILE C 233 -4.74 8.35 -30.65
C ILE C 233 -5.44 7.01 -30.78
N PRO C 234 -5.09 6.18 -31.77
CA PRO C 234 -5.70 4.86 -31.89
C PRO C 234 -5.06 3.84 -30.95
N VAL C 235 -5.80 2.79 -30.66
CA VAL C 235 -5.31 1.68 -29.85
C VAL C 235 -5.42 0.39 -30.64
N ILE C 236 -4.57 -0.57 -30.29
CA ILE C 236 -4.51 -1.86 -30.97
C ILE C 236 -4.89 -2.94 -29.98
N ALA C 237 -5.87 -3.78 -30.37
CA ALA C 237 -6.24 -4.93 -29.56
C ALA C 237 -5.30 -6.08 -29.91
N ASP C 238 -4.48 -6.49 -28.94
CA ASP C 238 -3.42 -7.46 -29.17
C ASP C 238 -3.65 -8.69 -28.30
N GLY C 239 -3.99 -9.81 -28.93
CA GLY C 239 -4.06 -11.08 -28.24
C GLY C 239 -5.48 -11.43 -27.81
N GLY C 240 -5.71 -12.74 -27.65
CA GLY C 240 -6.97 -13.24 -27.14
C GLY C 240 -8.05 -13.48 -28.18
N ILE C 241 -7.79 -13.17 -29.44
CA ILE C 241 -8.79 -13.28 -30.49
C ILE C 241 -8.72 -14.69 -31.07
N LYS C 242 -9.82 -15.45 -30.92
CA LYS C 242 -9.89 -16.84 -31.33
C LYS C 242 -10.77 -17.07 -32.55
N TYR C 243 -11.81 -16.26 -32.72
CA TYR C 243 -12.68 -16.32 -33.88
C TYR C 243 -12.82 -14.92 -34.47
N SER C 244 -13.35 -14.86 -35.70
CA SER C 244 -13.51 -13.57 -36.35
C SER C 244 -14.47 -12.66 -35.60
N GLY C 245 -15.44 -13.25 -34.90
CA GLY C 245 -16.34 -12.44 -34.10
C GLY C 245 -15.65 -11.72 -32.96
N ASP C 246 -14.55 -12.28 -32.46
CA ASP C 246 -13.79 -11.59 -31.41
C ASP C 246 -13.12 -10.33 -31.95
N MET C 247 -12.74 -10.33 -33.23
CA MET C 247 -12.18 -9.13 -33.84
C MET C 247 -13.24 -8.04 -33.96
N VAL C 248 -14.48 -8.41 -34.28
CA VAL C 248 -15.55 -7.42 -34.37
C VAL C 248 -15.82 -6.82 -32.99
N LYS C 249 -15.77 -7.65 -31.94
CA LYS C 249 -15.99 -7.14 -30.59
C LYS C 249 -14.86 -6.21 -30.16
N ALA C 250 -13.62 -6.52 -30.53
CA ALA C 250 -12.49 -5.68 -30.15
C ALA C 250 -12.58 -4.31 -30.83
N LEU C 251 -12.96 -4.28 -32.11
CA LEU C 251 -13.11 -3.01 -32.80
C LEU C 251 -14.31 -2.23 -32.26
N ALA C 252 -15.41 -2.93 -31.95
CA ALA C 252 -16.57 -2.26 -31.37
C ALA C 252 -16.29 -1.76 -29.96
N ALA C 253 -15.29 -2.31 -29.27
CA ALA C 253 -14.93 -1.85 -27.93
C ALA C 253 -14.07 -0.60 -27.95
N GLY C 254 -13.57 -0.18 -29.11
CA GLY C 254 -12.83 1.07 -29.19
C GLY C 254 -11.52 0.98 -29.94
N ALA C 255 -11.13 -0.21 -30.35
CA ALA C 255 -9.84 -0.40 -31.02
C ALA C 255 -9.94 -0.07 -32.50
N HIS C 256 -8.89 0.56 -33.03
CA HIS C 256 -8.82 0.85 -34.45
C HIS C 256 -8.42 -0.37 -35.27
N VAL C 257 -7.65 -1.28 -34.68
CA VAL C 257 -7.06 -2.40 -35.40
C VAL C 257 -6.74 -3.49 -34.39
N VAL C 258 -6.71 -4.74 -34.86
CA VAL C 258 -6.42 -5.88 -34.00
C VAL C 258 -5.12 -6.53 -34.46
N MET C 259 -4.41 -7.12 -33.50
CA MET C 259 -3.19 -7.86 -33.75
C MET C 259 -3.43 -9.34 -33.47
N LEU C 260 -3.09 -10.19 -34.42
CA LEU C 260 -3.37 -11.62 -34.34
C LEU C 260 -2.09 -12.43 -34.39
N GLY C 261 -2.03 -13.48 -33.58
CA GLY C 261 -0.90 -14.38 -33.58
C GLY C 261 -1.29 -15.79 -33.96
N SER C 262 -2.16 -16.41 -33.16
CA SER C 262 -2.50 -17.81 -33.38
C SER C 262 -3.26 -18.02 -34.69
N MET C 263 -4.13 -17.08 -35.04
CA MET C 263 -4.91 -17.22 -36.27
C MET C 263 -4.08 -17.03 -37.53
N PHE C 264 -2.79 -16.67 -37.40
CA PHE C 264 -1.90 -16.52 -38.54
C PHE C 264 -0.73 -17.49 -38.55
N ALA C 265 -0.43 -18.15 -37.42
CA ALA C 265 0.73 -19.02 -37.35
C ALA C 265 0.61 -20.25 -38.22
N GLY C 266 -0.61 -20.61 -38.63
CA GLY C 266 -0.83 -21.79 -39.44
C GLY C 266 -0.91 -21.55 -40.94
N VAL C 267 -0.72 -20.32 -41.41
CA VAL C 267 -0.83 -20.02 -42.83
C VAL C 267 0.48 -20.40 -43.52
N ALA C 268 0.45 -20.47 -44.85
CA ALA C 268 1.61 -20.94 -45.60
C ALA C 268 2.77 -19.95 -45.52
N GLU C 269 2.46 -18.66 -45.52
CA GLU C 269 3.51 -17.64 -45.50
C GLU C 269 4.18 -17.49 -44.14
N SER C 270 3.64 -18.13 -43.10
CA SER C 270 4.27 -18.11 -41.79
C SER C 270 5.65 -18.78 -41.85
N PRO C 271 6.58 -18.37 -40.99
CA PRO C 271 7.87 -19.04 -40.94
C PRO C 271 7.73 -20.50 -40.47
N GLY C 272 8.64 -21.33 -40.92
CA GLY C 272 8.62 -22.75 -40.60
C GLY C 272 7.82 -23.56 -41.61
N GLU C 273 8.06 -24.86 -41.60
CA GLU C 273 7.39 -25.81 -42.46
C GLU C 273 6.34 -26.59 -41.68
N THR C 274 5.62 -27.45 -42.38
CA THR C 274 4.55 -28.23 -41.79
C THR C 274 5.07 -29.56 -41.26
N GLU C 275 4.57 -29.96 -40.09
CA GLU C 275 4.83 -31.27 -39.52
C GLU C 275 3.49 -31.97 -39.30
N ILE C 276 3.43 -33.25 -39.64
CA ILE C 276 2.19 -34.01 -39.51
C ILE C 276 2.00 -34.42 -38.06
N TYR C 277 0.88 -34.00 -37.48
CA TYR C 277 0.56 -34.23 -36.08
C TYR C 277 -0.93 -34.53 -35.99
N GLN C 278 -1.28 -35.59 -35.26
CA GLN C 278 -2.64 -36.11 -35.19
C GLN C 278 -3.21 -36.47 -36.56
N GLY C 279 -2.35 -36.78 -37.54
CA GLY C 279 -2.79 -37.12 -38.87
C GLY C 279 -2.93 -35.94 -39.81
N ARG C 280 -2.84 -34.72 -39.32
CA ARG C 280 -2.98 -33.50 -40.12
C ARG C 280 -1.70 -32.71 -40.12
N GLN C 281 -1.63 -31.72 -41.00
CA GLN C 281 -0.49 -30.81 -41.05
C GLN C 281 -0.61 -29.77 -39.94
N PHE C 282 0.49 -29.53 -39.23
CA PHE C 282 0.54 -28.56 -38.16
C PHE C 282 1.75 -27.66 -38.33
N LYS C 283 1.70 -26.49 -37.71
CA LYS C 283 2.82 -25.56 -37.68
C LYS C 283 3.11 -25.17 -36.24
N VAL C 284 4.40 -24.92 -35.97
CA VAL C 284 4.83 -24.56 -34.63
C VAL C 284 4.37 -23.14 -34.30
N TYR C 285 3.81 -22.95 -33.11
CA TYR C 285 3.44 -21.63 -32.61
C TYR C 285 3.79 -21.57 -31.14
N ARG C 286 4.62 -20.59 -30.78
CA ARG C 286 5.15 -20.49 -29.42
C ARG C 286 5.19 -19.03 -29.01
N GLY C 287 5.12 -18.80 -27.70
CA GLY C 287 5.23 -17.45 -27.18
C GLY C 287 6.66 -16.96 -27.16
N MET C 288 6.82 -15.65 -27.35
CA MET C 288 8.15 -15.05 -27.32
C MET C 288 8.76 -15.07 -25.92
N GLY C 289 7.94 -15.27 -24.89
CA GLY C 289 8.43 -15.37 -23.53
C GLY C 289 8.53 -16.81 -23.06
N SER C 290 8.52 -17.75 -24.00
CA SER C 290 8.67 -19.16 -23.68
C SER C 290 10.15 -19.55 -23.69
N VAL C 291 10.42 -20.76 -23.21
CA VAL C 291 11.80 -21.24 -23.12
C VAL C 291 12.40 -21.36 -24.53
N GLY C 292 11.64 -21.88 -25.47
CA GLY C 292 12.16 -22.09 -26.82
C GLY C 292 12.53 -20.80 -27.52
N ALA C 293 11.69 -19.77 -27.36
CA ALA C 293 11.93 -18.51 -28.06
C ALA C 293 13.06 -17.71 -27.42
N MET C 294 13.15 -17.71 -26.09
CA MET C 294 14.19 -16.94 -25.42
C MET C 294 15.57 -17.52 -25.65
N GLU C 295 15.67 -18.85 -25.79
CA GLU C 295 16.97 -19.47 -26.06
C GLU C 295 17.43 -19.22 -27.48
N LYS C 296 16.51 -18.92 -28.40
CA LYS C 296 16.91 -18.57 -29.76
C LYS C 296 17.71 -17.28 -29.79
N GLY C 297 17.47 -16.37 -28.84
CA GLY C 297 18.19 -15.12 -28.77
C GLY C 297 18.90 -14.90 -27.45
N SER C 298 19.75 -15.86 -27.07
CA SER C 298 20.53 -15.75 -25.85
C SER C 298 21.93 -16.31 -26.04
N LYS C 309 17.48 -20.63 -13.48
CA LYS C 309 17.46 -20.36 -14.91
C LYS C 309 16.56 -19.17 -15.24
N LEU C 310 15.53 -19.40 -16.04
CA LEU C 310 14.63 -18.36 -16.48
C LEU C 310 13.20 -18.72 -16.11
N VAL C 311 12.41 -17.70 -15.79
CA VAL C 311 11.00 -17.90 -15.46
C VAL C 311 10.15 -17.47 -16.66
N PRO C 312 9.69 -18.40 -17.48
CA PRO C 312 8.98 -18.02 -18.70
C PRO C 312 7.58 -17.48 -18.42
N GLU C 313 7.06 -16.76 -19.41
CA GLU C 313 5.68 -16.29 -19.37
C GLU C 313 4.92 -16.69 -20.63
N GLY C 314 5.35 -17.76 -21.29
CA GLY C 314 4.66 -18.29 -22.44
C GLY C 314 4.97 -19.76 -22.60
N ILE C 315 4.24 -20.40 -23.51
CA ILE C 315 4.38 -21.84 -23.76
C ILE C 315 4.62 -22.06 -25.24
N GLU C 316 5.01 -23.29 -25.57
CA GLU C 316 5.30 -23.70 -26.93
C GLU C 316 4.25 -24.72 -27.39
N GLY C 317 3.87 -24.65 -28.65
CA GLY C 317 2.83 -25.54 -29.13
C GLY C 317 2.69 -25.55 -30.64
N ARG C 318 1.56 -26.06 -31.09
CA ARG C 318 1.26 -26.22 -32.51
C ARG C 318 -0.14 -25.71 -32.81
N VAL C 319 -0.32 -25.21 -34.03
CA VAL C 319 -1.64 -24.83 -34.54
C VAL C 319 -1.85 -25.52 -35.88
N PRO C 320 -3.08 -25.79 -36.29
CA PRO C 320 -3.31 -26.48 -37.57
C PRO C 320 -2.87 -25.63 -38.76
N TYR C 321 -2.46 -26.33 -39.81
CA TYR C 321 -2.07 -25.67 -41.06
C TYR C 321 -3.32 -25.24 -41.81
N LYS C 322 -3.35 -23.97 -42.23
CA LYS C 322 -4.54 -23.37 -42.83
C LYS C 322 -4.35 -22.94 -44.28
N GLY C 323 -3.27 -23.37 -44.93
CA GLY C 323 -3.04 -23.03 -46.31
C GLY C 323 -2.62 -21.57 -46.49
N PRO C 324 -2.90 -21.01 -47.66
CA PRO C 324 -2.45 -19.64 -47.95
C PRO C 324 -3.13 -18.62 -47.05
N LEU C 325 -2.44 -17.49 -46.87
CA LEU C 325 -2.96 -16.42 -46.01
C LEU C 325 -4.24 -15.80 -46.56
N ALA C 326 -4.38 -15.75 -47.89
CA ALA C 326 -5.55 -15.11 -48.48
C ALA C 326 -6.85 -15.76 -48.03
N ASP C 327 -6.86 -17.10 -47.92
CA ASP C 327 -8.07 -17.79 -47.49
C ASP C 327 -8.44 -17.44 -46.06
N THR C 328 -7.45 -17.21 -45.19
CA THR C 328 -7.74 -16.86 -43.80
C THR C 328 -8.22 -15.42 -43.68
N VAL C 329 -7.57 -14.50 -44.41
CA VAL C 329 -7.97 -13.10 -44.35
C VAL C 329 -9.38 -12.92 -44.92
N HIS C 330 -9.73 -13.70 -45.95
CA HIS C 330 -11.06 -13.60 -46.54
C HIS C 330 -12.14 -13.96 -45.52
N GLN C 331 -11.90 -15.02 -44.73
CA GLN C 331 -12.85 -15.37 -43.68
C GLN C 331 -12.91 -14.29 -42.60
N LEU C 332 -11.75 -13.77 -42.20
CA LEU C 332 -11.72 -12.74 -41.16
C LEU C 332 -12.49 -11.49 -41.60
N VAL C 333 -12.16 -10.95 -42.76
CA VAL C 333 -12.83 -9.75 -43.25
C VAL C 333 -14.30 -10.02 -43.49
N GLY C 334 -14.63 -11.23 -43.98
CA GLY C 334 -16.02 -11.58 -44.19
C GLY C 334 -16.84 -11.54 -42.92
N GLY C 335 -16.29 -12.07 -41.83
CA GLY C 335 -16.98 -12.01 -40.55
C GLY C 335 -17.13 -10.58 -40.04
N LEU C 336 -16.14 -9.74 -40.31
CA LEU C 336 -16.25 -8.33 -39.92
C LEU C 336 -17.34 -7.63 -40.73
N ARG C 337 -17.40 -7.88 -42.04
CA ARG C 337 -18.42 -7.23 -42.86
C ARG C 337 -19.82 -7.67 -42.45
N ALA C 338 -19.98 -8.94 -42.12
CA ALA C 338 -21.28 -9.41 -41.63
C ALA C 338 -21.66 -8.75 -40.32
N GLY C 339 -20.71 -8.71 -39.37
CA GLY C 339 -21.00 -8.08 -38.09
C GLY C 339 -21.32 -6.61 -38.22
N MET C 340 -20.59 -5.89 -39.09
CA MET C 340 -20.91 -4.49 -39.33
C MET C 340 -22.26 -4.34 -40.00
N GLY C 341 -22.66 -5.30 -40.82
CA GLY C 341 -24.00 -5.28 -41.37
C GLY C 341 -25.07 -5.45 -40.31
N TYR C 342 -24.84 -6.39 -39.38
CA TYR C 342 -25.78 -6.59 -38.28
C TYR C 342 -25.92 -5.34 -37.42
N CYS C 343 -24.85 -4.57 -37.27
CA CYS C 343 -24.85 -3.40 -36.42
C CYS C 343 -25.17 -2.11 -37.17
N GLY C 344 -25.35 -2.18 -38.49
CA GLY C 344 -25.64 -0.99 -39.26
C GLY C 344 -24.48 -0.01 -39.34
N ALA C 345 -23.26 -0.51 -39.36
CA ALA C 345 -22.07 0.33 -39.40
C ALA C 345 -21.56 0.43 -40.83
N GLN C 346 -21.55 1.65 -41.37
CA GLN C 346 -21.00 1.86 -42.72
C GLN C 346 -19.48 1.78 -42.72
N ASP C 347 -18.85 2.33 -41.69
CA ASP C 347 -17.39 2.30 -41.55
C ASP C 347 -17.05 1.95 -40.11
N LEU C 348 -15.74 1.83 -39.84
CA LEU C 348 -15.30 1.39 -38.52
C LEU C 348 -15.53 2.45 -37.45
N GLU C 349 -15.53 3.74 -37.83
CA GLU C 349 -15.76 4.79 -36.85
C GLU C 349 -17.16 4.71 -36.28
N PHE C 350 -18.16 4.43 -37.13
CA PHE C 350 -19.53 4.26 -36.63
C PHE C 350 -19.62 3.10 -35.67
N LEU C 351 -19.01 1.96 -36.03
CA LEU C 351 -19.01 0.80 -35.14
C LEU C 351 -18.29 1.12 -33.83
N ARG C 352 -17.21 1.89 -33.90
CA ARG C 352 -16.45 2.22 -32.70
C ARG C 352 -17.25 3.11 -31.76
N GLU C 353 -18.13 3.96 -32.30
CA GLU C 353 -18.84 4.95 -31.50
C GLU C 353 -20.27 4.56 -31.15
N ASN C 354 -20.89 3.65 -31.92
CA ASN C 354 -22.30 3.36 -31.75
C ASN C 354 -22.62 1.95 -31.31
N ALA C 355 -21.72 0.98 -31.52
CA ALA C 355 -22.03 -0.41 -31.24
C ALA C 355 -22.26 -0.64 -29.74
N GLN C 356 -23.32 -1.39 -29.43
CA GLN C 356 -23.69 -1.70 -28.06
C GLN C 356 -23.53 -3.20 -27.82
N PHE C 357 -23.11 -3.55 -26.60
CA PHE C 357 -22.93 -4.93 -26.19
C PHE C 357 -24.05 -5.36 -25.26
N ILE C 358 -24.14 -6.66 -25.03
CA ILE C 358 -25.03 -7.23 -24.01
C ILE C 358 -24.26 -8.35 -23.31
N ARG C 359 -24.28 -8.33 -21.99
CA ARG C 359 -23.56 -9.35 -21.21
C ARG C 359 -24.36 -10.64 -21.15
N MET C 360 -23.64 -11.76 -21.11
CA MET C 360 -24.25 -13.07 -20.98
C MET C 360 -23.45 -13.91 -20.01
N SER C 361 -24.06 -15.02 -19.58
CA SER C 361 -23.41 -15.92 -18.64
C SER C 361 -22.71 -17.03 -19.41
N GLY C 362 -22.17 -18.02 -18.70
CA GLY C 362 -21.57 -19.16 -19.38
C GLY C 362 -22.55 -19.93 -20.22
N ALA C 363 -23.81 -20.02 -19.76
CA ALA C 363 -24.84 -20.67 -20.54
C ALA C 363 -25.11 -19.94 -21.86
N GLY C 364 -25.00 -18.62 -21.86
CA GLY C 364 -25.13 -17.88 -23.10
C GLY C 364 -24.04 -18.18 -24.09
N LEU C 365 -22.82 -18.43 -23.61
CA LEU C 365 -21.73 -18.83 -24.49
C LEU C 365 -22.01 -20.18 -25.13
N LEU C 366 -22.51 -21.14 -24.34
CA LEU C 366 -22.82 -22.45 -24.88
C LEU C 366 -23.90 -22.36 -25.96
N GLU C 367 -24.84 -21.44 -25.80
CA GLU C 367 -25.86 -21.22 -26.83
C GLU C 367 -25.27 -20.57 -28.07
N SER C 368 -24.24 -19.73 -27.91
CA SER C 368 -23.69 -18.99 -29.03
C SER C 368 -22.93 -19.92 -29.98
N HIS C 369 -22.18 -20.87 -29.44
CA HIS C 369 -21.52 -21.87 -30.26
C HIS C 369 -22.53 -22.89 -30.75
N PRO C 370 -22.16 -23.70 -31.76
CA PRO C 370 -22.99 -24.85 -32.09
C PRO C 370 -23.09 -25.80 -30.90
N HIS C 371 -24.24 -26.46 -30.77
CA HIS C 371 -24.49 -27.32 -29.62
C HIS C 371 -25.44 -28.43 -30.01
N HIS C 372 -25.33 -29.55 -29.28
CA HIS C 372 -26.21 -30.71 -29.40
C HIS C 372 -26.31 -31.25 -30.82
N VAL C 373 -25.28 -31.01 -31.64
CA VAL C 373 -25.21 -31.54 -32.99
C VAL C 373 -23.75 -31.94 -33.27
N GLN C 374 -23.54 -33.18 -33.69
CA GLN C 374 -22.20 -33.62 -34.02
C GLN C 374 -21.77 -33.03 -35.34
N ILE C 375 -20.72 -32.22 -35.33
CA ILE C 375 -20.24 -31.56 -36.54
C ILE C 375 -19.47 -32.56 -37.39
N THR C 376 -19.88 -32.70 -38.65
CA THR C 376 -19.26 -33.65 -39.56
C THR C 376 -18.16 -33.01 -40.40
N LYS C 377 -18.49 -31.92 -41.09
CA LYS C 377 -17.52 -31.16 -41.87
C LYS C 377 -17.15 -29.88 -41.13
N GLU C 378 -15.86 -29.58 -41.09
CA GLU C 378 -15.40 -28.35 -40.46
C GLU C 378 -15.54 -27.18 -41.41
N ALA C 379 -16.05 -26.07 -40.88
CA ALA C 379 -16.29 -24.87 -41.67
C ALA C 379 -14.99 -24.09 -41.86
N PRO C 380 -14.89 -23.30 -42.94
CA PRO C 380 -13.68 -22.49 -43.13
C PRO C 380 -13.40 -21.50 -42.01
N ASN C 381 -14.43 -21.10 -41.25
CA ASN C 381 -14.26 -20.12 -40.19
C ASN C 381 -14.59 -20.67 -38.80
N TYR C 382 -14.76 -21.97 -38.67
CA TYR C 382 -15.06 -22.57 -37.36
C TYR C 382 -14.42 -23.95 -37.29
N SER C 383 -13.64 -24.18 -36.24
CA SER C 383 -12.97 -25.47 -36.05
C SER C 383 -13.24 -26.02 -34.66
N SER D 22 -35.77 -11.15 17.34
CA SER D 22 -34.89 -10.55 16.33
C SER D 22 -34.63 -11.53 15.19
N ASN D 23 -34.87 -11.07 13.95
CA ASN D 23 -34.64 -11.87 12.76
C ASN D 23 -33.38 -11.45 12.01
N ALA D 24 -32.43 -10.81 12.70
CA ALA D 24 -31.22 -10.32 12.03
C ALA D 24 -30.39 -11.49 11.49
N MET D 25 -30.16 -12.50 12.31
CA MET D 25 -29.35 -13.64 11.87
C MET D 25 -30.05 -14.45 10.79
N TRP D 26 -31.38 -14.47 10.78
CA TRP D 26 -32.10 -15.23 9.77
C TRP D 26 -32.07 -14.53 8.41
N GLU D 27 -32.08 -13.21 8.40
CA GLU D 27 -32.13 -12.45 7.16
C GLU D 27 -30.77 -12.19 6.54
N SER D 28 -29.67 -12.47 7.25
CA SER D 28 -28.34 -12.25 6.74
C SER D 28 -27.63 -13.53 6.32
N LYS D 29 -28.37 -14.64 6.18
CA LYS D 29 -27.74 -15.93 5.92
C LYS D 29 -26.98 -15.93 4.60
N PHE D 30 -27.57 -15.35 3.55
CA PHE D 30 -27.02 -15.42 2.20
C PHE D 30 -26.63 -14.04 1.68
N VAL D 31 -25.98 -13.24 2.52
CA VAL D 31 -25.58 -11.89 2.14
C VAL D 31 -24.12 -11.83 1.73
N LYS D 32 -23.24 -12.51 2.46
CA LYS D 32 -21.81 -12.42 2.19
C LYS D 32 -21.45 -13.06 0.84
N GLU D 33 -20.39 -12.54 0.24
CA GLU D 33 -19.86 -13.06 -1.02
C GLU D 33 -18.35 -13.26 -0.88
N GLY D 34 -17.83 -14.27 -1.57
CA GLY D 34 -16.44 -14.62 -1.44
C GLY D 34 -15.77 -14.81 -2.79
N LEU D 35 -14.47 -14.56 -2.81
CA LEU D 35 -13.65 -14.65 -4.01
C LEU D 35 -12.45 -15.55 -3.76
N THR D 36 -12.05 -16.31 -4.76
CA THR D 36 -10.84 -17.11 -4.73
C THR D 36 -9.84 -16.55 -5.74
N PHE D 37 -8.71 -17.27 -5.89
CA PHE D 37 -7.64 -16.77 -6.76
C PHE D 37 -8.09 -16.66 -8.21
N ASP D 38 -8.85 -17.65 -8.69
CA ASP D 38 -9.25 -17.68 -10.09
C ASP D 38 -10.40 -16.75 -10.42
N ASP D 39 -10.88 -15.96 -9.45
CA ASP D 39 -11.93 -14.98 -9.71
C ASP D 39 -11.39 -13.60 -10.04
N VAL D 40 -10.09 -13.35 -9.85
CA VAL D 40 -9.54 -12.00 -9.91
C VAL D 40 -8.22 -12.01 -10.68
N LEU D 41 -7.80 -10.82 -11.08
CA LEU D 41 -6.47 -10.55 -11.61
C LEU D 41 -5.92 -9.30 -10.96
N LEU D 42 -4.60 -9.17 -10.96
CA LEU D 42 -3.94 -7.99 -10.43
C LEU D 42 -3.79 -6.95 -11.54
N VAL D 43 -4.14 -5.71 -11.25
CA VAL D 43 -4.13 -4.64 -12.24
C VAL D 43 -2.72 -4.10 -12.38
N PRO D 44 -2.18 -4.01 -13.59
CA PRO D 44 -0.85 -3.41 -13.76
C PRO D 44 -0.86 -1.93 -13.38
N ALA D 45 0.29 -1.43 -12.95
CA ALA D 45 0.43 -0.05 -12.51
C ALA D 45 1.79 0.48 -12.95
N LYS D 46 1.98 1.78 -12.77
CA LYS D 46 3.25 2.42 -13.11
C LYS D 46 4.38 1.76 -12.32
N SER D 47 5.46 1.41 -13.03
CA SER D 47 6.56 0.66 -12.43
C SER D 47 7.87 1.38 -12.70
N ASP D 48 8.61 1.66 -11.64
CA ASP D 48 9.97 2.18 -11.73
C ASP D 48 11.02 1.11 -11.49
N VAL D 49 10.62 -0.09 -11.09
CA VAL D 49 11.55 -1.14 -10.69
C VAL D 49 11.42 -2.32 -11.65
N LEU D 50 12.55 -3.00 -11.87
CA LEU D 50 12.65 -4.24 -12.61
C LEU D 50 12.44 -5.42 -11.67
N PRO D 51 11.96 -6.56 -12.19
CA PRO D 51 11.72 -7.72 -11.32
C PRO D 51 12.97 -8.18 -10.56
N ARG D 52 14.16 -8.03 -11.15
CA ARG D 52 15.37 -8.51 -10.49
C ARG D 52 15.86 -7.57 -9.39
N GLU D 53 15.34 -6.35 -9.29
CA GLU D 53 15.76 -5.42 -8.26
C GLU D 53 14.69 -5.17 -7.21
N VAL D 54 13.59 -5.92 -7.23
CA VAL D 54 12.59 -5.79 -6.18
C VAL D 54 13.03 -6.58 -4.96
N SER D 55 12.46 -6.24 -3.81
CA SER D 55 12.77 -6.89 -2.53
C SER D 55 11.62 -7.80 -2.15
N VAL D 56 11.91 -9.09 -1.98
CA VAL D 56 10.93 -10.07 -1.57
C VAL D 56 11.07 -10.42 -0.08
N LYS D 57 11.85 -9.65 0.67
CA LYS D 57 11.99 -9.88 2.10
C LYS D 57 10.67 -9.63 2.82
N THR D 58 10.55 -10.24 3.99
CA THR D 58 9.35 -10.06 4.81
C THR D 58 9.72 -10.33 6.27
N VAL D 59 9.01 -9.65 7.17
CA VAL D 59 9.27 -9.70 8.60
C VAL D 59 8.01 -10.16 9.30
N LEU D 60 8.05 -11.33 9.92
CA LEU D 60 6.93 -11.80 10.72
C LEU D 60 7.01 -11.33 12.17
N SER D 61 8.22 -11.28 12.72
CA SER D 61 8.45 -10.72 14.04
C SER D 61 9.90 -10.29 14.12
N GLU D 62 10.30 -9.76 15.28
CA GLU D 62 11.67 -9.29 15.45
C GLU D 62 12.66 -10.44 15.32
N SER D 63 12.30 -11.63 15.80
CA SER D 63 13.18 -12.79 15.79
C SER D 63 12.84 -13.77 14.67
N LEU D 64 12.04 -13.38 13.70
CA LEU D 64 11.65 -14.29 12.62
C LEU D 64 11.51 -13.46 11.34
N GLN D 65 12.62 -13.30 10.62
CA GLN D 65 12.65 -12.59 9.34
C GLN D 65 13.05 -13.56 8.24
N LEU D 66 12.37 -13.46 7.11
CA LEU D 66 12.61 -14.35 5.97
C LEU D 66 13.08 -13.56 4.76
N ASN D 67 13.94 -14.18 3.96
CA ASN D 67 14.39 -13.56 2.73
C ASN D 67 13.40 -13.76 1.59
N ILE D 68 12.62 -14.83 1.63
CA ILE D 68 11.55 -15.07 0.66
C ILE D 68 10.28 -15.42 1.44
N PRO D 69 9.10 -15.04 0.95
CA PRO D 69 7.86 -15.27 1.71
C PRO D 69 7.25 -16.64 1.44
N LEU D 70 7.98 -17.70 1.78
CA LEU D 70 7.53 -19.07 1.57
C LEU D 70 7.73 -19.87 2.83
N ILE D 71 6.69 -20.60 3.23
CA ILE D 71 6.75 -21.55 4.34
C ILE D 71 6.22 -22.89 3.84
N SER D 72 6.97 -23.96 4.11
CA SER D 72 6.52 -25.29 3.74
C SER D 72 5.57 -25.83 4.80
N ALA D 73 4.51 -26.51 4.35
CA ALA D 73 3.45 -26.93 5.26
C ALA D 73 3.93 -27.97 6.25
N GLY D 74 3.34 -27.94 7.44
CA GLY D 74 3.66 -28.90 8.48
C GLY D 74 2.89 -30.20 8.32
N MET D 75 3.21 -30.95 7.27
CA MET D 75 2.55 -32.20 6.96
C MET D 75 3.58 -33.33 6.87
N ASP D 76 3.14 -34.55 7.13
CA ASP D 76 4.07 -35.67 7.21
C ASP D 76 4.65 -36.06 5.85
N THR D 77 4.03 -35.60 4.75
CA THR D 77 4.55 -35.84 3.42
C THR D 77 5.11 -34.59 2.78
N VAL D 78 5.43 -33.57 3.57
CA VAL D 78 5.90 -32.30 3.05
C VAL D 78 7.22 -31.89 3.69
N THR D 79 7.24 -31.77 5.01
CA THR D 79 8.35 -31.12 5.70
C THR D 79 8.85 -31.99 6.86
N GLU D 80 10.11 -32.42 6.76
CA GLU D 80 10.84 -32.93 7.91
C GLU D 80 12.17 -32.18 8.01
N ALA D 81 13.20 -32.84 8.54
CA ALA D 81 14.47 -32.15 8.79
C ALA D 81 15.10 -31.67 7.49
N ASP D 82 15.21 -32.56 6.50
CA ASP D 82 15.84 -32.19 5.23
C ASP D 82 15.09 -31.06 4.54
N MET D 83 13.75 -31.09 4.60
CA MET D 83 12.97 -30.04 3.97
C MET D 83 13.15 -28.71 4.69
N ALA D 84 13.17 -28.72 6.02
CA ALA D 84 13.34 -27.49 6.78
C ALA D 84 14.72 -26.88 6.53
N ILE D 85 15.75 -27.72 6.42
CA ILE D 85 17.09 -27.21 6.15
C ILE D 85 17.16 -26.58 4.77
N ALA D 86 16.56 -27.23 3.77
CA ALA D 86 16.58 -26.68 2.42
C ALA D 86 15.76 -25.41 2.32
N MET D 87 14.61 -25.36 3.00
CA MET D 87 13.78 -24.15 2.98
C MET D 87 14.51 -22.96 3.61
N ALA D 88 15.20 -23.19 4.72
CA ALA D 88 15.89 -22.10 5.40
C ALA D 88 17.08 -21.60 4.58
N ARG D 89 17.81 -22.52 3.94
CA ARG D 89 18.93 -22.11 3.10
C ARG D 89 18.48 -21.40 1.83
N GLN D 90 17.21 -21.55 1.45
CA GLN D 90 16.63 -20.78 0.35
C GLN D 90 16.07 -19.44 0.81
N GLY D 91 16.09 -19.16 2.11
CA GLY D 91 15.53 -17.95 2.64
C GLY D 91 14.13 -18.08 3.20
N GLY D 92 13.57 -19.28 3.25
CA GLY D 92 12.23 -19.47 3.75
C GLY D 92 12.19 -20.15 5.10
N LEU D 93 11.10 -20.85 5.39
CA LEU D 93 10.90 -21.49 6.68
C LEU D 93 10.19 -22.83 6.49
N GLY D 94 10.54 -23.79 7.34
CA GLY D 94 9.90 -25.09 7.33
C GLY D 94 9.26 -25.38 8.68
N ILE D 95 8.14 -26.09 8.64
CA ILE D 95 7.39 -26.46 9.83
C ILE D 95 7.45 -27.97 9.97
N ILE D 96 8.17 -28.46 10.99
CA ILE D 96 8.23 -29.89 11.24
C ILE D 96 6.86 -30.37 11.71
N HIS D 97 6.35 -31.40 11.03
CA HIS D 97 5.02 -31.91 11.38
C HIS D 97 5.05 -32.63 12.72
N LYS D 98 3.87 -32.81 13.30
CA LYS D 98 3.74 -33.35 14.65
C LYS D 98 3.32 -34.82 14.67
N ASN D 99 3.30 -35.48 13.51
CA ASN D 99 2.98 -36.90 13.45
C ASN D 99 4.21 -37.75 13.80
N MET D 100 4.71 -37.51 15.00
CA MET D 100 5.88 -38.21 15.52
C MET D 100 5.92 -38.00 17.02
N SER D 101 6.81 -38.73 17.69
CA SER D 101 6.94 -38.58 19.13
C SER D 101 7.54 -37.22 19.47
N ILE D 102 7.37 -36.84 20.75
CA ILE D 102 7.91 -35.56 21.21
C ILE D 102 9.42 -35.53 21.07
N GLU D 103 10.08 -36.64 21.42
CA GLU D 103 11.53 -36.70 21.33
C GLU D 103 12.00 -36.65 19.87
N GLN D 104 11.25 -37.26 18.96
N GLN D 104 11.24 -37.26 18.96
CA GLN D 104 11.63 -37.26 17.55
CA GLN D 104 11.64 -37.25 17.56
C GLN D 104 11.52 -35.86 16.96
C GLN D 104 11.52 -35.86 16.95
N GLN D 105 10.46 -35.12 17.29
CA GLN D 105 10.28 -33.78 16.76
C GLN D 105 11.31 -32.83 17.32
N ALA D 106 11.63 -32.95 18.62
CA ALA D 106 12.67 -32.12 19.20
C ALA D 106 14.03 -32.42 18.59
N GLU D 107 14.27 -33.69 18.22
CA GLU D 107 15.55 -34.05 17.60
C GLU D 107 15.65 -33.49 16.19
N GLN D 108 14.55 -33.50 15.44
CA GLN D 108 14.57 -32.94 14.09
C GLN D 108 14.75 -31.44 14.13
N VAL D 109 14.15 -30.76 15.11
CA VAL D 109 14.38 -29.33 15.28
C VAL D 109 15.84 -29.07 15.60
N ASP D 110 16.42 -29.87 16.48
CA ASP D 110 17.83 -29.69 16.86
C ASP D 110 18.77 -29.93 15.68
N LYS D 111 18.41 -30.83 14.78
CA LYS D 111 19.24 -31.07 13.61
C LYS D 111 19.28 -29.85 12.69
N VAL D 112 18.15 -29.16 12.55
CA VAL D 112 18.10 -28.00 11.67
C VAL D 112 18.88 -26.84 12.28
N LYS D 113 18.78 -26.65 13.60
CA LYS D 113 19.52 -25.57 14.25
C LYS D 113 21.01 -25.81 14.18
N ARG D 114 21.44 -27.07 14.30
CA ARG D 114 22.85 -27.42 14.22
C ARG D 114 23.43 -27.27 12.82
N SER D 115 22.60 -27.13 11.80
CA SER D 115 23.06 -27.02 10.43
C SER D 115 23.40 -25.58 10.03
N GLY D 116 23.74 -24.73 11.00
CA GLY D 116 24.14 -23.37 10.70
C GLY D 116 23.20 -22.32 11.25
N GLY D 117 22.56 -22.61 12.38
CA GLY D 117 21.65 -21.64 12.99
C GLY D 117 20.46 -21.29 12.13
N LEU D 118 19.96 -22.25 11.35
CA LEU D 118 18.85 -22.00 10.45
C LEU D 118 17.55 -21.83 11.23
N LEU D 119 16.64 -21.05 10.68
CA LEU D 119 15.31 -20.91 11.26
C LEU D 119 14.49 -22.18 11.02
N VAL D 120 13.71 -22.58 12.02
CA VAL D 120 12.89 -23.77 11.92
C VAL D 120 11.66 -23.59 12.80
N GLY D 121 10.55 -24.18 12.34
CA GLY D 121 9.31 -24.18 13.09
C GLY D 121 8.85 -25.60 13.37
N ALA D 122 7.84 -25.71 14.24
CA ALA D 122 7.31 -27.01 14.62
C ALA D 122 5.83 -26.87 14.95
N ALA D 123 5.05 -27.86 14.54
CA ALA D 123 3.60 -27.85 14.74
C ALA D 123 3.23 -28.55 16.04
N VAL D 124 2.24 -27.99 16.74
CA VAL D 124 1.74 -28.54 17.99
C VAL D 124 0.21 -28.53 17.94
N GLY D 125 -0.40 -29.63 18.38
CA GLY D 125 -1.84 -29.72 18.47
C GLY D 125 -2.37 -29.18 19.78
N VAL D 126 -3.70 -29.15 19.88
CA VAL D 126 -4.37 -28.69 21.09
C VAL D 126 -4.85 -29.91 21.88
N THR D 127 -3.94 -30.51 22.65
CA THR D 127 -4.26 -31.69 23.44
C THR D 127 -3.75 -31.46 24.87
N ALA D 128 -3.68 -32.54 25.64
CA ALA D 128 -3.16 -32.46 27.00
C ALA D 128 -1.64 -32.46 27.03
N ASP D 129 -1.00 -33.17 26.09
CA ASP D 129 0.46 -33.20 26.00
C ASP D 129 1.02 -32.03 25.19
N ALA D 130 0.20 -31.03 24.90
CA ALA D 130 0.66 -29.90 24.09
C ALA D 130 1.80 -29.16 24.78
N MET D 131 1.61 -28.84 26.06
CA MET D 131 2.65 -28.10 26.78
C MET D 131 3.92 -28.93 26.96
N THR D 132 3.78 -30.24 27.13
CA THR D 132 4.95 -31.11 27.21
C THR D 132 5.74 -31.09 25.90
N ARG D 133 5.03 -31.15 24.77
CA ARG D 133 5.70 -31.08 23.48
C ARG D 133 6.34 -29.71 23.26
N ILE D 134 5.66 -28.65 23.68
CA ILE D 134 6.20 -27.30 23.54
C ILE D 134 7.43 -27.13 24.42
N ASP D 135 7.41 -27.71 25.62
CA ASP D 135 8.57 -27.64 26.50
C ASP D 135 9.81 -28.24 25.84
N ALA D 136 9.65 -29.39 25.18
CA ALA D 136 10.79 -30.01 24.52
C ALA D 136 11.23 -29.23 23.28
N LEU D 137 10.28 -28.62 22.57
CA LEU D 137 10.65 -27.84 21.38
C LEU D 137 11.37 -26.55 21.75
N VAL D 138 11.03 -25.96 22.90
CA VAL D 138 11.74 -24.76 23.34
C VAL D 138 13.17 -25.10 23.75
N LYS D 139 13.35 -26.23 24.41
CA LYS D 139 14.70 -26.66 24.79
C LYS D 139 15.57 -26.93 23.56
N ALA D 140 14.95 -27.33 22.45
CA ALA D 140 15.65 -27.50 21.19
C ALA D 140 15.83 -26.18 20.43
N SER D 141 15.46 -25.06 21.06
CA SER D 141 15.63 -23.73 20.49
C SER D 141 14.83 -23.57 19.20
N VAL D 142 13.56 -23.98 19.24
CA VAL D 142 12.68 -23.78 18.09
C VAL D 142 12.39 -22.29 17.96
N ASP D 143 12.25 -21.83 16.71
CA ASP D 143 12.04 -20.42 16.44
C ASP D 143 10.58 -20.02 16.46
N ALA D 144 9.67 -20.96 16.18
CA ALA D 144 8.24 -20.65 16.16
C ALA D 144 7.45 -21.92 16.39
N ILE D 145 6.43 -21.82 17.24
CA ILE D 145 5.48 -22.90 17.46
C ILE D 145 4.24 -22.62 16.62
N VAL D 146 3.75 -23.64 15.93
CA VAL D 146 2.55 -23.52 15.11
C VAL D 146 1.46 -24.34 15.80
N LEU D 147 0.61 -23.67 16.58
CA LEU D 147 -0.57 -24.30 17.16
C LEU D 147 -1.61 -24.47 16.06
N ASP D 148 -1.65 -25.66 15.46
CA ASP D 148 -2.48 -25.93 14.30
C ASP D 148 -3.68 -26.77 14.71
N THR D 149 -4.86 -26.36 14.27
CA THR D 149 -6.09 -27.08 14.54
C THR D 149 -7.06 -26.83 13.38
N ALA D 150 -8.05 -27.71 13.26
CA ALA D 150 -9.03 -27.56 12.19
C ALA D 150 -9.85 -26.29 12.36
N HIS D 151 -10.30 -26.01 13.58
CA HIS D 151 -11.16 -24.87 13.87
C HIS D 151 -10.43 -23.97 14.87
N GLY D 152 -9.73 -22.96 14.34
CA GLY D 152 -8.97 -22.06 15.19
C GLY D 152 -9.82 -21.19 16.09
N HIS D 153 -11.08 -20.98 15.73
CA HIS D 153 -11.99 -20.14 16.53
C HIS D 153 -12.68 -20.93 17.63
N SER D 154 -11.97 -21.85 18.28
CA SER D 154 -12.50 -22.64 19.37
C SER D 154 -12.04 -22.07 20.70
N GLN D 155 -12.83 -22.32 21.75
CA GLN D 155 -12.46 -21.84 23.08
C GLN D 155 -11.21 -22.55 23.59
N GLY D 156 -11.06 -23.83 23.28
CA GLY D 156 -9.87 -24.56 23.69
C GLY D 156 -8.61 -24.04 23.03
N VAL D 157 -8.71 -23.59 21.77
CA VAL D 157 -7.55 -23.03 21.08
C VAL D 157 -7.15 -21.71 21.73
N ILE D 158 -8.13 -20.86 22.06
CA ILE D 158 -7.84 -19.57 22.68
C ILE D 158 -7.16 -19.78 24.03
N ASP D 159 -7.70 -20.69 24.84
CA ASP D 159 -7.14 -20.94 26.17
C ASP D 159 -5.72 -21.48 26.08
N LYS D 160 -5.42 -22.28 25.06
CA LYS D 160 -4.07 -22.82 24.92
C LYS D 160 -3.07 -21.73 24.58
N VAL D 161 -3.46 -20.81 23.68
CA VAL D 161 -2.58 -19.70 23.34
C VAL D 161 -2.28 -18.85 24.57
N LYS D 162 -3.31 -18.60 25.39
CA LYS D 162 -3.10 -17.85 26.63
C LYS D 162 -2.22 -18.63 27.60
N GLU D 163 -2.35 -19.96 27.62
CA GLU D 163 -1.53 -20.78 28.49
C GLU D 163 -0.08 -20.80 28.05
N VAL D 164 0.17 -20.75 26.74
CA VAL D 164 1.55 -20.76 26.24
C VAL D 164 2.17 -19.37 26.33
N ARG D 165 1.40 -18.33 26.01
CA ARG D 165 1.93 -16.96 26.08
C ARG D 165 2.32 -16.60 27.51
N ALA D 166 1.55 -17.08 28.49
CA ALA D 166 1.88 -16.79 29.88
C ALA D 166 3.14 -17.52 30.34
N LYS D 167 3.45 -18.65 29.72
CA LYS D 167 4.63 -19.41 30.11
C LYS D 167 5.88 -18.99 29.34
N TYR D 168 5.73 -18.66 28.05
CA TYR D 168 6.84 -18.23 27.21
C TYR D 168 6.47 -16.90 26.57
N PRO D 169 6.78 -15.78 27.24
CA PRO D 169 6.36 -14.48 26.71
C PRO D 169 7.11 -14.03 25.46
N SER D 170 8.24 -14.64 25.14
CA SER D 170 9.03 -14.25 23.97
C SER D 170 9.01 -15.31 22.88
N LEU D 171 8.11 -16.29 22.96
CA LEU D 171 8.03 -17.36 21.96
C LEU D 171 7.14 -16.94 20.81
N ASN D 172 7.61 -17.15 19.59
CA ASN D 172 6.79 -16.91 18.41
C ASN D 172 5.67 -17.94 18.33
N ILE D 173 4.43 -17.49 18.46
CA ILE D 173 3.26 -18.37 18.44
C ILE D 173 2.49 -18.10 17.15
N ILE D 174 2.39 -19.12 16.30
CA ILE D 174 1.60 -19.07 15.08
C ILE D 174 0.34 -19.88 15.31
N ALA D 175 -0.82 -19.22 15.24
CA ALA D 175 -2.10 -19.86 15.52
C ALA D 175 -2.95 -19.93 14.27
N GLY D 176 -3.74 -20.99 14.17
CA GLY D 176 -4.63 -21.20 13.04
C GLY D 176 -5.33 -22.53 13.18
N ASN D 177 -6.22 -22.80 12.22
CA ASN D 177 -6.51 -21.88 11.13
C ASN D 177 -7.83 -21.18 11.32
N VAL D 178 -7.94 -19.96 10.78
CA VAL D 178 -9.14 -19.15 10.87
C VAL D 178 -9.48 -18.62 9.49
N ALA D 179 -10.65 -18.00 9.38
CA ALA D 179 -11.08 -17.44 8.11
C ALA D 179 -11.98 -16.22 8.25
N THR D 180 -12.27 -15.75 9.45
CA THR D 180 -13.10 -14.58 9.67
C THR D 180 -12.33 -13.53 10.47
N ALA D 181 -12.90 -12.33 10.52
CA ALA D 181 -12.24 -11.24 11.23
C ALA D 181 -12.35 -11.42 12.74
N GLU D 182 -13.48 -11.94 13.22
CA GLU D 182 -13.65 -12.15 14.65
C GLU D 182 -12.65 -13.15 15.18
N ALA D 183 -12.46 -14.27 14.47
CA ALA D 183 -11.50 -15.28 14.89
C ALA D 183 -10.08 -14.71 14.93
N THR D 184 -9.74 -13.86 13.96
CA THR D 184 -8.42 -13.24 13.95
C THR D 184 -8.22 -12.35 15.16
N LYS D 185 -9.23 -11.54 15.50
CA LYS D 185 -9.13 -10.68 16.68
C LYS D 185 -9.02 -11.51 17.95
N ALA D 186 -9.73 -12.65 18.01
CA ALA D 186 -9.73 -13.46 19.22
C ALA D 186 -8.35 -14.08 19.47
N LEU D 187 -7.70 -14.60 18.42
CA LEU D 187 -6.39 -15.19 18.60
C LEU D 187 -5.31 -14.14 18.87
N ILE D 188 -5.45 -12.95 18.28
CA ILE D 188 -4.50 -11.88 18.55
C ILE D 188 -4.58 -11.45 20.01
N GLU D 189 -5.81 -11.25 20.50
CA GLU D 189 -6.00 -10.90 21.90
C GLU D 189 -5.63 -12.03 22.85
N ALA D 190 -5.47 -13.26 22.35
CA ALA D 190 -5.05 -14.36 23.20
C ALA D 190 -3.53 -14.44 23.37
N GLY D 191 -2.77 -13.87 22.44
CA GLY D 191 -1.33 -13.84 22.56
C GLY D 191 -0.58 -14.26 21.31
N ALA D 192 -1.32 -14.64 20.27
CA ALA D 192 -0.68 -15.06 19.02
C ALA D 192 -0.14 -13.84 18.27
N ASN D 193 1.12 -13.92 17.87
CA ASN D 193 1.73 -12.85 17.08
C ASN D 193 1.72 -13.13 15.59
N VAL D 194 1.30 -14.33 15.16
CA VAL D 194 1.10 -14.66 13.75
C VAL D 194 -0.17 -15.50 13.65
N VAL D 195 -0.96 -15.25 12.60
CA VAL D 195 -2.25 -15.91 12.40
C VAL D 195 -2.23 -16.63 11.06
N LYS D 196 -2.59 -17.91 11.06
CA LYS D 196 -2.69 -18.70 9.85
C LYS D 196 -4.13 -18.69 9.34
N VAL D 197 -4.31 -18.39 8.06
CA VAL D 197 -5.63 -18.26 7.44
C VAL D 197 -5.80 -19.38 6.42
N GLY D 198 -6.96 -20.04 6.47
CA GLY D 198 -7.26 -21.09 5.52
C GLY D 198 -8.14 -22.18 6.06
N ILE D 199 -9.41 -22.19 5.66
CA ILE D 199 -10.37 -23.22 6.04
C ILE D 199 -10.95 -23.76 4.74
N GLY D 200 -10.42 -24.88 4.24
CA GLY D 200 -10.96 -25.50 3.07
C GLY D 200 -10.12 -25.57 1.79
N PRO D 201 -9.30 -24.55 1.48
CA PRO D 201 -8.77 -24.44 0.12
C PRO D 201 -7.67 -25.43 -0.22
N GLY D 202 -7.23 -26.26 0.73
CA GLY D 202 -6.11 -27.15 0.47
C GLY D 202 -6.40 -28.09 -0.68
N SER D 203 -5.36 -28.37 -1.48
CA SER D 203 -5.53 -29.22 -2.65
C SER D 203 -5.96 -30.63 -2.26
N ILE D 204 -5.62 -31.07 -1.06
CA ILE D 204 -5.98 -32.40 -0.57
C ILE D 204 -7.09 -32.33 0.47
N CYS D 205 -7.78 -31.19 0.56
CA CYS D 205 -8.74 -30.94 1.62
C CYS D 205 -10.17 -31.18 1.13
N THR D 206 -10.99 -31.77 2.00
CA THR D 206 -12.41 -32.00 1.70
C THR D 206 -13.31 -31.40 2.76
N THR D 207 -12.78 -30.51 3.61
CA THR D 207 -13.57 -29.93 4.69
C THR D 207 -14.83 -29.26 4.16
N ARG D 208 -14.71 -28.51 3.08
CA ARG D 208 -15.89 -27.85 2.50
C ARG D 208 -16.86 -28.85 1.88
N VAL D 209 -16.40 -30.07 1.59
CA VAL D 209 -17.26 -31.06 0.96
C VAL D 209 -17.92 -31.96 2.01
N VAL D 210 -17.18 -32.40 3.02
CA VAL D 210 -17.74 -33.30 4.01
C VAL D 210 -18.43 -32.56 5.15
N ALA D 211 -18.04 -31.31 5.42
CA ALA D 211 -18.65 -30.52 6.48
C ALA D 211 -19.42 -29.32 5.96
N GLY D 212 -19.21 -28.92 4.70
CA GLY D 212 -19.90 -27.77 4.14
C GLY D 212 -19.42 -26.44 4.65
N VAL D 213 -18.30 -26.39 5.34
CA VAL D 213 -17.82 -25.17 6.00
C VAL D 213 -16.56 -24.69 5.30
N GLY D 214 -16.48 -23.38 5.06
CA GLY D 214 -15.30 -22.79 4.47
C GLY D 214 -15.55 -21.35 4.10
N VAL D 215 -14.46 -20.68 3.74
CA VAL D 215 -14.50 -19.32 3.21
C VAL D 215 -13.54 -19.25 2.03
N PRO D 216 -13.96 -18.72 0.88
CA PRO D 216 -13.04 -18.58 -0.25
C PRO D 216 -11.74 -17.90 0.17
N GLN D 217 -10.61 -18.49 -0.23
CA GLN D 217 -9.34 -18.21 0.41
C GLN D 217 -8.91 -16.74 0.24
N LEU D 218 -9.12 -16.17 -0.94
CA LEU D 218 -8.72 -14.79 -1.15
C LEU D 218 -9.56 -13.83 -0.32
N THR D 219 -10.86 -14.10 -0.20
CA THR D 219 -11.70 -13.33 0.71
C THR D 219 -11.30 -13.56 2.16
N ALA D 220 -10.97 -14.80 2.50
CA ALA D 220 -10.55 -15.12 3.88
C ALA D 220 -9.28 -14.37 4.24
N VAL D 221 -8.28 -14.38 3.35
CA VAL D 221 -7.03 -13.67 3.62
C VAL D 221 -7.29 -12.17 3.74
N TYR D 222 -8.11 -11.61 2.84
CA TYR D 222 -8.38 -10.19 2.86
C TYR D 222 -9.11 -9.78 4.15
N ASP D 223 -10.08 -10.59 4.58
CA ASP D 223 -10.83 -10.24 5.78
C ASP D 223 -9.98 -10.38 7.03
N CYS D 224 -9.16 -11.43 7.10
CA CYS D 224 -8.33 -11.63 8.29
C CYS D 224 -7.21 -10.60 8.37
N ALA D 225 -6.64 -10.23 7.22
CA ALA D 225 -5.61 -9.20 7.22
C ALA D 225 -6.19 -7.83 7.56
N THR D 226 -7.45 -7.58 7.18
CA THR D 226 -8.08 -6.31 7.52
C THR D 226 -8.17 -6.12 9.03
N GLU D 227 -8.49 -7.19 9.76
CA GLU D 227 -8.51 -7.11 11.22
C GLU D 227 -7.11 -7.12 11.79
N ALA D 228 -6.22 -7.94 11.23
CA ALA D 228 -4.88 -8.09 11.78
C ALA D 228 -4.03 -6.85 11.55
N ARG D 229 -4.27 -6.13 10.46
CA ARG D 229 -3.47 -4.93 10.17
C ARG D 229 -3.71 -3.82 11.19
N LYS D 230 -4.84 -3.84 11.89
CA LYS D 230 -5.09 -2.85 12.93
C LYS D 230 -4.13 -3.05 14.10
N HIS D 231 -3.80 -4.31 14.42
CA HIS D 231 -2.96 -4.63 15.56
C HIS D 231 -1.51 -4.90 15.17
N GLY D 232 -1.16 -4.76 13.89
CA GLY D 232 0.20 -4.99 13.46
C GLY D 232 0.63 -6.44 13.50
N ILE D 233 -0.30 -7.35 13.19
CA ILE D 233 -0.04 -8.79 13.23
C ILE D 233 -0.05 -9.31 11.79
N PRO D 234 0.96 -10.05 11.37
CA PRO D 234 0.95 -10.63 10.02
C PRO D 234 0.09 -11.88 9.95
N VAL D 235 -0.40 -12.16 8.74
CA VAL D 235 -1.20 -13.35 8.49
C VAL D 235 -0.47 -14.24 7.48
N ILE D 236 -0.78 -15.53 7.53
CA ILE D 236 -0.21 -16.51 6.63
C ILE D 236 -1.33 -17.03 5.74
N ALA D 237 -1.14 -16.94 4.43
CA ALA D 237 -2.07 -17.50 3.45
C ALA D 237 -1.70 -18.96 3.24
N ASP D 238 -2.49 -19.87 3.79
CA ASP D 238 -2.19 -21.29 3.81
C ASP D 238 -3.22 -22.06 2.97
N GLY D 239 -2.78 -22.64 1.88
CA GLY D 239 -3.61 -23.52 1.09
C GLY D 239 -4.20 -22.86 -0.13
N GLY D 240 -4.48 -23.67 -1.15
CA GLY D 240 -5.16 -23.21 -2.34
C GLY D 240 -4.27 -22.70 -3.45
N ILE D 241 -2.98 -22.57 -3.22
CA ILE D 241 -2.06 -22.00 -4.20
C ILE D 241 -1.62 -23.09 -5.16
N LYS D 242 -1.96 -22.94 -6.43
CA LYS D 242 -1.66 -23.91 -7.48
C LYS D 242 -0.59 -23.43 -8.45
N TYR D 243 -0.49 -22.13 -8.67
CA TYR D 243 0.54 -21.54 -9.52
C TYR D 243 1.22 -20.41 -8.77
N SER D 244 2.34 -19.95 -9.31
CA SER D 244 3.07 -18.85 -8.67
C SER D 244 2.26 -17.56 -8.68
N GLY D 245 1.30 -17.42 -9.60
CA GLY D 245 0.47 -16.23 -9.61
C GLY D 245 -0.51 -16.17 -8.46
N ASP D 246 -0.96 -17.32 -7.95
CA ASP D 246 -1.83 -17.34 -6.79
C ASP D 246 -1.12 -16.79 -5.56
N MET D 247 0.19 -17.05 -5.45
CA MET D 247 0.96 -16.50 -4.33
C MET D 247 1.02 -14.98 -4.40
N VAL D 248 1.17 -14.42 -5.59
CA VAL D 248 1.19 -12.97 -5.75
C VAL D 248 -0.14 -12.38 -5.31
N LYS D 249 -1.25 -13.02 -5.68
CA LYS D 249 -2.56 -12.54 -5.29
C LYS D 249 -2.76 -12.64 -3.78
N ALA D 250 -2.23 -13.70 -3.17
CA ALA D 250 -2.37 -13.86 -1.72
C ALA D 250 -1.61 -12.78 -0.96
N LEU D 251 -0.38 -12.49 -1.39
CA LEU D 251 0.39 -11.43 -0.75
C LEU D 251 -0.24 -10.06 -1.02
N ALA D 252 -0.76 -9.86 -2.24
CA ALA D 252 -1.39 -8.58 -2.56
C ALA D 252 -2.69 -8.40 -1.78
N ALA D 253 -3.33 -9.48 -1.35
CA ALA D 253 -4.57 -9.41 -0.60
C ALA D 253 -4.35 -9.16 0.89
N GLY D 254 -3.10 -9.06 1.34
CA GLY D 254 -2.84 -8.71 2.72
C GLY D 254 -1.96 -9.68 3.49
N ALA D 255 -1.60 -10.80 2.86
CA ALA D 255 -0.78 -11.80 3.52
C ALA D 255 0.69 -11.39 3.53
N HIS D 256 1.35 -11.61 4.66
CA HIS D 256 2.79 -11.38 4.76
C HIS D 256 3.60 -12.51 4.15
N VAL D 257 3.03 -13.72 4.12
CA VAL D 257 3.76 -14.91 3.70
C VAL D 257 2.74 -15.99 3.38
N VAL D 258 3.07 -16.86 2.44
CA VAL D 258 2.20 -17.95 2.04
C VAL D 258 2.78 -19.27 2.53
N MET D 259 1.90 -20.24 2.76
CA MET D 259 2.29 -21.60 3.11
C MET D 259 1.85 -22.53 2.00
N LEU D 260 2.77 -23.42 1.59
CA LEU D 260 2.54 -24.30 0.45
C LEU D 260 2.70 -25.75 0.87
N GLY D 261 1.88 -26.62 0.27
CA GLY D 261 1.97 -28.05 0.51
C GLY D 261 2.20 -28.84 -0.76
N SER D 262 1.19 -28.88 -1.64
CA SER D 262 1.30 -29.65 -2.87
C SER D 262 2.44 -29.15 -3.74
N MET D 263 2.72 -27.83 -3.70
CA MET D 263 3.82 -27.28 -4.48
C MET D 263 5.18 -27.80 -4.02
N PHE D 264 5.26 -28.35 -2.81
CA PHE D 264 6.52 -28.81 -2.24
C PHE D 264 6.57 -30.32 -2.03
N ALA D 265 5.48 -31.03 -2.30
CA ALA D 265 5.44 -32.47 -2.01
C ALA D 265 6.34 -33.25 -2.96
N GLY D 266 6.31 -32.91 -4.25
CA GLY D 266 7.14 -33.61 -5.22
C GLY D 266 8.62 -33.26 -5.17
N VAL D 267 9.03 -32.38 -4.25
CA VAL D 267 10.42 -31.97 -4.17
C VAL D 267 11.25 -33.09 -3.54
N ALA D 268 12.50 -33.21 -3.99
CA ALA D 268 13.37 -34.30 -3.54
C ALA D 268 13.60 -34.25 -2.04
N GLU D 269 13.71 -33.05 -1.46
CA GLU D 269 13.93 -32.92 -0.03
C GLU D 269 12.71 -33.29 0.81
N SER D 270 11.57 -33.55 0.18
CA SER D 270 10.38 -33.95 0.92
C SER D 270 10.57 -35.34 1.51
N PRO D 271 9.94 -35.60 2.66
CA PRO D 271 10.03 -36.96 3.25
C PRO D 271 9.29 -37.97 2.39
N GLY D 272 9.85 -39.16 2.31
CA GLY D 272 9.28 -40.22 1.51
C GLY D 272 10.08 -40.46 0.24
N GLU D 273 10.13 -41.72 -0.16
CA GLU D 273 10.85 -42.12 -1.36
C GLU D 273 9.96 -41.98 -2.60
N THR D 274 10.61 -41.95 -3.76
CA THR D 274 9.90 -41.76 -5.02
C THR D 274 9.31 -43.08 -5.49
N GLU D 275 8.03 -43.06 -5.84
CA GLU D 275 7.34 -44.23 -6.36
C GLU D 275 7.25 -44.17 -7.88
N ILE D 276 7.08 -45.33 -8.49
CA ILE D 276 6.97 -45.45 -9.95
C ILE D 276 5.54 -45.83 -10.28
N TYR D 277 4.85 -44.96 -11.01
CA TYR D 277 3.49 -45.21 -11.47
C TYR D 277 3.42 -44.88 -12.95
N GLN D 278 3.08 -45.89 -13.77
CA GLN D 278 3.05 -45.76 -15.22
C GLN D 278 4.42 -45.33 -15.76
N GLY D 279 5.48 -45.83 -15.12
CA GLY D 279 6.84 -45.50 -15.53
C GLY D 279 7.33 -44.18 -14.98
N ARG D 280 6.42 -43.22 -14.79
CA ARG D 280 6.79 -41.91 -14.30
C ARG D 280 7.09 -41.97 -12.79
N GLN D 281 7.76 -40.92 -12.32
CA GLN D 281 8.13 -40.80 -10.91
C GLN D 281 7.11 -39.93 -10.19
N PHE D 282 6.65 -40.39 -9.04
CA PHE D 282 5.69 -39.67 -8.23
C PHE D 282 6.09 -39.74 -6.77
N LYS D 283 5.50 -38.86 -5.96
CA LYS D 283 5.66 -38.89 -4.51
C LYS D 283 4.29 -38.79 -3.85
N VAL D 284 4.13 -39.52 -2.74
CA VAL D 284 2.86 -39.53 -2.04
C VAL D 284 2.60 -38.16 -1.41
N TYR D 285 1.36 -37.67 -1.56
CA TYR D 285 0.93 -36.45 -0.90
C TYR D 285 -0.48 -36.67 -0.38
N ARG D 286 -0.66 -36.50 0.93
CA ARG D 286 -1.94 -36.76 1.59
C ARG D 286 -2.19 -35.69 2.63
N GLY D 287 -3.48 -35.46 2.91
CA GLY D 287 -3.84 -34.55 3.97
C GLY D 287 -3.64 -35.16 5.35
N MET D 288 -3.37 -34.29 6.32
CA MET D 288 -3.21 -34.76 7.70
C MET D 288 -4.53 -35.27 8.27
N GLY D 289 -5.66 -34.88 7.69
CA GLY D 289 -6.95 -35.39 8.05
C GLY D 289 -7.41 -36.59 7.25
N SER D 290 -6.54 -37.15 6.41
CA SER D 290 -6.89 -38.34 5.64
C SER D 290 -6.84 -39.58 6.52
N VAL D 291 -7.34 -40.68 5.98
CA VAL D 291 -7.39 -41.94 6.74
C VAL D 291 -5.98 -42.44 7.01
N GLY D 292 -5.12 -42.45 5.98
CA GLY D 292 -3.78 -42.97 6.16
C GLY D 292 -2.95 -42.16 7.14
N ALA D 293 -3.12 -40.84 7.13
CA ALA D 293 -2.33 -39.99 8.03
C ALA D 293 -2.76 -40.14 9.48
N MET D 294 -4.07 -40.30 9.71
CA MET D 294 -4.57 -40.44 11.07
C MET D 294 -4.27 -41.82 11.66
N GLU D 295 -4.23 -42.86 10.82
CA GLU D 295 -3.85 -44.17 11.32
C GLU D 295 -2.40 -44.20 11.78
N LYS D 296 -1.55 -43.38 11.14
CA LYS D 296 -0.16 -43.28 11.59
C LYS D 296 -0.08 -42.53 12.92
N GLY D 297 -0.78 -41.40 13.02
CA GLY D 297 -0.78 -40.62 14.25
C GLY D 297 -1.71 -39.42 14.18
N LYS D 309 -15.35 -45.89 13.41
CA LYS D 309 -14.35 -45.54 12.41
C LYS D 309 -14.04 -44.05 12.43
N LEU D 310 -13.33 -43.58 11.41
CA LEU D 310 -12.89 -42.20 11.32
C LEU D 310 -13.66 -41.47 10.23
N VAL D 311 -13.89 -40.18 10.44
CA VAL D 311 -14.55 -39.33 9.45
C VAL D 311 -13.52 -38.36 8.90
N PRO D 312 -12.86 -38.69 7.78
CA PRO D 312 -11.74 -37.86 7.32
C PRO D 312 -12.19 -36.56 6.68
N GLU D 313 -11.29 -35.57 6.74
CA GLU D 313 -11.48 -34.29 6.08
C GLU D 313 -10.39 -34.04 5.04
N GLY D 314 -9.75 -35.10 4.54
CA GLY D 314 -8.75 -35.00 3.50
C GLY D 314 -8.67 -36.30 2.74
N ILE D 315 -7.93 -36.26 1.64
CA ILE D 315 -7.75 -37.43 0.79
C ILE D 315 -6.25 -37.72 0.64
N GLU D 316 -5.95 -38.86 0.03
CA GLU D 316 -4.59 -39.30 -0.20
C GLU D 316 -4.35 -39.38 -1.71
N GLY D 317 -3.21 -38.87 -2.15
CA GLY D 317 -2.90 -38.87 -3.57
C GLY D 317 -1.42 -38.89 -3.88
N ARG D 318 -1.06 -38.52 -5.11
CA ARG D 318 0.32 -38.49 -5.53
C ARG D 318 0.56 -37.27 -6.41
N VAL D 319 1.78 -36.76 -6.38
CA VAL D 319 2.18 -35.61 -7.20
C VAL D 319 3.44 -35.98 -7.96
N PRO D 320 3.69 -35.39 -9.13
CA PRO D 320 4.89 -35.74 -9.90
C PRO D 320 6.16 -35.29 -9.18
N TYR D 321 7.21 -36.08 -9.35
CA TYR D 321 8.51 -35.74 -8.78
C TYR D 321 9.08 -34.53 -9.51
N LYS D 322 9.43 -33.50 -8.75
CA LYS D 322 9.89 -32.24 -9.31
C LYS D 322 11.39 -32.01 -9.18
N GLY D 323 12.09 -32.82 -8.40
CA GLY D 323 13.52 -32.68 -8.25
C GLY D 323 13.88 -31.83 -7.04
N PRO D 324 15.03 -31.15 -7.12
CA PRO D 324 15.49 -30.36 -5.97
C PRO D 324 14.61 -29.16 -5.71
N LEU D 325 14.57 -28.75 -4.44
CA LEU D 325 13.73 -27.62 -4.04
C LEU D 325 14.15 -26.33 -4.71
N ALA D 326 15.45 -26.17 -4.99
CA ALA D 326 15.97 -24.91 -5.51
C ALA D 326 15.32 -24.53 -6.84
N ASP D 327 15.02 -25.52 -7.69
CA ASP D 327 14.40 -25.23 -8.98
C ASP D 327 12.97 -24.75 -8.82
N THR D 328 12.23 -25.36 -7.89
CA THR D 328 10.85 -24.93 -7.65
C THR D 328 10.81 -23.55 -7.02
N VAL D 329 11.69 -23.28 -6.05
CA VAL D 329 11.70 -21.99 -5.38
C VAL D 329 12.06 -20.88 -6.36
N HIS D 330 12.97 -21.16 -7.30
CA HIS D 330 13.35 -20.18 -8.30
C HIS D 330 12.16 -19.75 -9.14
N GLN D 331 11.33 -20.71 -9.56
CA GLN D 331 10.16 -20.37 -10.37
C GLN D 331 9.14 -19.58 -9.56
N LEU D 332 8.94 -19.95 -8.29
CA LEU D 332 7.97 -19.25 -7.46
C LEU D 332 8.39 -17.80 -7.22
N VAL D 333 9.65 -17.60 -6.83
CA VAL D 333 10.12 -16.24 -6.58
C VAL D 333 10.20 -15.45 -7.88
N GLY D 334 10.51 -16.11 -8.99
CA GLY D 334 10.57 -15.41 -10.26
C GLY D 334 9.21 -14.88 -10.70
N GLY D 335 8.15 -15.67 -10.47
CA GLY D 335 6.81 -15.18 -10.75
C GLY D 335 6.40 -14.06 -9.83
N LEU D 336 6.80 -14.15 -8.55
CA LEU D 336 6.52 -13.07 -7.62
C LEU D 336 7.25 -11.80 -8.01
N ARG D 337 8.51 -11.91 -8.42
CA ARG D 337 9.27 -10.74 -8.83
C ARG D 337 8.67 -10.13 -10.09
N ALA D 338 8.22 -10.97 -11.04
CA ALA D 338 7.54 -10.45 -12.22
C ALA D 338 6.23 -9.78 -11.83
N GLY D 339 5.49 -10.39 -10.90
CA GLY D 339 4.23 -9.81 -10.48
C GLY D 339 4.41 -8.47 -9.78
N MET D 340 5.38 -8.38 -8.88
CA MET D 340 5.65 -7.11 -8.22
C MET D 340 6.11 -6.05 -9.21
N GLY D 341 6.84 -6.47 -10.25
CA GLY D 341 7.24 -5.52 -11.28
C GLY D 341 6.05 -4.97 -12.05
N TYR D 342 5.09 -5.84 -12.38
CA TYR D 342 3.89 -5.38 -13.08
C TYR D 342 3.12 -4.37 -12.23
N CYS D 343 3.10 -4.57 -10.92
CA CYS D 343 2.36 -3.70 -10.01
C CYS D 343 3.18 -2.52 -9.52
N GLY D 344 4.44 -2.41 -9.93
CA GLY D 344 5.28 -1.29 -9.52
C GLY D 344 5.60 -1.30 -8.04
N ALA D 345 5.79 -2.47 -7.46
CA ALA D 345 6.03 -2.62 -6.03
C ALA D 345 7.49 -2.94 -5.80
N GLN D 346 8.18 -2.07 -5.05
CA GLN D 346 9.59 -2.31 -4.73
C GLN D 346 9.73 -3.36 -3.62
N ASP D 347 8.85 -3.32 -2.63
CA ASP D 347 8.86 -4.26 -1.52
C ASP D 347 7.47 -4.87 -1.36
N LEU D 348 7.37 -5.85 -0.47
CA LEU D 348 6.10 -6.52 -0.25
C LEU D 348 5.10 -5.64 0.49
N GLU D 349 5.56 -4.63 1.23
CA GLU D 349 4.63 -3.74 1.92
C GLU D 349 3.87 -2.88 0.92
N PHE D 350 4.53 -2.45 -0.16
CA PHE D 350 3.84 -1.68 -1.19
C PHE D 350 2.79 -2.53 -1.89
N LEU D 351 3.11 -3.82 -2.13
CA LEU D 351 2.14 -4.71 -2.77
C LEU D 351 0.91 -4.90 -1.89
N ARG D 352 1.11 -5.14 -0.60
CA ARG D 352 -0.02 -5.33 0.30
C ARG D 352 -0.89 -4.09 0.39
N GLU D 353 -0.29 -2.90 0.29
CA GLU D 353 -1.00 -1.66 0.56
C GLU D 353 -1.57 -0.99 -0.68
N ASN D 354 -1.01 -1.24 -1.87
CA ASN D 354 -1.38 -0.50 -3.06
C ASN D 354 -1.96 -1.35 -4.20
N ALA D 355 -1.70 -2.66 -4.22
CA ALA D 355 -2.12 -3.48 -5.34
C ALA D 355 -3.64 -3.57 -5.40
N GLN D 356 -4.18 -3.37 -6.60
CA GLN D 356 -5.62 -3.42 -6.84
C GLN D 356 -5.96 -4.63 -7.70
N PHE D 357 -7.09 -5.27 -7.40
CA PHE D 357 -7.57 -6.41 -8.16
C PHE D 357 -8.68 -5.97 -9.12
N ILE D 358 -8.97 -6.85 -10.08
CA ILE D 358 -10.12 -6.71 -10.95
C ILE D 358 -10.80 -8.07 -11.03
N ARG D 359 -12.12 -8.09 -10.90
CA ARG D 359 -12.88 -9.33 -10.89
C ARG D 359 -13.23 -9.75 -12.32
N MET D 360 -13.18 -11.06 -12.56
CA MET D 360 -13.46 -11.60 -13.87
C MET D 360 -14.33 -12.85 -13.73
N SER D 361 -14.98 -13.22 -14.83
CA SER D 361 -15.82 -14.40 -14.88
C SER D 361 -14.98 -15.64 -15.23
N GLY D 362 -15.65 -16.77 -15.37
CA GLY D 362 -14.97 -17.97 -15.83
C GLY D 362 -14.39 -17.82 -17.21
N ALA D 363 -15.05 -17.08 -18.09
CA ALA D 363 -14.50 -16.81 -19.41
C ALA D 363 -13.20 -16.03 -19.32
N GLY D 364 -13.08 -15.13 -18.34
CA GLY D 364 -11.81 -14.46 -18.13
C GLY D 364 -10.72 -15.42 -17.68
N LEU D 365 -11.09 -16.39 -16.85
CA LEU D 365 -10.12 -17.41 -16.43
C LEU D 365 -9.60 -18.19 -17.63
N LEU D 366 -10.51 -18.61 -18.52
CA LEU D 366 -10.10 -19.35 -19.70
C LEU D 366 -9.23 -18.51 -20.62
N GLU D 367 -9.44 -17.19 -20.65
CA GLU D 367 -8.56 -16.32 -21.40
C GLU D 367 -7.20 -16.20 -20.74
N SER D 368 -7.16 -16.27 -19.40
CA SER D 368 -5.90 -16.09 -18.67
C SER D 368 -4.95 -17.26 -18.92
N HIS D 369 -5.47 -18.48 -18.94
CA HIS D 369 -4.66 -19.64 -19.28
C HIS D 369 -4.39 -19.66 -20.78
N PRO D 370 -3.40 -20.44 -21.22
CA PRO D 370 -3.30 -20.72 -22.66
C PRO D 370 -4.59 -21.36 -23.16
N HIS D 371 -4.87 -21.13 -24.44
CA HIS D 371 -6.14 -21.60 -25.00
C HIS D 371 -6.02 -21.79 -26.49
N HIS D 372 -6.77 -22.75 -27.01
CA HIS D 372 -6.86 -23.02 -28.46
C HIS D 372 -5.50 -23.24 -29.09
N VAL D 373 -4.58 -23.85 -28.33
CA VAL D 373 -3.24 -24.19 -28.81
C VAL D 373 -2.89 -25.56 -28.25
N GLN D 374 -2.43 -26.46 -29.10
CA GLN D 374 -1.95 -27.76 -28.66
C GLN D 374 -0.57 -27.59 -28.04
N ILE D 375 -0.48 -27.74 -26.71
CA ILE D 375 0.79 -27.55 -26.03
C ILE D 375 1.75 -28.66 -26.42
N THR D 376 2.97 -28.28 -26.81
CA THR D 376 3.98 -29.24 -27.26
C THR D 376 4.86 -29.73 -26.12
N LYS D 377 5.36 -28.82 -25.28
CA LYS D 377 6.23 -29.18 -24.17
C LYS D 377 5.75 -28.48 -22.90
N GLU D 378 6.04 -29.10 -21.77
CA GLU D 378 5.65 -28.55 -20.47
C GLU D 378 6.60 -27.43 -20.06
N ALA D 379 6.03 -26.37 -19.50
CA ALA D 379 6.83 -25.24 -19.05
C ALA D 379 7.31 -25.48 -17.61
N PRO D 380 8.44 -24.87 -17.22
CA PRO D 380 8.93 -25.07 -15.86
C PRO D 380 7.98 -24.55 -14.79
N ASN D 381 7.18 -23.53 -15.11
CA ASN D 381 6.25 -22.94 -14.15
C ASN D 381 4.79 -23.14 -14.54
N TYR D 382 4.51 -24.00 -15.53
CA TYR D 382 3.13 -24.28 -15.95
C TYR D 382 3.03 -25.78 -16.22
N SER D 383 2.43 -26.51 -15.30
CA SER D 383 2.29 -27.95 -15.44
C SER D 383 0.89 -28.34 -15.88
N GLN E 21 37.57 55.95 1.32
CA GLN E 21 36.30 55.23 1.25
C GLN E 21 36.09 54.38 2.50
N SER E 22 34.82 54.11 2.82
CA SER E 22 34.46 53.40 4.03
C SER E 22 34.48 51.89 3.79
N ASN E 23 34.68 51.15 4.89
CA ASN E 23 34.62 49.70 4.90
C ASN E 23 33.46 49.17 5.74
N ALA E 24 32.44 50.01 5.97
CA ALA E 24 31.35 49.63 6.85
C ALA E 24 30.51 48.50 6.27
N MET E 25 30.25 48.55 4.96
CA MET E 25 29.43 47.51 4.34
C MET E 25 30.14 46.16 4.34
N TRP E 26 31.47 46.15 4.34
CA TRP E 26 32.20 44.88 4.34
C TRP E 26 32.23 44.25 5.72
N GLU E 27 32.35 45.06 6.77
CA GLU E 27 32.44 44.55 8.13
C GLU E 27 31.09 44.27 8.78
N SER E 28 29.98 44.60 8.10
CA SER E 28 28.65 44.40 8.66
C SER E 28 27.87 43.32 7.90
N LYS E 29 28.56 42.47 7.14
CA LYS E 29 27.86 41.49 6.31
C LYS E 29 27.07 40.49 7.15
N PHE E 30 27.63 40.04 8.27
CA PHE E 30 27.06 38.96 9.06
C PHE E 30 26.68 39.42 10.46
N VAL E 31 26.11 40.61 10.58
CA VAL E 31 25.75 41.14 11.89
C VAL E 31 24.31 40.83 12.25
N LYS E 32 23.40 40.86 11.27
CA LYS E 32 21.98 40.70 11.57
C LYS E 32 21.63 39.26 11.90
N GLU E 33 20.64 39.11 12.79
CA GLU E 33 20.09 37.83 13.18
C GLU E 33 18.60 37.82 12.93
N GLY E 34 18.07 36.66 12.57
CA GLY E 34 16.66 36.53 12.23
C GLY E 34 15.99 35.36 12.91
N LEU E 35 14.76 35.57 13.34
CA LEU E 35 13.94 34.55 13.97
C LEU E 35 12.72 34.26 13.10
N THR E 36 12.24 33.02 13.17
CA THR E 36 10.99 32.63 12.52
C THR E 36 10.01 32.13 13.57
N PHE E 37 8.86 31.62 13.10
CA PHE E 37 7.79 31.23 14.01
C PHE E 37 8.24 30.13 14.97
N ASP E 38 8.97 29.14 14.46
CA ASP E 38 9.38 27.99 15.27
C ASP E 38 10.53 28.30 16.23
N ASP E 39 11.01 29.54 16.26
CA ASP E 39 12.10 29.91 17.16
C ASP E 39 11.63 30.51 18.48
N VAL E 40 10.34 30.85 18.60
CA VAL E 40 9.85 31.61 19.75
C VAL E 40 8.52 31.04 20.23
N LEU E 41 8.10 31.50 21.41
CA LEU E 41 6.78 31.24 21.95
C LEU E 41 6.27 32.53 22.60
N LEU E 42 4.95 32.67 22.67
CA LEU E 42 4.33 33.81 23.31
C LEU E 42 4.19 33.55 24.81
N VAL E 43 4.64 34.51 25.61
CA VAL E 43 4.62 34.35 27.06
C VAL E 43 3.21 34.66 27.57
N PRO E 44 2.60 33.76 28.33
CA PRO E 44 1.28 34.06 28.92
C PRO E 44 1.38 35.19 29.93
N ALA E 45 0.29 35.94 30.06
CA ALA E 45 0.25 37.09 30.95
C ALA E 45 -1.09 37.10 31.68
N LYS E 46 -1.24 38.08 32.58
CA LYS E 46 -2.49 38.23 33.32
C LYS E 46 -3.65 38.48 32.37
N SER E 47 -4.75 37.77 32.58
CA SER E 47 -5.88 37.81 31.68
C SER E 47 -7.18 38.01 32.45
N ASP E 48 -8.04 38.87 31.92
CA ASP E 48 -9.38 39.07 32.45
C ASP E 48 -10.48 38.62 31.50
N VAL E 49 -10.14 38.32 30.24
CA VAL E 49 -11.12 38.02 29.20
C VAL E 49 -11.02 36.54 28.84
N LEU E 50 -12.16 35.93 28.55
CA LEU E 50 -12.21 34.58 28.04
C LEU E 50 -12.00 34.58 26.53
N PRO E 51 -11.58 33.45 25.95
CA PRO E 51 -11.37 33.42 24.50
C PRO E 51 -12.60 33.79 23.69
N ARG E 52 -13.80 33.44 24.16
CA ARG E 52 -15.01 33.80 23.45
C ARG E 52 -15.38 35.28 23.61
N GLU E 53 -14.71 36.00 24.52
CA GLU E 53 -15.00 37.41 24.75
C GLU E 53 -14.07 38.35 23.99
N VAL E 54 -12.92 37.86 23.53
CA VAL E 54 -11.98 38.75 22.85
C VAL E 54 -12.51 39.13 21.47
N SER E 55 -12.03 40.26 20.97
CA SER E 55 -12.41 40.77 19.65
C SER E 55 -11.28 40.52 18.67
N VAL E 56 -11.61 39.94 17.52
CA VAL E 56 -10.63 39.68 16.47
C VAL E 56 -10.83 40.64 15.29
N LYS E 57 -11.56 41.73 15.50
CA LYS E 57 -11.73 42.73 14.46
C LYS E 57 -10.41 43.46 14.19
N THR E 58 -10.22 43.85 12.94
CA THR E 58 -9.02 44.57 12.52
C THR E 58 -9.41 45.57 11.44
N VAL E 59 -8.68 46.68 11.40
CA VAL E 59 -8.95 47.78 10.47
C VAL E 59 -7.68 48.04 9.67
N LEU E 60 -7.77 47.88 8.34
CA LEU E 60 -6.67 48.23 7.45
C LEU E 60 -6.78 49.66 6.96
N SER E 61 -7.99 50.10 6.63
CA SER E 61 -8.27 51.50 6.31
C SER E 61 -9.73 51.79 6.66
N GLU E 62 -10.15 53.03 6.42
CA GLU E 62 -11.52 53.41 6.74
C GLU E 62 -12.52 52.63 5.89
N SER E 63 -12.18 52.33 4.65
CA SER E 63 -13.04 51.58 3.74
C SER E 63 -12.64 50.12 3.61
N LEU E 64 -11.93 49.57 4.62
CA LEU E 64 -11.44 48.20 4.54
C LEU E 64 -11.31 47.66 5.97
N GLN E 65 -12.44 47.27 6.54
CA GLN E 65 -12.49 46.73 7.90
C GLN E 65 -12.89 45.26 7.84
N LEU E 66 -12.16 44.42 8.57
CA LEU E 66 -12.37 42.99 8.57
C LEU E 66 -12.81 42.51 9.95
N ASN E 67 -13.72 41.54 9.98
CA ASN E 67 -14.14 40.96 11.25
C ASN E 67 -13.16 39.91 11.74
N ILE E 68 -12.46 39.24 10.84
CA ILE E 68 -11.40 38.30 11.21
C ILE E 68 -10.13 38.69 10.45
N PRO E 69 -8.96 38.53 11.05
CA PRO E 69 -7.71 38.98 10.38
C PRO E 69 -7.13 37.92 9.44
N LEU E 70 -7.89 37.57 8.41
CA LEU E 70 -7.49 36.56 7.45
C LEU E 70 -7.71 37.05 6.02
N ILE E 71 -6.70 36.84 5.18
CA ILE E 71 -6.78 37.14 3.75
C ILE E 71 -6.30 35.92 2.99
N SER E 72 -7.02 35.54 1.95
CA SER E 72 -6.64 34.41 1.12
C SER E 72 -5.72 34.87 -0.01
N ALA E 73 -4.67 34.10 -0.26
CA ALA E 73 -3.62 34.51 -1.18
C ALA E 73 -4.15 34.61 -2.61
N GLY E 74 -3.64 35.59 -3.35
CA GLY E 74 -4.02 35.77 -4.74
C GLY E 74 -3.26 34.85 -5.67
N MET E 75 -3.51 33.55 -5.55
CA MET E 75 -2.85 32.53 -6.36
C MET E 75 -3.89 31.78 -7.16
N ASP E 76 -3.47 31.24 -8.32
CA ASP E 76 -4.41 30.61 -9.23
C ASP E 76 -4.97 29.29 -8.71
N THR E 77 -4.46 28.79 -7.58
CA THR E 77 -5.00 27.58 -6.95
C THR E 77 -5.54 27.87 -5.55
N VAL E 78 -5.81 29.14 -5.24
CA VAL E 78 -6.24 29.51 -3.90
C VAL E 78 -7.53 30.32 -3.95
N THR E 79 -7.50 31.46 -4.65
CA THR E 79 -8.59 32.44 -4.57
C THR E 79 -9.09 32.79 -5.96
N GLU E 80 -10.36 32.46 -6.22
CA GLU E 80 -11.10 33.04 -7.33
C GLU E 80 -12.42 33.60 -6.79
N ALA E 81 -13.45 33.64 -7.63
CA ALA E 81 -14.71 34.26 -7.22
C ALA E 81 -15.34 33.52 -6.04
N ASP E 82 -15.40 32.18 -6.11
CA ASP E 82 -16.06 31.42 -5.06
C ASP E 82 -15.31 31.53 -3.73
N MET E 83 -13.97 31.54 -3.78
CA MET E 83 -13.20 31.67 -2.55
C MET E 83 -13.35 33.06 -1.95
N ALA E 84 -13.33 34.10 -2.79
CA ALA E 84 -13.45 35.47 -2.28
C ALA E 84 -14.81 35.70 -1.64
N ILE E 85 -15.86 35.09 -2.19
CA ILE E 85 -17.19 35.22 -1.61
C ILE E 85 -17.25 34.52 -0.25
N ALA E 86 -16.67 33.32 -0.16
CA ALA E 86 -16.71 32.59 1.10
C ALA E 86 -15.83 33.26 2.15
N MET E 87 -14.69 33.81 1.75
CA MET E 87 -13.83 34.51 2.69
C MET E 87 -14.52 35.74 3.26
N ALA E 88 -15.12 36.56 2.39
CA ALA E 88 -15.75 37.79 2.84
C ALA E 88 -16.97 37.50 3.72
N ARG E 89 -17.72 36.43 3.42
CA ARG E 89 -18.86 36.08 4.25
C ARG E 89 -18.43 35.52 5.60
N GLN E 90 -17.19 35.10 5.74
CA GLN E 90 -16.63 34.70 7.02
C GLN E 90 -16.03 35.87 7.79
N GLY E 91 -16.05 37.07 7.22
CA GLY E 91 -15.44 38.24 7.83
C GLY E 91 -14.05 38.57 7.34
N GLY E 92 -13.53 37.82 6.38
CA GLY E 92 -12.20 38.05 5.87
C GLY E 92 -12.17 38.72 4.50
N LEU E 93 -11.14 38.40 3.72
CA LEU E 93 -10.94 39.05 2.43
C LEU E 93 -10.28 38.07 1.48
N GLY E 94 -10.60 38.20 0.21
CA GLY E 94 -10.00 37.37 -0.83
C GLY E 94 -9.42 38.22 -1.94
N ILE E 95 -8.28 37.77 -2.46
CA ILE E 95 -7.55 38.49 -3.50
C ILE E 95 -7.67 37.68 -4.79
N ILE E 96 -8.38 38.23 -5.77
CA ILE E 96 -8.50 37.57 -7.07
C ILE E 96 -7.14 37.61 -7.77
N HIS E 97 -6.65 36.44 -8.17
CA HIS E 97 -5.33 36.37 -8.79
C HIS E 97 -5.37 36.95 -10.20
N LYS E 98 -4.18 37.26 -10.71
CA LYS E 98 -4.03 37.97 -11.98
C LYS E 98 -3.67 37.06 -13.14
N ASN E 99 -3.68 35.74 -12.94
CA ASN E 99 -3.37 34.79 -14.01
C ASN E 99 -4.60 34.56 -14.89
N MET E 100 -5.11 35.67 -15.43
CA MET E 100 -6.29 35.64 -16.29
C MET E 100 -6.35 36.97 -17.03
N SER E 101 -7.25 37.04 -18.01
CA SER E 101 -7.39 38.27 -18.78
C SER E 101 -7.98 39.38 -17.92
N ILE E 102 -7.76 40.62 -18.36
CA ILE E 102 -8.27 41.78 -17.64
C ILE E 102 -9.79 41.75 -17.59
N GLU E 103 -10.43 41.42 -18.73
CA GLU E 103 -11.88 41.34 -18.77
C GLU E 103 -12.41 40.27 -17.81
N GLN E 104 -11.72 39.12 -17.75
CA GLN E 104 -12.19 38.03 -16.91
C GLN E 104 -11.97 38.32 -15.43
N GLN E 105 -10.93 39.09 -15.08
CA GLN E 105 -10.70 39.42 -13.69
C GLN E 105 -11.70 40.43 -13.17
N ALA E 106 -12.05 41.43 -13.99
CA ALA E 106 -13.04 42.40 -13.59
C ALA E 106 -14.41 41.76 -13.42
N GLU E 107 -14.70 40.71 -14.19
CA GLU E 107 -15.97 40.00 -14.05
C GLU E 107 -16.04 39.25 -12.74
N GLN E 108 -14.91 38.70 -12.28
CA GLN E 108 -14.90 37.98 -11.02
C GLN E 108 -15.06 38.94 -9.84
N VAL E 109 -14.45 40.13 -9.94
CA VAL E 109 -14.66 41.14 -8.90
C VAL E 109 -16.11 41.59 -8.88
N ASP E 110 -16.73 41.72 -10.06
CA ASP E 110 -18.12 42.13 -10.13
C ASP E 110 -19.05 41.09 -9.52
N LYS E 111 -18.70 39.81 -9.66
CA LYS E 111 -19.54 38.74 -9.11
C LYS E 111 -19.52 38.75 -7.59
N VAL E 112 -18.37 39.07 -6.99
CA VAL E 112 -18.28 39.09 -5.54
C VAL E 112 -19.02 40.31 -4.98
N LYS E 113 -18.88 41.46 -5.63
CA LYS E 113 -19.54 42.68 -5.14
C LYS E 113 -21.05 42.56 -5.21
N ARG E 114 -21.57 41.93 -6.26
CA ARG E 114 -23.02 41.78 -6.39
C ARG E 114 -23.58 40.71 -5.48
N SER E 115 -22.73 39.92 -4.82
CA SER E 115 -23.16 38.83 -3.96
C SER E 115 -23.47 39.28 -2.53
N GLY E 116 -23.88 40.54 -2.35
CA GLY E 116 -24.27 41.01 -1.03
C GLY E 116 -23.40 42.12 -0.49
N GLY E 117 -22.75 42.88 -1.37
CA GLY E 117 -21.89 43.96 -0.94
C GLY E 117 -20.65 43.49 -0.19
N LEU E 118 -20.06 42.38 -0.62
CA LEU E 118 -18.91 41.82 0.08
C LEU E 118 -17.62 42.49 -0.35
N LEU E 119 -16.64 42.51 0.55
CA LEU E 119 -15.33 43.05 0.23
C LEU E 119 -14.55 42.07 -0.65
N VAL E 120 -13.74 42.63 -1.55
CA VAL E 120 -12.94 41.82 -2.45
C VAL E 120 -11.74 42.64 -2.92
N GLY E 121 -10.63 41.96 -3.19
CA GLY E 121 -9.46 42.59 -3.74
C GLY E 121 -9.00 41.87 -5.00
N ALA E 122 -8.03 42.47 -5.68
CA ALA E 122 -7.51 41.92 -6.91
C ALA E 122 -6.02 42.23 -7.04
N ALA E 123 -5.27 41.26 -7.54
CA ALA E 123 -3.82 41.40 -7.67
C ALA E 123 -3.46 41.94 -9.04
N VAL E 124 -2.42 42.78 -9.08
CA VAL E 124 -1.94 43.41 -10.31
C VAL E 124 -0.43 43.38 -10.30
N GLY E 125 0.17 42.99 -11.43
CA GLY E 125 1.61 43.03 -11.57
C GLY E 125 2.11 44.39 -12.02
N VAL E 126 3.43 44.56 -11.96
CA VAL E 126 4.08 45.82 -12.32
C VAL E 126 4.51 45.68 -13.78
N THR E 127 3.59 45.97 -14.69
CA THR E 127 3.85 45.88 -16.13
C THR E 127 3.28 47.13 -16.79
N ALA E 128 3.31 47.14 -18.13
CA ALA E 128 2.75 48.28 -18.87
C ALA E 128 1.23 48.27 -18.83
N ASP E 129 0.62 47.09 -18.97
CA ASP E 129 -0.83 46.93 -18.90
C ASP E 129 -1.37 47.03 -17.49
N ALA E 130 -0.54 47.37 -16.51
CA ALA E 130 -0.99 47.41 -15.12
C ALA E 130 -2.07 48.47 -14.93
N MET E 131 -1.85 49.67 -15.47
CA MET E 131 -2.84 50.73 -15.34
C MET E 131 -4.13 50.38 -16.08
N THR E 132 -4.03 49.66 -17.20
CA THR E 132 -5.22 49.23 -17.91
C THR E 132 -6.03 48.23 -17.07
N ARG E 133 -5.34 47.29 -16.42
CA ARG E 133 -6.03 46.32 -15.57
C ARG E 133 -6.64 46.99 -14.35
N ILE E 134 -5.95 47.99 -13.79
CA ILE E 134 -6.47 48.66 -12.60
C ILE E 134 -7.73 49.46 -12.94
N ASP E 135 -7.76 50.09 -14.12
CA ASP E 135 -8.93 50.85 -14.52
C ASP E 135 -10.17 49.97 -14.62
N ALA E 136 -10.01 48.75 -15.14
CA ALA E 136 -11.15 47.83 -15.24
C ALA E 136 -11.58 47.33 -13.87
N LEU E 137 -10.64 47.19 -12.94
CA LEU E 137 -10.98 46.72 -11.60
C LEU E 137 -11.65 47.81 -10.78
N VAL E 138 -11.23 49.07 -10.95
CA VAL E 138 -11.89 50.17 -10.26
C VAL E 138 -13.31 50.36 -10.78
N LYS E 139 -13.51 50.17 -12.09
CA LYS E 139 -14.85 50.23 -12.65
C LYS E 139 -15.77 49.19 -12.01
N ALA E 140 -15.24 48.00 -11.75
CA ALA E 140 -15.99 46.94 -11.08
C ALA E 140 -16.09 47.15 -9.58
N SER E 141 -15.70 48.33 -9.08
CA SER E 141 -15.79 48.68 -7.66
C SER E 141 -14.99 47.72 -6.80
N VAL E 142 -13.72 47.54 -7.16
CA VAL E 142 -12.82 46.75 -6.33
C VAL E 142 -12.50 47.53 -5.06
N ASP E 143 -12.33 46.81 -3.95
CA ASP E 143 -12.11 47.45 -2.66
C ASP E 143 -10.64 47.68 -2.35
N ALA E 144 -9.74 46.89 -2.94
CA ALA E 144 -8.31 47.07 -2.72
C ALA E 144 -7.54 46.45 -3.87
N ILE E 145 -6.51 47.15 -4.33
CA ILE E 145 -5.60 46.65 -5.34
C ILE E 145 -4.35 46.13 -4.64
N VAL E 146 -3.87 44.97 -5.06
CA VAL E 146 -2.68 44.35 -4.50
C VAL E 146 -1.62 44.34 -5.59
N LEU E 147 -0.73 45.33 -5.57
CA LEU E 147 0.41 45.37 -6.48
C LEU E 147 1.43 44.33 -6.04
N ASP E 148 1.19 43.09 -6.49
CA ASP E 148 1.97 41.94 -6.05
C ASP E 148 3.19 41.78 -6.96
N THR E 149 4.38 41.78 -6.38
CA THR E 149 5.62 41.57 -7.11
C THR E 149 6.59 40.79 -6.25
N ALA E 150 7.66 40.30 -6.88
CA ALA E 150 8.66 39.51 -6.16
C ALA E 150 9.58 40.35 -5.32
N HIS E 151 9.92 41.57 -5.78
CA HIS E 151 10.84 42.45 -5.08
C HIS E 151 10.18 43.84 -5.00
N GLY E 152 9.43 44.06 -3.93
CA GLY E 152 8.72 45.32 -3.76
C GLY E 152 9.63 46.52 -3.63
N HIS E 153 10.89 46.33 -3.23
CA HIS E 153 11.84 47.42 -3.10
C HIS E 153 12.48 47.80 -4.42
N SER E 154 11.83 47.52 -5.54
CA SER E 154 12.36 47.87 -6.84
C SER E 154 11.86 49.26 -7.26
N GLN E 155 12.65 49.92 -8.09
CA GLN E 155 12.29 51.27 -8.52
C GLN E 155 11.03 51.26 -9.37
N GLY E 156 10.84 50.23 -10.20
CA GLY E 156 9.64 50.13 -11.01
C GLY E 156 8.38 50.01 -10.18
N VAL E 157 8.47 49.32 -9.04
CA VAL E 157 7.32 49.19 -8.15
C VAL E 157 7.02 50.50 -7.48
N ILE E 158 8.06 51.25 -7.07
CA ILE E 158 7.85 52.53 -6.42
C ILE E 158 7.20 53.52 -7.39
N ASP E 159 7.65 53.54 -8.64
CA ASP E 159 7.06 54.44 -9.62
C ASP E 159 5.61 54.08 -9.92
N LYS E 160 5.27 52.79 -9.87
CA LYS E 160 3.90 52.38 -10.16
C LYS E 160 2.96 52.80 -9.04
N VAL E 161 3.38 52.65 -7.78
CA VAL E 161 2.56 53.06 -6.66
C VAL E 161 2.26 54.56 -6.74
N LYS E 162 3.26 55.36 -7.10
CA LYS E 162 3.04 56.80 -7.23
C LYS E 162 2.10 57.12 -8.37
N GLU E 163 2.14 56.35 -9.46
CA GLU E 163 1.26 56.61 -10.59
C GLU E 163 -0.19 56.25 -10.25
N VAL E 164 -0.40 55.16 -9.52
CA VAL E 164 -1.75 54.76 -9.16
C VAL E 164 -2.32 55.71 -8.10
N ARG E 165 -1.48 56.11 -7.13
CA ARG E 165 -1.93 57.03 -6.11
C ARG E 165 -2.34 58.37 -6.70
N ALA E 166 -1.62 58.82 -7.74
CA ALA E 166 -1.94 60.11 -8.36
C ALA E 166 -3.26 60.06 -9.11
N LYS E 167 -3.60 58.91 -9.71
CA LYS E 167 -4.83 58.77 -10.48
C LYS E 167 -6.03 58.42 -9.61
N TYR E 168 -5.86 57.53 -8.64
CA TYR E 168 -6.94 57.11 -7.74
C TYR E 168 -6.54 57.46 -6.31
N PRO E 169 -6.82 58.68 -5.86
CA PRO E 169 -6.35 59.10 -4.52
C PRO E 169 -6.98 58.32 -3.38
N SER E 170 -8.19 57.79 -3.55
CA SER E 170 -8.91 57.11 -2.48
C SER E 170 -8.96 55.60 -2.70
N LEU E 171 -8.00 55.04 -3.42
CA LEU E 171 -7.95 53.62 -3.69
C LEU E 171 -7.03 52.93 -2.69
N ASN E 172 -7.54 51.87 -2.05
CA ASN E 172 -6.72 51.06 -1.16
C ASN E 172 -5.67 50.32 -1.97
N ILE E 173 -4.41 50.68 -1.75
CA ILE E 173 -3.29 50.09 -2.48
C ILE E 173 -2.47 49.25 -1.51
N ILE E 174 -2.46 47.94 -1.73
CA ILE E 174 -1.64 47.02 -0.96
C ILE E 174 -0.40 46.71 -1.77
N ALA E 175 0.77 47.04 -1.23
CA ALA E 175 2.03 46.90 -1.93
C ALA E 175 2.92 45.88 -1.23
N GLY E 176 3.67 45.13 -2.03
CA GLY E 176 4.53 44.09 -1.52
C GLY E 176 5.10 43.28 -2.66
N ASN E 177 5.96 42.33 -2.30
CA ASN E 177 6.31 42.05 -0.92
C ASN E 177 7.66 42.66 -0.55
N VAL E 178 7.84 42.96 0.74
CA VAL E 178 9.09 43.48 1.26
C VAL E 178 9.45 42.70 2.52
N ALA E 179 10.65 42.99 3.05
CA ALA E 179 11.10 42.31 4.25
C ALA E 179 12.04 43.16 5.10
N THR E 180 12.24 44.44 4.78
CA THR E 180 13.13 45.30 5.54
C THR E 180 12.39 46.60 5.88
N ALA E 181 12.93 47.32 6.87
CA ALA E 181 12.34 48.59 7.27
C ALA E 181 12.52 49.65 6.19
N GLU E 182 13.66 49.63 5.48
CA GLU E 182 13.88 50.61 4.42
C GLU E 182 12.88 50.44 3.28
N ALA E 183 12.57 49.19 2.92
CA ALA E 183 11.62 48.95 1.84
C ALA E 183 10.21 49.35 2.26
N THR E 184 9.86 49.11 3.53
CA THR E 184 8.54 49.52 4.02
C THR E 184 8.38 51.03 3.97
N LYS E 185 9.42 51.77 4.40
CA LYS E 185 9.36 53.23 4.35
C LYS E 185 9.25 53.73 2.92
N ALA E 186 9.86 53.03 1.96
CA ALA E 186 9.81 53.47 0.57
C ALA E 186 8.41 53.31 -0.02
N LEU E 187 7.74 52.21 0.30
CA LEU E 187 6.40 51.98 -0.25
C LEU E 187 5.37 52.90 0.42
N ILE E 188 5.53 53.16 1.72
CA ILE E 188 4.59 54.03 2.42
C ILE E 188 4.63 55.43 1.82
N GLU E 189 5.82 56.01 1.69
CA GLU E 189 5.97 57.34 1.13
C GLU E 189 5.68 57.37 -0.38
N ALA E 190 5.60 56.22 -1.04
CA ALA E 190 5.21 56.18 -2.43
C ALA E 190 3.71 56.33 -2.63
N GLY E 191 2.91 55.98 -1.63
CA GLY E 191 1.48 56.15 -1.72
C GLY E 191 0.67 54.97 -1.20
N ALA E 192 1.34 53.83 -0.99
CA ALA E 192 0.64 52.64 -0.53
C ALA E 192 0.21 52.80 0.92
N ASN E 193 -1.04 52.40 1.20
CA ASN E 193 -1.58 52.46 2.55
C ASN E 193 -1.58 51.11 3.26
N VAL E 194 -1.19 50.04 2.57
CA VAL E 194 -1.01 48.72 3.18
C VAL E 194 0.25 48.09 2.59
N VAL E 195 1.11 47.55 3.45
CA VAL E 195 2.37 46.94 3.05
C VAL E 195 2.28 45.44 3.34
N LYS E 196 2.69 44.63 2.37
CA LYS E 196 2.67 43.17 2.49
C LYS E 196 4.10 42.66 2.67
N VAL E 197 4.30 41.86 3.72
CA VAL E 197 5.63 41.43 4.14
C VAL E 197 5.79 39.94 3.88
N GLY E 198 6.94 39.56 3.35
CA GLY E 198 7.24 38.16 3.11
C GLY E 198 8.05 37.90 1.85
N ILE E 199 9.32 37.54 2.02
CA ILE E 199 10.20 37.17 0.91
C ILE E 199 10.82 35.82 1.28
N GLY E 200 10.25 34.74 0.79
CA GLY E 200 10.81 33.43 1.06
C GLY E 200 9.96 32.41 1.80
N PRO E 201 9.22 32.80 2.85
CA PRO E 201 8.68 31.78 3.76
C PRO E 201 7.53 30.95 3.19
N GLY E 202 7.14 31.18 1.93
CA GLY E 202 5.99 30.46 1.40
C GLY E 202 6.23 28.96 1.38
N SER E 203 5.16 28.20 1.63
CA SER E 203 5.28 26.74 1.64
C SER E 203 5.69 26.19 0.28
N ILE E 204 5.28 26.85 -0.80
CA ILE E 204 5.63 26.43 -2.15
C ILE E 204 6.76 27.25 -2.74
N CYS E 205 7.46 28.03 -1.91
CA CYS E 205 8.44 28.99 -2.37
C CYS E 205 9.85 28.42 -2.28
N THR E 206 10.66 28.69 -3.32
CA THR E 206 12.07 28.30 -3.34
C THR E 206 12.98 29.50 -3.57
N THR E 207 12.47 30.72 -3.38
CA THR E 207 13.27 31.91 -3.65
C THR E 207 14.55 31.93 -2.81
N ARG E 208 14.45 31.58 -1.53
CA ARG E 208 15.63 31.53 -0.68
C ARG E 208 16.59 30.42 -1.09
N VAL E 209 16.13 29.43 -1.84
CA VAL E 209 16.98 28.33 -2.25
C VAL E 209 17.65 28.60 -3.60
N VAL E 210 16.87 29.05 -4.58
CA VAL E 210 17.42 29.26 -5.91
C VAL E 210 18.11 30.62 -6.05
N ALA E 211 17.78 31.58 -5.19
CA ALA E 211 18.41 32.90 -5.23
C ALA E 211 19.14 33.26 -3.95
N GLY E 212 18.95 32.50 -2.86
CA GLY E 212 19.65 32.78 -1.62
C GLY E 212 19.22 34.03 -0.90
N VAL E 213 18.06 34.60 -1.26
CA VAL E 213 17.62 35.89 -0.76
C VAL E 213 16.37 35.71 0.08
N GLY E 214 16.36 36.30 1.27
CA GLY E 214 15.19 36.26 2.11
C GLY E 214 15.48 36.81 3.49
N VAL E 215 14.41 36.92 4.27
CA VAL E 215 14.49 37.32 5.67
C VAL E 215 13.55 36.42 6.45
N PRO E 216 13.97 35.87 7.60
CA PRO E 216 13.05 35.08 8.42
C PRO E 216 11.76 35.85 8.71
N GLN E 217 10.63 35.19 8.52
CA GLN E 217 9.36 35.89 8.40
C GLN E 217 8.99 36.65 9.66
N LEU E 218 9.26 36.06 10.84
CA LEU E 218 8.90 36.73 12.08
C LEU E 218 9.73 37.99 12.30
N THR E 219 11.02 37.93 11.97
CA THR E 219 11.85 39.13 12.03
C THR E 219 11.43 40.14 10.97
N ALA E 220 11.08 39.66 9.77
CA ALA E 220 10.66 40.56 8.70
C ALA E 220 9.40 41.32 9.08
N VAL E 221 8.40 40.62 9.62
CA VAL E 221 7.18 41.28 10.06
C VAL E 221 7.49 42.29 11.15
N TYR E 222 8.36 41.91 12.10
CA TYR E 222 8.67 42.80 13.21
C TYR E 222 9.43 44.04 12.72
N ASP E 223 10.40 43.87 11.83
CA ASP E 223 11.14 45.02 11.33
C ASP E 223 10.26 45.93 10.48
N CYS E 224 9.38 45.35 9.67
CA CYS E 224 8.51 46.16 8.83
C CYS E 224 7.42 46.85 9.64
N ALA E 225 6.89 46.17 10.66
CA ALA E 225 5.88 46.79 11.51
C ALA E 225 6.49 47.89 12.37
N THR E 226 7.78 47.78 12.70
CA THR E 226 8.44 48.83 13.49
C THR E 226 8.48 50.14 12.72
N GLU E 227 8.76 50.08 11.42
CA GLU E 227 8.77 51.29 10.61
C GLU E 227 7.35 51.74 10.26
N ALA E 228 6.47 50.79 9.98
CA ALA E 228 5.13 51.14 9.52
C ALA E 228 4.27 51.73 10.64
N ARG E 229 4.54 51.34 11.90
CA ARG E 229 3.77 51.89 13.00
C ARG E 229 4.09 53.37 13.23
N LYS E 230 5.28 53.83 12.83
CA LYS E 230 5.60 55.25 12.93
C LYS E 230 4.73 56.09 12.01
N HIS E 231 4.26 55.51 10.91
CA HIS E 231 3.42 56.21 9.94
C HIS E 231 1.96 55.83 10.03
N GLY E 232 1.58 54.93 10.94
CA GLY E 232 0.21 54.50 11.06
C GLY E 232 -0.28 53.64 9.91
N ILE E 233 0.59 52.82 9.35
CA ILE E 233 0.28 51.99 8.19
C ILE E 233 0.30 50.53 8.63
N PRO E 234 -0.73 49.74 8.34
CA PRO E 234 -0.73 48.32 8.72
C PRO E 234 0.10 47.49 7.75
N VAL E 235 0.57 46.34 8.25
CA VAL E 235 1.34 45.40 7.44
C VAL E 235 0.62 44.06 7.41
N ILE E 236 0.90 43.30 6.36
CA ILE E 236 0.33 41.97 6.16
C ILE E 236 1.45 40.94 6.25
N ALA E 237 1.26 39.93 7.10
CA ALA E 237 2.19 38.81 7.19
C ALA E 237 1.79 37.78 6.15
N ASP E 238 2.62 37.63 5.12
CA ASP E 238 2.31 36.79 3.97
C ASP E 238 3.28 35.62 3.92
N GLY E 239 2.76 34.41 4.09
CA GLY E 239 3.54 33.20 3.89
C GLY E 239 4.16 32.66 5.17
N GLY E 240 4.38 31.35 5.19
CA GLY E 240 5.08 30.71 6.28
C GLY E 240 4.22 30.15 7.39
N ILE E 241 2.93 30.50 7.42
CA ILE E 241 2.06 30.06 8.51
C ILE E 241 1.61 28.63 8.24
N LYS E 242 2.00 27.71 9.13
CA LYS E 242 1.69 26.31 9.01
C LYS E 242 0.64 25.84 10.00
N TYR E 243 0.56 26.47 11.16
CA TYR E 243 -0.45 26.16 12.17
C TYR E 243 -1.11 27.45 12.62
N SER E 244 -2.23 27.32 13.33
CA SER E 244 -2.94 28.49 13.83
C SER E 244 -2.11 29.27 14.84
N GLY E 245 -1.17 28.62 15.51
CA GLY E 245 -0.32 29.33 16.45
C GLY E 245 0.64 30.28 15.78
N ASP E 246 1.03 30.00 14.54
CA ASP E 246 1.91 30.91 13.81
C ASP E 246 1.19 32.23 13.49
N MET E 247 -0.10 32.16 13.21
CA MET E 247 -0.87 33.38 12.97
C MET E 247 -0.89 34.26 14.20
N VAL E 248 -1.01 33.65 15.39
CA VAL E 248 -0.99 34.43 16.63
C VAL E 248 0.37 35.09 16.82
N LYS E 249 1.45 34.37 16.52
CA LYS E 249 2.79 34.94 16.63
C LYS E 249 2.98 36.07 15.61
N ALA E 250 2.45 35.88 14.39
CA ALA E 250 2.58 36.92 13.36
C ALA E 250 1.87 38.20 13.77
N LEU E 251 0.64 38.08 14.28
CA LEU E 251 -0.09 39.25 14.72
C LEU E 251 0.58 39.91 15.93
N ALA E 252 1.09 39.09 16.86
CA ALA E 252 1.79 39.63 18.01
C ALA E 252 3.10 40.31 17.63
N ALA E 253 3.68 39.95 16.48
CA ALA E 253 4.90 40.58 16.00
C ALA E 253 4.65 41.93 15.35
N GLY E 254 3.42 42.40 15.31
CA GLY E 254 3.10 43.71 14.75
C GLY E 254 2.22 43.70 13.52
N ALA E 255 1.82 42.54 13.00
CA ALA E 255 1.00 42.50 11.80
C ALA E 255 -0.47 42.72 12.14
N HIS E 256 -1.16 43.48 11.27
CA HIS E 256 -2.59 43.69 11.44
C HIS E 256 -3.41 42.51 10.94
N VAL E 257 -2.89 41.76 9.97
CA VAL E 257 -3.65 40.71 9.31
C VAL E 257 -2.65 39.80 8.61
N VAL E 258 -3.01 38.52 8.48
CA VAL E 258 -2.15 37.52 7.86
C VAL E 258 -2.76 37.06 6.56
N MET E 259 -1.89 36.65 5.63
CA MET E 259 -2.30 36.09 4.34
C MET E 259 -1.88 34.63 4.29
N LEU E 260 -2.81 33.76 3.95
CA LEU E 260 -2.56 32.32 3.91
C LEU E 260 -2.80 31.79 2.50
N GLY E 261 -2.09 30.72 2.17
CA GLY E 261 -2.26 30.06 0.89
C GLY E 261 -2.45 28.56 1.03
N SER E 262 -1.49 27.88 1.65
CA SER E 262 -1.57 26.43 1.77
C SER E 262 -2.73 26.00 2.66
N MET E 263 -2.97 26.73 3.76
CA MET E 263 -4.06 26.39 4.65
C MET E 263 -5.44 26.67 4.05
N PHE E 264 -5.50 27.31 2.87
CA PHE E 264 -6.74 27.53 2.17
C PHE E 264 -6.85 26.79 0.84
N ALA E 265 -5.72 26.28 0.32
CA ALA E 265 -5.74 25.66 -1.01
C ALA E 265 -6.56 24.38 -1.04
N GLY E 266 -6.66 23.68 0.09
CA GLY E 266 -7.34 22.41 0.13
C GLY E 266 -8.82 22.45 0.44
N VAL E 267 -9.41 23.64 0.57
CA VAL E 267 -10.83 23.74 0.88
C VAL E 267 -11.63 23.66 -0.41
N ALA E 268 -12.93 23.41 -0.27
CA ALA E 268 -13.78 23.18 -1.43
C ALA E 268 -13.99 24.45 -2.26
N GLU E 269 -13.95 25.62 -1.62
CA GLU E 269 -14.20 26.87 -2.32
C GLU E 269 -13.02 27.32 -3.17
N SER E 270 -11.85 26.71 -3.03
CA SER E 270 -10.71 27.09 -3.84
C SER E 270 -10.90 26.63 -5.28
N PRO E 271 -10.28 27.31 -6.25
CA PRO E 271 -10.43 26.89 -7.65
C PRO E 271 -9.78 25.55 -7.91
N GLY E 272 -10.29 24.86 -8.93
CA GLY E 272 -9.78 23.56 -9.29
C GLY E 272 -10.57 22.43 -8.65
N GLU E 273 -10.70 21.33 -9.39
CA GLU E 273 -11.39 20.16 -8.89
C GLU E 273 -10.47 19.30 -8.03
N THR E 274 -11.06 18.32 -7.35
CA THR E 274 -10.33 17.45 -6.46
C THR E 274 -9.77 16.27 -7.23
N GLU E 275 -8.49 15.97 -7.02
CA GLU E 275 -7.85 14.79 -7.58
C GLU E 275 -7.74 13.70 -6.53
N ILE E 276 -7.56 12.47 -7.00
CA ILE E 276 -7.43 11.30 -6.15
C ILE E 276 -6.04 10.73 -6.31
N TYR E 277 -5.27 10.74 -5.22
CA TYR E 277 -3.92 10.18 -5.18
C TYR E 277 -3.86 9.15 -4.07
N GLN E 278 -3.60 7.90 -4.45
CA GLN E 278 -3.60 6.77 -3.51
C GLN E 278 -4.93 6.70 -2.75
N GLY E 279 -6.02 6.86 -3.48
CA GLY E 279 -7.35 6.77 -2.89
C GLY E 279 -7.81 8.02 -2.18
N ARG E 280 -6.88 8.72 -1.54
CA ARG E 280 -7.23 9.92 -0.77
C ARG E 280 -7.41 11.12 -1.70
N GLN E 281 -8.22 12.06 -1.24
CA GLN E 281 -8.54 13.26 -2.00
C GLN E 281 -7.48 14.33 -1.79
N PHE E 282 -7.07 14.97 -2.88
CA PHE E 282 -6.06 16.02 -2.84
C PHE E 282 -6.44 17.13 -3.80
N LYS E 283 -5.85 18.30 -3.59
CA LYS E 283 -6.04 19.45 -4.47
C LYS E 283 -4.69 20.01 -4.85
N VAL E 284 -4.60 20.51 -6.09
CA VAL E 284 -3.34 21.05 -6.60
C VAL E 284 -3.03 22.37 -5.92
N TYR E 285 -1.80 22.53 -5.45
CA TYR E 285 -1.32 23.79 -4.91
C TYR E 285 0.08 24.03 -5.46
N ARG E 286 0.27 25.17 -6.12
CA ARG E 286 1.53 25.47 -6.77
C ARG E 286 1.84 26.95 -6.61
N GLY E 287 3.14 27.27 -6.64
CA GLY E 287 3.56 28.66 -6.56
C GLY E 287 3.35 29.39 -7.87
N MET E 288 3.04 30.68 -7.76
CA MET E 288 2.86 31.51 -8.95
C MET E 288 4.15 31.67 -9.74
N GLY E 289 5.30 31.38 -9.12
CA GLY E 289 6.57 31.44 -9.82
C GLY E 289 7.09 30.07 -10.21
N SER E 290 6.22 29.07 -10.22
CA SER E 290 6.58 27.73 -10.64
C SER E 290 6.45 27.59 -12.15
N VAL E 291 6.95 26.47 -12.67
CA VAL E 291 6.93 26.25 -14.11
C VAL E 291 5.50 26.13 -14.62
N GLY E 292 4.65 25.42 -13.88
CA GLY E 292 3.28 25.22 -14.32
C GLY E 292 2.47 26.51 -14.33
N ALA E 293 2.62 27.33 -13.29
CA ALA E 293 1.83 28.55 -13.21
C ALA E 293 2.26 29.58 -14.25
N MET E 294 3.54 29.57 -14.64
CA MET E 294 4.02 30.52 -15.63
C MET E 294 3.64 30.13 -17.05
N GLU E 295 3.36 28.85 -17.30
CA GLU E 295 2.93 28.42 -18.62
C GLU E 295 1.45 28.67 -18.86
N LYS E 296 0.65 28.83 -17.81
CA LYS E 296 -0.77 29.10 -17.95
C LYS E 296 -1.03 30.55 -18.36
N LYS E 308 16.23 31.90 -22.86
CA LYS E 308 15.96 30.48 -23.06
C LYS E 308 14.71 30.05 -22.30
N LYS E 309 14.87 29.07 -21.42
CA LYS E 309 13.76 28.53 -20.65
C LYS E 309 13.54 29.38 -19.40
N LEU E 310 12.67 28.93 -18.51
CA LEU E 310 12.28 29.68 -17.33
C LEU E 310 13.07 29.21 -16.12
N VAL E 311 13.40 30.15 -15.23
CA VAL E 311 14.06 29.85 -13.97
C VAL E 311 13.06 30.05 -12.84
N PRO E 312 12.38 28.99 -12.40
CA PRO E 312 11.29 29.17 -11.44
C PRO E 312 11.79 29.49 -10.04
N GLU E 313 10.88 30.08 -9.25
CA GLU E 313 11.10 30.33 -7.84
C GLU E 313 10.01 29.70 -6.99
N GLY E 314 9.38 28.65 -7.52
CA GLY E 314 8.35 27.93 -6.80
C GLY E 314 8.22 26.52 -7.33
N ILE E 315 7.54 25.68 -6.56
CA ILE E 315 7.32 24.29 -6.93
C ILE E 315 5.83 24.05 -7.04
N GLU E 316 5.48 22.90 -7.63
CA GLU E 316 4.11 22.47 -7.82
C GLU E 316 3.85 21.26 -6.94
N GLY E 317 2.76 21.28 -6.18
CA GLY E 317 2.46 20.19 -5.28
C GLY E 317 0.97 19.94 -5.09
N ARG E 318 0.64 19.20 -4.03
CA ARG E 318 -0.75 18.89 -3.72
C ARG E 318 -0.96 18.99 -2.21
N VAL E 319 -2.18 19.33 -1.81
CA VAL E 319 -2.55 19.42 -0.41
C VAL E 319 -3.82 18.61 -0.18
N PRO E 320 -4.03 18.06 1.01
CA PRO E 320 -5.24 17.26 1.25
C PRO E 320 -6.50 18.10 1.20
N TYR E 321 -7.57 17.48 0.72
CA TYR E 321 -8.88 18.13 0.72
C TYR E 321 -9.40 18.25 2.15
N LYS E 322 -9.88 19.44 2.50
CA LYS E 322 -10.28 19.75 3.87
C LYS E 322 -11.74 20.13 4.02
N GLY E 323 -12.53 20.08 2.96
CA GLY E 323 -13.93 20.39 3.04
C GLY E 323 -14.22 21.87 2.92
N PRO E 324 -15.35 22.31 3.45
CA PRO E 324 -15.74 23.73 3.33
C PRO E 324 -14.79 24.64 4.10
N LEU E 325 -14.80 25.91 3.68
CA LEU E 325 -13.90 26.90 4.28
C LEU E 325 -14.28 27.19 5.73
N ALA E 326 -15.55 27.03 6.09
CA ALA E 326 -15.99 27.40 7.43
C ALA E 326 -15.29 26.60 8.52
N ASP E 327 -14.98 25.33 8.25
CA ASP E 327 -14.31 24.51 9.25
C ASP E 327 -12.87 24.95 9.47
N THR E 328 -12.17 25.30 8.39
CA THR E 328 -10.80 25.77 8.52
C THR E 328 -10.73 27.11 9.24
N VAL E 329 -11.60 28.05 8.87
CA VAL E 329 -11.59 29.37 9.50
C VAL E 329 -11.92 29.25 10.99
N HIS E 330 -12.83 28.33 11.34
CA HIS E 330 -13.21 28.16 12.74
C HIS E 330 -12.03 27.71 13.60
N GLN E 331 -11.22 26.78 13.09
CA GLN E 331 -10.06 26.32 13.86
C GLN E 331 -9.01 27.42 13.96
N LEU E 332 -8.84 28.21 12.90
CA LEU E 332 -7.85 29.29 12.93
C LEU E 332 -8.25 30.36 13.94
N VAL E 333 -9.49 30.85 13.85
CA VAL E 333 -9.95 31.89 14.76
C VAL E 333 -9.99 31.36 16.19
N GLY E 334 -10.33 30.08 16.37
CA GLY E 334 -10.34 29.51 17.71
C GLY E 334 -8.97 29.51 18.35
N GLY E 335 -7.94 29.17 17.57
CA GLY E 335 -6.59 29.23 18.10
C GLY E 335 -6.16 30.65 18.41
N LEU E 336 -6.58 31.62 17.60
CA LEU E 336 -6.30 33.02 17.88
C LEU E 336 -6.99 33.45 19.17
N ARG E 337 -8.27 33.09 19.33
CA ARG E 337 -9.00 33.46 20.53
C ARG E 337 -8.36 32.83 21.77
N ALA E 338 -7.89 31.59 21.65
CA ALA E 338 -7.21 30.96 22.78
C ALA E 338 -5.89 31.66 23.08
N GLY E 339 -5.12 32.00 22.05
CA GLY E 339 -3.86 32.68 22.27
C GLY E 339 -4.03 34.05 22.88
N MET E 340 -5.01 34.81 22.39
CA MET E 340 -5.29 36.12 22.97
C MET E 340 -5.74 36.01 24.42
N GLY E 341 -6.47 34.95 24.75
CA GLY E 341 -6.84 34.72 26.13
C GLY E 341 -5.64 34.44 27.02
N TYR E 342 -4.67 33.69 26.51
CA TYR E 342 -3.46 33.42 27.28
C TYR E 342 -2.66 34.70 27.51
N CYS E 343 -2.61 35.58 26.52
CA CYS E 343 -1.87 36.83 26.61
C CYS E 343 -2.66 37.96 27.25
N GLY E 344 -3.93 37.71 27.61
CA GLY E 344 -4.74 38.76 28.18
C GLY E 344 -5.13 39.86 27.21
N ALA E 345 -5.07 39.59 25.91
CA ALA E 345 -5.35 40.60 24.89
C ALA E 345 -6.86 40.64 24.64
N GLN E 346 -7.49 41.78 24.99
CA GLN E 346 -8.91 41.94 24.74
C GLN E 346 -9.19 42.14 23.25
N ASP E 347 -8.26 42.76 22.52
CA ASP E 347 -8.39 42.97 21.10
C ASP E 347 -7.01 42.82 20.45
N LEU E 348 -6.98 42.91 19.12
CA LEU E 348 -5.73 42.69 18.40
C LEU E 348 -4.72 43.81 18.64
N GLU E 349 -5.19 45.03 18.90
CA GLU E 349 -4.26 46.13 19.16
C GLU E 349 -3.48 45.88 20.45
N PHE E 350 -4.14 45.38 21.48
CA PHE E 350 -3.44 45.03 22.71
C PHE E 350 -2.43 43.92 22.48
N LEU E 351 -2.70 43.03 21.53
CA LEU E 351 -1.76 41.95 21.23
C LEU E 351 -0.49 42.49 20.56
N ARG E 352 -0.65 43.46 19.66
CA ARG E 352 0.51 43.99 18.95
C ARG E 352 1.41 44.81 19.88
N GLU E 353 0.86 45.43 20.91
CA GLU E 353 1.59 46.38 21.73
C GLU E 353 2.10 45.80 23.05
N ASN E 354 1.54 44.69 23.52
CA ASN E 354 1.87 44.17 24.84
C ASN E 354 2.42 42.74 24.84
N ALA E 355 2.12 41.93 23.83
CA ALA E 355 2.53 40.54 23.86
C ALA E 355 4.06 40.42 23.78
N GLN E 356 4.60 39.54 24.61
CA GLN E 356 6.03 39.31 24.68
C GLN E 356 6.35 37.89 24.24
N PHE E 357 7.48 37.73 23.56
CA PHE E 357 7.97 36.42 23.11
C PHE E 357 9.09 35.93 24.01
N ILE E 358 9.37 34.63 23.92
CA ILE E 358 10.53 34.03 24.54
C ILE E 358 11.16 33.08 23.53
N ARG E 359 12.48 33.13 23.42
CA ARG E 359 13.20 32.37 22.40
C ARG E 359 13.58 30.99 22.93
N MET E 360 13.54 30.00 22.05
CA MET E 360 13.81 28.62 22.41
C MET E 360 14.67 27.98 21.32
N SER E 361 15.25 26.83 21.66
CA SER E 361 16.09 26.09 20.73
C SER E 361 15.24 25.06 19.98
N GLY E 362 15.89 24.23 19.17
CA GLY E 362 15.19 23.13 18.53
C GLY E 362 14.63 22.13 19.51
N ALA E 363 15.29 21.97 20.66
CA ALA E 363 14.75 21.09 21.71
C ALA E 363 13.44 21.65 22.27
N GLY E 364 13.33 22.97 22.36
CA GLY E 364 12.07 23.57 22.78
C GLY E 364 10.96 23.37 21.78
N LEU E 365 11.30 23.34 20.48
CA LEU E 365 10.28 23.08 19.46
C LEU E 365 9.73 21.68 19.60
N LEU E 366 10.60 20.69 19.78
CA LEU E 366 10.14 19.32 19.94
C LEU E 366 9.33 19.13 21.21
N GLU E 367 9.62 19.94 22.25
CA GLU E 367 8.78 19.92 23.44
C GLU E 367 7.42 20.55 23.18
N SER E 368 7.37 21.56 22.31
CA SER E 368 6.12 22.25 22.04
C SER E 368 5.14 21.36 21.27
N HIS E 369 5.65 20.58 20.33
CA HIS E 369 4.83 19.61 19.62
C HIS E 369 4.55 18.40 20.52
N PRO E 370 3.57 17.57 20.16
CA PRO E 370 3.44 16.27 20.83
C PRO E 370 4.69 15.44 20.62
N HIS E 371 5.06 14.67 21.64
CA HIS E 371 6.30 13.93 21.61
C HIS E 371 6.16 12.63 22.40
N HIS E 372 6.86 11.60 21.93
CA HIS E 372 6.93 10.31 22.62
C HIS E 372 5.55 9.72 22.87
N VAL E 373 4.68 9.79 21.86
CA VAL E 373 3.35 9.19 21.94
C VAL E 373 2.91 8.80 20.54
N GLN E 374 2.43 7.58 20.39
CA GLN E 374 1.90 7.10 19.12
C GLN E 374 0.52 7.72 18.93
N ILE E 375 0.43 8.73 18.06
CA ILE E 375 -0.82 9.44 17.87
C ILE E 375 -1.82 8.52 17.17
N THR E 376 -3.05 8.49 17.69
CA THR E 376 -4.08 7.60 17.16
C THR E 376 -4.86 8.25 16.03
N LYS E 377 -5.49 9.41 16.29
CA LYS E 377 -6.34 10.07 15.33
C LYS E 377 -5.82 11.48 15.06
N GLU E 378 -6.18 12.00 13.89
CA GLU E 378 -5.81 13.36 13.50
C GLU E 378 -6.70 14.37 14.23
N ALA E 379 -6.08 15.50 14.65
CA ALA E 379 -6.84 16.58 15.24
C ALA E 379 -7.30 17.57 14.18
N PRO E 380 -8.43 18.24 14.40
CA PRO E 380 -8.89 19.22 13.39
C PRO E 380 -7.96 20.40 13.22
N ASN E 381 -7.09 20.69 14.19
CA ASN E 381 -6.12 21.77 14.08
C ASN E 381 -4.68 21.28 14.14
N TYR E 382 -4.45 19.97 14.07
CA TYR E 382 -3.11 19.41 14.11
C TYR E 382 -3.12 18.13 13.27
N SER E 383 -2.84 18.29 11.97
CA SER E 383 -2.85 17.17 11.04
C SER E 383 -1.43 16.84 10.56
N PHE F 20 1.25 60.33 21.05
CA PHE F 20 2.60 60.07 21.54
C PHE F 20 2.62 58.82 22.41
N GLN F 21 3.06 57.70 21.82
CA GLN F 21 3.11 56.41 22.51
C GLN F 21 4.48 55.79 22.25
N SER F 22 5.41 56.04 23.16
CA SER F 22 6.75 55.44 23.10
C SER F 22 6.70 54.14 23.88
N ASN F 23 6.53 53.02 23.17
CA ASN F 23 6.26 51.73 23.79
C ASN F 23 7.58 51.02 24.06
N ALA F 24 7.94 50.92 25.34
CA ALA F 24 9.11 50.14 25.72
C ALA F 24 8.86 48.64 25.61
N MET F 25 7.60 48.21 25.65
CA MET F 25 7.28 46.80 25.47
C MET F 25 7.51 46.35 24.04
N TRP F 26 7.50 47.27 23.07
CA TRP F 26 7.72 46.91 21.68
C TRP F 26 9.14 46.43 21.44
N GLU F 27 10.12 47.06 22.10
CA GLU F 27 11.51 46.72 21.88
C GLU F 27 12.01 45.58 22.76
N SER F 28 11.18 45.09 23.69
CA SER F 28 11.56 43.97 24.55
C SER F 28 10.84 42.68 24.17
N LYS F 29 10.27 42.63 22.96
CA LYS F 29 9.45 41.49 22.57
C LYS F 29 10.27 40.20 22.49
N PHE F 30 11.50 40.26 21.94
CA PHE F 30 12.28 39.08 21.66
C PHE F 30 13.54 38.99 22.52
N VAL F 31 13.49 39.51 23.74
CA VAL F 31 14.67 39.54 24.60
C VAL F 31 14.81 38.26 25.41
N LYS F 32 13.71 37.69 25.88
CA LYS F 32 13.79 36.54 26.79
C LYS F 32 14.22 35.28 26.05
N GLU F 33 14.94 34.42 26.78
CA GLU F 33 15.39 33.12 26.30
C GLU F 33 14.87 32.03 27.21
N GLY F 34 14.55 30.89 26.62
CA GLY F 34 13.99 29.77 27.37
C GLY F 34 14.78 28.49 27.16
N LEU F 35 14.85 27.69 28.22
CA LEU F 35 15.55 26.42 28.22
C LEU F 35 14.60 25.30 28.60
N THR F 36 14.82 24.13 28.02
CA THR F 36 14.04 22.92 28.32
C THR F 36 14.99 21.81 28.77
N PHE F 37 14.42 20.63 29.01
CA PHE F 37 15.20 19.52 29.56
C PHE F 37 16.33 19.12 28.63
N ASP F 38 16.06 18.97 27.34
CA ASP F 38 17.07 18.50 26.39
C ASP F 38 18.11 19.55 26.06
N ASP F 39 18.06 20.73 26.66
CA ASP F 39 19.05 21.77 26.40
C ASP F 39 20.21 21.77 27.39
N VAL F 40 20.06 21.12 28.55
CA VAL F 40 21.01 21.26 29.64
C VAL F 40 21.38 19.89 30.18
N LEU F 41 22.39 19.89 31.05
CA LEU F 41 22.82 18.72 31.81
C LEU F 41 23.17 19.16 33.22
N LEU F 42 23.03 18.24 34.17
CA LEU F 42 23.47 18.52 35.53
C LEU F 42 24.96 18.29 35.67
N VAL F 43 25.63 19.22 36.35
CA VAL F 43 27.07 19.18 36.51
C VAL F 43 27.42 18.32 37.72
N PRO F 44 28.30 17.33 37.58
CA PRO F 44 28.71 16.54 38.76
C PRO F 44 29.46 17.37 39.76
N ALA F 45 29.26 17.06 41.04
CA ALA F 45 29.91 17.75 42.13
C ALA F 45 30.44 16.72 43.14
N LYS F 46 31.22 17.20 44.09
CA LYS F 46 31.77 16.32 45.12
C LYS F 46 30.65 15.70 45.93
N SER F 47 30.73 14.38 46.14
CA SER F 47 29.66 13.63 46.77
C SER F 47 30.25 12.77 47.89
N ASP F 48 29.71 12.95 49.09
CA ASP F 48 30.00 12.07 50.22
C ASP F 48 28.82 11.15 50.53
N VAL F 49 27.84 11.08 49.64
CA VAL F 49 26.64 10.28 49.85
C VAL F 49 26.51 9.27 48.71
N LEU F 50 25.99 8.11 49.04
CA LEU F 50 25.69 7.08 48.06
C LEU F 50 24.21 7.15 47.68
N PRO F 51 23.86 6.81 46.44
CA PRO F 51 22.44 6.90 46.03
C PRO F 51 21.50 6.08 46.89
N ARG F 52 21.96 4.98 47.48
CA ARG F 52 21.08 4.14 48.28
C ARG F 52 20.69 4.78 49.60
N GLU F 53 21.44 5.79 50.07
CA GLU F 53 21.23 6.37 51.39
C GLU F 53 20.69 7.79 51.35
N VAL F 54 20.40 8.33 50.16
CA VAL F 54 19.87 9.69 50.07
C VAL F 54 18.39 9.70 50.41
N SER F 55 17.89 10.88 50.77
CA SER F 55 16.49 11.06 51.13
C SER F 55 15.73 11.70 49.97
N VAL F 56 14.64 11.06 49.56
CA VAL F 56 13.77 11.58 48.52
C VAL F 56 12.46 12.10 49.08
N LYS F 57 12.39 12.29 50.40
CA LYS F 57 11.18 12.83 51.01
C LYS F 57 11.00 14.29 50.66
N THR F 58 9.74 14.73 50.63
CA THR F 58 9.40 16.11 50.32
C THR F 58 8.17 16.51 51.11
N VAL F 59 8.12 17.78 51.49
CA VAL F 59 7.02 18.31 52.31
C VAL F 59 6.40 19.47 51.54
N LEU F 60 5.16 19.28 51.08
CA LEU F 60 4.43 20.34 50.41
C LEU F 60 3.68 21.24 51.38
N SER F 61 3.28 20.71 52.52
CA SER F 61 2.61 21.49 53.57
C SER F 61 2.67 20.68 54.86
N GLU F 62 2.17 21.28 55.95
CA GLU F 62 2.14 20.57 57.22
C GLU F 62 1.25 19.34 57.18
N SER F 63 0.29 19.29 56.25
CA SER F 63 -0.64 18.17 56.14
C SER F 63 -0.44 17.38 54.86
N LEU F 64 0.60 17.65 54.09
CA LEU F 64 0.86 16.96 52.83
C LEU F 64 2.35 16.65 52.76
N GLN F 65 2.73 15.44 53.13
CA GLN F 65 4.12 14.99 53.11
C GLN F 65 4.20 13.72 52.28
N LEU F 66 5.20 13.66 51.39
CA LEU F 66 5.35 12.55 50.46
C LEU F 66 6.72 11.90 50.64
N ASN F 67 6.75 10.57 50.56
CA ASN F 67 8.01 9.85 50.66
C ASN F 67 8.80 9.91 49.35
N ILE F 68 8.10 10.01 48.22
CA ILE F 68 8.75 10.17 46.92
C ILE F 68 8.13 11.36 46.21
N PRO F 69 8.88 12.12 45.41
CA PRO F 69 8.35 13.33 44.77
C PRO F 69 7.64 13.04 43.45
N LEU F 70 6.65 12.16 43.49
CA LEU F 70 5.92 11.75 42.30
C LEU F 70 4.42 11.94 42.52
N ILE F 71 3.79 12.64 41.59
CA ILE F 71 2.33 12.80 41.57
C ILE F 71 1.83 12.36 40.20
N SER F 72 0.76 11.57 40.18
CA SER F 72 0.13 11.15 38.94
C SER F 72 -0.87 12.19 38.49
N ALA F 73 -0.88 12.50 37.19
CA ALA F 73 -1.72 13.57 36.66
C ALA F 73 -3.19 13.21 36.78
N GLY F 74 -4.01 14.24 37.00
CA GLY F 74 -5.45 14.07 37.05
C GLY F 74 -6.08 14.00 35.68
N MET F 75 -5.90 12.88 34.99
CA MET F 75 -6.39 12.70 33.64
C MET F 75 -7.17 11.38 33.56
N ASP F 76 -8.16 11.35 32.67
CA ASP F 76 -9.07 10.19 32.60
C ASP F 76 -8.39 8.93 32.10
N THR F 77 -7.18 9.02 31.55
CA THR F 77 -6.42 7.84 31.13
C THR F 77 -5.22 7.58 32.03
N VAL F 78 -5.11 8.29 33.15
CA VAL F 78 -3.93 8.17 34.01
C VAL F 78 -4.31 7.72 35.42
N THR F 79 -5.17 8.49 36.09
CA THR F 79 -5.40 8.31 37.52
C THR F 79 -6.89 8.16 37.82
N GLU F 80 -7.24 7.04 38.45
CA GLU F 80 -8.52 6.91 39.14
C GLU F 80 -8.26 6.32 40.52
N ALA F 81 -9.22 5.57 41.07
CA ALA F 81 -9.09 5.06 42.43
C ALA F 81 -7.92 4.09 42.53
N ASP F 82 -7.81 3.15 41.59
CA ASP F 82 -6.75 2.14 41.66
C ASP F 82 -5.37 2.78 41.50
N MET F 83 -5.26 3.82 40.68
CA MET F 83 -3.96 4.47 40.50
C MET F 83 -3.55 5.24 41.75
N ALA F 84 -4.49 5.99 42.35
CA ALA F 84 -4.16 6.76 43.54
C ALA F 84 -3.79 5.86 44.71
N ILE F 85 -4.47 4.71 44.84
CA ILE F 85 -4.14 3.76 45.90
C ILE F 85 -2.71 3.25 45.71
N ALA F 86 -2.38 2.84 44.49
CA ALA F 86 -1.04 2.34 44.22
C ALA F 86 0.01 3.45 44.30
N MET F 87 -0.36 4.67 43.91
CA MET F 87 0.59 5.79 44.00
C MET F 87 0.89 6.11 45.46
N ALA F 88 -0.14 6.16 46.31
CA ALA F 88 0.07 6.50 47.71
C ALA F 88 0.89 5.42 48.41
N ARG F 89 0.63 4.15 48.11
CA ARG F 89 1.37 3.06 48.74
C ARG F 89 2.84 3.05 48.33
N GLN F 90 3.17 3.65 47.18
CA GLN F 90 4.56 3.83 46.81
C GLN F 90 5.20 5.03 47.48
N GLY F 91 4.42 5.86 48.18
CA GLY F 91 4.92 7.06 48.80
C GLY F 91 4.59 8.33 48.05
N GLY F 92 3.91 8.25 46.92
CA GLY F 92 3.55 9.39 46.11
C GLY F 92 2.14 9.87 46.36
N LEU F 93 1.54 10.48 45.33
CA LEU F 93 0.20 11.03 45.44
C LEU F 93 -0.51 10.85 44.11
N GLY F 94 -1.82 10.61 44.18
CA GLY F 94 -2.64 10.47 42.99
C GLY F 94 -3.74 11.53 42.97
N ILE F 95 -3.96 12.11 41.80
CA ILE F 95 -4.99 13.13 41.60
C ILE F 95 -6.10 12.51 40.77
N ILE F 96 -7.26 12.30 41.40
CA ILE F 96 -8.40 11.74 40.69
C ILE F 96 -8.97 12.79 39.75
N HIS F 97 -9.16 12.41 38.48
CA HIS F 97 -9.57 13.36 37.46
C HIS F 97 -11.03 13.75 37.64
N LYS F 98 -11.43 14.81 36.93
CA LYS F 98 -12.73 15.43 37.10
C LYS F 98 -13.70 15.09 35.96
N ASN F 99 -13.33 14.21 35.04
CA ASN F 99 -14.24 13.80 33.99
C ASN F 99 -15.23 12.75 34.51
N MET F 100 -15.90 13.08 35.60
CA MET F 100 -16.91 12.21 36.20
C MET F 100 -17.81 13.07 37.07
N SER F 101 -18.92 12.49 37.51
CA SER F 101 -19.85 13.23 38.33
C SER F 101 -19.24 13.54 39.71
N ILE F 102 -19.85 14.52 40.39
CA ILE F 102 -19.42 14.84 41.74
C ILE F 102 -19.63 13.65 42.65
N GLU F 103 -20.73 12.91 42.45
CA GLU F 103 -20.98 11.71 43.24
C GLU F 103 -19.90 10.66 43.01
N GLN F 104 -19.48 10.47 41.76
CA GLN F 104 -18.51 9.43 41.46
C GLN F 104 -17.11 9.80 41.90
N GLN F 105 -16.76 11.09 41.87
CA GLN F 105 -15.42 11.50 42.30
C GLN F 105 -15.28 11.44 43.81
N ALA F 106 -16.32 11.85 44.54
CA ALA F 106 -16.29 11.72 45.99
C ALA F 106 -16.27 10.25 46.42
N GLU F 107 -16.90 9.38 45.62
CA GLU F 107 -16.89 7.95 45.94
C GLU F 107 -15.52 7.34 45.76
N GLN F 108 -14.74 7.83 44.79
CA GLN F 108 -13.39 7.33 44.58
C GLN F 108 -12.44 7.86 45.64
N VAL F 109 -12.53 9.15 45.97
CA VAL F 109 -11.71 9.72 47.04
C VAL F 109 -12.00 8.99 48.35
N ASP F 110 -13.26 8.68 48.61
CA ASP F 110 -13.62 7.95 49.83
C ASP F 110 -12.97 6.57 49.86
N LYS F 111 -12.88 5.92 48.70
CA LYS F 111 -12.29 4.58 48.67
C LYS F 111 -10.79 4.62 48.92
N VAL F 112 -10.09 5.59 48.30
CA VAL F 112 -8.65 5.69 48.51
C VAL F 112 -8.34 5.98 49.97
N LYS F 113 -9.19 6.78 50.62
CA LYS F 113 -8.97 7.11 52.02
C LYS F 113 -9.31 5.93 52.93
N ARG F 114 -10.39 5.21 52.62
CA ARG F 114 -10.82 4.10 53.46
C ARG F 114 -10.03 2.82 53.23
N SER F 115 -9.24 2.74 52.16
CA SER F 115 -8.44 1.55 51.89
C SER F 115 -6.99 1.76 52.37
N GLY F 116 -6.85 1.93 53.68
CA GLY F 116 -5.55 2.03 54.31
C GLY F 116 -5.19 3.39 54.88
N GLY F 117 -6.07 4.38 54.78
CA GLY F 117 -5.75 5.72 55.25
C GLY F 117 -4.69 6.40 54.42
N LEU F 118 -4.84 6.35 53.10
CA LEU F 118 -3.85 6.86 52.17
C LEU F 118 -4.14 8.31 51.80
N LEU F 119 -3.11 8.99 51.32
CA LEU F 119 -3.26 10.34 50.80
C LEU F 119 -3.83 10.31 49.40
N VAL F 120 -4.71 11.27 49.10
CA VAL F 120 -5.37 11.33 47.81
C VAL F 120 -5.75 12.77 47.52
N GLY F 121 -5.71 13.13 46.23
CA GLY F 121 -6.14 14.43 45.79
C GLY F 121 -7.16 14.30 44.67
N ALA F 122 -7.81 15.42 44.36
CA ALA F 122 -8.85 15.45 43.34
C ALA F 122 -8.76 16.77 42.57
N ALA F 123 -9.01 16.68 41.26
CA ALA F 123 -8.98 17.84 40.39
C ALA F 123 -10.36 18.49 40.32
N VAL F 124 -10.40 19.82 40.32
CA VAL F 124 -11.64 20.59 40.24
C VAL F 124 -11.45 21.70 39.22
N GLY F 125 -12.39 21.82 38.29
CA GLY F 125 -12.34 22.88 37.30
C GLY F 125 -12.88 24.20 37.82
N VAL F 126 -12.60 25.26 37.07
CA VAL F 126 -13.04 26.61 37.47
C VAL F 126 -14.35 26.87 36.76
N THR F 127 -15.43 26.39 37.38
CA THR F 127 -16.78 26.56 36.84
C THR F 127 -17.70 27.00 37.97
N ALA F 128 -18.99 27.07 37.66
CA ALA F 128 -19.96 27.55 38.65
C ALA F 128 -20.18 26.52 39.76
N ASP F 129 -20.27 25.24 39.41
CA ASP F 129 -20.47 24.19 40.38
C ASP F 129 -19.18 23.73 41.05
N ALA F 130 -18.11 24.51 40.95
CA ALA F 130 -16.83 24.10 41.52
C ALA F 130 -16.92 23.99 43.04
N MET F 131 -17.65 24.91 43.68
CA MET F 131 -17.78 24.86 45.13
C MET F 131 -18.60 23.66 45.58
N THR F 132 -19.62 23.30 44.80
CA THR F 132 -20.43 22.13 45.13
C THR F 132 -19.60 20.85 45.04
N ARG F 133 -18.76 20.73 44.01
CA ARG F 133 -17.88 19.58 43.90
C ARG F 133 -16.86 19.55 45.02
N ILE F 134 -16.36 20.72 45.43
CA ILE F 134 -15.39 20.79 46.51
C ILE F 134 -16.01 20.35 47.83
N ASP F 135 -17.28 20.69 48.05
CA ASP F 135 -17.95 20.33 49.29
C ASP F 135 -18.01 18.81 49.47
N ALA F 136 -18.39 18.09 48.41
CA ALA F 136 -18.47 16.63 48.50
C ALA F 136 -17.08 16.01 48.68
N LEU F 137 -16.05 16.63 48.10
CA LEU F 137 -14.70 16.10 48.27
C LEU F 137 -14.16 16.34 49.67
N VAL F 138 -14.54 17.46 50.29
CA VAL F 138 -14.06 17.76 51.63
C VAL F 138 -14.65 16.78 52.65
N LYS F 139 -15.96 16.54 52.58
CA LYS F 139 -16.58 15.60 53.51
C LYS F 139 -16.07 14.18 53.30
N ALA F 140 -15.56 13.86 52.11
CA ALA F 140 -14.93 12.57 51.86
C ALA F 140 -13.48 12.53 52.31
N SER F 141 -13.04 13.54 53.07
CA SER F 141 -11.69 13.58 53.64
C SER F 141 -10.61 13.59 52.56
N VAL F 142 -10.75 14.50 51.60
CA VAL F 142 -9.70 14.70 50.61
C VAL F 142 -8.58 15.51 51.24
N ASP F 143 -7.35 15.28 50.78
CA ASP F 143 -6.19 15.95 51.35
C ASP F 143 -5.80 17.20 50.58
N ALA F 144 -5.97 17.21 49.26
CA ALA F 144 -5.63 18.36 48.45
C ALA F 144 -6.58 18.44 47.27
N ILE F 145 -6.89 19.67 46.86
CA ILE F 145 -7.75 19.93 45.70
C ILE F 145 -6.92 20.68 44.66
N VAL F 146 -6.96 20.19 43.43
CA VAL F 146 -6.15 20.74 42.35
C VAL F 146 -7.07 21.58 41.46
N LEU F 147 -7.08 22.89 41.69
CA LEU F 147 -7.78 23.80 40.81
C LEU F 147 -7.02 23.92 39.50
N ASP F 148 -7.30 23.02 38.55
CA ASP F 148 -6.55 22.92 37.32
C ASP F 148 -7.31 23.60 36.19
N THR F 149 -6.62 24.49 35.46
CA THR F 149 -7.20 25.17 34.32
C THR F 149 -6.09 25.44 33.31
N ALA F 150 -6.51 25.78 32.08
CA ALA F 150 -5.55 26.01 31.01
C ALA F 150 -4.67 27.22 31.30
N HIS F 151 -5.26 28.31 31.77
CA HIS F 151 -4.56 29.56 32.03
C HIS F 151 -4.75 29.92 33.50
N GLY F 152 -3.77 29.57 34.33
CA GLY F 152 -3.87 29.84 35.76
C GLY F 152 -3.80 31.32 36.11
N HIS F 153 -3.22 32.14 35.24
CA HIS F 153 -3.11 33.57 35.49
C HIS F 153 -4.34 34.33 34.99
N SER F 154 -5.51 33.88 35.44
CA SER F 154 -6.78 34.48 35.06
C SER F 154 -7.48 35.03 36.29
N GLN F 155 -8.43 35.94 36.06
CA GLN F 155 -9.15 36.55 37.17
C GLN F 155 -10.11 35.55 37.80
N GLY F 156 -10.77 34.73 36.99
CA GLY F 156 -11.68 33.74 37.54
C GLY F 156 -10.99 32.70 38.40
N VAL F 157 -9.77 32.33 38.02
CA VAL F 157 -9.01 31.38 38.82
C VAL F 157 -8.61 31.99 40.15
N ILE F 158 -8.14 33.24 40.12
CA ILE F 158 -7.73 33.91 41.36
C ILE F 158 -8.93 34.12 42.28
N ASP F 159 -10.07 34.54 41.70
CA ASP F 159 -11.27 34.70 42.51
C ASP F 159 -11.75 33.37 43.09
N LYS F 160 -11.55 32.28 42.34
CA LYS F 160 -11.98 30.97 42.85
C LYS F 160 -11.09 30.51 43.99
N VAL F 161 -9.79 30.80 43.93
CA VAL F 161 -8.88 30.39 45.01
C VAL F 161 -9.24 31.13 46.29
N LYS F 162 -9.50 32.43 46.21
CA LYS F 162 -9.91 33.19 47.39
C LYS F 162 -11.24 32.69 47.95
N GLU F 163 -12.15 32.27 47.06
CA GLU F 163 -13.44 31.78 47.52
C GLU F 163 -13.32 30.45 48.25
N VAL F 164 -12.36 29.60 47.85
CA VAL F 164 -12.18 28.32 48.52
C VAL F 164 -11.38 28.50 49.81
N ARG F 165 -10.37 29.36 49.80
CA ARG F 165 -9.58 29.60 51.01
C ARG F 165 -10.41 30.27 52.09
N ALA F 166 -11.37 31.12 51.71
CA ALA F 166 -12.22 31.75 52.70
C ALA F 166 -13.18 30.74 53.32
N LYS F 167 -13.67 29.79 52.52
CA LYS F 167 -14.59 28.78 53.04
C LYS F 167 -13.86 27.66 53.77
N TYR F 168 -12.65 27.32 53.32
CA TYR F 168 -11.83 26.29 53.95
C TYR F 168 -10.44 26.84 54.20
N PRO F 169 -10.08 27.18 55.44
CA PRO F 169 -8.75 27.74 55.70
C PRO F 169 -7.65 26.72 55.96
N SER F 170 -7.98 25.44 56.09
CA SER F 170 -6.98 24.40 56.31
C SER F 170 -6.92 23.39 55.17
N LEU F 171 -7.53 23.68 54.03
CA LEU F 171 -7.53 22.78 52.89
C LEU F 171 -6.34 23.06 51.99
N ASN F 172 -5.59 22.01 51.67
CA ASN F 172 -4.47 22.14 50.75
C ASN F 172 -4.99 22.46 49.35
N ILE F 173 -4.60 23.61 48.82
CA ILE F 173 -5.08 24.08 47.52
C ILE F 173 -3.90 24.11 46.56
N ILE F 174 -4.02 23.35 45.46
CA ILE F 174 -3.03 23.33 44.39
C ILE F 174 -3.64 24.02 43.18
N ALA F 175 -3.01 25.10 42.73
CA ALA F 175 -3.55 25.93 41.65
C ALA F 175 -2.58 25.96 40.48
N GLY F 176 -3.13 25.99 39.27
CA GLY F 176 -2.32 26.03 38.07
C GLY F 176 -3.21 25.96 36.85
N ASN F 177 -2.58 25.93 35.68
CA ASN F 177 -1.12 25.97 35.56
C ASN F 177 -0.63 27.36 35.20
N VAL F 178 0.60 27.67 35.60
CA VAL F 178 1.24 28.95 35.33
C VAL F 178 2.64 28.71 34.78
N ALA F 179 3.26 29.78 34.31
CA ALA F 179 4.61 29.67 33.76
C ALA F 179 5.46 30.90 33.98
N THR F 180 4.97 31.93 34.68
CA THR F 180 5.74 33.14 34.94
C THR F 180 5.80 33.40 36.44
N ALA F 181 6.71 34.30 36.82
CA ALA F 181 6.86 34.64 38.23
C ALA F 181 5.71 35.49 38.74
N GLU F 182 5.15 36.35 37.89
CA GLU F 182 4.03 37.18 38.33
C GLU F 182 2.77 36.35 38.54
N ALA F 183 2.57 35.33 37.70
CA ALA F 183 1.43 34.45 37.88
C ALA F 183 1.54 33.65 39.18
N THR F 184 2.77 33.23 39.53
CA THR F 184 2.96 32.49 40.78
C THR F 184 2.62 33.35 41.99
N LYS F 185 3.08 34.61 42.01
CA LYS F 185 2.77 35.50 43.12
C LYS F 185 1.27 35.76 43.22
N ALA F 186 0.57 35.83 42.08
CA ALA F 186 -0.86 36.09 42.11
C ALA F 186 -1.63 34.94 42.74
N LEU F 187 -1.20 33.70 42.49
CA LEU F 187 -1.90 32.55 43.07
C LEU F 187 -1.55 32.35 44.54
N ILE F 188 -0.32 32.67 44.94
CA ILE F 188 0.06 32.55 46.35
C ILE F 188 -0.73 33.55 47.19
N GLU F 189 -0.84 34.79 46.71
CA GLU F 189 -1.61 35.81 47.42
C GLU F 189 -3.11 35.55 47.38
N ALA F 190 -3.57 34.62 46.53
CA ALA F 190 -4.99 34.28 46.48
C ALA F 190 -5.38 33.23 47.50
N GLY F 191 -4.42 32.46 48.01
CA GLY F 191 -4.73 31.45 49.01
C GLY F 191 -4.13 30.09 48.70
N ALA F 192 -3.57 29.93 47.51
CA ALA F 192 -2.95 28.67 47.14
C ALA F 192 -1.62 28.49 47.86
N ASN F 193 -1.40 27.28 48.39
CA ASN F 193 -0.16 26.96 49.07
C ASN F 193 0.73 26.03 48.26
N VAL F 194 0.27 25.57 47.09
CA VAL F 194 1.09 24.79 46.16
C VAL F 194 0.77 25.27 44.74
N VAL F 195 1.81 25.59 43.98
CA VAL F 195 1.66 26.13 42.63
C VAL F 195 2.11 25.07 41.63
N LYS F 196 1.30 24.85 40.61
CA LYS F 196 1.60 23.87 39.57
C LYS F 196 2.03 24.61 38.30
N VAL F 197 3.20 24.22 37.76
CA VAL F 197 3.86 24.93 36.68
C VAL F 197 3.88 24.06 35.43
N GLY F 198 3.59 24.66 34.28
CA GLY F 198 3.64 23.97 33.01
C GLY F 198 2.55 24.39 32.04
N ILE F 199 2.93 25.13 31.00
CA ILE F 199 1.99 25.58 29.97
C ILE F 199 2.57 25.12 28.63
N GLY F 200 2.07 23.99 28.13
CA GLY F 200 2.44 23.50 26.81
C GLY F 200 3.52 22.44 26.66
N PRO F 201 4.13 21.90 27.72
CA PRO F 201 5.17 20.88 27.51
C PRO F 201 4.66 19.45 27.49
N GLY F 202 3.38 19.22 27.73
CA GLY F 202 2.88 17.85 27.83
C GLY F 202 3.11 17.07 26.55
N SER F 203 3.29 15.75 26.72
CA SER F 203 3.54 14.89 25.57
C SER F 203 2.36 14.84 24.62
N ILE F 204 1.15 15.04 25.13
CA ILE F 204 -0.06 15.00 24.33
C ILE F 204 -0.65 16.39 24.11
N CYS F 205 0.12 17.44 24.39
CA CYS F 205 -0.37 18.81 24.38
C CYS F 205 -0.01 19.52 23.07
N THR F 206 -0.95 20.30 22.55
CA THR F 206 -0.73 21.10 21.34
C THR F 206 -0.99 22.58 21.57
N THR F 207 -1.00 23.02 22.83
CA THR F 207 -1.27 24.43 23.12
C THR F 207 -0.30 25.35 22.39
N ARG F 208 0.99 25.04 22.45
CA ARG F 208 1.99 25.88 21.81
C ARG F 208 1.89 25.86 20.30
N VAL F 209 1.22 24.86 19.73
CA VAL F 209 1.08 24.76 18.27
C VAL F 209 -0.19 25.46 17.79
N VAL F 210 -1.29 25.35 18.53
CA VAL F 210 -2.55 25.94 18.09
C VAL F 210 -2.79 27.34 18.63
N ALA F 211 -2.14 27.71 19.73
CA ALA F 211 -2.28 29.05 20.29
C ALA F 211 -0.99 29.84 20.30
N GLY F 212 0.16 29.22 20.02
CA GLY F 212 1.44 29.90 20.01
C GLY F 212 1.95 30.33 21.35
N VAL F 213 1.35 29.86 22.44
CA VAL F 213 1.63 30.35 23.79
C VAL F 213 2.32 29.25 24.59
N GLY F 214 3.32 29.64 25.36
CA GLY F 214 3.98 28.71 26.26
C GLY F 214 5.33 29.24 26.70
N VAL F 215 5.88 28.54 27.69
CA VAL F 215 7.23 28.81 28.18
C VAL F 215 7.96 27.48 28.27
N PRO F 216 9.20 27.39 27.78
CA PRO F 216 9.98 26.15 27.97
C PRO F 216 10.00 25.72 29.43
N GLN F 217 9.73 24.44 29.66
CA GLN F 217 9.34 23.98 30.99
C GLN F 217 10.42 24.23 32.03
N LEU F 218 11.69 24.03 31.67
CA LEU F 218 12.75 24.20 32.64
C LEU F 218 12.91 25.65 33.06
N THR F 219 12.83 26.57 32.09
CA THR F 219 12.86 28.00 32.42
C THR F 219 11.61 28.40 33.20
N ALA F 220 10.47 27.80 32.87
CA ALA F 220 9.23 28.11 33.59
C ALA F 220 9.30 27.66 35.05
N VAL F 221 9.81 26.45 35.29
CA VAL F 221 9.95 25.97 36.66
C VAL F 221 10.93 26.83 37.44
N TYR F 222 12.00 27.27 36.78
CA TYR F 222 13.02 28.07 37.46
C TYR F 222 12.49 29.46 37.83
N ASP F 223 11.77 30.09 36.91
CA ASP F 223 11.24 31.43 37.19
C ASP F 223 10.15 31.39 38.24
N CYS F 224 9.29 30.37 38.20
CA CYS F 224 8.21 30.28 39.18
C CYS F 224 8.74 29.91 40.56
N ALA F 225 9.74 29.03 40.62
CA ALA F 225 10.34 28.69 41.90
C ALA F 225 11.09 29.86 42.50
N THR F 226 11.65 30.73 41.66
CA THR F 226 12.33 31.92 42.16
C THR F 226 11.37 32.82 42.94
N GLU F 227 10.14 32.94 42.46
CA GLU F 227 9.15 33.75 43.16
C GLU F 227 8.52 32.99 44.32
N ALA F 228 8.27 31.70 44.13
CA ALA F 228 7.58 30.92 45.16
C ALA F 228 8.45 30.73 46.41
N ARG F 229 9.76 30.62 46.24
CA ARG F 229 10.64 30.42 47.40
C ARG F 229 10.68 31.65 48.30
N LYS F 230 10.34 32.82 47.79
CA LYS F 230 10.30 34.02 48.62
C LYS F 230 9.15 33.99 49.61
N HIS F 231 8.16 33.13 49.41
CA HIS F 231 7.04 32.99 50.33
C HIS F 231 6.99 31.63 51.01
N GLY F 232 7.91 30.73 50.71
CA GLY F 232 7.90 29.41 51.30
C GLY F 232 6.84 28.49 50.71
N ILE F 233 6.61 28.57 49.41
CA ILE F 233 5.57 27.82 48.72
C ILE F 233 6.23 26.83 47.77
N PRO F 234 5.87 25.55 47.81
CA PRO F 234 6.46 24.58 46.87
C PRO F 234 5.87 24.75 45.47
N VAL F 235 6.51 24.08 44.52
CA VAL F 235 6.16 24.17 43.11
C VAL F 235 6.15 22.78 42.51
N ILE F 236 5.14 22.48 41.69
CA ILE F 236 5.02 21.22 40.99
C ILE F 236 5.43 21.42 39.54
N ALA F 237 6.33 20.58 39.04
CA ALA F 237 6.71 20.58 37.64
C ALA F 237 5.82 19.60 36.90
N ASP F 238 4.90 20.14 36.07
CA ASP F 238 3.83 19.36 35.47
C ASP F 238 4.04 19.29 33.96
N GLY F 239 4.45 18.12 33.47
CA GLY F 239 4.49 17.86 32.06
C GLY F 239 5.90 17.95 31.48
N GLY F 240 6.08 17.29 30.34
CA GLY F 240 7.33 17.36 29.60
C GLY F 240 8.39 16.36 29.98
N ILE F 241 8.14 15.53 31.00
CA ILE F 241 9.14 14.61 31.51
C ILE F 241 9.04 13.30 30.73
N LYS F 242 10.09 12.99 29.96
CA LYS F 242 10.14 11.81 29.12
C LYS F 242 10.97 10.68 29.71
N TYR F 243 12.07 11.01 30.38
CA TYR F 243 12.92 10.02 31.03
C TYR F 243 13.12 10.43 32.49
N SER F 244 13.65 9.49 33.27
CA SER F 244 13.84 9.74 34.70
C SER F 244 14.82 10.89 34.93
N GLY F 245 15.72 11.14 33.99
CA GLY F 245 16.64 12.26 34.13
C GLY F 245 15.95 13.61 34.04
N ASP F 246 14.88 13.71 33.25
CA ASP F 246 14.11 14.94 33.19
C ASP F 246 13.52 15.29 34.55
N MET F 247 13.13 14.27 35.32
CA MET F 247 12.63 14.51 36.67
C MET F 247 13.71 15.09 37.57
N VAL F 248 14.95 14.62 37.41
CA VAL F 248 16.05 15.13 38.22
C VAL F 248 16.33 16.59 37.87
N LYS F 249 16.27 16.94 36.58
CA LYS F 249 16.50 18.31 36.17
C LYS F 249 15.38 19.23 36.69
N ALA F 250 14.14 18.75 36.67
CA ALA F 250 13.02 19.56 37.15
C ALA F 250 13.16 19.85 38.64
N LEU F 251 13.49 18.82 39.43
CA LEU F 251 13.65 19.01 40.86
C LEU F 251 14.84 19.92 41.16
N ALA F 252 15.93 19.78 40.40
CA ALA F 252 17.11 20.63 40.56
C ALA F 252 16.88 22.05 40.07
N ALA F 253 15.82 22.29 39.30
CA ALA F 253 15.50 23.63 38.84
C ALA F 253 14.67 24.43 39.83
N GLY F 254 14.20 23.81 40.91
CA GLY F 254 13.48 24.54 41.93
C GLY F 254 12.15 23.92 42.33
N ALA F 255 11.81 22.77 41.74
CA ALA F 255 10.54 22.12 42.01
C ALA F 255 10.65 21.15 43.18
N HIS F 256 9.60 21.14 44.02
CA HIS F 256 9.54 20.19 45.13
C HIS F 256 9.09 18.80 44.66
N VAL F 257 8.31 18.74 43.58
CA VAL F 257 7.69 17.50 43.15
C VAL F 257 7.35 17.63 41.68
N VAL F 258 7.26 16.50 40.98
CA VAL F 258 6.93 16.48 39.56
C VAL F 258 5.63 15.71 39.36
N MET F 259 4.88 16.10 38.32
CA MET F 259 3.64 15.45 37.95
C MET F 259 3.82 14.78 36.60
N LEU F 260 3.42 13.50 36.52
CA LEU F 260 3.64 12.69 35.34
C LEU F 260 2.32 12.21 34.76
N GLY F 261 2.29 12.10 33.44
CA GLY F 261 1.13 11.57 32.75
C GLY F 261 1.48 10.44 31.81
N SER F 262 2.31 10.71 30.81
CA SER F 262 2.65 9.70 29.81
C SER F 262 3.42 8.54 30.43
N MET F 263 4.30 8.83 31.39
CA MET F 263 5.09 7.78 32.02
C MET F 263 4.27 6.91 32.97
N PHE F 264 3.03 7.29 33.25
CA PHE F 264 2.15 6.51 34.11
C PHE F 264 0.95 5.91 33.39
N ALA F 265 0.65 6.37 32.16
CA ALA F 265 -0.54 5.88 31.46
C ALA F 265 -0.41 4.42 31.08
N GLY F 266 0.81 3.94 30.82
CA GLY F 266 1.01 2.54 30.49
C GLY F 266 1.05 1.59 31.66
N VAL F 267 0.89 2.10 32.88
CA VAL F 267 0.93 1.28 34.08
C VAL F 267 -0.37 0.50 34.23
N ALA F 268 -0.27 -0.72 34.75
CA ALA F 268 -1.43 -1.60 34.86
C ALA F 268 -2.53 -0.99 35.71
N GLU F 269 -2.17 -0.29 36.79
CA GLU F 269 -3.17 0.30 37.67
C GLU F 269 -3.90 1.48 37.05
N SER F 270 -3.45 1.98 35.90
CA SER F 270 -4.12 3.09 35.25
C SER F 270 -5.45 2.64 34.64
N PRO F 271 -6.40 3.55 34.46
CA PRO F 271 -7.68 3.16 33.87
C PRO F 271 -7.54 2.66 32.44
N GLY F 272 -8.48 1.83 32.02
CA GLY F 272 -8.47 1.31 30.67
C GLY F 272 -7.76 -0.02 30.57
N GLU F 273 -8.20 -0.81 29.60
CA GLU F 273 -7.59 -2.11 29.33
C GLU F 273 -6.51 -1.97 28.27
N THR F 274 -5.79 -3.06 28.03
CA THR F 274 -4.72 -3.08 27.05
C THR F 274 -5.24 -3.53 25.68
N GLU F 275 -4.55 -3.08 24.64
CA GLU F 275 -4.87 -3.46 23.27
C GLU F 275 -3.59 -3.81 22.53
N ILE F 276 -3.69 -4.74 21.59
CA ILE F 276 -2.55 -5.14 20.78
C ILE F 276 -2.40 -4.15 19.63
N TYR F 277 -1.22 -3.56 19.52
CA TYR F 277 -0.91 -2.59 18.48
C TYR F 277 0.57 -2.72 18.15
N GLN F 278 0.89 -2.85 16.85
CA GLN F 278 2.25 -3.11 16.38
C GLN F 278 2.80 -4.42 16.96
N GLY F 279 1.91 -5.35 17.29
CA GLY F 279 2.31 -6.62 17.87
C GLY F 279 2.66 -6.57 19.35
N ARG F 280 2.37 -5.47 20.03
CA ARG F 280 2.67 -5.31 21.44
C ARG F 280 1.44 -4.77 22.16
N GLN F 281 1.48 -4.83 23.49
CA GLN F 281 0.38 -4.31 24.30
C GLN F 281 0.53 -2.81 24.51
N PHE F 282 -0.57 -2.08 24.28
CA PHE F 282 -0.59 -0.64 24.44
C PHE F 282 -1.79 -0.23 25.28
N LYS F 283 -1.70 0.97 25.85
CA LYS F 283 -2.79 1.58 26.61
C LYS F 283 -3.09 2.95 26.03
N VAL F 284 -4.37 3.33 26.07
CA VAL F 284 -4.79 4.61 25.53
C VAL F 284 -4.29 5.75 26.41
N TYR F 285 -3.77 6.80 25.78
CA TYR F 285 -3.36 8.00 26.49
C TYR F 285 -3.73 9.20 25.64
N ARG F 286 -4.49 10.12 26.21
CA ARG F 286 -5.00 11.27 25.48
C ARG F 286 -5.00 12.49 26.39
N GLY F 287 -4.87 13.66 25.78
CA GLY F 287 -4.94 14.89 26.53
C GLY F 287 -6.36 15.22 26.94
N MET F 288 -6.50 15.90 28.08
CA MET F 288 -7.82 16.31 28.55
C MET F 288 -8.43 17.39 27.66
N GLY F 289 -7.64 18.06 26.84
CA GLY F 289 -8.13 19.03 25.89
C GLY F 289 -8.33 18.50 24.49
N SER F 290 -8.26 17.19 24.29
CA SER F 290 -8.47 16.58 22.99
C SER F 290 -9.96 16.36 22.73
N VAL F 291 -10.28 16.00 21.49
CA VAL F 291 -11.67 15.81 21.09
C VAL F 291 -12.31 14.69 21.90
N GLY F 292 -11.63 13.54 21.98
CA GLY F 292 -12.20 12.39 22.67
C GLY F 292 -12.40 12.63 24.16
N ALA F 293 -11.53 13.44 24.78
CA ALA F 293 -11.67 13.69 26.21
C ALA F 293 -12.79 14.68 26.50
N MET F 294 -12.94 15.71 25.67
N MET F 294 -12.94 15.71 25.67
CA MET F 294 -14.00 16.69 25.87
CA MET F 294 -14.00 16.69 25.86
C MET F 294 -15.36 16.14 25.49
C MET F 294 -15.36 16.19 25.39
N GLU F 295 -15.41 15.03 24.73
CA GLU F 295 -16.70 14.44 24.37
C GLU F 295 -17.33 13.71 25.54
N LYS F 296 -16.51 13.15 26.44
CA LYS F 296 -17.05 12.42 27.59
C LYS F 296 -17.91 13.31 28.47
N GLY F 297 -17.59 14.60 28.54
CA GLY F 297 -18.39 15.54 29.30
C GLY F 297 -19.38 16.29 28.43
N SER F 298 -18.87 17.18 27.57
CA SER F 298 -19.71 18.01 26.70
C SER F 298 -20.79 18.75 27.47
N LYS F 308 -20.79 25.77 19.58
CA LYS F 308 -19.59 25.96 18.79
C LYS F 308 -18.68 24.74 18.87
N LYS F 309 -18.15 24.31 17.73
CA LYS F 309 -17.27 23.15 17.71
C LYS F 309 -15.98 23.45 18.48
N LEU F 310 -15.40 22.41 19.05
CA LEU F 310 -14.26 22.57 19.94
C LEU F 310 -12.97 22.76 19.15
N VAL F 311 -12.14 23.67 19.63
CA VAL F 311 -10.78 23.84 19.12
C VAL F 311 -9.84 23.16 20.11
N PRO F 312 -9.46 21.90 19.87
CA PRO F 312 -8.70 21.17 20.89
C PRO F 312 -7.29 21.70 21.06
N GLU F 313 -6.76 21.45 22.26
CA GLU F 313 -5.36 21.76 22.58
C GLU F 313 -4.62 20.51 23.04
N GLY F 314 -5.07 19.35 22.55
CA GLY F 314 -4.42 18.08 22.84
C GLY F 314 -4.79 17.06 21.78
N ILE F 315 -4.07 15.94 21.81
CA ILE F 315 -4.27 14.86 20.86
C ILE F 315 -4.53 13.56 21.61
N GLU F 316 -5.03 12.57 20.88
CA GLU F 316 -5.26 11.23 21.39
C GLU F 316 -4.19 10.28 20.85
N GLY F 317 -3.71 9.40 21.68
CA GLY F 317 -2.63 8.50 21.34
C GLY F 317 -2.64 7.25 22.18
N ARG F 318 -1.47 6.60 22.26
CA ARG F 318 -1.32 5.35 23.00
C ARG F 318 0.13 5.21 23.41
N VAL F 319 0.35 4.61 24.58
CA VAL F 319 1.70 4.40 25.11
C VAL F 319 1.88 2.91 25.38
N PRO F 320 3.12 2.40 25.36
CA PRO F 320 3.31 0.96 25.58
C PRO F 320 2.92 0.55 27.00
N TYR F 321 2.36 -0.66 27.10
CA TYR F 321 2.04 -1.23 28.40
C TYR F 321 3.33 -1.52 29.16
N LYS F 322 3.39 -1.08 30.42
CA LYS F 322 4.63 -1.10 31.19
C LYS F 322 4.53 -1.93 32.47
N GLY F 323 3.48 -2.74 32.61
CA GLY F 323 3.33 -3.58 33.78
C GLY F 323 2.86 -2.81 34.99
N PRO F 324 3.02 -3.40 36.18
CA PRO F 324 2.54 -2.74 37.40
C PRO F 324 3.32 -1.46 37.69
N LEU F 325 2.73 -0.64 38.56
CA LEU F 325 3.30 0.67 38.88
C LEU F 325 4.63 0.54 39.63
N ALA F 326 4.80 -0.53 40.42
CA ALA F 326 6.01 -0.66 41.23
C ALA F 326 7.26 -0.71 40.37
N ASP F 327 7.19 -1.31 39.19
CA ASP F 327 8.36 -1.43 38.34
C ASP F 327 8.77 -0.07 37.77
N THR F 328 7.79 0.78 37.46
CA THR F 328 8.11 2.10 36.92
C THR F 328 8.64 3.03 38.01
N VAL F 329 8.02 3.01 39.19
CA VAL F 329 8.46 3.89 40.28
C VAL F 329 9.89 3.54 40.70
N HIS F 330 10.22 2.25 40.71
CA HIS F 330 11.57 1.84 41.08
C HIS F 330 12.61 2.43 40.13
N GLN F 331 12.33 2.40 38.82
CA GLN F 331 13.28 2.96 37.87
C GLN F 331 13.35 4.48 37.99
N LEU F 332 12.23 5.14 38.25
CA LEU F 332 12.21 6.59 38.37
C LEU F 332 13.00 7.05 39.59
N VAL F 333 12.66 6.52 40.77
CA VAL F 333 13.37 6.88 41.98
C VAL F 333 14.83 6.43 41.90
N GLY F 334 15.09 5.30 41.24
CA GLY F 334 16.47 4.86 41.08
C GLY F 334 17.31 5.85 40.31
N GLY F 335 16.76 6.39 39.21
CA GLY F 335 17.46 7.43 38.47
C GLY F 335 17.63 8.71 39.27
N LEU F 336 16.64 9.04 40.11
CA LEU F 336 16.76 10.22 40.97
C LEU F 336 17.88 10.03 41.99
N ARG F 337 17.95 8.84 42.60
CA ARG F 337 19.02 8.57 43.57
C ARG F 337 20.38 8.65 42.90
N ALA F 338 20.50 8.11 41.69
CA ALA F 338 21.76 8.24 40.94
C ALA F 338 22.08 9.70 40.68
N GLY F 339 21.10 10.47 40.20
CA GLY F 339 21.33 11.88 39.94
C GLY F 339 21.71 12.65 41.19
N MET F 340 21.07 12.34 42.32
CA MET F 340 21.43 12.98 43.57
C MET F 340 22.81 12.55 44.04
N GLY F 341 23.22 11.32 43.72
CA GLY F 341 24.56 10.88 44.05
C GLY F 341 25.62 11.62 43.25
N TYR F 342 25.38 11.82 41.95
CA TYR F 342 26.32 12.57 41.12
C TYR F 342 26.46 14.01 41.60
N CYS F 343 25.38 14.60 42.13
CA CYS F 343 25.40 15.98 42.58
C CYS F 343 25.76 16.13 44.05
N GLY F 344 25.94 15.02 44.76
CA GLY F 344 26.26 15.09 46.18
C GLY F 344 25.15 15.66 47.04
N ALA F 345 23.90 15.30 46.75
CA ALA F 345 22.74 15.82 47.46
C ALA F 345 22.28 14.79 48.49
N GLN F 346 22.31 15.18 49.76
CA GLN F 346 21.79 14.30 50.81
C GLN F 346 20.28 14.21 50.76
N ASP F 347 19.61 15.34 50.54
CA ASP F 347 18.15 15.39 50.42
C ASP F 347 17.79 16.31 49.27
N LEU F 348 16.48 16.47 49.04
CA LEU F 348 16.01 17.26 47.92
C LEU F 348 16.24 18.76 48.11
N GLU F 349 16.35 19.22 49.36
CA GLU F 349 16.62 20.64 49.57
C GLU F 349 18.02 21.02 49.09
N PHE F 350 19.00 20.15 49.32
CA PHE F 350 20.35 20.41 48.84
C PHE F 350 20.39 20.45 47.32
N LEU F 351 19.73 19.49 46.67
CA LEU F 351 19.70 19.46 45.21
C LEU F 351 18.99 20.71 44.66
N ARG F 352 17.96 21.18 45.36
CA ARG F 352 17.19 22.32 44.87
C ARG F 352 17.99 23.62 44.94
N GLU F 353 18.89 23.74 45.92
CA GLU F 353 19.59 25.00 46.17
C GLU F 353 21.03 25.01 45.65
N ASN F 354 21.62 23.85 45.37
CA ASN F 354 23.04 23.79 45.03
C ASN F 354 23.33 23.28 43.63
N ALA F 355 22.44 22.48 43.04
CA ALA F 355 22.74 21.85 41.76
C ALA F 355 22.94 22.88 40.66
N GLN F 356 23.95 22.65 39.83
CA GLN F 356 24.28 23.52 38.71
C GLN F 356 24.04 22.80 37.40
N PHE F 357 23.63 23.56 36.39
CA PHE F 357 23.40 23.04 35.04
C PHE F 357 24.50 23.53 34.10
N ILE F 358 24.57 22.89 32.94
CA ILE F 358 25.42 23.34 31.84
C ILE F 358 24.65 23.18 30.55
N ARG F 359 24.66 24.21 29.71
CA ARG F 359 23.88 24.22 28.48
C ARG F 359 24.66 23.53 27.36
N MET F 360 23.90 22.91 26.45
CA MET F 360 24.49 22.18 25.33
C MET F 360 23.64 22.41 24.08
N SER F 361 24.19 22.00 22.95
CA SER F 361 23.53 22.15 21.65
C SER F 361 22.84 20.84 21.28
N GLY F 362 22.27 20.81 20.06
CA GLY F 362 21.65 19.59 19.59
C GLY F 362 22.64 18.46 19.43
N ALA F 363 23.88 18.78 19.03
CA ALA F 363 24.93 17.76 18.97
C ALA F 363 25.23 17.20 20.35
N GLY F 364 25.16 18.04 21.39
CA GLY F 364 25.34 17.55 22.74
C GLY F 364 24.23 16.60 23.16
N LEU F 365 23.00 16.85 22.72
CA LEU F 365 21.90 15.95 23.03
C LEU F 365 22.10 14.59 22.36
N LEU F 366 22.54 14.57 21.10
CA LEU F 366 22.81 13.32 20.41
C LEU F 366 23.94 12.55 21.08
N GLU F 367 24.88 13.25 21.72
CA GLU F 367 25.92 12.58 22.48
C GLU F 367 25.38 12.01 23.78
N SER F 368 24.39 12.68 24.38
CA SER F 368 23.86 12.22 25.66
C SER F 368 23.11 10.90 25.51
N HIS F 369 22.36 10.73 24.43
CA HIS F 369 21.69 9.48 24.16
C HIS F 369 22.68 8.45 23.62
N PRO F 370 22.30 7.17 23.59
CA PRO F 370 23.13 6.19 22.87
C PRO F 370 23.18 6.53 21.38
N HIS F 371 24.33 6.25 20.78
CA HIS F 371 24.55 6.62 19.38
C HIS F 371 25.48 5.62 18.72
N HIS F 372 25.29 5.45 17.40
CA HIS F 372 26.14 4.63 16.55
C HIS F 372 26.24 3.19 17.01
N VAL F 373 25.25 2.72 17.78
CA VAL F 373 25.18 1.33 18.22
C VAL F 373 23.72 0.90 18.09
N GLN F 374 23.48 -0.17 17.34
CA GLN F 374 22.12 -0.67 17.15
C GLN F 374 21.65 -1.36 18.42
N ILE F 375 20.66 -0.78 19.09
CA ILE F 375 20.16 -1.33 20.35
C ILE F 375 19.39 -2.61 20.07
N THR F 376 19.78 -3.70 20.71
CA THR F 376 19.19 -5.01 20.47
C THR F 376 18.14 -5.41 21.49
N LYS F 377 18.23 -4.89 22.72
CA LYS F 377 17.29 -5.24 23.78
C LYS F 377 16.79 -3.97 24.45
N GLU F 378 15.57 -4.04 24.98
CA GLU F 378 14.99 -2.93 25.71
C GLU F 378 15.56 -2.85 27.11
N ALA F 379 15.86 -1.62 27.54
CA ALA F 379 16.26 -1.36 28.92
C ALA F 379 15.05 -0.94 29.74
N PRO F 380 15.02 -1.26 31.04
CA PRO F 380 13.85 -0.90 31.86
C PRO F 380 13.65 0.59 32.02
N ASN F 381 14.69 1.41 31.82
CA ASN F 381 14.57 2.86 31.94
C ASN F 381 14.93 3.57 30.64
N TYR F 382 14.90 2.87 29.51
CA TYR F 382 15.20 3.49 28.22
C TYR F 382 14.48 2.67 27.14
N SER F 383 13.21 3.03 26.89
CA SER F 383 12.40 2.32 25.91
C SER F 383 12.29 3.11 24.61
N ASN G 23 50.00 31.19 27.35
CA ASN G 23 48.68 30.98 27.91
C ASN G 23 47.59 31.53 26.99
N ALA G 24 48.00 32.37 26.03
CA ALA G 24 47.02 32.97 25.13
C ALA G 24 46.42 31.95 24.17
N MET G 25 47.25 31.06 23.63
CA MET G 25 46.76 30.06 22.69
C MET G 25 45.86 29.03 23.38
N TRP G 26 46.14 28.73 24.65
CA TRP G 26 45.32 27.75 25.36
C TRP G 26 43.92 28.27 25.66
N GLU G 27 43.80 29.57 25.95
CA GLU G 27 42.52 30.15 26.31
C GLU G 27 41.70 30.62 25.12
N SER G 28 42.28 30.65 23.92
CA SER G 28 41.60 31.06 22.71
C SER G 28 41.17 29.88 21.84
N LYS G 29 41.20 28.67 22.40
CA LYS G 29 40.93 27.48 21.59
C LYS G 29 39.52 27.49 21.00
N PHE G 30 38.53 27.89 21.79
CA PHE G 30 37.13 27.79 21.40
C PHE G 30 36.48 29.17 21.29
N VAL G 31 37.20 30.13 20.71
CA VAL G 31 36.69 31.50 20.58
C VAL G 31 36.09 31.75 19.20
N LYS G 32 36.73 31.25 18.15
CA LYS G 32 36.25 31.52 16.79
C LYS G 32 34.90 30.86 16.55
N GLU G 33 34.13 31.48 15.65
CA GLU G 33 32.82 30.98 15.25
C GLU G 33 32.71 31.05 13.73
N GLY G 34 32.01 30.07 13.14
CA GLY G 34 31.94 29.96 11.71
C GLY G 34 30.52 29.77 11.22
N LEU G 35 30.30 30.15 9.97
CA LEU G 35 28.99 30.07 9.33
C LEU G 35 29.14 29.43 7.96
N THR G 36 28.10 28.69 7.56
CA THR G 36 28.04 28.06 6.25
C THR G 36 26.83 28.59 5.48
N PHE G 37 26.60 28.02 4.29
CA PHE G 37 25.56 28.54 3.41
C PHE G 37 24.18 28.48 4.07
N ASP G 38 23.86 27.35 4.71
CA ASP G 38 22.55 27.15 5.31
C ASP G 38 22.34 27.92 6.61
N ASP G 39 23.31 28.73 7.03
CA ASP G 39 23.19 29.52 8.25
C ASP G 39 22.68 30.93 8.01
N VAL G 40 22.64 31.41 6.77
CA VAL G 40 22.36 32.81 6.47
C VAL G 40 21.45 32.91 5.27
N LEU G 41 20.93 34.13 5.05
CA LEU G 41 20.18 34.49 3.86
C LEU G 41 20.61 35.89 3.44
N LEU G 42 20.60 36.15 2.15
CA LEU G 42 20.87 37.48 1.64
C LEU G 42 19.68 38.39 1.88
N VAL G 43 19.95 39.61 2.33
CA VAL G 43 18.91 40.59 2.63
C VAL G 43 18.58 41.38 1.38
N PRO G 44 17.31 41.47 0.98
CA PRO G 44 16.96 42.29 -0.19
C PRO G 44 17.24 43.75 0.09
N ALA G 45 17.64 44.47 -0.96
CA ALA G 45 17.96 45.89 -0.86
C ALA G 45 17.29 46.63 -2.02
N LYS G 46 17.39 47.96 -1.97
CA LYS G 46 16.82 48.80 -3.02
C LYS G 46 17.47 48.47 -4.36
N SER G 47 16.64 48.42 -5.40
CA SER G 47 17.11 47.98 -6.71
C SER G 47 16.44 48.79 -7.81
N ASP G 48 17.24 49.14 -8.83
CA ASP G 48 16.73 49.77 -10.04
C ASP G 48 17.09 48.96 -11.28
N VAL G 49 17.50 47.70 -11.09
CA VAL G 49 17.99 46.86 -12.17
C VAL G 49 17.18 45.56 -12.17
N LEU G 50 16.75 45.14 -13.36
CA LEU G 50 16.05 43.89 -13.52
C LEU G 50 17.05 42.74 -13.62
N PRO G 51 16.62 41.51 -13.31
CA PRO G 51 17.55 40.37 -13.40
C PRO G 51 18.13 40.17 -14.79
N ARG G 52 17.32 40.34 -15.84
CA ARG G 52 17.78 40.07 -17.20
C ARG G 52 18.78 41.10 -17.71
N GLU G 53 19.04 42.17 -16.96
CA GLU G 53 19.94 43.23 -17.42
C GLU G 53 21.13 43.43 -16.47
N VAL G 54 21.41 42.46 -15.60
CA VAL G 54 22.61 42.54 -14.78
C VAL G 54 23.80 41.97 -15.56
N SER G 55 25.00 42.26 -15.07
CA SER G 55 26.24 41.75 -15.67
C SER G 55 26.82 40.69 -14.74
N VAL G 56 26.98 39.48 -15.27
CA VAL G 56 27.58 38.39 -14.51
C VAL G 56 29.03 38.15 -14.92
N LYS G 57 29.64 39.11 -15.62
CA LYS G 57 31.02 38.99 -16.04
C LYS G 57 31.97 39.20 -14.86
N THR G 58 33.17 38.63 -14.98
CA THR G 58 34.15 38.71 -13.92
C THR G 58 35.54 38.58 -14.53
N VAL G 59 36.52 39.21 -13.88
CA VAL G 59 37.89 39.24 -14.34
C VAL G 59 38.77 38.68 -13.23
N LEU G 60 39.55 37.65 -13.57
CA LEU G 60 40.48 37.04 -12.62
C LEU G 60 41.90 37.57 -12.74
N SER G 61 42.34 37.91 -13.95
CA SER G 61 43.66 38.47 -14.18
C SER G 61 43.65 39.20 -15.52
N GLU G 62 44.82 39.66 -15.95
CA GLU G 62 44.92 40.38 -17.21
C GLU G 62 44.61 39.48 -18.41
N SER G 63 44.83 38.17 -18.26
CA SER G 63 44.68 37.21 -19.35
C SER G 63 43.65 36.13 -19.04
N LEU G 64 42.73 36.40 -18.11
CA LEU G 64 41.77 35.37 -17.69
C LEU G 64 40.50 36.08 -17.21
N GLN G 65 39.52 36.20 -18.10
CA GLN G 65 38.22 36.77 -17.76
C GLN G 65 37.12 35.89 -18.32
N LEU G 66 36.06 35.71 -17.54
CA LEU G 66 34.97 34.80 -17.88
C LEU G 66 33.66 35.56 -17.98
N ASN G 67 32.82 35.16 -18.95
CA ASN G 67 31.50 35.77 -19.10
C ASN G 67 30.54 35.33 -18.01
N ILE G 68 30.76 34.16 -17.42
CA ILE G 68 29.96 33.70 -16.29
C ILE G 68 30.92 33.28 -15.18
N PRO G 69 30.55 33.41 -13.90
CA PRO G 69 31.46 33.09 -12.80
C PRO G 69 31.42 31.61 -12.39
N LEU G 70 31.62 30.72 -13.34
CA LEU G 70 31.53 29.28 -13.10
C LEU G 70 32.80 28.59 -13.57
N ILE G 71 33.35 27.72 -12.73
CA ILE G 71 34.50 26.89 -13.07
C ILE G 71 34.18 25.45 -12.67
N SER G 72 34.39 24.52 -13.58
CA SER G 72 34.18 23.11 -13.28
C SER G 72 35.43 22.53 -12.62
N ALA G 73 35.21 21.77 -11.56
CA ALA G 73 36.30 21.25 -10.75
C ALA G 73 37.18 20.29 -11.54
N GLY G 74 38.46 20.22 -11.17
CA GLY G 74 39.38 19.30 -11.80
C GLY G 74 39.34 17.92 -11.18
N MET G 75 38.32 17.15 -11.52
CA MET G 75 38.13 15.81 -10.97
C MET G 75 37.89 14.83 -12.10
N ASP G 76 38.27 13.57 -11.88
CA ASP G 76 38.22 12.57 -12.94
C ASP G 76 36.80 12.17 -13.34
N THR G 77 35.78 12.61 -12.59
CA THR G 77 34.40 12.34 -12.94
C THR G 77 33.63 13.63 -13.25
N VAL G 78 34.35 14.73 -13.50
CA VAL G 78 33.71 16.03 -13.70
C VAL G 78 34.16 16.66 -15.01
N THR G 79 35.46 16.92 -15.14
CA THR G 79 35.97 17.75 -16.23
C THR G 79 37.06 17.02 -17.00
N GLU G 80 36.83 16.86 -18.31
CA GLU G 80 37.90 16.50 -19.23
C GLU G 80 37.84 17.41 -20.45
N ALA G 81 38.28 16.91 -21.61
CA ALA G 81 38.32 17.76 -22.80
C ALA G 81 36.92 18.20 -23.21
N ASP G 82 35.97 17.27 -23.25
CA ASP G 82 34.61 17.61 -23.69
C ASP G 82 33.92 18.54 -22.71
N MET G 83 34.18 18.37 -21.42
CA MET G 83 33.58 19.25 -20.42
C MET G 83 34.17 20.66 -20.50
N ALA G 84 35.48 20.75 -20.71
CA ALA G 84 36.12 22.06 -20.79
C ALA G 84 35.68 22.84 -22.02
N ILE G 85 35.42 22.15 -23.13
CA ILE G 85 34.94 22.83 -24.33
C ILE G 85 33.54 23.38 -24.10
N ALA G 86 32.66 22.59 -23.48
CA ALA G 86 31.30 23.06 -23.23
C ALA G 86 31.29 24.18 -22.18
N MET G 87 32.15 24.09 -21.18
CA MET G 87 32.22 25.14 -20.16
C MET G 87 32.67 26.46 -20.77
N ALA G 88 33.70 26.42 -21.62
CA ALA G 88 34.23 27.65 -22.20
C ALA G 88 33.24 28.27 -23.17
N ARG G 89 32.52 27.45 -23.96
CA ARG G 89 31.53 28.00 -24.86
C ARG G 89 30.38 28.66 -24.12
N GLN G 90 30.09 28.20 -22.90
CA GLN G 90 29.07 28.83 -22.07
C GLN G 90 29.57 30.10 -21.40
N GLY G 91 30.86 30.41 -21.50
CA GLY G 91 31.43 31.57 -20.85
C GLY G 91 32.19 31.29 -19.57
N GLY G 92 32.31 30.02 -19.18
CA GLY G 92 33.00 29.63 -17.97
C GLY G 92 34.39 29.10 -18.25
N LEU G 93 34.88 28.26 -17.33
CA LEU G 93 36.22 27.70 -17.43
C LEU G 93 36.20 26.24 -16.97
N GLY G 94 36.99 25.41 -17.63
CA GLY G 94 37.13 24.02 -17.26
C GLY G 94 38.55 23.71 -16.83
N ILE G 95 38.68 22.91 -15.78
CA ILE G 95 39.98 22.51 -15.23
C ILE G 95 40.14 21.02 -15.49
N ILE G 96 41.03 20.68 -16.41
CA ILE G 96 41.29 19.26 -16.70
C ILE G 96 42.07 18.65 -15.56
N HIS G 97 41.57 17.55 -15.01
CA HIS G 97 42.16 16.94 -13.84
C HIS G 97 43.51 16.30 -14.16
N LYS G 98 44.21 15.87 -13.11
CA LYS G 98 45.56 15.34 -13.24
C LYS G 98 45.63 13.83 -13.05
N ASN G 99 44.48 13.15 -13.01
CA ASN G 99 44.48 11.69 -12.90
C ASN G 99 44.71 11.05 -14.26
N MET G 100 45.74 11.50 -14.97
CA MET G 100 46.10 10.96 -16.27
C MET G 100 47.57 11.28 -16.50
N SER G 101 48.15 10.65 -17.52
CA SER G 101 49.55 10.87 -17.84
C SER G 101 49.77 12.30 -18.30
N ILE G 102 51.04 12.73 -18.22
CA ILE G 102 51.40 14.07 -18.68
C ILE G 102 51.14 14.22 -20.17
N GLU G 103 51.38 13.15 -20.93
CA GLU G 103 51.13 13.17 -22.36
C GLU G 103 49.64 13.36 -22.65
N GLN G 104 48.78 12.63 -21.94
CA GLN G 104 47.35 12.71 -22.19
C GLN G 104 46.79 14.06 -21.76
N GLN G 105 47.24 14.58 -20.62
CA GLN G 105 46.69 15.85 -20.13
C GLN G 105 47.04 17.00 -21.05
N ALA G 106 48.28 17.03 -21.56
CA ALA G 106 48.65 18.07 -22.52
C ALA G 106 47.84 17.97 -23.79
N GLU G 107 47.55 16.74 -24.23
CA GLU G 107 46.75 16.56 -25.44
C GLU G 107 45.29 16.96 -25.21
N GLN G 108 44.79 16.81 -23.99
CA GLN G 108 43.44 17.28 -23.68
C GLN G 108 43.38 18.80 -23.66
N VAL G 109 44.43 19.45 -23.17
CA VAL G 109 44.46 20.91 -23.15
C VAL G 109 44.55 21.46 -24.57
N ASP G 110 45.43 20.87 -25.39
CA ASP G 110 45.56 21.30 -26.78
C ASP G 110 44.29 21.05 -27.56
N LYS G 111 43.52 20.02 -27.19
CA LYS G 111 42.27 19.72 -27.88
C LYS G 111 41.23 20.81 -27.64
N VAL G 112 41.20 21.38 -26.43
CA VAL G 112 40.25 22.44 -26.14
C VAL G 112 40.63 23.72 -26.88
N LYS G 113 41.94 24.02 -26.95
CA LYS G 113 42.37 25.22 -27.65
C LYS G 113 42.24 25.09 -29.15
N ARG G 114 42.35 23.87 -29.68
CA ARG G 114 42.18 23.65 -31.11
C ARG G 114 40.75 23.98 -31.57
N SER G 115 39.77 23.81 -30.68
CA SER G 115 38.37 23.98 -31.05
C SER G 115 37.89 25.38 -30.66
N GLY G 116 38.32 26.36 -31.45
CA GLY G 116 37.83 27.71 -31.33
C GLY G 116 38.64 28.64 -30.45
N GLY G 117 39.81 28.22 -29.98
CA GLY G 117 40.63 29.07 -29.13
C GLY G 117 39.94 29.43 -27.83
N LEU G 118 39.49 28.41 -27.09
CA LEU G 118 38.74 28.60 -25.86
C LEU G 118 39.66 28.55 -24.65
N LEU G 119 39.26 29.27 -23.60
CA LEU G 119 40.01 29.22 -22.35
C LEU G 119 39.95 27.82 -21.74
N VAL G 120 41.04 27.41 -21.10
CA VAL G 120 41.10 26.09 -20.49
C VAL G 120 42.14 26.13 -19.38
N GLY G 121 41.95 25.28 -18.36
CA GLY G 121 42.90 25.15 -17.28
C GLY G 121 43.20 23.68 -17.02
N ALA G 122 44.18 23.47 -16.15
CA ALA G 122 44.61 22.12 -15.80
C ALA G 122 45.15 22.10 -14.39
N ALA G 123 44.90 21.01 -13.68
CA ALA G 123 45.33 20.86 -12.30
C ALA G 123 46.67 20.14 -12.25
N VAL G 124 47.54 20.61 -11.35
CA VAL G 124 48.86 20.04 -11.15
C VAL G 124 49.08 19.82 -9.66
N GLY G 125 49.62 18.66 -9.30
CA GLY G 125 49.90 18.37 -7.91
C GLY G 125 51.27 18.87 -7.48
N VAL G 126 51.50 18.82 -6.17
CA VAL G 126 52.78 19.26 -5.61
C VAL G 126 53.66 18.01 -5.49
N THR G 127 54.27 17.65 -6.61
CA THR G 127 55.13 16.47 -6.66
C THR G 127 56.47 16.81 -7.29
N ALA G 128 57.31 15.79 -7.49
CA ALA G 128 58.62 16.01 -8.10
C ALA G 128 58.49 16.26 -9.60
N ASP G 129 57.58 15.54 -10.26
CA ASP G 129 57.34 15.72 -11.69
C ASP G 129 56.38 16.87 -11.98
N ALA G 130 56.14 17.75 -11.02
CA ALA G 130 55.18 18.83 -11.21
C ALA G 130 55.66 19.80 -12.29
N MET G 131 56.94 20.15 -12.29
CA MET G 131 57.46 21.09 -13.27
C MET G 131 57.40 20.52 -14.67
N THR G 132 57.74 19.23 -14.83
CA THR G 132 57.64 18.60 -16.14
C THR G 132 56.22 18.62 -16.67
N ARG G 133 55.25 18.31 -15.81
CA ARG G 133 53.85 18.37 -16.21
C ARG G 133 53.45 19.79 -16.58
N ILE G 134 53.88 20.77 -15.79
CA ILE G 134 53.56 22.16 -16.09
C ILE G 134 54.21 22.60 -17.39
N ASP G 135 55.46 22.18 -17.63
CA ASP G 135 56.14 22.52 -18.87
C ASP G 135 55.38 21.98 -20.08
N ALA G 136 54.87 20.76 -19.98
CA ALA G 136 54.09 20.18 -21.08
C ALA G 136 52.76 20.90 -21.26
N LEU G 137 52.18 21.42 -20.17
CA LEU G 137 50.92 22.15 -20.30
C LEU G 137 51.13 23.53 -20.91
N VAL G 138 52.28 24.15 -20.67
CA VAL G 138 52.58 25.44 -21.30
C VAL G 138 52.76 25.26 -22.80
N LYS G 139 53.36 24.15 -23.22
CA LYS G 139 53.50 23.87 -24.65
C LYS G 139 52.14 23.71 -25.32
N ALA G 140 51.14 23.27 -24.57
CA ALA G 140 49.76 23.21 -25.06
C ALA G 140 49.03 24.54 -24.93
N SER G 141 49.73 25.59 -24.51
CA SER G 141 49.17 26.93 -24.37
C SER G 141 48.01 26.97 -23.37
N VAL G 142 48.19 26.31 -22.22
CA VAL G 142 47.19 26.35 -21.18
C VAL G 142 47.10 27.78 -20.62
N ASP G 143 45.89 28.17 -20.22
CA ASP G 143 45.66 29.53 -19.74
C ASP G 143 45.83 29.68 -18.24
N ALA G 144 45.74 28.59 -17.48
CA ALA G 144 45.93 28.65 -16.03
C ALA G 144 46.19 27.25 -15.51
N ILE G 145 47.09 27.14 -14.54
CA ILE G 145 47.36 25.88 -13.85
C ILE G 145 46.87 26.02 -12.42
N VAL G 146 46.30 24.94 -11.90
CA VAL G 146 45.73 24.92 -10.55
C VAL G 146 46.61 23.99 -9.72
N LEU G 147 47.43 24.58 -8.85
CA LEU G 147 48.22 23.79 -7.91
C LEU G 147 47.31 23.23 -6.83
N ASP G 148 46.80 22.03 -7.04
CA ASP G 148 45.80 21.44 -6.15
C ASP G 148 46.49 20.58 -5.11
N THR G 149 46.08 20.76 -3.84
CA THR G 149 46.60 19.94 -2.75
C THR G 149 45.58 19.96 -1.62
N ALA G 150 45.75 19.02 -0.69
CA ALA G 150 44.83 18.93 0.44
C ALA G 150 45.04 20.07 1.43
N HIS G 151 46.29 20.49 1.62
CA HIS G 151 46.63 21.53 2.58
C HIS G 151 47.47 22.59 1.85
N GLY G 152 46.82 23.69 1.47
CA GLY G 152 47.53 24.75 0.77
C GLY G 152 48.49 25.53 1.64
N HIS G 153 48.30 25.51 2.95
CA HIS G 153 49.14 26.28 3.88
C HIS G 153 50.34 25.47 4.36
N SER G 154 50.98 24.72 3.47
CA SER G 154 52.19 23.99 3.79
C SER G 154 53.37 24.58 3.05
N GLN G 155 54.57 24.36 3.59
CA GLN G 155 55.77 24.95 3.01
C GLN G 155 56.06 24.39 1.62
N GLY G 156 55.68 23.13 1.37
CA GLY G 156 55.91 22.56 0.05
C GLY G 156 55.11 23.26 -1.04
N VAL G 157 53.88 23.65 -0.72
CA VAL G 157 53.05 24.36 -1.70
C VAL G 157 53.62 25.75 -1.96
N ILE G 158 54.05 26.44 -0.90
CA ILE G 158 54.61 27.77 -1.05
C ILE G 158 55.88 27.72 -1.89
N ASP G 159 56.75 26.73 -1.62
CA ASP G 159 57.99 26.60 -2.38
C ASP G 159 57.70 26.35 -3.86
N LYS G 160 56.72 25.51 -4.16
CA LYS G 160 56.41 25.20 -5.56
C LYS G 160 55.77 26.39 -6.27
N VAL G 161 55.00 27.20 -5.55
CA VAL G 161 54.44 28.41 -6.15
C VAL G 161 55.56 29.36 -6.55
N LYS G 162 56.53 29.56 -5.67
CA LYS G 162 57.68 30.40 -6.01
C LYS G 162 58.47 29.81 -7.17
N GLU G 163 58.61 28.48 -7.20
CA GLU G 163 59.39 27.84 -8.25
C GLU G 163 58.72 27.98 -9.61
N VAL G 164 57.39 27.93 -9.64
CA VAL G 164 56.68 28.08 -10.91
C VAL G 164 56.62 29.54 -11.32
N ARG G 165 56.35 30.43 -10.37
CA ARG G 165 56.29 31.86 -10.69
C ARG G 165 57.62 32.37 -11.22
N ALA G 166 58.74 31.86 -10.71
CA ALA G 166 60.04 32.28 -11.19
C ALA G 166 60.24 31.86 -12.65
N LYS G 167 59.86 30.64 -13.00
CA LYS G 167 60.09 30.16 -14.35
C LYS G 167 59.09 30.78 -15.32
N TYR G 168 57.86 31.00 -14.89
CA TYR G 168 56.81 31.58 -15.72
C TYR G 168 56.22 32.79 -15.01
N PRO G 169 56.65 34.01 -15.35
CA PRO G 169 56.16 35.18 -14.62
C PRO G 169 54.81 35.71 -15.08
N SER G 170 54.33 35.29 -16.25
CA SER G 170 53.04 35.73 -16.77
C SER G 170 52.00 34.62 -16.75
N LEU G 171 52.30 33.49 -16.11
CA LEU G 171 51.36 32.37 -16.07
C LEU G 171 50.35 32.57 -14.95
N ASN G 172 49.09 32.28 -15.25
CA ASN G 172 48.05 32.30 -14.23
C ASN G 172 48.19 31.10 -13.31
N ILE G 173 48.40 31.35 -12.02
CA ILE G 173 48.61 30.30 -11.03
C ILE G 173 47.48 30.38 -10.01
N ILE G 174 46.70 29.32 -9.91
CA ILE G 174 45.63 29.20 -8.91
C ILE G 174 46.09 28.21 -7.86
N ALA G 175 46.27 28.68 -6.63
CA ALA G 175 46.78 27.86 -5.54
C ALA G 175 45.68 27.60 -4.52
N GLY G 176 45.77 26.45 -3.87
CA GLY G 176 44.78 26.05 -2.89
C GLY G 176 45.01 24.62 -2.46
N ASN G 177 44.16 24.16 -1.54
CA ASN G 177 43.09 24.98 -0.97
C ASN G 177 43.47 25.51 0.40
N VAL G 178 42.88 26.65 0.76
CA VAL G 178 43.12 27.29 2.05
C VAL G 178 41.78 27.68 2.66
N ALA G 179 41.84 28.15 3.90
CA ALA G 179 40.62 28.54 4.60
C ALA G 179 40.83 29.64 5.63
N THR G 180 42.04 30.16 5.79
CA THR G 180 42.32 31.20 6.77
C THR G 180 42.94 32.41 6.06
N ALA G 181 43.06 33.51 6.81
CA ALA G 181 43.64 34.73 6.24
C ALA G 181 45.16 34.59 6.09
N GLU G 182 45.81 33.95 7.05
CA GLU G 182 47.26 33.79 6.97
C GLU G 182 47.66 32.93 5.77
N ALA G 183 46.90 31.87 5.51
CA ALA G 183 47.20 31.00 4.38
C ALA G 183 47.02 31.74 3.06
N THR G 184 45.99 32.58 2.96
CA THR G 184 45.80 33.39 1.77
C THR G 184 46.94 34.39 1.60
N LYS G 185 47.39 34.99 2.70
CA LYS G 185 48.49 35.95 2.64
C LYS G 185 49.77 35.29 2.17
N ALA G 186 50.03 34.06 2.63
CA ALA G 186 51.27 33.39 2.28
C ALA G 186 51.32 33.03 0.80
N LEU G 187 50.22 32.49 0.26
CA LEU G 187 50.21 32.09 -1.15
C LEU G 187 50.23 33.31 -2.08
N ILE G 188 49.62 34.41 -1.67
CA ILE G 188 49.68 35.63 -2.48
C ILE G 188 51.11 36.14 -2.55
N GLU G 189 51.81 36.17 -1.41
CA GLU G 189 53.20 36.63 -1.38
C GLU G 189 54.16 35.62 -2.00
N ALA G 190 53.71 34.39 -2.25
CA ALA G 190 54.55 33.40 -2.91
C ALA G 190 54.50 33.50 -4.43
N GLY G 191 53.48 34.14 -4.99
CA GLY G 191 53.40 34.34 -6.42
C GLY G 191 52.07 33.98 -7.04
N ALA G 192 51.16 33.43 -6.24
CA ALA G 192 49.86 33.03 -6.76
C ALA G 192 48.97 34.26 -6.97
N ASN G 193 48.36 34.36 -8.15
CA ASN G 193 47.47 35.46 -8.47
C ASN G 193 46.00 35.12 -8.28
N VAL G 194 45.67 33.86 -8.01
CA VAL G 194 44.31 33.44 -7.69
C VAL G 194 44.37 32.43 -6.54
N VAL G 195 43.54 32.62 -5.53
CA VAL G 195 43.52 31.77 -4.34
C VAL G 195 42.23 30.96 -4.34
N LYS G 196 42.35 29.68 -4.03
CA LYS G 196 41.22 28.75 -4.02
C LYS G 196 40.91 28.36 -2.59
N VAL G 197 39.65 28.56 -2.18
CA VAL G 197 39.23 28.42 -0.79
C VAL G 197 38.29 27.23 -0.67
N GLY G 198 38.52 26.39 0.35
CA GLY G 198 37.67 25.25 0.59
C GLY G 198 38.37 24.08 1.23
N ILE G 199 38.21 23.92 2.55
CA ILE G 199 38.79 22.81 3.29
C ILE G 199 37.63 22.09 3.98
N GLY G 200 37.11 21.06 3.34
CA GLY G 200 36.06 20.26 3.95
C GLY G 200 34.64 20.30 3.38
N PRO G 201 34.21 21.39 2.74
CA PRO G 201 32.77 21.52 2.43
C PRO G 201 32.30 20.66 1.27
N GLY G 202 33.20 19.95 0.57
CA GLY G 202 32.79 19.22 -0.61
C GLY G 202 31.72 18.18 -0.31
N SER G 203 30.85 17.96 -1.29
CA SER G 203 29.77 16.99 -1.12
C SER G 203 30.30 15.57 -0.97
N ILE G 204 31.45 15.27 -1.57
CA ILE G 204 32.05 13.94 -1.49
C ILE G 204 33.23 13.90 -0.51
N CYS G 205 33.39 14.93 0.30
CA CYS G 205 34.56 15.09 1.15
C CYS G 205 34.29 14.57 2.57
N THR G 206 35.30 13.94 3.16
CA THR G 206 35.24 13.48 4.54
C THR G 206 36.41 14.01 5.37
N THR G 207 37.10 15.05 4.87
CA THR G 207 38.27 15.56 5.58
C THR G 207 37.91 16.01 6.99
N ARG G 208 36.80 16.73 7.15
CA ARG G 208 36.38 17.17 8.47
C ARG G 208 35.97 16.03 9.37
N VAL G 209 35.61 14.88 8.79
CA VAL G 209 35.17 13.74 9.59
C VAL G 209 36.35 12.86 10.01
N VAL G 210 37.24 12.54 9.07
CA VAL G 210 38.35 11.64 9.37
C VAL G 210 39.55 12.35 9.96
N ALA G 211 39.70 13.66 9.73
CA ALA G 211 40.80 14.43 10.28
C ALA G 211 40.38 15.52 11.25
N GLY G 212 39.08 15.83 11.34
CA GLY G 212 38.60 16.83 12.27
C GLY G 212 38.94 18.27 11.91
N VAL G 213 39.42 18.51 10.70
CA VAL G 213 39.94 19.82 10.32
C VAL G 213 39.03 20.43 9.26
N GLY G 214 38.78 21.73 9.38
CA GLY G 214 38.00 22.44 8.38
C GLY G 214 37.55 23.78 8.91
N VAL G 215 37.00 24.57 7.98
CA VAL G 215 36.39 25.87 8.31
C VAL G 215 35.08 25.95 7.55
N PRO G 216 33.99 26.40 8.17
CA PRO G 216 32.73 26.57 7.44
C PRO G 216 32.92 27.46 6.22
N GLN G 217 32.46 26.99 5.06
CA GLN G 217 32.90 27.53 3.78
C GLN G 217 32.60 29.01 3.65
N LEU G 218 31.47 29.46 4.19
CA LEU G 218 31.13 30.88 4.05
C LEU G 218 32.06 31.76 4.88
N THR G 219 32.38 31.33 6.10
CA THR G 219 33.36 32.05 6.91
C THR G 219 34.74 32.00 6.28
N ALA G 220 35.11 30.86 5.70
CA ALA G 220 36.42 30.73 5.06
C ALA G 220 36.54 31.69 3.88
N VAL G 221 35.52 31.73 3.01
CA VAL G 221 35.55 32.64 1.87
C VAL G 221 35.62 34.09 2.34
N TYR G 222 34.85 34.44 3.37
CA TYR G 222 34.86 35.81 3.86
C TYR G 222 36.21 36.16 4.49
N ASP G 223 36.81 35.22 5.23
CA ASP G 223 38.09 35.51 5.86
C ASP G 223 39.21 35.61 4.82
N CYS G 224 39.17 34.75 3.80
CA CYS G 224 40.21 34.78 2.78
C CYS G 224 40.04 36.01 1.89
N ALA G 225 38.81 36.36 1.52
CA ALA G 225 38.57 37.54 0.71
C ALA G 225 38.92 38.82 1.46
N THR G 226 38.82 38.79 2.80
CA THR G 226 39.20 39.96 3.59
C THR G 226 40.69 40.27 3.44
N GLU G 227 41.52 39.22 3.39
CA GLU G 227 42.95 39.42 3.21
C GLU G 227 43.30 39.61 1.75
N ALA G 228 42.66 38.87 0.85
CA ALA G 228 42.99 38.94 -0.57
C ALA G 228 42.56 40.26 -1.21
N ARG G 229 41.59 40.96 -0.62
CA ARG G 229 41.16 42.23 -1.19
C ARG G 229 42.19 43.33 -1.00
N LYS G 230 43.06 43.21 0.01
CA LYS G 230 44.08 44.21 0.23
C LYS G 230 45.15 44.17 -0.86
N HIS G 231 45.33 43.01 -1.49
CA HIS G 231 46.30 42.84 -2.56
C HIS G 231 45.64 42.78 -3.94
N GLY G 232 44.33 43.02 -4.01
CA GLY G 232 43.63 42.96 -5.29
C GLY G 232 43.63 41.59 -5.93
N ILE G 233 43.62 40.54 -5.13
CA ILE G 233 43.70 39.16 -5.61
C ILE G 233 42.33 38.53 -5.47
N PRO G 234 41.79 37.87 -6.50
CA PRO G 234 40.49 37.22 -6.38
C PRO G 234 40.60 35.86 -5.69
N VAL G 235 39.48 35.44 -5.10
CA VAL G 235 39.39 34.15 -4.43
C VAL G 235 38.31 33.32 -5.10
N ILE G 236 38.50 32.00 -5.09
CA ILE G 236 37.57 31.05 -5.68
C ILE G 236 36.90 30.29 -4.55
N ALA G 237 35.56 30.33 -4.51
CA ALA G 237 34.78 29.56 -3.56
C ALA G 237 34.54 28.17 -4.15
N ASP G 238 35.23 27.17 -3.62
CA ASP G 238 35.23 25.82 -4.18
C ASP G 238 34.73 24.84 -3.14
N GLY G 239 33.54 24.28 -3.37
CA GLY G 239 33.00 23.22 -2.53
C GLY G 239 31.79 23.67 -1.72
N GLY G 240 30.84 22.76 -1.55
CA GLY G 240 29.71 22.98 -0.68
C GLY G 240 28.47 23.58 -1.32
N ILE G 241 28.53 23.93 -2.61
CA ILE G 241 27.41 24.56 -3.28
C ILE G 241 26.49 23.46 -3.81
N LYS G 242 25.29 23.35 -3.21
CA LYS G 242 24.31 22.36 -3.62
C LYS G 242 23.11 22.96 -4.33
N TYR G 243 22.81 24.24 -4.11
CA TYR G 243 21.77 24.94 -4.84
C TYR G 243 22.35 26.23 -5.40
N SER G 244 21.66 26.80 -6.39
CA SER G 244 22.17 28.00 -7.05
C SER G 244 22.25 29.17 -6.08
N GLY G 245 21.38 29.18 -5.06
CA GLY G 245 21.44 30.25 -4.06
C GLY G 245 22.71 30.23 -3.24
N ASP G 246 23.34 29.05 -3.10
CA ASP G 246 24.62 28.98 -2.42
C ASP G 246 25.71 29.68 -3.22
N MET G 247 25.60 29.67 -4.55
CA MET G 247 26.55 30.39 -5.38
C MET G 247 26.45 31.90 -5.16
N VAL G 248 25.22 32.41 -5.05
CA VAL G 248 25.05 33.83 -4.82
C VAL G 248 25.57 34.22 -3.44
N LYS G 249 25.40 33.34 -2.46
CA LYS G 249 25.94 33.60 -1.13
C LYS G 249 27.46 33.59 -1.14
N ALA G 250 28.05 32.62 -1.86
CA ALA G 250 29.51 32.56 -1.94
C ALA G 250 30.08 33.78 -2.64
N LEU G 251 29.45 34.22 -3.72
CA LEU G 251 29.92 35.42 -4.42
C LEU G 251 29.70 36.66 -3.56
N ALA G 252 28.57 36.73 -2.86
CA ALA G 252 28.31 37.87 -1.98
C ALA G 252 29.22 37.88 -0.76
N ALA G 253 29.81 36.74 -0.41
CA ALA G 253 30.73 36.68 0.72
C ALA G 253 32.12 37.18 0.37
N GLY G 254 32.41 37.44 -0.90
CA GLY G 254 33.70 38.00 -1.29
C GLY G 254 34.35 37.31 -2.46
N ALA G 255 33.81 36.16 -2.87
CA ALA G 255 34.46 35.36 -3.90
C ALA G 255 34.22 35.98 -5.28
N HIS G 256 35.19 35.80 -6.17
CA HIS G 256 35.04 36.27 -7.54
C HIS G 256 34.31 35.26 -8.41
N VAL G 257 34.64 33.97 -8.27
CA VAL G 257 34.01 32.88 -8.99
C VAL G 257 33.83 31.72 -8.04
N VAL G 258 33.02 30.75 -8.47
CA VAL G 258 32.79 29.53 -7.69
C VAL G 258 33.21 28.34 -8.53
N MET G 259 33.61 27.27 -7.84
CA MET G 259 33.97 26.01 -8.47
C MET G 259 32.98 24.94 -8.04
N LEU G 260 32.47 24.18 -9.00
CA LEU G 260 31.43 23.18 -8.75
C LEU G 260 31.90 21.81 -9.18
N GLY G 261 31.48 20.80 -8.43
CA GLY G 261 31.76 19.42 -8.75
C GLY G 261 30.52 18.59 -8.91
N SER G 262 29.71 18.49 -7.85
CA SER G 262 28.50 17.68 -7.89
C SER G 262 27.47 18.25 -8.85
N MET G 263 27.38 19.58 -8.96
CA MET G 263 26.41 20.20 -9.85
C MET G 263 26.73 19.97 -11.32
N PHE G 264 27.97 19.61 -11.64
CA PHE G 264 28.36 19.36 -13.02
C PHE G 264 28.66 17.89 -13.31
N ALA G 265 28.75 17.05 -12.29
CA ALA G 265 29.10 15.65 -12.52
C ALA G 265 28.03 14.92 -13.31
N GLY G 266 26.75 15.25 -13.08
CA GLY G 266 25.66 14.62 -13.80
C GLY G 266 25.39 15.16 -15.18
N VAL G 267 26.26 16.04 -15.67
CA VAL G 267 26.08 16.65 -16.99
C VAL G 267 26.58 15.70 -18.06
N ALA G 268 25.90 15.71 -19.22
CA ALA G 268 26.23 14.79 -20.30
C ALA G 268 27.68 14.94 -20.77
N GLU G 269 28.22 16.16 -20.72
CA GLU G 269 29.59 16.39 -21.16
C GLU G 269 30.64 15.93 -20.17
N SER G 270 30.24 15.53 -18.96
CA SER G 270 31.21 15.05 -17.99
C SER G 270 31.68 13.64 -18.36
N PRO G 271 32.92 13.29 -18.03
CA PRO G 271 33.43 11.95 -18.37
C PRO G 271 32.66 10.87 -17.62
N GLY G 272 32.58 9.71 -18.25
CA GLY G 272 31.82 8.60 -17.73
C GLY G 272 30.46 8.46 -18.41
N GLU G 273 29.88 7.27 -18.30
CA GLU G 273 28.60 6.98 -18.90
C GLU G 273 27.51 6.97 -17.84
N THR G 274 26.28 6.69 -18.28
CA THR G 274 25.12 6.69 -17.41
C THR G 274 24.73 5.26 -17.06
N GLU G 275 24.44 5.04 -15.78
CA GLU G 275 23.88 3.79 -15.29
C GLU G 275 22.50 4.06 -14.72
N ILE G 276 21.63 3.06 -14.80
CA ILE G 276 20.24 3.19 -14.40
C ILE G 276 20.03 2.44 -13.09
N TYR G 277 19.41 3.11 -12.12
CA TYR G 277 19.04 2.50 -10.85
C TYR G 277 17.60 2.89 -10.53
N GLN G 278 16.73 1.89 -10.43
CA GLN G 278 15.32 2.10 -10.10
C GLN G 278 14.64 3.03 -11.11
N GLY G 279 14.97 2.85 -12.39
CA GLY G 279 14.33 3.60 -13.45
C GLY G 279 14.83 5.00 -13.68
N ARG G 280 15.87 5.43 -12.96
CA ARG G 280 16.44 6.75 -13.13
C ARG G 280 17.92 6.64 -13.52
N GLN G 281 18.36 7.58 -14.35
CA GLN G 281 19.74 7.61 -14.82
C GLN G 281 20.62 8.34 -13.83
N PHE G 282 21.81 7.81 -13.61
CA PHE G 282 22.78 8.38 -12.68
C PHE G 282 24.15 8.42 -13.33
N LYS G 283 24.99 9.33 -12.82
CA LYS G 283 26.38 9.45 -13.23
C LYS G 283 27.27 9.14 -12.03
N VAL G 284 28.46 8.63 -12.30
CA VAL G 284 29.40 8.28 -11.25
C VAL G 284 30.09 9.55 -10.78
N TYR G 285 30.10 9.77 -9.46
CA TYR G 285 30.77 10.93 -8.87
C TYR G 285 31.50 10.47 -7.62
N ARG G 286 32.80 10.74 -7.55
CA ARG G 286 33.63 10.30 -6.45
C ARG G 286 34.67 11.37 -6.15
N GLY G 287 35.08 11.42 -4.88
CA GLY G 287 36.13 12.36 -4.50
C GLY G 287 37.49 11.91 -4.98
N MET G 288 38.36 12.89 -5.24
CA MET G 288 39.72 12.58 -5.66
C MET G 288 40.53 11.94 -4.55
N GLY G 289 40.11 12.11 -3.29
CA GLY G 289 40.73 11.45 -2.17
C GLY G 289 40.10 10.13 -1.79
N SER G 290 39.17 9.63 -2.59
CA SER G 290 38.54 8.34 -2.31
C SER G 290 39.45 7.20 -2.77
N VAL G 291 39.14 6.00 -2.28
CA VAL G 291 39.97 4.83 -2.59
C VAL G 291 39.94 4.54 -4.07
N GLY G 292 38.75 4.60 -4.68
CA GLY G 292 38.64 4.29 -6.10
C GLY G 292 39.40 5.26 -6.99
N ALA G 293 39.44 6.54 -6.61
CA ALA G 293 40.15 7.52 -7.41
C ALA G 293 41.66 7.40 -7.26
N MET G 294 42.14 7.07 -6.06
CA MET G 294 43.57 6.96 -5.84
C MET G 294 44.15 5.68 -6.44
N GLU G 295 43.34 4.64 -6.61
CA GLU G 295 43.80 3.45 -7.32
C GLU G 295 44.02 3.73 -8.80
N LYS G 296 43.20 4.61 -9.38
CA LYS G 296 43.31 4.97 -10.78
C LYS G 296 44.61 5.73 -11.07
N LYS G 309 46.11 0.08 3.63
CA LYS G 309 47.16 1.09 3.55
C LYS G 309 46.57 2.48 3.28
N LEU G 310 45.58 2.54 2.41
CA LEU G 310 45.00 3.82 2.01
C LEU G 310 44.13 4.38 3.14
N VAL G 311 44.36 5.65 3.48
CA VAL G 311 43.49 6.37 4.42
C VAL G 311 42.81 7.48 3.65
N PRO G 312 41.60 7.26 3.13
CA PRO G 312 40.97 8.23 2.24
C PRO G 312 40.37 9.41 2.99
N GLU G 313 40.16 10.50 2.25
CA GLU G 313 39.45 11.68 2.74
C GLU G 313 38.30 12.03 1.81
N GLY G 314 37.75 11.02 1.13
CA GLY G 314 36.60 11.20 0.27
C GLY G 314 35.87 9.87 0.10
N ILE G 315 34.69 9.95 -0.51
CA ILE G 315 33.84 8.78 -0.72
C ILE G 315 33.48 8.70 -2.19
N GLU G 316 32.87 7.57 -2.56
CA GLU G 316 32.44 7.32 -3.92
C GLU G 316 30.91 7.22 -3.96
N GLY G 317 30.31 7.85 -4.95
CA GLY G 317 28.87 7.84 -5.03
C GLY G 317 28.37 8.09 -6.44
N ARG G 318 27.15 8.62 -6.52
CA ARG G 318 26.51 8.86 -7.79
C ARG G 318 25.58 10.06 -7.67
N VAL G 319 25.39 10.76 -8.79
CA VAL G 319 24.49 11.92 -8.85
C VAL G 319 23.52 11.71 -9.99
N PRO G 320 22.33 12.30 -9.94
CA PRO G 320 21.36 12.11 -11.03
C PRO G 320 21.87 12.70 -12.35
N TYR G 321 21.43 12.10 -13.44
CA TYR G 321 21.76 12.59 -14.77
C TYR G 321 20.94 13.84 -15.08
N LYS G 322 21.61 14.89 -15.56
CA LYS G 322 20.94 16.16 -15.80
C LYS G 322 20.89 16.56 -17.27
N GLY G 323 21.57 15.84 -18.15
CA GLY G 323 21.52 16.13 -19.56
C GLY G 323 22.58 17.11 -19.99
N PRO G 324 22.29 17.91 -21.02
CA PRO G 324 23.28 18.86 -21.54
C PRO G 324 23.67 19.91 -20.50
N LEU G 325 24.92 20.38 -20.61
CA LEU G 325 25.44 21.35 -19.65
C LEU G 325 24.69 22.68 -19.73
N ALA G 326 24.23 23.07 -20.92
CA ALA G 326 23.60 24.37 -21.09
C ALA G 326 22.36 24.53 -20.23
N ASP G 327 21.62 23.44 -20.02
CA ASP G 327 20.42 23.51 -19.19
C ASP G 327 20.76 23.76 -17.73
N THR G 328 21.86 23.16 -17.25
CA THR G 328 22.28 23.39 -15.87
C THR G 328 22.85 24.80 -15.69
N VAL G 329 23.64 25.27 -16.66
CA VAL G 329 24.21 26.61 -16.57
C VAL G 329 23.11 27.67 -16.60
N HIS G 330 22.11 27.47 -17.46
CA HIS G 330 21.02 28.44 -17.55
C HIS G 330 20.28 28.58 -16.22
N GLN G 331 20.12 27.48 -15.49
CA GLN G 331 19.47 27.55 -14.20
C GLN G 331 20.38 28.19 -13.16
N LEU G 332 21.68 27.90 -13.22
CA LEU G 332 22.62 28.50 -12.28
C LEU G 332 22.74 30.00 -12.50
N VAL G 333 22.85 30.44 -13.75
CA VAL G 333 22.97 31.87 -14.03
C VAL G 333 21.65 32.58 -13.74
N GLY G 334 20.52 31.94 -14.07
CA GLY G 334 19.23 32.55 -13.77
C GLY G 334 19.02 32.79 -12.29
N GLY G 335 19.47 31.84 -11.46
CA GLY G 335 19.40 32.05 -10.02
C GLY G 335 20.29 33.19 -9.57
N LEU G 336 21.47 33.32 -10.18
CA LEU G 336 22.37 34.42 -9.84
C LEU G 336 21.79 35.76 -10.28
N ARG G 337 21.19 35.82 -11.48
CA ARG G 337 20.60 37.06 -11.95
C ARG G 337 19.43 37.48 -11.06
N ALA G 338 18.65 36.52 -10.58
CA ALA G 338 17.55 36.84 -9.67
C ALA G 338 18.08 37.41 -8.36
N GLY G 339 19.07 36.74 -7.76
CA GLY G 339 19.62 37.23 -6.51
C GLY G 339 20.25 38.60 -6.63
N MET G 340 20.92 38.87 -7.75
CA MET G 340 21.50 40.19 -7.97
C MET G 340 20.42 41.26 -8.11
N GLY G 341 19.27 40.90 -8.69
CA GLY G 341 18.17 41.84 -8.74
C GLY G 341 17.60 42.13 -7.38
N TYR G 342 17.52 41.12 -6.51
CA TYR G 342 17.04 41.34 -5.15
C TYR G 342 17.97 42.24 -4.35
N CYS G 343 19.27 42.18 -4.61
CA CYS G 343 20.24 42.98 -3.88
C CYS G 343 20.55 44.30 -4.57
N GLY G 344 19.97 44.56 -5.74
CA GLY G 344 20.25 45.80 -6.46
C GLY G 344 21.67 45.89 -6.98
N ALA G 345 22.25 44.77 -7.40
CA ALA G 345 23.63 44.72 -7.85
C ALA G 345 23.67 44.77 -9.37
N GLN G 346 24.25 45.84 -9.92
CA GLN G 346 24.42 45.95 -11.36
C GLN G 346 25.37 44.88 -11.88
N ASP G 347 26.51 44.72 -11.22
CA ASP G 347 27.54 43.75 -11.57
C ASP G 347 27.92 42.97 -10.31
N LEU G 348 28.91 42.08 -10.46
CA LEU G 348 29.33 41.25 -9.33
C LEU G 348 30.14 42.02 -8.30
N GLU G 349 30.86 43.07 -8.71
CA GLU G 349 31.64 43.84 -7.76
C GLU G 349 30.74 44.50 -6.72
N PHE G 350 29.62 45.07 -7.15
CA PHE G 350 28.67 45.66 -6.21
C PHE G 350 28.16 44.61 -5.24
N LEU G 351 27.86 43.40 -5.73
CA LEU G 351 27.41 42.34 -4.85
C LEU G 351 28.47 41.97 -3.83
N ARG G 352 29.73 41.89 -4.27
CA ARG G 352 30.82 41.55 -3.35
C ARG G 352 30.98 42.62 -2.27
N GLU G 353 30.77 43.89 -2.62
CA GLU G 353 31.07 44.99 -1.71
C GLU G 353 29.92 45.41 -0.83
N ASN G 354 28.67 45.16 -1.25
CA ASN G 354 27.52 45.73 -0.57
C ASN G 354 26.50 44.73 -0.06
N ALA G 355 26.51 43.49 -0.54
CA ALA G 355 25.48 42.53 -0.14
C ALA G 355 25.59 42.21 1.35
N GLN G 356 24.45 42.19 2.02
CA GLN G 356 24.37 41.92 3.45
C GLN G 356 23.65 40.61 3.71
N PHE G 357 24.08 39.93 4.77
CA PHE G 357 23.49 38.66 5.18
C PHE G 357 22.74 38.82 6.50
N ILE G 358 21.84 37.87 6.76
CA ILE G 358 21.17 37.76 8.05
C ILE G 358 21.24 36.30 8.47
N ARG G 359 21.62 36.06 9.72
N ARG G 359 21.62 36.06 9.72
CA ARG G 359 21.78 34.70 10.21
CA ARG G 359 21.78 34.71 10.23
C ARG G 359 20.45 34.13 10.66
C ARG G 359 20.44 34.12 10.64
N MET G 360 20.32 32.81 10.51
CA MET G 360 19.10 32.09 10.87
C MET G 360 19.47 30.75 11.46
N SER G 361 18.50 30.14 12.14
CA SER G 361 18.68 28.84 12.77
C SER G 361 18.16 27.74 11.84
N GLY G 362 18.11 26.51 12.36
CA GLY G 362 17.58 25.40 11.59
C GLY G 362 16.11 25.59 11.24
N ALA G 363 15.34 26.20 12.15
CA ALA G 363 13.94 26.50 11.85
C ALA G 363 13.82 27.45 10.67
N GLY G 364 14.71 28.44 10.59
CA GLY G 364 14.74 29.30 9.42
C GLY G 364 15.09 28.56 8.15
N LEU G 365 15.96 27.55 8.25
CA LEU G 365 16.29 26.73 7.09
C LEU G 365 15.09 25.97 6.58
N LEU G 366 14.31 25.36 7.49
CA LEU G 366 13.11 24.64 7.08
C LEU G 366 12.07 25.58 6.48
N GLU G 367 12.00 26.82 6.99
CA GLU G 367 11.11 27.80 6.38
C GLU G 367 11.60 28.23 5.01
N SER G 368 12.91 28.26 4.80
CA SER G 368 13.46 28.67 3.51
C SER G 368 13.14 27.66 2.42
N HIS G 369 13.18 26.37 2.75
CA HIS G 369 12.82 25.32 1.81
C HIS G 369 11.31 25.18 1.74
N PRO G 370 10.78 24.55 0.68
CA PRO G 370 9.37 24.18 0.68
C PRO G 370 9.05 23.28 1.86
N HIS G 371 7.84 23.45 2.40
CA HIS G 371 7.46 22.75 3.62
C HIS G 371 5.96 22.51 3.63
N HIS G 372 5.57 21.37 4.20
CA HIS G 372 4.16 21.01 4.42
C HIS G 372 3.36 20.97 3.12
N VAL G 373 4.03 20.69 2.00
CA VAL G 373 3.38 20.49 0.72
C VAL G 373 4.06 19.32 0.02
N GLN G 374 3.26 18.37 -0.46
CA GLN G 374 3.78 17.20 -1.15
C GLN G 374 4.15 17.60 -2.57
N ILE G 375 5.46 17.72 -2.83
CA ILE G 375 5.92 18.12 -4.15
C ILE G 375 5.55 17.06 -5.18
N THR G 376 4.94 17.48 -6.28
CA THR G 376 4.44 16.58 -7.30
C THR G 376 5.48 16.29 -8.38
N LYS G 377 6.06 17.33 -8.97
CA LYS G 377 7.05 17.19 -10.02
C LYS G 377 8.33 17.91 -9.65
N GLU G 378 9.42 17.50 -10.29
CA GLU G 378 10.74 18.06 -9.99
C GLU G 378 10.94 19.35 -10.78
N ALA G 379 11.32 20.41 -10.08
CA ALA G 379 11.63 21.68 -10.72
C ALA G 379 13.02 21.61 -11.36
N PRO G 380 13.26 22.40 -12.41
CA PRO G 380 14.59 22.39 -13.05
C PRO G 380 15.71 22.91 -12.16
N ASN G 381 15.40 23.60 -11.07
CA ASN G 381 16.42 24.11 -10.16
C ASN G 381 16.21 23.66 -8.72
N TYR G 382 15.35 22.67 -8.48
CA TYR G 382 15.14 22.15 -7.14
C TYR G 382 14.82 20.67 -7.25
N SER G 383 15.58 19.84 -6.55
CA SER G 383 15.40 18.39 -6.61
C SER G 383 15.82 17.74 -5.29
N ASN H 23 22.70 33.20 47.65
CA ASN H 23 21.78 33.47 46.55
C ASN H 23 22.51 33.37 45.21
N ALA H 24 23.84 33.41 45.26
CA ALA H 24 24.64 33.35 44.04
C ALA H 24 24.57 31.97 43.39
N MET H 25 24.46 30.91 44.19
CA MET H 25 24.31 29.57 43.62
C MET H 25 22.97 29.39 42.93
N TRP H 26 21.95 30.16 43.31
CA TRP H 26 20.66 30.07 42.65
C TRP H 26 20.67 30.80 41.31
N GLU H 27 21.39 31.92 41.23
CA GLU H 27 21.40 32.71 40.00
C GLU H 27 22.38 32.19 38.96
N SER H 28 23.32 31.32 39.35
CA SER H 28 24.31 30.80 38.44
C SER H 28 23.97 29.41 37.93
N LYS H 29 22.70 29.00 38.04
CA LYS H 29 22.33 27.62 37.69
C LYS H 29 22.58 27.33 36.21
N PHE H 30 22.24 28.27 35.33
CA PHE H 30 22.27 28.04 33.90
C PHE H 30 23.28 28.93 33.19
N VAL H 31 24.46 29.10 33.79
CA VAL H 31 25.48 29.97 33.23
C VAL H 31 26.44 29.19 32.33
N LYS H 32 26.91 28.03 32.78
CA LYS H 32 27.92 27.29 32.04
C LYS H 32 27.38 26.82 30.69
N GLU H 33 28.30 26.61 29.75
CA GLU H 33 27.96 26.22 28.39
C GLU H 33 29.00 25.22 27.90
N GLY H 34 28.54 24.09 27.36
CA GLY H 34 29.44 23.03 26.96
C GLY H 34 29.44 22.74 25.47
N LEU H 35 30.52 22.11 25.00
CA LEU H 35 30.68 21.77 23.58
C LEU H 35 31.08 20.32 23.44
N THR H 36 30.62 19.69 22.37
CA THR H 36 30.98 18.31 22.03
C THR H 36 31.78 18.31 20.73
N PHE H 37 32.12 17.10 20.27
CA PHE H 37 32.97 16.97 19.09
C PHE H 37 32.32 17.55 17.85
N ASP H 38 31.01 17.35 17.69
CA ASP H 38 30.31 17.79 16.49
C ASP H 38 29.89 19.26 16.53
N ASP H 39 30.39 20.02 17.51
CA ASP H 39 30.13 21.46 17.57
C ASP H 39 31.25 22.29 16.97
N VAL H 40 32.43 21.71 16.75
CA VAL H 40 33.63 22.46 16.40
C VAL H 40 34.36 21.76 15.25
N LEU H 41 35.29 22.50 14.66
CA LEU H 41 36.25 21.98 13.71
C LEU H 41 37.63 22.51 14.07
N LEU H 42 38.67 21.77 13.67
CA LEU H 42 40.03 22.24 13.85
C LEU H 42 40.42 23.17 12.72
N VAL H 43 41.06 24.29 13.06
CA VAL H 43 41.44 25.32 12.10
C VAL H 43 42.78 24.95 11.48
N PRO H 44 42.88 24.92 10.15
CA PRO H 44 44.17 24.65 9.51
C PRO H 44 45.16 25.77 9.80
N ALA H 45 46.40 25.38 10.09
CA ALA H 45 47.46 26.32 10.40
C ALA H 45 48.66 26.06 9.51
N LYS H 46 49.66 26.94 9.61
CA LYS H 46 50.88 26.79 8.83
C LYS H 46 51.56 25.47 9.18
N SER H 47 51.99 24.74 8.16
CA SER H 47 52.55 23.40 8.34
C SER H 47 53.87 23.28 7.61
N ASP H 48 54.88 22.78 8.31
CA ASP H 48 56.17 22.44 7.71
C ASP H 48 56.42 20.93 7.74
N VAL H 49 55.43 20.15 8.16
CA VAL H 49 55.59 18.72 8.35
C VAL H 49 54.55 17.98 7.53
N LEU H 50 54.92 16.76 7.07
CA LEU H 50 54.05 15.86 6.34
C LEU H 50 53.45 14.82 7.30
N PRO H 51 52.24 14.32 6.99
CA PRO H 51 51.61 13.35 7.89
C PRO H 51 52.42 12.07 8.08
N ARG H 52 53.22 11.67 7.09
CA ARG H 52 53.99 10.44 7.20
C ARG H 52 55.13 10.56 8.21
N GLU H 53 55.52 11.78 8.58
CA GLU H 53 56.70 11.99 9.41
C GLU H 53 56.37 12.62 10.76
N VAL H 54 55.08 12.75 11.11
CA VAL H 54 54.71 13.30 12.42
C VAL H 54 54.92 12.23 13.48
N SER H 55 55.16 12.68 14.71
CA SER H 55 55.34 11.78 15.84
C SER H 55 54.01 11.58 16.57
N VAL H 56 53.62 10.33 16.75
CA VAL H 56 52.38 9.98 17.44
C VAL H 56 52.61 9.45 18.83
N LYS H 57 53.85 9.47 19.31
CA LYS H 57 54.17 8.94 20.63
C LYS H 57 53.60 9.85 21.72
N THR H 58 53.37 9.25 22.89
CA THR H 58 52.85 9.99 24.03
C THR H 58 53.36 9.33 25.31
N VAL H 59 53.54 10.15 26.35
CA VAL H 59 54.10 9.71 27.61
C VAL H 59 53.09 10.00 28.71
N LEU H 60 52.53 8.95 29.31
CA LEU H 60 51.63 9.13 30.44
C LEU H 60 52.40 9.26 31.74
N SER H 61 53.48 8.49 31.89
CA SER H 61 54.35 8.58 33.04
C SER H 61 55.72 8.06 32.62
N GLU H 62 56.67 8.08 33.57
CA GLU H 62 58.01 7.60 33.28
C GLU H 62 58.02 6.12 32.91
N SER H 63 57.08 5.35 33.47
CA SER H 63 57.00 3.91 33.23
C SER H 63 55.78 3.53 32.40
N LEU H 64 55.16 4.48 31.71
CA LEU H 64 53.96 4.22 30.91
C LEU H 64 54.03 5.11 29.67
N GLN H 65 54.67 4.60 28.62
CA GLN H 65 54.85 5.31 27.36
C GLN H 65 54.28 4.47 26.23
N LEU H 66 53.50 5.11 25.36
CA LEU H 66 52.83 4.43 24.26
C LEU H 66 53.27 5.03 22.93
N ASN H 67 53.33 4.18 21.91
CA ASN H 67 53.67 4.65 20.57
C ASN H 67 52.47 5.32 19.89
N ILE H 68 51.27 4.79 20.10
CA ILE H 68 50.05 5.40 19.58
C ILE H 68 49.18 5.82 20.76
N PRO H 69 48.43 6.92 20.65
CA PRO H 69 47.62 7.41 21.77
C PRO H 69 46.25 6.75 21.84
N LEU H 70 46.23 5.42 21.95
CA LEU H 70 45.00 4.65 21.94
C LEU H 70 44.99 3.67 23.11
N ILE H 71 43.89 3.64 23.86
CA ILE H 71 43.68 2.69 24.94
C ILE H 71 42.32 2.05 24.73
N SER H 72 42.29 0.72 24.67
CA SER H 72 41.02 0.01 24.54
C SER H 72 40.32 -0.04 25.89
N ALA H 73 39.01 0.20 25.86
CA ALA H 73 38.23 0.33 27.10
C ALA H 73 38.18 -0.98 27.85
N GLY H 74 38.16 -0.87 29.18
CA GLY H 74 38.06 -2.04 30.05
C GLY H 74 36.62 -2.51 30.19
N MET H 75 36.09 -3.14 29.15
CA MET H 75 34.72 -3.62 29.13
C MET H 75 34.72 -5.10 28.76
N ASP H 76 33.67 -5.81 29.20
CA ASP H 76 33.63 -7.25 29.00
C ASP H 76 33.38 -7.65 27.55
N THR H 77 33.05 -6.70 26.68
CA THR H 77 32.88 -6.97 25.26
C THR H 77 33.91 -6.24 24.41
N VAL H 78 34.98 -5.72 25.02
CA VAL H 78 35.97 -4.93 24.28
C VAL H 78 37.37 -5.53 24.44
N THR H 79 37.84 -5.66 25.69
CA THR H 79 39.24 -5.94 25.95
C THR H 79 39.38 -7.13 26.91
N GLU H 80 40.02 -8.20 26.43
CA GLU H 80 40.55 -9.22 27.30
C GLU H 80 42.03 -9.42 26.97
N ALA H 81 42.56 -10.62 27.20
CA ALA H 81 43.99 -10.85 26.98
C ALA H 81 44.35 -10.67 25.51
N ASP H 82 43.58 -11.29 24.61
CA ASP H 82 43.91 -11.22 23.19
C ASP H 82 43.84 -9.79 22.66
N MET H 83 42.85 -9.02 23.13
CA MET H 83 42.75 -7.62 22.71
C MET H 83 43.91 -6.81 23.26
N ALA H 84 44.27 -7.03 24.53
CA ALA H 84 45.37 -6.28 25.14
C ALA H 84 46.69 -6.59 24.45
N ILE H 85 46.90 -7.85 24.06
CA ILE H 85 48.13 -8.23 23.36
C ILE H 85 48.21 -7.51 22.02
N ALA H 86 47.11 -7.52 21.27
CA ALA H 86 47.12 -6.87 19.96
C ALA H 86 47.25 -5.35 20.09
N MET H 87 46.61 -4.77 21.10
CA MET H 87 46.73 -3.33 21.32
C MET H 87 48.18 -2.94 21.64
N ALA H 88 48.85 -3.72 22.47
CA ALA H 88 50.23 -3.40 22.85
C ALA H 88 51.18 -3.60 21.68
N ARG H 89 50.95 -4.62 20.86
CA ARG H 89 51.79 -4.85 19.69
C ARG H 89 51.61 -3.76 18.63
N GLN H 90 50.46 -3.08 18.63
CA GLN H 90 50.25 -1.94 17.76
C GLN H 90 50.81 -0.65 18.34
N GLY H 91 51.28 -0.67 19.58
CA GLY H 91 51.81 0.51 20.25
C GLY H 91 50.87 1.16 21.24
N GLY H 92 49.72 0.55 21.52
CA GLY H 92 48.74 1.10 22.42
C GLY H 92 48.73 0.40 23.77
N LEU H 93 47.55 0.32 24.37
CA LEU H 93 47.38 -0.26 25.69
C LEU H 93 45.98 -0.82 25.82
N GLY H 94 45.85 -1.93 26.54
CA GLY H 94 44.56 -2.55 26.79
C GLY H 94 44.30 -2.69 28.27
N ILE H 95 43.05 -2.45 28.67
CA ILE H 95 42.63 -2.53 30.06
C ILE H 95 41.75 -3.77 30.22
N ILE H 96 42.21 -4.72 31.02
CA ILE H 96 41.43 -5.93 31.27
C ILE H 96 40.23 -5.56 32.13
N HIS H 97 39.04 -5.98 31.69
CA HIS H 97 37.81 -5.64 32.42
C HIS H 97 37.74 -6.42 33.73
N LYS H 98 36.91 -5.92 34.64
CA LYS H 98 36.85 -6.43 36.00
C LYS H 98 35.67 -7.36 36.25
N ASN H 99 34.92 -7.72 35.21
CA ASN H 99 33.80 -8.65 35.36
C ASN H 99 34.29 -10.10 35.30
N MET H 100 35.18 -10.41 36.24
CA MET H 100 35.74 -11.75 36.38
C MET H 100 36.33 -11.86 37.78
N SER H 101 36.64 -13.09 38.18
CA SER H 101 37.23 -13.32 39.49
C SER H 101 38.62 -12.68 39.57
N ILE H 102 39.14 -12.60 40.80
CA ILE H 102 40.46 -12.02 41.01
C ILE H 102 41.53 -12.88 40.33
N GLU H 103 41.44 -14.20 40.50
CA GLU H 103 42.44 -15.08 39.90
C GLU H 103 42.38 -15.03 38.39
N GLN H 104 41.19 -14.92 37.81
CA GLN H 104 41.07 -14.86 36.36
C GLN H 104 41.70 -13.59 35.79
N GLN H 105 41.48 -12.45 36.45
CA GLN H 105 42.03 -11.19 35.94
C GLN H 105 43.55 -11.17 36.06
N ALA H 106 44.09 -11.73 37.15
CA ALA H 106 45.54 -11.83 37.28
C ALA H 106 46.12 -12.76 36.23
N GLU H 107 45.40 -13.85 35.90
CA GLU H 107 45.84 -14.73 34.82
C GLU H 107 45.81 -14.00 33.49
N GLN H 108 44.83 -13.13 33.28
CA GLN H 108 44.77 -12.34 32.04
C GLN H 108 45.95 -11.38 31.97
N VAL H 109 46.23 -10.66 33.07
CA VAL H 109 47.35 -9.73 33.08
C VAL H 109 48.67 -10.46 32.88
N ASP H 110 48.83 -11.62 33.53
CA ASP H 110 50.07 -12.37 33.41
C ASP H 110 50.24 -12.89 31.97
N LYS H 111 49.15 -13.27 31.31
CA LYS H 111 49.25 -13.77 29.95
C LYS H 111 49.75 -12.70 28.99
N VAL H 112 49.34 -11.45 29.20
CA VAL H 112 49.81 -10.38 28.33
C VAL H 112 51.30 -10.10 28.58
N LYS H 113 51.73 -10.17 29.84
CA LYS H 113 53.14 -9.98 30.14
C LYS H 113 54.00 -11.10 29.58
N ARG H 114 53.47 -12.33 29.55
CA ARG H 114 54.21 -13.45 28.99
C ARG H 114 54.39 -13.34 27.48
N SER H 115 53.54 -12.57 26.81
CA SER H 115 53.59 -12.46 25.35
C SER H 115 54.56 -11.39 24.88
N GLY H 116 55.80 -11.48 25.37
CA GLY H 116 56.84 -10.56 24.94
C GLY H 116 57.02 -9.32 25.79
N GLY H 117 56.60 -9.35 27.05
CA GLY H 117 56.75 -8.22 27.94
C GLY H 117 56.01 -6.99 27.47
N LEU H 118 54.73 -7.14 27.16
CA LEU H 118 53.91 -6.05 26.66
C LEU H 118 53.24 -5.31 27.81
N LEU H 119 52.97 -4.02 27.57
CA LEU H 119 52.25 -3.22 28.55
C LEU H 119 50.80 -3.68 28.66
N VAL H 120 50.25 -3.63 29.86
CA VAL H 120 48.88 -4.06 30.10
C VAL H 120 48.32 -3.29 31.28
N GLY H 121 46.99 -3.14 31.30
CA GLY H 121 46.31 -2.51 32.41
C GLY H 121 45.11 -3.33 32.84
N ALA H 122 44.63 -3.05 34.03
CA ALA H 122 43.48 -3.75 34.60
C ALA H 122 42.61 -2.78 35.38
N ALA H 123 41.30 -3.03 35.35
CA ALA H 123 40.33 -2.20 36.03
C ALA H 123 39.98 -2.78 37.39
N VAL H 124 39.72 -1.89 38.35
CA VAL H 124 39.36 -2.28 39.72
C VAL H 124 38.26 -1.35 40.21
N GLY H 125 37.19 -1.94 40.75
CA GLY H 125 36.12 -1.14 41.32
C GLY H 125 36.41 -0.73 42.75
N VAL H 126 35.61 0.21 43.24
CA VAL H 126 35.76 0.72 44.60
C VAL H 126 34.85 -0.12 45.49
N THR H 127 35.41 -1.17 46.05
CA THR H 127 34.67 -2.09 46.92
C THR H 127 35.56 -2.43 48.11
N ALA H 128 35.21 -3.51 48.83
CA ALA H 128 36.03 -3.99 49.92
C ALA H 128 37.13 -4.93 49.46
N ASP H 129 36.88 -5.71 48.41
CA ASP H 129 37.89 -6.58 47.82
C ASP H 129 38.83 -5.83 46.88
N ALA H 130 38.80 -4.51 46.89
CA ALA H 130 39.63 -3.74 45.96
C ALA H 130 41.11 -3.98 46.21
N MET H 131 41.54 -3.88 47.48
CA MET H 131 42.93 -4.13 47.80
C MET H 131 43.33 -5.57 47.50
N THR H 132 42.43 -6.52 47.75
CA THR H 132 42.74 -7.92 47.49
C THR H 132 42.91 -8.16 45.99
N ARG H 133 42.13 -7.48 45.16
CA ARG H 133 42.28 -7.62 43.71
C ARG H 133 43.55 -6.93 43.22
N ILE H 134 43.88 -5.78 43.81
CA ILE H 134 45.07 -5.05 43.38
C ILE H 134 46.34 -5.83 43.70
N ASP H 135 46.36 -6.50 44.86
CA ASP H 135 47.54 -7.27 45.24
C ASP H 135 47.84 -8.37 44.22
N ALA H 136 46.81 -9.04 43.72
CA ALA H 136 47.02 -10.07 42.72
C ALA H 136 47.43 -9.47 41.38
N LEU H 137 46.99 -8.25 41.08
CA LEU H 137 47.38 -7.61 39.83
C LEU H 137 48.81 -7.11 39.88
N VAL H 138 49.24 -6.56 41.01
CA VAL H 138 50.63 -6.11 41.14
C VAL H 138 51.57 -7.30 41.11
N LYS H 139 51.19 -8.41 41.75
CA LYS H 139 52.01 -9.61 41.69
C LYS H 139 52.12 -10.14 40.26
N ALA H 140 51.09 -9.93 39.45
CA ALA H 140 51.13 -10.29 38.04
C ALA H 140 51.85 -9.26 37.19
N SER H 141 52.48 -8.26 37.82
CA SER H 141 53.28 -7.25 37.14
C SER H 141 52.43 -6.40 36.18
N VAL H 142 51.28 -5.95 36.69
CA VAL H 142 50.45 -5.03 35.91
C VAL H 142 51.13 -3.66 35.88
N ASP H 143 51.01 -2.97 34.74
CA ASP H 143 51.68 -1.69 34.55
C ASP H 143 50.85 -0.50 35.00
N ALA H 144 49.52 -0.65 35.07
CA ALA H 144 48.66 0.43 35.50
C ALA H 144 47.30 -0.16 35.88
N ILE H 145 46.74 0.33 36.98
CA ILE H 145 45.39 -0.04 37.39
C ILE H 145 44.46 1.13 37.11
N VAL H 146 43.19 0.82 36.88
CA VAL H 146 42.18 1.81 36.55
C VAL H 146 41.07 1.68 37.59
N LEU H 147 41.04 2.60 38.54
CA LEU H 147 39.94 2.68 39.51
C LEU H 147 38.75 3.32 38.81
N ASP H 148 38.03 2.49 38.06
CA ASP H 148 36.92 2.95 37.24
C ASP H 148 35.65 3.03 38.09
N THR H 149 35.02 4.20 38.11
CA THR H 149 33.83 4.43 38.91
C THR H 149 32.86 5.30 38.11
N ALA H 150 31.57 5.18 38.43
CA ALA H 150 30.56 6.02 37.78
C ALA H 150 30.73 7.48 38.17
N HIS H 151 31.11 7.75 39.42
CA HIS H 151 31.28 9.10 39.94
C HIS H 151 32.65 9.20 40.59
N GLY H 152 33.65 9.65 39.81
CA GLY H 152 35.00 9.74 40.33
C GLY H 152 35.17 10.78 41.42
N HIS H 153 34.32 11.81 41.42
CA HIS H 153 34.39 12.85 42.44
C HIS H 153 33.68 12.47 43.74
N SER H 154 33.82 11.21 44.15
CA SER H 154 33.18 10.69 45.35
C SER H 154 34.19 10.56 46.47
N GLN H 155 33.71 10.69 47.71
CA GLN H 155 34.60 10.60 48.87
C GLN H 155 35.20 9.20 48.98
N GLY H 156 34.40 8.17 48.71
CA GLY H 156 34.92 6.81 48.77
C GLY H 156 35.99 6.53 47.74
N VAL H 157 35.85 7.12 46.56
CA VAL H 157 36.86 6.95 45.52
C VAL H 157 38.14 7.68 45.92
N ILE H 158 38.02 8.88 46.48
CA ILE H 158 39.19 9.64 46.92
C ILE H 158 39.90 8.89 48.05
N ASP H 159 39.14 8.38 49.02
CA ASP H 159 39.74 7.65 50.13
C ASP H 159 40.42 6.37 49.66
N LYS H 160 39.95 5.78 48.56
CA LYS H 160 40.58 4.58 48.04
C LYS H 160 41.88 4.90 47.31
N VAL H 161 41.91 6.01 46.57
CA VAL H 161 43.13 6.40 45.85
C VAL H 161 44.25 6.69 46.85
N LYS H 162 43.94 7.40 47.94
CA LYS H 162 44.92 7.62 48.99
C LYS H 162 45.35 6.29 49.62
N GLU H 163 44.43 5.34 49.72
CA GLU H 163 44.76 4.05 50.32
C GLU H 163 45.68 3.25 49.41
N VAL H 164 45.43 3.26 48.11
CA VAL H 164 46.24 2.47 47.17
C VAL H 164 47.62 3.09 47.00
N ARG H 165 47.69 4.42 46.85
CA ARG H 165 48.97 5.08 46.66
C ARG H 165 49.87 4.94 47.89
N ALA H 166 49.28 4.90 49.09
CA ALA H 166 50.07 4.72 50.30
C ALA H 166 50.69 3.33 50.38
N LYS H 167 50.12 2.34 49.68
CA LYS H 167 50.68 0.99 49.74
C LYS H 167 51.59 0.70 48.55
N TYR H 168 51.26 1.23 47.38
CA TYR H 168 52.05 1.05 46.16
C TYR H 168 52.43 2.42 45.62
N PRO H 169 53.53 3.02 46.12
CA PRO H 169 53.88 4.38 45.68
C PRO H 169 54.31 4.47 44.23
N SER H 170 54.82 3.38 43.64
CA SER H 170 55.32 3.39 42.27
C SER H 170 54.31 2.84 41.27
N LEU H 171 53.07 2.63 41.67
CA LEU H 171 52.06 2.03 40.79
C LEU H 171 51.30 3.12 40.05
N ASN H 172 51.23 2.99 38.73
CA ASN H 172 50.45 3.91 37.92
C ASN H 172 48.96 3.75 38.25
N ILE H 173 48.34 4.82 38.73
CA ILE H 173 46.94 4.81 39.12
C ILE H 173 46.18 5.74 38.20
N ILE H 174 45.27 5.19 37.42
CA ILE H 174 44.39 5.96 36.55
C ILE H 174 43.02 5.99 37.22
N ALA H 175 42.60 7.19 37.64
CA ALA H 175 41.37 7.36 38.38
C ALA H 175 40.33 8.08 37.53
N GLY H 176 39.08 7.62 37.64
CA GLY H 176 37.99 8.22 36.88
C GLY H 176 36.68 7.58 37.29
N ASN H 177 35.59 8.08 36.70
CA ASN H 177 35.65 9.15 35.73
C ASN H 177 35.18 10.47 36.33
N VAL H 178 35.71 11.58 35.82
CA VAL H 178 35.34 12.92 36.25
C VAL H 178 35.06 13.78 35.03
N ALA H 179 34.57 14.99 35.27
CA ALA H 179 34.26 15.90 34.18
C ALA H 179 34.41 17.37 34.58
N THR H 180 34.92 17.68 35.77
CA THR H 180 35.10 19.04 36.22
C THR H 180 36.54 19.26 36.67
N ALA H 181 36.94 20.52 36.74
CA ALA H 181 38.29 20.85 37.16
C ALA H 181 38.51 20.54 38.63
N GLU H 182 37.50 20.83 39.47
CA GLU H 182 37.64 20.58 40.90
C GLU H 182 37.71 19.09 41.21
N ALA H 183 37.06 18.26 40.38
CA ALA H 183 37.19 16.82 40.55
C ALA H 183 38.58 16.33 40.14
N THR H 184 39.12 16.91 39.06
CA THR H 184 40.48 16.56 38.65
C THR H 184 41.48 16.92 39.74
N LYS H 185 41.32 18.08 40.36
CA LYS H 185 42.22 18.48 41.44
C LYS H 185 42.08 17.56 42.65
N ALA H 186 40.88 17.05 42.90
CA ALA H 186 40.66 16.19 44.06
C ALA H 186 41.37 14.85 43.90
N LEU H 187 41.38 14.31 42.69
CA LEU H 187 42.01 13.01 42.45
C LEU H 187 43.52 13.13 42.29
N ILE H 188 44.01 14.22 41.72
CA ILE H 188 45.45 14.39 41.53
C ILE H 188 46.15 14.48 42.88
N GLU H 189 45.62 15.30 43.79
CA GLU H 189 46.22 15.43 45.11
C GLU H 189 45.93 14.23 46.00
N ALA H 190 45.05 13.32 45.59
CA ALA H 190 44.79 12.11 46.35
C ALA H 190 45.78 10.99 46.03
N GLY H 191 46.49 11.09 44.90
CA GLY H 191 47.51 10.11 44.57
C GLY H 191 47.38 9.51 43.19
N ALA H 192 46.52 10.09 42.36
CA ALA H 192 46.31 9.59 41.00
C ALA H 192 47.18 10.36 40.03
N ASN H 193 48.08 9.67 39.34
CA ASN H 193 48.96 10.30 38.38
C ASN H 193 48.37 10.38 36.97
N VAL H 194 47.24 9.73 36.73
CA VAL H 194 46.50 9.86 35.48
C VAL H 194 45.01 9.97 35.81
N VAL H 195 44.33 10.89 35.13
CA VAL H 195 42.90 11.14 35.35
C VAL H 195 42.16 10.80 34.07
N LYS H 196 41.06 10.08 34.19
CA LYS H 196 40.23 9.68 33.05
C LYS H 196 38.94 10.50 33.05
N VAL H 197 38.67 11.14 31.92
CA VAL H 197 37.59 12.11 31.79
C VAL H 197 36.47 11.51 30.95
N GLY H 198 35.22 11.72 31.37
CA GLY H 198 34.07 11.27 30.62
C GLY H 198 32.89 10.87 31.47
N ILE H 199 31.85 11.70 31.50
CA ILE H 199 30.62 11.40 32.24
C ILE H 199 29.48 11.55 31.23
N GLY H 200 29.09 10.44 30.60
CA GLY H 200 27.96 10.47 29.70
C GLY H 200 28.18 10.25 28.21
N PRO H 201 29.35 10.55 27.64
CA PRO H 201 29.44 10.55 26.17
C PRO H 201 29.49 9.17 25.54
N GLY H 202 29.50 8.10 26.33
CA GLY H 202 29.69 6.77 25.76
C GLY H 202 28.57 6.40 24.81
N SER H 203 28.93 5.69 23.74
CA SER H 203 27.94 5.33 22.73
C SER H 203 26.87 4.40 23.29
N ILE H 204 27.20 3.64 24.33
CA ILE H 204 26.26 2.73 24.98
C ILE H 204 25.79 3.27 26.32
N CYS H 205 26.09 4.51 26.64
CA CYS H 205 25.82 5.08 27.95
C CYS H 205 24.48 5.82 27.96
N THR H 206 23.76 5.70 29.08
CA THR H 206 22.50 6.42 29.27
C THR H 206 22.50 7.22 30.56
N THR H 207 23.68 7.53 31.11
CA THR H 207 23.75 8.24 32.38
C THR H 207 23.10 9.61 32.29
N ARG H 208 23.35 10.33 31.19
CA ARG H 208 22.74 11.65 31.02
C ARG H 208 21.23 11.58 30.80
N VAL H 209 20.72 10.41 30.43
CA VAL H 209 19.29 10.27 30.16
C VAL H 209 18.52 9.80 31.39
N VAL H 210 19.05 8.80 32.10
CA VAL H 210 18.35 8.27 33.26
C VAL H 210 18.67 9.01 34.54
N ALA H 211 19.80 9.72 34.61
CA ALA H 211 20.16 10.51 35.77
C ALA H 211 20.27 12.00 35.49
N GLY H 212 20.34 12.41 34.23
CA GLY H 212 20.38 13.82 33.87
C GLY H 212 21.69 14.51 34.14
N VAL H 213 22.76 13.78 34.42
CA VAL H 213 24.03 14.36 34.84
C VAL H 213 25.08 14.10 33.76
N GLY H 214 25.89 15.11 33.48
CA GLY H 214 26.96 14.96 32.52
C GLY H 214 27.53 16.30 32.13
N VAL H 215 28.63 16.24 31.38
CA VAL H 215 29.27 17.41 30.80
C VAL H 215 29.65 17.04 29.37
N PRO H 216 29.35 17.88 28.37
CA PRO H 216 29.79 17.59 27.00
C PRO H 216 31.28 17.31 26.95
N GLN H 217 31.64 16.23 26.27
CA GLN H 217 32.96 15.62 26.47
C GLN H 217 34.10 16.57 26.12
N LEU H 218 33.95 17.34 25.05
CA LEU H 218 35.03 18.24 24.65
C LEU H 218 35.24 19.36 25.66
N THR H 219 34.15 19.85 26.27
CA THR H 219 34.29 20.81 27.35
C THR H 219 34.85 20.15 28.60
N ALA H 220 34.43 18.90 28.87
CA ALA H 220 34.98 18.18 30.01
C ALA H 220 36.47 17.94 29.86
N VAL H 221 36.92 17.57 28.66
CA VAL H 221 38.34 17.36 28.44
C VAL H 221 39.12 18.66 28.61
N TYR H 222 38.59 19.75 28.05
CA TYR H 222 39.29 21.03 28.13
C TYR H 222 39.35 21.54 29.56
N ASP H 223 38.26 21.40 30.32
CA ASP H 223 38.26 21.87 31.70
C ASP H 223 39.19 21.03 32.58
N CYS H 224 39.14 19.70 32.43
CA CYS H 224 39.98 18.85 33.26
C CYS H 224 41.45 18.98 32.89
N ALA H 225 41.76 19.12 31.60
CA ALA H 225 43.14 19.33 31.19
C ALA H 225 43.68 20.66 31.67
N THR H 226 42.82 21.67 31.78
CA THR H 226 43.26 22.98 32.29
C THR H 226 43.75 22.86 33.72
N GLU H 227 43.06 22.08 34.55
CA GLU H 227 43.49 21.87 35.92
C GLU H 227 44.67 20.90 35.99
N ALA H 228 44.62 19.81 35.23
CA ALA H 228 45.67 18.81 35.29
C ALA H 228 46.98 19.32 34.71
N ARG H 229 46.92 20.30 33.80
CA ARG H 229 48.14 20.84 33.22
C ARG H 229 48.96 21.61 34.24
N LYS H 230 48.32 22.21 35.24
CA LYS H 230 49.03 22.91 36.30
C LYS H 230 49.79 21.99 37.22
N HIS H 231 49.50 20.68 37.19
CA HIS H 231 50.23 19.70 37.98
C HIS H 231 51.08 18.77 37.13
N GLY H 232 51.11 18.97 35.81
CA GLY H 232 51.86 18.08 34.94
C GLY H 232 51.30 16.67 34.89
N ILE H 233 49.98 16.55 34.90
CA ILE H 233 49.29 15.27 34.95
C ILE H 233 48.50 15.12 33.65
N PRO H 234 48.63 14.01 32.92
CA PRO H 234 47.85 13.83 31.70
C PRO H 234 46.43 13.37 32.00
N VAL H 235 45.56 13.57 31.02
CA VAL H 235 44.17 13.16 31.12
C VAL H 235 43.84 12.23 29.95
N ILE H 236 42.81 11.41 30.16
CA ILE H 236 42.35 10.44 29.17
C ILE H 236 40.94 10.84 28.75
N ALA H 237 40.77 11.12 27.46
CA ALA H 237 39.45 11.39 26.89
C ALA H 237 38.76 10.06 26.64
N ASP H 238 37.78 9.72 27.47
CA ASP H 238 37.13 8.41 27.46
C ASP H 238 35.68 8.57 27.02
N GLY H 239 35.37 8.02 25.86
CA GLY H 239 34.00 7.93 25.39
C GLY H 239 33.65 9.02 24.39
N GLY H 240 32.70 8.71 23.52
CA GLY H 240 32.17 9.68 22.57
C GLY H 240 32.86 9.74 21.24
N ILE H 241 33.94 8.99 21.04
CA ILE H 241 34.67 9.02 19.77
C ILE H 241 33.88 8.21 18.74
N LYS H 242 33.38 8.90 17.71
CA LYS H 242 32.63 8.27 16.63
C LYS H 242 33.48 8.03 15.39
N TYR H 243 34.36 8.98 15.05
CA TYR H 243 35.24 8.88 13.90
C TYR H 243 36.65 9.23 14.33
N SER H 244 37.60 9.02 13.42
CA SER H 244 38.99 9.32 13.73
C SER H 244 39.21 10.81 13.94
N GLY H 245 38.40 11.66 13.30
CA GLY H 245 38.52 13.09 13.51
C GLY H 245 38.15 13.53 14.92
N ASP H 246 37.23 12.80 15.57
CA ASP H 246 36.90 13.10 16.95
C ASP H 246 38.08 12.85 17.88
N MET H 247 38.91 11.85 17.56
CA MET H 247 40.10 11.60 18.34
C MET H 247 41.09 12.76 18.25
N VAL H 248 41.24 13.35 17.06
CA VAL H 248 42.13 14.48 16.90
C VAL H 248 41.63 15.68 17.69
N LYS H 249 40.31 15.89 17.70
CA LYS H 249 39.75 16.99 18.48
C LYS H 249 39.94 16.75 19.97
N ALA H 250 39.85 15.50 20.42
CA ALA H 250 40.03 15.20 21.83
C ALA H 250 41.46 15.47 22.27
N LEU H 251 42.44 15.06 21.46
CA LEU H 251 43.84 15.33 21.80
C LEU H 251 44.15 16.82 21.68
N ALA H 252 43.60 17.48 20.66
CA ALA H 252 43.80 18.91 20.52
C ALA H 252 43.16 19.71 21.64
N ALA H 253 42.14 19.14 22.31
CA ALA H 253 41.49 19.80 23.43
C ALA H 253 42.25 19.64 24.74
N GLY H 254 43.40 18.98 24.73
CA GLY H 254 44.22 18.84 25.92
C GLY H 254 44.49 17.43 26.37
N ALA H 255 43.80 16.43 25.83
CA ALA H 255 43.98 15.06 26.29
C ALA H 255 45.26 14.45 25.72
N HIS H 256 45.92 13.62 26.53
CA HIS H 256 47.11 12.91 26.06
C HIS H 256 46.73 11.68 25.24
N VAL H 257 45.74 10.92 25.70
CA VAL H 257 45.34 9.66 25.07
C VAL H 257 43.82 9.59 25.08
N VAL H 258 43.26 8.94 24.06
CA VAL H 258 41.83 8.67 23.98
C VAL H 258 41.58 7.22 24.34
N MET H 259 40.38 6.94 24.82
CA MET H 259 39.93 5.58 25.11
C MET H 259 38.71 5.27 24.27
N LEU H 260 38.72 4.11 23.60
CA LEU H 260 37.68 3.74 22.65
C LEU H 260 37.02 2.44 23.09
N GLY H 261 35.71 2.37 22.88
CA GLY H 261 34.96 1.16 23.16
C GLY H 261 34.20 0.64 21.95
N SER H 262 33.37 1.50 21.36
CA SER H 262 32.56 1.07 20.23
C SER H 262 33.42 0.82 18.98
N MET H 263 34.45 1.64 18.77
CA MET H 263 35.30 1.48 17.60
C MET H 263 36.20 0.25 17.70
N PHE H 264 36.27 -0.38 18.87
CA PHE H 264 37.07 -1.59 19.06
C PHE H 264 36.24 -2.83 19.30
N ALA H 265 34.92 -2.70 19.48
CA ALA H 265 34.10 -3.86 19.78
C ALA H 265 33.97 -4.80 18.58
N GLY H 266 33.95 -4.26 17.37
CA GLY H 266 33.89 -5.06 16.16
C GLY H 266 35.21 -5.64 15.72
N VAL H 267 36.24 -5.53 16.55
CA VAL H 267 37.57 -6.05 16.22
C VAL H 267 37.62 -7.54 16.51
N ALA H 268 38.33 -8.28 15.66
CA ALA H 268 38.41 -9.74 15.81
C ALA H 268 39.03 -10.14 17.14
N GLU H 269 39.97 -9.34 17.65
CA GLU H 269 40.63 -9.67 18.91
C GLU H 269 39.77 -9.38 20.14
N SER H 270 38.61 -8.76 19.97
CA SER H 270 37.74 -8.49 21.10
C SER H 270 37.03 -9.77 21.55
N PRO H 271 36.71 -9.88 22.84
CA PRO H 271 36.02 -11.08 23.32
C PRO H 271 34.61 -11.18 22.77
N GLY H 272 34.06 -12.37 22.84
CA GLY H 272 32.76 -12.68 22.28
C GLY H 272 32.87 -13.31 20.91
N GLU H 273 31.72 -13.76 20.41
CA GLU H 273 31.64 -14.42 19.12
C GLU H 273 30.89 -13.56 18.12
N THR H 274 31.11 -13.86 16.85
CA THR H 274 30.48 -13.12 15.75
C THR H 274 29.15 -13.77 15.40
N GLU H 275 28.08 -12.99 15.47
CA GLU H 275 26.75 -13.45 15.08
C GLU H 275 26.37 -12.83 13.74
N ILE H 276 25.33 -13.39 13.13
CA ILE H 276 24.83 -12.96 11.84
C ILE H 276 23.46 -12.32 12.04
N TYR H 277 23.26 -11.15 11.44
CA TYR H 277 21.99 -10.43 11.52
C TYR H 277 21.72 -9.80 10.16
N GLN H 278 20.66 -10.27 9.48
CA GLN H 278 20.26 -9.76 8.17
C GLN H 278 21.40 -9.86 7.16
N GLY H 279 22.07 -11.02 7.15
CA GLY H 279 23.14 -11.25 6.19
C GLY H 279 24.41 -10.48 6.44
N ARG H 280 24.63 -10.01 7.67
CA ARG H 280 25.82 -9.27 8.01
C ARG H 280 26.39 -9.78 9.33
N GLN H 281 27.71 -9.64 9.50
CA GLN H 281 28.40 -10.10 10.70
C GLN H 281 28.42 -8.98 11.73
N PHE H 282 28.11 -9.33 12.97
CA PHE H 282 28.08 -8.35 14.07
C PHE H 282 28.74 -8.95 15.30
N LYS H 283 29.08 -8.08 16.24
CA LYS H 283 29.59 -8.46 17.54
C LYS H 283 28.81 -7.72 18.61
N VAL H 284 28.58 -8.39 19.75
CA VAL H 284 27.82 -7.79 20.84
C VAL H 284 28.64 -6.69 21.48
N TYR H 285 28.03 -5.53 21.69
CA TYR H 285 28.65 -4.43 22.41
C TYR H 285 27.63 -3.87 23.40
N ARG H 286 27.93 -3.98 24.68
CA ARG H 286 27.04 -3.52 25.74
C ARG H 286 27.83 -2.73 26.76
N GLY H 287 27.14 -1.84 27.46
CA GLY H 287 27.77 -1.09 28.53
C GLY H 287 27.88 -1.90 29.81
N MET H 288 28.90 -1.58 30.60
CA MET H 288 29.09 -2.27 31.87
C MET H 288 27.98 -1.97 32.86
N GLY H 289 27.25 -0.87 32.67
CA GLY H 289 26.11 -0.54 33.49
C GLY H 289 24.79 -1.06 32.97
N SER H 290 24.80 -1.82 31.88
CA SER H 290 23.57 -2.39 31.34
C SER H 290 23.13 -3.58 32.18
N VAL H 291 21.91 -4.05 31.90
CA VAL H 291 21.36 -5.20 32.63
C VAL H 291 22.18 -6.44 32.35
N GLY H 292 22.54 -6.67 31.09
CA GLY H 292 23.26 -7.89 30.74
C GLY H 292 24.65 -7.97 31.36
N ALA H 293 25.33 -6.83 31.48
CA ALA H 293 26.66 -6.84 32.08
C ALA H 293 26.59 -7.01 33.59
N MET H 294 25.60 -6.39 34.24
CA MET H 294 25.51 -6.45 35.69
C MET H 294 25.01 -7.81 36.19
N GLU H 295 24.30 -8.56 35.37
CA GLU H 295 23.88 -9.91 35.76
C GLU H 295 24.96 -10.95 35.53
N LYS H 296 26.01 -10.62 34.79
CA LYS H 296 27.10 -11.55 34.53
C LYS H 296 27.96 -11.76 35.77
N LYS H 309 15.93 -4.79 42.59
CA LYS H 309 16.21 -4.79 41.16
C LYS H 309 17.41 -3.90 40.86
N LEU H 310 17.62 -3.61 39.58
CA LEU H 310 18.73 -2.78 39.13
C LEU H 310 18.24 -1.68 38.22
N VAL H 311 18.75 -0.47 38.44
CA VAL H 311 18.47 0.68 37.56
C VAL H 311 19.71 0.89 36.69
N PRO H 312 19.68 0.45 35.43
CA PRO H 312 20.89 0.50 34.60
C PRO H 312 21.19 1.91 34.10
N GLU H 313 22.46 2.09 33.71
CA GLU H 313 22.91 3.33 33.09
C GLU H 313 23.60 3.03 31.76
N GLY H 314 23.21 1.93 31.12
CA GLY H 314 23.75 1.55 29.83
C GLY H 314 22.78 0.64 29.11
N ILE H 315 23.03 0.45 27.83
CA ILE H 315 22.19 -0.39 26.99
C ILE H 315 23.04 -1.50 26.39
N GLU H 316 22.36 -2.43 25.71
CA GLU H 316 23.00 -3.56 25.06
C GLU H 316 22.71 -3.50 23.57
N GLY H 317 23.75 -3.65 22.75
CA GLY H 317 23.59 -3.55 21.32
C GLY H 317 24.55 -4.40 20.50
N ARG H 318 24.65 -4.10 19.20
CA ARG H 318 25.53 -4.81 18.30
C ARG H 318 26.26 -3.82 17.43
N VAL H 319 27.48 -4.18 17.02
CA VAL H 319 28.29 -3.33 16.14
C VAL H 319 28.77 -4.19 14.97
N PRO H 320 29.00 -3.59 13.80
CA PRO H 320 29.43 -4.40 12.65
C PRO H 320 30.83 -4.98 12.87
N TYR H 321 31.03 -6.19 12.34
CA TYR H 321 32.34 -6.82 12.39
C TYR H 321 33.30 -6.11 11.44
N LYS H 322 34.51 -5.84 11.91
CA LYS H 322 35.48 -5.06 11.15
C LYS H 322 36.76 -5.81 10.81
N GLY H 323 37.00 -6.97 11.42
CA GLY H 323 38.19 -7.74 11.12
C GLY H 323 39.28 -7.52 12.15
N PRO H 324 40.53 -7.70 11.74
CA PRO H 324 41.65 -7.56 12.68
C PRO H 324 41.80 -6.14 13.19
N LEU H 325 42.47 -6.03 14.34
CA LEU H 325 42.69 -4.73 14.95
C LEU H 325 43.64 -3.87 14.12
N ALA H 326 44.57 -4.48 13.40
CA ALA H 326 45.57 -3.72 12.65
C ALA H 326 44.93 -2.83 11.60
N ASP H 327 43.82 -3.26 11.00
CA ASP H 327 43.17 -2.46 9.97
C ASP H 327 42.52 -1.21 10.56
N THR H 328 41.84 -1.36 11.70
CA THR H 328 41.19 -0.22 12.34
C THR H 328 42.21 0.78 12.85
N VAL H 329 43.29 0.30 13.49
CA VAL H 329 44.29 1.19 14.06
C VAL H 329 44.97 1.99 12.96
N HIS H 330 45.24 1.37 11.81
CA HIS H 330 45.86 2.09 10.71
C HIS H 330 44.98 3.24 10.23
N GLN H 331 43.65 3.07 10.27
CA GLN H 331 42.76 4.15 9.84
C GLN H 331 42.69 5.25 10.88
N LEU H 332 42.70 4.88 12.17
CA LEU H 332 42.68 5.89 13.23
C LEU H 332 43.96 6.70 13.24
N VAL H 333 45.12 6.04 13.29
CA VAL H 333 46.39 6.74 13.27
C VAL H 333 46.55 7.51 11.97
N GLY H 334 46.07 6.95 10.86
CA GLY H 334 46.15 7.65 9.58
C GLY H 334 45.36 8.94 9.58
N GLY H 335 44.15 8.93 10.14
CA GLY H 335 43.40 10.16 10.27
C GLY H 335 44.03 11.13 11.24
N LEU H 336 44.66 10.61 12.30
CA LEU H 336 45.37 11.46 13.26
C LEU H 336 46.57 12.13 12.61
N ARG H 337 47.34 11.38 11.82
CA ARG H 337 48.49 11.96 11.15
C ARG H 337 48.06 13.05 10.17
N ALA H 338 46.94 12.85 9.47
CA ALA H 338 46.44 13.85 8.56
C ALA H 338 46.02 15.11 9.30
N GLY H 339 45.31 14.96 10.42
CA GLY H 339 44.87 16.12 11.17
C GLY H 339 46.03 16.93 11.74
N MET H 340 47.09 16.24 12.19
CA MET H 340 48.26 16.94 12.67
C MET H 340 48.99 17.68 11.55
N GLY H 341 48.98 17.10 10.35
CA GLY H 341 49.56 17.79 9.21
C GLY H 341 48.81 19.06 8.84
N TYR H 342 47.48 19.02 8.93
CA TYR H 342 46.69 20.21 8.68
C TYR H 342 46.98 21.30 9.70
N CYS H 343 47.24 20.91 10.95
CA CYS H 343 47.49 21.85 12.03
C CYS H 343 48.96 22.18 12.20
N GLY H 344 49.84 21.61 11.38
CA GLY H 344 51.26 21.89 11.49
C GLY H 344 51.89 21.38 12.77
N ALA H 345 51.36 20.31 13.34
CA ALA H 345 51.87 19.74 14.58
C ALA H 345 52.76 18.55 14.24
N GLN H 346 54.05 18.67 14.56
CA GLN H 346 54.98 17.57 14.36
C GLN H 346 54.90 16.54 15.48
N ASP H 347 54.33 16.90 16.62
CA ASP H 347 54.16 15.97 17.73
C ASP H 347 52.90 16.34 18.49
N LEU H 348 52.41 15.39 19.30
CA LEU H 348 51.18 15.61 20.04
C LEU H 348 51.29 16.74 21.05
N GLU H 349 52.51 17.09 21.46
CA GLU H 349 52.68 18.20 22.41
C GLU H 349 52.34 19.53 21.75
N PHE H 350 52.76 19.72 20.50
CA PHE H 350 52.43 20.95 19.78
C PHE H 350 50.93 21.04 19.52
N LEU H 351 50.30 19.92 19.14
CA LEU H 351 48.87 19.93 18.90
C LEU H 351 48.09 20.23 20.17
N ARG H 352 48.59 19.75 21.31
CA ARG H 352 47.90 19.94 22.58
C ARG H 352 47.92 21.39 23.03
N GLU H 353 48.96 22.15 22.66
CA GLU H 353 49.15 23.50 23.16
C GLU H 353 48.80 24.59 22.16
N ASN H 354 48.72 24.27 20.87
CA ASN H 354 48.57 25.30 19.83
C ASN H 354 47.34 25.16 18.96
N ALA H 355 46.72 23.98 18.90
CA ALA H 355 45.59 23.78 18.00
C ALA H 355 44.42 24.66 18.41
N GLN H 356 43.82 25.33 17.42
CA GLN H 356 42.68 26.21 17.64
C GLN H 356 41.44 25.60 17.01
N PHE H 357 40.31 25.77 17.69
CA PHE H 357 39.02 25.29 17.19
C PHE H 357 38.21 26.45 16.64
N ILE H 358 37.16 26.11 15.90
CA ILE H 358 36.16 27.07 15.43
C ILE H 358 34.79 26.45 15.63
N ARG H 359 33.89 27.18 16.28
CA ARG H 359 32.57 26.67 16.60
C ARG H 359 31.65 26.78 15.40
N MET H 360 30.82 25.75 15.21
CA MET H 360 29.88 25.70 14.09
C MET H 360 28.53 25.23 14.60
N SER H 361 27.52 25.35 13.74
CA SER H 361 26.17 24.94 14.05
C SER H 361 25.87 23.58 13.44
N GLY H 362 24.64 23.11 13.62
CA GLY H 362 24.23 21.85 13.01
C GLY H 362 24.27 21.90 11.49
N ALA H 363 24.06 23.07 10.91
CA ALA H 363 24.18 23.22 9.46
C ALA H 363 25.62 23.01 9.01
N GLY H 364 26.59 23.48 9.81
CA GLY H 364 27.98 23.22 9.49
C GLY H 364 28.37 21.77 9.65
N LEU H 365 27.68 21.05 10.54
CA LEU H 365 27.93 19.62 10.69
C LEU H 365 27.47 18.86 9.44
N LEU H 366 26.32 19.25 8.87
CA LEU H 366 25.84 18.61 7.65
C LEU H 366 26.76 18.90 6.47
N GLU H 367 27.34 20.10 6.43
CA GLU H 367 28.34 20.40 5.42
C GLU H 367 29.60 19.58 5.61
N SER H 368 29.94 19.25 6.86
CA SER H 368 31.18 18.53 7.15
C SER H 368 31.10 17.09 6.67
N HIS H 369 29.99 16.41 6.95
CA HIS H 369 29.77 15.09 6.40
C HIS H 369 29.51 15.18 4.91
N PRO H 370 29.68 14.09 4.17
CA PRO H 370 29.24 14.08 2.77
C PRO H 370 27.75 14.33 2.68
N HIS H 371 27.34 14.99 1.60
CA HIS H 371 25.96 15.45 1.49
C HIS H 371 25.54 15.50 0.02
N HIS H 372 24.24 15.32 -0.21
CA HIS H 372 23.62 15.45 -1.53
C HIS H 372 24.29 14.56 -2.58
N VAL H 373 24.81 13.42 -2.13
CA VAL H 373 25.39 12.41 -3.02
C VAL H 373 25.01 11.04 -2.47
N GLN H 374 24.41 10.21 -3.31
CA GLN H 374 24.09 8.84 -2.93
C GLN H 374 25.39 8.03 -2.85
N ILE H 375 25.79 7.64 -1.65
CA ILE H 375 27.04 6.92 -1.46
C ILE H 375 26.92 5.52 -2.06
N THR H 376 27.86 5.16 -2.92
CA THR H 376 27.81 3.87 -3.61
C THR H 376 28.40 2.76 -2.75
N LYS H 377 29.63 2.94 -2.27
CA LYS H 377 30.31 1.93 -1.48
C LYS H 377 30.86 2.55 -0.20
N GLU H 378 31.05 1.69 0.80
CA GLU H 378 31.51 2.16 2.10
C GLU H 378 33.03 2.35 2.10
N ALA H 379 33.47 3.45 2.71
CA ALA H 379 34.89 3.73 2.86
C ALA H 379 35.44 3.01 4.09
N PRO H 380 36.74 2.67 4.09
CA PRO H 380 37.31 1.99 5.26
C PRO H 380 37.30 2.83 6.53
N ASN H 381 37.17 4.16 6.42
CA ASN H 381 37.16 5.04 7.58
C ASN H 381 35.87 5.85 7.70
N TYR H 382 34.82 5.46 6.98
CA TYR H 382 33.55 6.16 7.05
C TYR H 382 32.43 5.18 6.76
N SER H 383 31.59 4.91 7.76
CA SER H 383 30.48 3.99 7.61
C SER H 383 29.16 4.66 8.02
#